data_8XUS
#
_entry.id   8XUS
#
loop_
_entity.id
_entity.type
_entity.pdbx_description
1 polymer 'Spike glycoprotein'
2 non-polymer 2-acetamido-2-deoxy-beta-D-glucopyranose
3 non-polymer '2-O-sulfo-beta-L-altropyranuronic acid'
#
_entity_poly.entity_id   1
_entity_poly.type   'polypeptide(L)'
_entity_poly.pdbx_seq_one_letter_code
;ATMFVFLVLLPLVSSQCVMPLFNLITTTQSYTNSFTRGVYYPDKVFRSSVLHLTQDLFLPFFSNVTWFHAISGTNGTKRF
DNPVLPFNDGVYFASTEKSNIIRGWIFGTTLDSKTQSLLIVNNATNVFIKVCEFQFCNDPFLDVYHKNNKSWMESESGVY
SSANNCTFEYVSQPFLMDLEGKQGNFKNLREFVFKNIDGYFKIYSKHTPIIGRDFPQGFSALEPLVDLPIGINITRFQTL
LALNRSYLTPGDSSSGWTAGAADYYVGYLQPRTFLLKYNENGTITDAVDCALDPLSETKCTLKSFTVEKGIYQTSNFRVQ
PTESIVRFPNVTNLCPFHEVFNATRFASVYAWNRTRISNCVADYSVLYNFAPFFAFKCYGVSPTKLNDLCFTNVYADSFV
IKGNEVSQIAPGQTGNIADYNYKLPDDFTGCVIAWNSNKLDSKHSGNYDYWYRSFRKSKLKPFERDISTEIYQAGNKPCK
GKGPNCYFPLQSYGFRPTYGVGHQPYRVVVLSFELLHAPATVCGPKKSTNLVKNKCVNFNFNGLTGTGVLTKSNKKFLPF
QQFGRDIVDTTDAVRDPQTLEILDITPCSFGGVSVITPGTNTSNQVAVLYQGVNCTEVSVAIHADQLTPTWRVYSTGSNV
FQTRAGCLIGAEYVNNSYECDIPIGAGICASYQTQTKSRRAAASVASQSIIAYTMSLGAENSVAYSNNSIAIPTNFTISV
TTEILPVSMTKTSVDCTMYICGDSTECSNLLLQYGSFCTQLKRALTGIAVEQDKNTQEVFAQVKQIYKTPPIKYFGGFNF
SQILPDPSKPSKRSPIEDLLFNKVTLADAGFIKQYGDCLGDIAARDLICAQKFNGLTVLPPLLTDEMIAQYTSALLAGTI
TSGWTFGAGPALQIPFPMQMAYRFNGIGVTQNVLYENQKLIANQFNSAIGKIQDSLFSTPSALGKLQDVVNHNAQALNTL
VKQLSSKFGAISSVLNDILSRLDPPEAEVQIDRLITGRLQSLQTYVTQQLIRAAEIRASANLAATKMSECVLGQSKRVDF
CGKGYHLMSFPQSAPHGVVFLHVTYVPAQEKNFTTAPAICHDGKAHFPREGVFVSNGTHWFVTQRNFYEPQIITTDNTFV
SGNCDVVIGIVNNTVYDPLQLELDSFKEELDKYFKNHTSPDVDLGDISGINASVVNIQKEIDRLNEVAKNLNESLIDLQE
LGKYEQ
;
_entity_poly.pdbx_strand_id   C,A,B
#
loop_
_chem_comp.id
_chem_comp.type
_chem_comp.name
_chem_comp.formula
IDU L-saccharide, beta linking '2-O-sulfo-beta-L-altropyranuronic acid' 'C6 H10 O10 S'
NAG D-saccharide, beta linking 2-acetamido-2-deoxy-beta-D-glucopyranose 'C8 H15 N O6'
#
# COMPACT_ATOMS: atom_id res chain seq x y z
N THR A 26 38.69 -20.86 -54.02
CA THR A 26 38.45 -19.56 -53.41
C THR A 26 37.01 -19.44 -52.90
N THR A 27 36.58 -18.21 -52.65
CA THR A 27 35.27 -17.95 -52.08
C THR A 27 34.85 -16.52 -52.39
N THR A 28 33.55 -16.28 -52.28
CA THR A 28 32.96 -14.95 -52.43
C THR A 28 32.34 -14.54 -51.11
N GLN A 29 32.01 -13.26 -50.99
CA GLN A 29 31.47 -12.70 -49.75
C GLN A 29 30.26 -11.82 -50.04
N SER A 30 29.32 -12.35 -50.82
CA SER A 30 28.10 -11.61 -51.13
C SER A 30 27.21 -11.49 -49.89
N TYR A 31 26.56 -10.33 -49.75
CA TYR A 31 25.72 -10.09 -48.54
C TYR A 31 24.25 -10.33 -48.87
N THR A 32 23.47 -10.85 -47.92
CA THR A 32 22.06 -11.24 -48.20
C THR A 32 21.14 -10.88 -47.03
N ASN A 33 19.81 -11.00 -47.22
CA ASN A 33 18.84 -10.78 -46.12
C ASN A 33 18.48 -12.12 -45.51
N SER A 34 18.28 -12.20 -44.21
CA SER A 34 17.92 -13.41 -43.48
C SER A 34 16.42 -13.54 -43.26
N PHE A 35 15.68 -12.45 -43.32
CA PHE A 35 14.23 -12.46 -43.11
C PHE A 35 13.95 -13.07 -41.74
N THR A 36 12.79 -13.72 -41.59
CA THR A 36 12.41 -14.38 -40.35
C THR A 36 13.06 -15.77 -40.35
N ARG A 37 14.20 -15.88 -39.71
CA ARG A 37 14.97 -17.11 -39.73
C ARG A 37 15.95 -17.12 -38.57
N GLY A 38 16.24 -18.32 -38.04
CA GLY A 38 17.25 -18.43 -36.97
C GLY A 38 16.66 -18.32 -35.58
N VAL A 39 15.48 -18.90 -35.36
CA VAL A 39 14.86 -18.92 -34.00
C VAL A 39 14.90 -20.36 -33.48
N TYR A 40 15.64 -20.60 -32.39
CA TYR A 40 15.78 -21.98 -31.86
C TYR A 40 14.88 -22.16 -30.63
N TYR A 41 15.01 -23.29 -29.94
CA TYR A 41 14.23 -23.53 -28.69
C TYR A 41 15.04 -23.00 -27.51
N PRO A 42 14.67 -21.84 -26.91
CA PRO A 42 15.46 -21.26 -25.81
C PRO A 42 15.75 -22.31 -24.74
N ASP A 43 14.72 -23.05 -24.30
CA ASP A 43 14.89 -24.07 -23.29
C ASP A 43 14.10 -25.31 -23.69
N LYS A 44 13.90 -26.24 -22.77
CA LYS A 44 13.27 -27.52 -23.07
C LYS A 44 11.92 -27.68 -22.37
N VAL A 45 11.13 -26.60 -22.32
CA VAL A 45 9.85 -26.61 -21.62
C VAL A 45 8.73 -26.58 -22.64
N PHE A 46 7.80 -27.52 -22.40
CA PHE A 46 6.58 -27.64 -23.24
C PHE A 46 5.70 -26.43 -23.11
N ARG A 47 5.30 -25.91 -24.26
CA ARG A 47 4.36 -24.82 -24.11
C ARG A 47 3.39 -24.85 -25.28
N SER A 48 2.15 -24.53 -24.94
CA SER A 48 0.96 -24.67 -25.80
C SER A 48 0.11 -23.40 -25.77
N SER A 49 -0.44 -22.95 -26.90
CA SER A 49 -1.47 -21.90 -26.84
C SER A 49 -1.02 -20.75 -25.96
N VAL A 50 0.27 -20.45 -26.01
CA VAL A 50 0.91 -19.53 -25.09
C VAL A 50 1.84 -18.62 -25.87
N LEU A 51 2.07 -17.42 -25.34
CA LEU A 51 2.81 -16.40 -26.04
C LEU A 51 4.06 -16.01 -25.26
N HIS A 52 4.82 -17.02 -24.84
CA HIS A 52 5.96 -16.80 -23.95
C HIS A 52 6.99 -15.88 -24.58
N LEU A 53 7.57 -15.01 -23.76
CA LEU A 53 8.55 -14.03 -24.18
C LEU A 53 9.90 -14.38 -23.56
N THR A 54 10.94 -14.40 -24.39
CA THR A 54 12.27 -14.81 -23.96
C THR A 54 13.30 -13.74 -24.29
N GLN A 55 14.37 -13.73 -23.50
CA GLN A 55 15.52 -12.88 -23.75
C GLN A 55 16.76 -13.76 -23.82
N ASP A 56 17.29 -13.93 -25.03
CA ASP A 56 18.49 -14.79 -25.22
C ASP A 56 19.14 -14.44 -26.56
N LEU A 57 20.36 -14.93 -26.82
CA LEU A 57 21.00 -14.69 -28.14
C LEU A 57 20.04 -15.17 -29.23
N PHE A 58 19.65 -14.26 -30.14
CA PHE A 58 18.67 -14.62 -31.20
C PHE A 58 18.98 -13.81 -32.46
N LEU A 59 19.26 -14.49 -33.57
CA LEU A 59 19.60 -13.79 -34.80
C LEU A 59 18.57 -12.72 -35.08
N PRO A 60 18.96 -11.45 -35.19
CA PRO A 60 17.97 -10.39 -35.45
C PRO A 60 17.28 -10.60 -36.79
N PHE A 61 15.99 -10.23 -36.83
CA PHE A 61 15.22 -10.35 -38.10
C PHE A 61 15.74 -9.32 -39.10
N PHE A 62 15.89 -9.73 -40.37
CA PHE A 62 16.34 -8.78 -41.43
C PHE A 62 17.73 -8.23 -41.11
N SER A 63 18.66 -9.09 -40.70
CA SER A 63 20.05 -8.66 -40.42
C SER A 63 20.94 -9.02 -41.61
N ASN A 64 22.21 -8.60 -41.60
CA ASN A 64 23.08 -8.85 -42.77
C ASN A 64 23.73 -10.22 -42.64
N VAL A 65 23.26 -11.16 -43.46
CA VAL A 65 23.86 -12.52 -43.46
C VAL A 65 24.73 -12.60 -44.70
N THR A 66 26.01 -12.86 -44.49
CA THR A 66 26.96 -12.84 -45.59
C THR A 66 26.98 -14.22 -46.25
N TRP A 67 26.84 -14.26 -47.55
CA TRP A 67 26.74 -15.50 -48.30
C TRP A 67 28.08 -15.77 -48.99
N PHE A 68 28.59 -16.97 -48.82
CA PHE A 68 29.91 -17.35 -49.34
C PHE A 68 29.77 -18.29 -50.52
N HIS A 69 30.91 -18.69 -51.07
CA HIS A 69 30.97 -19.67 -52.15
C HIS A 69 32.14 -20.62 -51.94
N ALA A 70 32.37 -21.54 -52.88
CA ALA A 70 33.45 -22.50 -52.74
C ALA A 70 33.88 -23.00 -54.11
N ILE A 71 35.19 -23.14 -54.29
CA ILE A 71 35.78 -23.71 -55.51
C ILE A 71 37.22 -24.12 -55.27
N ASP A 81 40.69 -18.87 -49.50
CA ASP A 81 40.37 -20.29 -49.30
C ASP A 81 39.97 -20.56 -47.86
N ASN A 82 38.66 -20.73 -47.62
CA ASN A 82 38.13 -21.05 -46.30
C ASN A 82 38.53 -20.01 -45.27
N PRO A 83 38.04 -18.78 -45.38
CA PRO A 83 38.48 -17.72 -44.45
C PRO A 83 38.02 -18.01 -43.03
N VAL A 84 38.84 -17.60 -42.07
CA VAL A 84 38.50 -17.72 -40.66
C VAL A 84 37.50 -16.62 -40.32
N LEU A 85 36.40 -17.00 -39.66
CA LEU A 85 35.46 -15.93 -39.36
C LEU A 85 35.42 -15.67 -37.86
N PRO A 86 35.22 -14.42 -37.46
CA PRO A 86 35.14 -14.11 -36.04
C PRO A 86 33.94 -14.76 -35.38
N PHE A 87 34.14 -15.15 -34.13
CA PHE A 87 33.12 -15.77 -33.30
C PHE A 87 32.84 -14.83 -32.13
N ASN A 88 31.57 -14.44 -31.98
CA ASN A 88 31.19 -13.50 -30.94
C ASN A 88 29.71 -13.68 -30.64
N ASP A 89 29.40 -13.98 -29.38
CA ASP A 89 28.02 -14.21 -28.92
C ASP A 89 27.35 -15.35 -29.68
N GLY A 90 28.12 -16.19 -30.35
CA GLY A 90 27.58 -17.23 -31.21
C GLY A 90 27.41 -16.78 -32.65
N VAL A 91 27.33 -17.75 -33.54
CA VAL A 91 27.14 -17.51 -34.97
C VAL A 91 26.03 -18.42 -35.46
N TYR A 92 25.26 -17.92 -36.42
CA TYR A 92 24.23 -18.69 -37.09
C TYR A 92 24.79 -19.26 -38.38
N PHE A 93 24.68 -20.57 -38.56
CA PHE A 93 25.25 -21.26 -39.71
C PHE A 93 24.14 -21.97 -40.47
N ALA A 94 24.16 -21.80 -41.80
CA ALA A 94 23.16 -22.45 -42.64
C ALA A 94 23.83 -22.86 -43.94
N SER A 95 23.40 -23.99 -44.50
CA SER A 95 23.98 -24.48 -45.74
C SER A 95 22.98 -25.36 -46.46
N THR A 96 22.94 -25.21 -47.79
CA THR A 96 22.18 -26.10 -48.66
C THR A 96 23.16 -26.76 -49.63
N GLU A 97 22.97 -28.06 -49.87
CA GLU A 97 23.98 -28.84 -50.55
C GLU A 97 23.32 -29.98 -51.32
N LYS A 98 24.08 -30.57 -52.24
CA LYS A 98 23.58 -31.71 -53.01
C LYS A 98 23.63 -32.99 -52.19
N SER A 99 24.82 -33.47 -51.86
CA SER A 99 24.97 -34.58 -50.92
C SER A 99 25.80 -34.18 -49.71
N ASN A 100 27.04 -33.75 -49.92
CA ASN A 100 27.91 -33.31 -48.83
C ASN A 100 29.19 -32.68 -49.37
N ILE A 101 29.54 -31.51 -48.84
CA ILE A 101 30.81 -30.88 -49.18
C ILE A 101 31.48 -30.28 -47.97
N ILE A 102 30.81 -30.31 -46.83
CA ILE A 102 31.30 -29.74 -45.58
C ILE A 102 31.25 -30.82 -44.50
N ARG A 103 32.34 -30.96 -43.75
CA ARG A 103 32.43 -31.98 -42.71
C ARG A 103 32.21 -31.40 -41.31
N GLY A 104 33.03 -30.43 -40.90
CA GLY A 104 32.96 -29.94 -39.55
C GLY A 104 33.41 -28.50 -39.43
N TRP A 105 33.70 -28.10 -38.19
CA TRP A 105 34.09 -26.73 -37.89
C TRP A 105 35.25 -26.73 -36.90
N ILE A 106 36.03 -25.64 -36.92
CA ILE A 106 37.12 -25.45 -35.98
C ILE A 106 36.88 -24.17 -35.20
N PHE A 107 36.89 -24.28 -33.88
CA PHE A 107 36.80 -23.14 -32.99
C PHE A 107 38.12 -23.01 -32.23
N GLY A 108 38.10 -21.91 -31.48
CA GLY A 108 39.00 -21.58 -30.36
C GLY A 108 39.59 -20.19 -30.49
N THR A 109 40.85 -20.06 -30.04
CA THR A 109 41.73 -18.92 -30.36
C THR A 109 43.05 -19.43 -30.98
N THR A 110 43.65 -18.55 -31.78
CA THR A 110 44.98 -18.57 -32.40
C THR A 110 45.24 -19.88 -33.16
N LEU A 111 44.32 -20.84 -33.05
CA LEU A 111 44.34 -22.09 -33.80
C LEU A 111 45.72 -22.72 -33.92
N ASP A 112 46.49 -22.72 -32.83
CA ASP A 112 47.84 -23.25 -32.83
C ASP A 112 48.00 -24.19 -31.63
N SER A 113 49.24 -24.66 -31.42
CA SER A 113 49.52 -25.60 -30.31
C SER A 113 49.85 -24.84 -29.02
N LYS A 114 49.13 -23.76 -28.74
CA LYS A 114 49.30 -22.99 -27.52
C LYS A 114 48.01 -22.88 -26.72
N THR A 115 46.85 -22.85 -27.38
CA THR A 115 45.57 -22.74 -26.72
C THR A 115 44.68 -23.88 -27.20
N GLN A 116 43.86 -24.40 -26.29
CA GLN A 116 43.02 -25.59 -26.63
C GLN A 116 42.00 -25.12 -27.65
N SER A 117 41.71 -26.00 -28.60
CA SER A 117 40.79 -25.69 -29.68
C SER A 117 39.81 -26.85 -29.85
N LEU A 118 38.80 -26.62 -30.68
CA LEU A 118 37.69 -27.55 -30.80
C LEU A 118 37.54 -28.02 -32.25
N LEU A 119 37.29 -29.32 -32.41
CA LEU A 119 37.09 -29.93 -33.71
C LEU A 119 35.78 -30.69 -33.74
N ILE A 120 34.88 -30.30 -34.65
CA ILE A 120 33.53 -30.85 -34.66
C ILE A 120 33.33 -31.61 -35.96
N VAL A 121 34.40 -32.23 -36.47
CA VAL A 121 34.32 -32.92 -37.74
C VAL A 121 33.37 -34.11 -37.64
N ASN A 122 32.43 -34.18 -38.56
CA ASN A 122 31.56 -35.34 -38.69
C ASN A 122 32.12 -36.30 -39.74
N ASN A 123 31.42 -37.42 -39.90
CA ASN A 123 31.53 -38.39 -41.03
C ASN A 123 30.18 -39.05 -41.22
N ALA A 124 30.05 -39.98 -42.16
CA ALA A 124 28.73 -40.59 -42.45
C ALA A 124 28.35 -41.58 -41.36
N THR A 125 29.21 -41.75 -40.35
CA THR A 125 29.07 -42.87 -39.39
C THR A 125 28.73 -42.30 -38.02
N ASN A 126 29.59 -41.43 -37.47
CA ASN A 126 29.30 -40.78 -36.17
C ASN A 126 29.75 -39.31 -36.21
N VAL A 127 30.36 -38.78 -35.14
CA VAL A 127 30.95 -37.45 -35.06
C VAL A 127 32.22 -37.52 -34.21
N PHE A 128 33.01 -36.46 -34.26
CA PHE A 128 34.34 -36.46 -33.66
C PHE A 128 34.60 -35.17 -32.88
N ILE A 129 33.63 -34.79 -32.03
CA ILE A 129 33.79 -33.54 -31.22
C ILE A 129 34.92 -33.75 -30.21
N LYS A 130 35.95 -32.91 -30.25
CA LYS A 130 37.11 -33.04 -29.32
C LYS A 130 37.63 -31.65 -28.93
N VAL A 131 38.11 -31.51 -27.69
CA VAL A 131 38.67 -30.20 -27.22
C VAL A 131 40.18 -30.38 -26.99
N CYS A 132 40.79 -31.32 -27.69
CA CYS A 132 42.25 -31.55 -27.56
C CYS A 132 43.01 -30.36 -28.16
N GLU A 133 44.30 -30.21 -27.83
CA GLU A 133 45.11 -29.09 -28.39
C GLU A 133 45.66 -29.52 -29.75
N PHE A 134 45.30 -28.80 -30.81
CA PHE A 134 45.75 -29.15 -32.18
C PHE A 134 46.69 -28.06 -32.69
N GLN A 135 47.83 -28.44 -33.29
CA GLN A 135 48.75 -27.45 -33.90
C GLN A 135 48.06 -26.86 -35.13
N PHE A 136 48.11 -27.58 -36.26
CA PHE A 136 47.44 -27.12 -37.52
C PHE A 136 47.48 -28.25 -38.55
N CYS A 137 46.79 -28.06 -39.68
CA CYS A 137 46.81 -29.06 -40.78
C CYS A 137 47.08 -28.33 -42.10
N ASN A 138 46.69 -27.06 -42.19
CA ASN A 138 46.91 -26.28 -43.40
C ASN A 138 46.43 -26.98 -44.65
N ASP A 139 45.56 -27.98 -44.51
CA ASP A 139 45.05 -28.73 -45.66
C ASP A 139 43.54 -28.95 -45.55
N GLY A 158 41.76 -34.43 -40.04
CA GLY A 158 43.19 -34.17 -40.31
C GLY A 158 43.69 -32.97 -39.54
N VAL A 159 42.79 -32.04 -39.19
CA VAL A 159 43.18 -30.80 -38.45
C VAL A 159 43.79 -31.22 -37.10
N TYR A 160 43.23 -32.26 -36.47
CA TYR A 160 43.76 -32.74 -35.17
C TYR A 160 45.23 -33.11 -35.33
N SER A 161 45.58 -33.73 -36.47
CA SER A 161 47.00 -34.10 -36.75
C SER A 161 47.67 -34.61 -35.48
N SER A 162 48.39 -33.74 -34.77
CA SER A 162 49.14 -34.16 -33.54
C SER A 162 48.16 -34.39 -32.40
N ALA A 163 47.35 -33.39 -32.04
CA ALA A 163 46.42 -33.50 -30.89
C ALA A 163 47.22 -33.92 -29.65
N ASN A 164 47.87 -32.97 -28.97
CA ASN A 164 48.69 -33.27 -27.78
C ASN A 164 47.81 -33.17 -26.53
N ASN A 165 47.96 -32.09 -25.74
CA ASN A 165 47.08 -31.90 -24.55
C ASN A 165 45.64 -32.16 -24.98
N CYS A 166 45.11 -33.35 -24.68
CA CYS A 166 43.75 -33.70 -25.16
C CYS A 166 42.69 -33.45 -24.08
N THR A 167 41.44 -33.21 -24.51
CA THR A 167 40.35 -32.89 -23.55
C THR A 167 38.98 -33.13 -24.16
N PHE A 168 38.02 -33.66 -23.39
CA PHE A 168 36.61 -33.81 -23.84
C PHE A 168 36.52 -34.41 -25.26
N GLU A 169 36.86 -35.70 -25.42
CA GLU A 169 36.66 -36.35 -26.74
C GLU A 169 35.27 -37.00 -26.72
N TYR A 170 34.40 -36.65 -27.67
CA TYR A 170 33.00 -37.16 -27.64
C TYR A 170 32.56 -37.62 -29.03
N VAL A 171 31.81 -38.73 -29.10
CA VAL A 171 31.30 -39.21 -30.40
C VAL A 171 29.84 -39.39 -30.10
N SER A 172 29.08 -39.48 -31.15
CA SER A 172 27.64 -39.72 -31.08
C SER A 172 27.08 -39.81 -32.49
N GLN A 173 25.75 -39.74 -32.59
CA GLN A 173 25.08 -39.85 -33.87
C GLN A 173 25.43 -38.66 -34.76
N PRO A 174 25.42 -38.84 -36.08
CA PRO A 174 25.79 -37.75 -36.98
C PRO A 174 24.75 -36.64 -36.98
N PHE A 175 25.24 -35.41 -37.16
CA PHE A 175 24.34 -34.26 -37.25
C PHE A 175 23.68 -34.17 -38.62
N LEU A 176 24.28 -34.78 -39.63
CA LEU A 176 23.87 -34.54 -41.01
C LEU A 176 22.93 -35.64 -41.48
N MET A 177 21.63 -35.32 -41.47
CA MET A 177 20.61 -36.21 -42.03
C MET A 177 20.26 -35.75 -43.43
N ASP A 178 20.39 -36.65 -44.40
CA ASP A 178 20.11 -36.35 -45.79
C ASP A 178 19.20 -37.42 -46.36
N LEU A 179 18.09 -36.99 -46.98
CA LEU A 179 17.15 -37.90 -47.59
C LEU A 179 16.78 -37.37 -48.97
N GLU A 180 16.52 -38.29 -49.90
CA GLU A 180 16.13 -37.94 -51.25
C GLU A 180 14.96 -38.81 -51.69
N GLY A 181 14.06 -38.23 -52.47
CA GLY A 181 12.97 -38.98 -53.04
C GLY A 181 13.30 -39.53 -54.40
N LYS A 182 14.38 -40.33 -54.46
CA LYS A 182 14.91 -40.90 -55.70
C LYS A 182 15.33 -39.82 -56.70
N GLN A 183 15.58 -38.61 -56.22
CA GLN A 183 16.02 -37.51 -57.08
C GLN A 183 16.78 -36.50 -56.25
N GLY A 184 17.70 -35.80 -56.91
CA GLY A 184 18.58 -34.86 -56.25
C GLY A 184 18.06 -33.46 -56.10
N ASN A 185 16.83 -33.22 -56.59
CA ASN A 185 16.21 -31.87 -56.47
C ASN A 185 16.21 -31.45 -54.99
N PHE A 186 16.17 -32.44 -54.09
CA PHE A 186 16.09 -32.12 -52.64
C PHE A 186 17.47 -31.74 -52.11
N LYS A 187 17.58 -30.55 -51.51
CA LYS A 187 18.88 -30.09 -50.93
C LYS A 187 18.62 -29.69 -49.47
N ASN A 188 17.84 -30.50 -48.75
CA ASN A 188 17.47 -30.20 -47.34
C ASN A 188 18.39 -29.14 -46.72
N LEU A 189 17.94 -27.89 -46.66
CA LEU A 189 18.72 -26.82 -45.96
C LEU A 189 18.98 -27.26 -44.52
N ARG A 190 20.17 -27.00 -44.01
CA ARG A 190 20.56 -27.36 -42.66
C ARG A 190 21.02 -26.11 -41.93
N GLU A 191 20.19 -25.64 -41.00
CA GLU A 191 20.47 -24.43 -40.24
C GLU A 191 21.07 -24.82 -38.89
N PHE A 192 22.26 -24.32 -38.61
CA PHE A 192 22.96 -24.63 -37.37
C PHE A 192 23.21 -23.35 -36.59
N VAL A 193 23.03 -23.43 -35.27
CA VAL A 193 23.26 -22.26 -34.37
C VAL A 193 24.14 -22.69 -33.20
N PHE A 194 25.34 -22.12 -33.09
CA PHE A 194 26.26 -22.43 -32.00
C PHE A 194 26.44 -21.20 -31.13
N LYS A 195 26.48 -21.46 -29.82
CA LYS A 195 26.67 -20.37 -28.84
C LYS A 195 27.52 -20.92 -27.70
N ASN A 196 28.17 -20.04 -26.94
CA ASN A 196 29.07 -20.45 -25.86
C ASN A 196 28.85 -19.60 -24.61
N ILE A 197 27.60 -19.44 -24.19
CA ILE A 197 27.33 -18.78 -22.91
C ILE A 197 27.82 -19.68 -21.79
N ASP A 198 28.48 -19.08 -20.80
CA ASP A 198 29.02 -19.73 -19.59
C ASP A 198 29.53 -21.15 -19.84
N GLY A 199 30.44 -21.29 -20.81
CA GLY A 199 30.87 -22.62 -21.22
C GLY A 199 29.73 -23.31 -21.92
N TYR A 200 29.42 -24.53 -21.46
CA TYR A 200 28.18 -25.24 -21.77
C TYR A 200 27.76 -25.07 -23.23
N PHE A 201 28.62 -25.52 -24.13
CA PHE A 201 28.40 -25.36 -25.55
C PHE A 201 27.07 -25.96 -25.99
N LYS A 202 26.23 -25.12 -26.61
CA LYS A 202 24.93 -25.53 -27.12
C LYS A 202 24.96 -25.54 -28.64
N ILE A 203 24.34 -26.57 -29.23
CA ILE A 203 24.24 -26.69 -30.68
C ILE A 203 22.78 -26.94 -31.03
N TYR A 204 22.27 -26.13 -31.96
CA TYR A 204 20.87 -26.30 -32.44
C TYR A 204 20.90 -26.56 -33.94
N SER A 205 19.93 -27.34 -34.44
CA SER A 205 19.90 -27.68 -35.85
C SER A 205 18.48 -28.02 -36.26
N LYS A 206 18.25 -28.02 -37.58
CA LYS A 206 16.97 -28.41 -38.15
C LYS A 206 17.14 -28.62 -39.66
N HIS A 207 16.59 -29.71 -40.18
CA HIS A 207 16.66 -30.03 -41.60
C HIS A 207 15.29 -29.87 -42.23
N THR A 208 15.21 -29.02 -43.25
CA THR A 208 13.92 -28.81 -43.96
C THR A 208 14.16 -28.94 -45.47
N PRO A 209 13.32 -29.69 -46.23
CA PRO A 209 13.49 -29.76 -47.68
C PRO A 209 13.58 -28.34 -48.24
N ILE A 210 14.54 -28.09 -49.14
CA ILE A 210 14.74 -26.69 -49.66
C ILE A 210 13.37 -26.10 -50.01
N ILE A 211 13.07 -24.93 -49.45
CA ILE A 211 11.78 -24.24 -49.76
C ILE A 211 12.01 -23.34 -50.98
N GLY A 212 12.02 -23.94 -52.18
CA GLY A 212 12.26 -23.16 -53.41
C GLY A 212 13.73 -22.77 -53.56
N ARG A 213 14.15 -21.69 -52.90
CA ARG A 213 15.52 -21.21 -53.03
C ARG A 213 16.24 -20.89 -51.73
N ASP A 214 17.33 -20.16 -51.85
CA ASP A 214 18.17 -19.86 -50.68
C ASP A 214 17.53 -19.10 -49.53
N PHE A 215 18.08 -19.30 -48.33
CA PHE A 215 17.59 -18.58 -47.17
C PHE A 215 16.12 -18.41 -47.32
N PRO A 216 15.39 -19.52 -47.55
CA PRO A 216 13.97 -19.29 -47.78
C PRO A 216 13.47 -18.43 -46.65
N GLN A 217 12.28 -17.89 -46.80
CA GLN A 217 11.86 -16.92 -45.80
C GLN A 217 10.82 -17.48 -44.84
N GLY A 218 10.34 -18.70 -45.05
CA GLY A 218 9.40 -19.29 -44.14
C GLY A 218 10.02 -19.60 -42.79
N PHE A 219 9.18 -19.57 -41.75
CA PHE A 219 9.67 -19.81 -40.41
C PHE A 219 10.07 -21.27 -40.21
N SER A 220 11.01 -21.49 -39.30
CA SER A 220 11.49 -22.84 -39.01
C SER A 220 12.14 -22.84 -37.65
N ALA A 221 11.65 -23.69 -36.75
CA ALA A 221 12.25 -23.83 -35.44
C ALA A 221 13.59 -24.56 -35.54
N LEU A 222 14.40 -24.44 -34.47
CA LEU A 222 15.73 -25.12 -34.44
C LEU A 222 15.82 -25.93 -33.14
N GLU A 223 16.01 -27.25 -33.23
CA GLU A 223 16.05 -28.06 -32.02
C GLU A 223 17.48 -28.29 -31.58
N PRO A 224 17.73 -28.36 -30.27
CA PRO A 224 19.06 -28.72 -29.78
C PRO A 224 19.37 -30.19 -30.08
N LEU A 225 20.67 -30.46 -30.26
CA LEU A 225 21.14 -31.82 -30.46
C LEU A 225 22.10 -32.26 -29.35
N VAL A 226 23.15 -31.48 -29.10
CA VAL A 226 24.14 -31.82 -28.08
C VAL A 226 24.48 -30.58 -27.28
N ASP A 227 24.58 -30.75 -25.97
CA ASP A 227 24.91 -29.67 -25.05
C ASP A 227 26.07 -30.15 -24.18
N LEU A 228 27.30 -30.00 -24.68
CA LEU A 228 28.48 -30.48 -23.92
C LEU A 228 29.23 -29.27 -23.34
N PRO A 229 29.51 -29.26 -22.02
CA PRO A 229 30.16 -28.10 -21.37
C PRO A 229 31.66 -28.03 -21.68
N ILE A 230 32.02 -27.45 -22.83
CA ILE A 230 33.45 -27.32 -23.22
C ILE A 230 34.15 -26.42 -22.20
N GLY A 231 33.62 -25.23 -21.94
CA GLY A 231 34.19 -24.29 -20.99
C GLY A 231 35.53 -23.71 -21.39
N ILE A 232 35.61 -23.34 -22.68
CA ILE A 232 36.78 -22.67 -23.30
C ILE A 232 36.28 -21.44 -24.05
N ASN A 233 37.02 -20.34 -23.97
CA ASN A 233 36.89 -19.20 -24.90
C ASN A 233 36.74 -19.77 -26.31
N ILE A 234 35.73 -19.33 -27.04
CA ILE A 234 35.81 -19.42 -28.53
C ILE A 234 35.70 -18.00 -29.12
N THR A 235 36.66 -17.60 -29.95
CA THR A 235 36.61 -16.27 -30.61
C THR A 235 36.85 -16.34 -32.14
N ARG A 236 37.69 -17.26 -32.65
CA ARG A 236 37.68 -17.48 -34.09
C ARG A 236 36.74 -18.63 -34.44
N PHE A 237 36.47 -18.78 -35.74
CA PHE A 237 35.52 -19.77 -36.24
C PHE A 237 35.87 -20.09 -37.68
N GLN A 238 35.91 -21.38 -37.99
CA GLN A 238 36.32 -21.87 -39.30
C GLN A 238 35.56 -23.14 -39.62
N THR A 239 35.62 -23.55 -40.89
CA THR A 239 34.87 -24.69 -41.38
C THR A 239 35.76 -25.60 -42.21
N LEU A 240 35.36 -26.86 -42.31
CA LEU A 240 36.04 -27.84 -43.14
C LEU A 240 35.30 -28.03 -44.46
N LEU A 241 35.97 -28.71 -45.39
CA LEU A 241 35.37 -29.00 -46.69
C LEU A 241 35.51 -30.49 -46.99
N ALA A 242 35.18 -30.89 -48.22
CA ALA A 242 35.21 -32.30 -48.61
C ALA A 242 35.96 -32.41 -49.94
N LEU A 243 35.92 -33.59 -50.57
CA LEU A 243 36.85 -33.84 -51.70
C LEU A 243 36.38 -35.02 -52.55
N ASN A 244 37.16 -36.11 -52.58
CA ASN A 244 37.04 -37.18 -53.59
C ASN A 244 37.36 -36.63 -54.98
N ARG A 245 36.32 -36.53 -55.84
CA ARG A 245 36.44 -36.07 -57.24
C ARG A 245 35.35 -35.04 -57.54
N ALA A 262 26.73 -20.97 -52.72
CA ALA A 262 25.59 -21.88 -52.72
C ALA A 262 25.45 -22.57 -51.37
N ASP A 263 26.16 -22.06 -50.38
CA ASP A 263 26.20 -22.62 -49.03
C ASP A 263 26.85 -21.58 -48.12
N TYR A 264 27.23 -22.01 -46.92
CA TYR A 264 28.07 -21.21 -46.03
C TYR A 264 27.34 -19.98 -45.51
N TYR A 265 26.01 -20.02 -45.46
CA TYR A 265 25.24 -18.91 -44.93
C TYR A 265 25.55 -18.69 -43.45
N VAL A 266 26.15 -17.55 -43.12
CA VAL A 266 26.60 -17.26 -41.76
C VAL A 266 25.97 -15.97 -41.28
N GLY A 267 25.43 -16.00 -40.08
CA GLY A 267 24.94 -14.79 -39.43
C GLY A 267 25.38 -14.77 -37.98
N TYR A 268 25.37 -13.58 -37.39
CA TYR A 268 25.82 -13.38 -36.03
C TYR A 268 24.65 -12.98 -35.15
N LEU A 269 24.50 -13.75 -34.06
CA LEU A 269 23.37 -13.50 -33.12
C LEU A 269 23.72 -12.34 -32.18
N GLN A 270 22.70 -11.75 -31.57
CA GLN A 270 22.86 -10.64 -30.65
C GLN A 270 21.86 -10.83 -29.51
N PRO A 271 22.10 -10.21 -28.35
CA PRO A 271 21.10 -10.27 -27.29
C PRO A 271 19.88 -9.45 -27.61
N ARG A 272 18.75 -10.11 -27.82
CA ARG A 272 17.49 -9.43 -28.12
C ARG A 272 16.36 -10.08 -27.34
N THR A 273 15.28 -9.33 -27.18
CA THR A 273 14.05 -9.84 -26.58
C THR A 273 13.15 -10.32 -27.70
N PHE A 274 12.63 -11.54 -27.57
CA PHE A 274 11.75 -12.12 -28.56
C PHE A 274 10.45 -12.55 -27.91
N LEU A 275 9.37 -12.52 -28.69
CA LEU A 275 8.08 -13.04 -28.27
C LEU A 275 7.70 -14.13 -29.26
N LEU A 276 7.53 -15.35 -28.75
CA LEU A 276 7.40 -16.53 -29.59
C LEU A 276 6.01 -17.14 -29.45
N LYS A 277 5.38 -17.44 -30.58
CA LYS A 277 4.05 -18.03 -30.62
C LYS A 277 4.19 -19.54 -30.64
N TYR A 278 3.65 -20.20 -29.63
CA TYR A 278 3.74 -21.64 -29.50
C TYR A 278 2.46 -22.29 -30.01
N ASN A 279 2.57 -23.44 -30.65
CA ASN A 279 1.35 -24.11 -31.17
C ASN A 279 0.92 -25.19 -30.18
N GLU A 280 -0.25 -25.75 -30.40
CA GLU A 280 -0.90 -26.62 -29.39
C GLU A 280 -0.05 -27.86 -29.11
N ASN A 281 0.78 -28.25 -30.07
CA ASN A 281 1.61 -29.46 -29.95
C ASN A 281 3.02 -29.10 -29.47
N GLY A 282 3.23 -27.89 -28.98
CA GLY A 282 4.48 -27.56 -28.29
C GLY A 282 5.53 -26.94 -29.19
N THR A 283 5.12 -26.46 -30.37
CA THR A 283 5.95 -26.16 -31.57
C THR A 283 5.92 -24.68 -31.90
N ILE A 284 7.03 -24.11 -32.39
CA ILE A 284 7.07 -22.63 -32.62
C ILE A 284 6.49 -22.33 -34.00
N THR A 285 5.34 -21.65 -34.04
CA THR A 285 4.71 -21.31 -35.32
C THR A 285 5.20 -19.97 -35.84
N ASP A 286 5.31 -18.97 -34.98
CA ASP A 286 5.75 -17.65 -35.39
C ASP A 286 6.46 -16.97 -34.24
N ALA A 287 7.41 -16.10 -34.58
CA ALA A 287 8.12 -15.30 -33.59
C ALA A 287 8.27 -13.88 -34.13
N VAL A 288 8.30 -12.93 -33.21
CA VAL A 288 8.43 -11.52 -33.57
C VAL A 288 9.53 -10.89 -32.73
N ASP A 289 10.40 -10.12 -33.39
CA ASP A 289 11.48 -9.41 -32.66
C ASP A 289 10.87 -8.18 -32.00
N CYS A 290 11.31 -7.82 -30.79
CA CYS A 290 10.68 -6.69 -30.07
C CYS A 290 11.49 -5.41 -30.27
N ALA A 291 12.71 -5.53 -30.80
CA ALA A 291 13.56 -4.34 -31.08
C ALA A 291 13.64 -4.13 -32.59
N LEU A 292 12.55 -4.42 -33.31
CA LEU A 292 12.56 -4.32 -34.79
C LEU A 292 11.80 -3.07 -35.25
N ASP A 293 10.47 -3.14 -35.32
CA ASP A 293 9.65 -2.01 -35.82
C ASP A 293 8.75 -1.48 -34.70
N PRO A 294 8.20 -0.24 -34.79
CA PRO A 294 7.26 0.24 -33.77
C PRO A 294 6.11 -0.73 -33.55
N LEU A 295 5.59 -1.30 -34.63
CA LEU A 295 4.54 -2.30 -34.51
C LEU A 295 5.04 -3.51 -33.73
N SER A 296 6.29 -3.90 -34.00
CA SER A 296 6.89 -5.07 -33.30
C SER A 296 6.97 -4.78 -31.79
N GLU A 297 7.38 -3.56 -31.41
CA GLU A 297 7.51 -3.22 -30.00
C GLU A 297 6.14 -3.15 -29.32
N THR A 298 5.14 -2.67 -30.07
CA THR A 298 3.76 -2.57 -29.53
C THR A 298 3.20 -3.97 -29.24
N LYS A 299 3.20 -4.85 -30.25
CA LYS A 299 2.67 -6.22 -30.07
C LYS A 299 3.43 -6.91 -28.93
N CYS A 300 4.75 -6.70 -28.87
CA CYS A 300 5.58 -7.30 -27.79
C CYS A 300 5.13 -6.78 -26.43
N THR A 301 4.83 -5.48 -26.34
CA THR A 301 4.43 -4.87 -25.05
C THR A 301 3.17 -5.56 -24.52
N LEU A 302 2.15 -5.74 -25.36
CA LEU A 302 0.88 -6.37 -24.92
C LEU A 302 0.94 -7.88 -25.13
N LYS A 303 2.09 -8.40 -25.56
CA LYS A 303 2.27 -9.87 -25.73
C LYS A 303 1.07 -10.47 -26.47
N SER A 304 0.78 -9.96 -27.68
CA SER A 304 -0.32 -10.51 -28.50
C SER A 304 -0.04 -10.26 -29.98
N PHE A 305 -0.23 -11.27 -30.83
CA PHE A 305 0.06 -11.11 -32.25
C PHE A 305 -0.90 -10.16 -32.94
N THR A 306 -2.01 -9.83 -32.26
CA THR A 306 -3.04 -8.94 -32.86
C THR A 306 -3.14 -7.65 -32.03
N VAL A 307 -2.76 -6.51 -32.61
CA VAL A 307 -2.91 -5.20 -31.91
C VAL A 307 -4.16 -4.50 -32.44
N GLU A 308 -5.17 -4.32 -31.59
CA GLU A 308 -6.37 -3.62 -32.02
C GLU A 308 -6.07 -2.14 -32.25
N LYS A 309 -6.95 -1.49 -33.01
CA LYS A 309 -6.76 -0.09 -33.35
C LYS A 309 -6.71 0.76 -32.09
N GLY A 310 -5.71 1.62 -31.99
CA GLY A 310 -5.54 2.45 -30.82
C GLY A 310 -4.12 2.99 -30.76
N ILE A 311 -3.82 3.64 -29.62
CA ILE A 311 -2.50 4.15 -29.32
C ILE A 311 -2.01 3.47 -28.05
N TYR A 312 -0.78 2.95 -28.10
CA TYR A 312 -0.25 2.18 -26.95
C TYR A 312 1.14 2.68 -26.54
N GLN A 313 1.28 3.11 -25.29
CA GLN A 313 2.55 3.58 -24.75
C GLN A 313 3.43 2.37 -24.47
N THR A 314 4.55 2.27 -25.17
CA THR A 314 5.34 1.04 -25.18
C THR A 314 6.64 1.16 -24.40
N SER A 315 7.32 2.30 -24.49
CA SER A 315 8.65 2.41 -23.89
C SER A 315 8.97 3.89 -23.72
N ASN A 316 10.27 4.16 -23.50
CA ASN A 316 10.73 5.56 -23.35
C ASN A 316 11.98 5.73 -24.22
N PHE A 317 12.29 6.95 -24.61
CA PHE A 317 13.44 7.25 -25.45
C PHE A 317 14.37 8.21 -24.74
N ARG A 318 15.66 7.89 -24.73
CA ARG A 318 16.68 8.77 -24.19
C ARG A 318 17.87 8.78 -25.13
N VAL A 319 18.51 9.94 -25.26
CA VAL A 319 19.67 10.08 -26.14
C VAL A 319 20.89 9.61 -25.37
N GLN A 320 21.49 8.52 -25.83
CA GLN A 320 22.70 8.04 -25.20
C GLN A 320 23.85 9.02 -25.47
N PRO A 321 24.76 9.19 -24.52
CA PRO A 321 25.81 10.20 -24.69
C PRO A 321 26.78 9.81 -25.80
N THR A 322 27.40 10.83 -26.39
CA THR A 322 28.40 10.59 -27.42
C THR A 322 29.77 10.36 -26.80
N GLU A 323 30.18 11.49 -26.17
CA GLU A 323 31.50 11.60 -25.48
C GLU A 323 31.28 12.04 -24.04
N SER A 324 32.36 12.18 -23.27
CA SER A 324 32.21 12.48 -21.83
C SER A 324 33.31 13.38 -21.29
N ILE A 325 32.99 14.63 -20.91
CA ILE A 325 33.99 15.53 -20.26
C ILE A 325 34.03 15.18 -18.78
N VAL A 326 35.18 14.66 -18.37
CA VAL A 326 35.58 14.54 -16.94
C VAL A 326 36.66 15.59 -16.70
N ARG A 327 36.34 16.60 -15.90
CA ARG A 327 37.37 17.59 -15.52
C ARG A 327 37.38 17.71 -13.99
N PHE A 328 38.58 17.59 -13.36
CA PHE A 328 38.73 17.59 -11.88
C PHE A 328 39.18 18.98 -11.40
N PRO A 329 40.21 19.23 -10.54
CA PRO A 329 40.60 20.60 -10.17
C PRO A 329 41.87 21.04 -10.90
N ASN A 330 42.59 22.10 -10.51
CA ASN A 330 43.80 22.24 -11.36
C ASN A 330 45.11 21.98 -10.57
N VAL A 331 45.15 20.86 -9.86
CA VAL A 331 46.30 20.51 -8.99
C VAL A 331 47.02 19.31 -9.61
N THR A 332 48.23 19.01 -9.12
CA THR A 332 48.96 17.85 -9.65
C THR A 332 49.90 17.26 -8.62
N ASN A 333 50.22 18.03 -7.58
CA ASN A 333 51.23 17.62 -6.61
C ASN A 333 50.88 16.27 -5.97
N LEU A 334 51.87 15.38 -5.90
CA LEU A 334 51.63 14.02 -5.42
C LEU A 334 51.47 14.01 -3.91
N CYS A 335 50.56 13.16 -3.43
CA CYS A 335 50.30 13.02 -2.02
C CYS A 335 51.41 12.23 -1.33
N PRO A 336 51.61 12.47 -0.02
CA PRO A 336 52.75 11.87 0.66
C PRO A 336 52.58 10.44 1.16
N PHE A 337 51.64 9.64 0.61
CA PHE A 337 51.54 8.24 1.05
C PHE A 337 52.89 7.56 1.11
N HIS A 338 53.83 7.96 0.26
CA HIS A 338 55.20 7.51 0.39
C HIS A 338 55.70 7.76 1.82
N GLU A 339 55.64 8.99 2.31
CA GLU A 339 56.02 9.04 3.75
C GLU A 339 55.23 7.99 4.52
N VAL A 340 53.90 8.06 4.45
CA VAL A 340 53.06 7.32 5.43
C VAL A 340 53.49 5.86 5.39
N PHE A 341 54.17 5.45 4.33
CA PHE A 341 54.54 4.06 4.20
C PHE A 341 56.04 3.83 4.23
N ASN A 342 56.79 4.85 3.81
CA ASN A 342 58.27 4.85 3.91
C ASN A 342 58.62 5.67 5.15
N ALA A 343 57.96 5.33 6.27
CA ALA A 343 58.40 5.63 7.64
C ALA A 343 58.92 4.35 8.28
N THR A 344 59.33 4.44 9.53
CA THR A 344 59.79 3.24 10.27
C THR A 344 59.05 3.16 11.59
N ARG A 345 59.17 4.26 12.34
CA ARG A 345 58.47 4.47 13.62
C ARG A 345 57.02 4.79 13.28
N PHE A 346 56.27 3.74 12.95
CA PHE A 346 54.82 3.71 13.09
C PHE A 346 54.46 3.51 14.55
N ALA A 347 54.06 4.60 15.21
CA ALA A 347 53.27 4.64 16.46
C ALA A 347 52.89 3.26 17.03
N SER A 348 52.89 3.11 18.34
CA SER A 348 52.13 2.01 18.90
C SER A 348 50.64 2.33 18.92
N VAL A 349 49.83 1.28 19.02
CA VAL A 349 48.38 1.44 18.92
C VAL A 349 47.82 2.29 20.05
N TYR A 350 48.47 2.30 21.21
CA TYR A 350 47.97 3.12 22.31
C TYR A 350 47.98 4.60 21.96
N ALA A 351 48.90 5.01 21.08
CA ALA A 351 48.95 6.38 20.56
C ALA A 351 49.07 6.26 19.04
N TRP A 352 47.92 6.15 18.36
CA TRP A 352 47.92 5.96 16.92
C TRP A 352 48.22 7.29 16.24
N ASN A 353 49.36 7.35 15.55
CA ASN A 353 49.71 8.62 14.83
C ASN A 353 48.75 8.77 13.67
N ARG A 354 48.28 10.00 13.51
CA ARG A 354 47.27 10.32 12.51
C ARG A 354 47.76 11.49 11.67
N THR A 355 47.98 11.24 10.40
CA THR A 355 48.32 12.33 9.45
C THR A 355 47.06 12.79 8.72
N ARG A 356 47.14 13.96 8.14
CA ARG A 356 46.11 14.51 7.28
C ARG A 356 46.65 14.66 5.87
N ILE A 357 45.89 14.17 4.89
CA ILE A 357 46.27 14.20 3.48
C ILE A 357 45.32 15.14 2.78
N SER A 358 45.85 16.25 2.25
CA SER A 358 45.00 17.22 1.56
C SER A 358 45.82 17.97 0.52
N ASN A 359 45.10 18.59 -0.42
CA ASN A 359 45.69 19.45 -1.44
C ASN A 359 46.75 18.70 -2.24
N CYS A 360 46.31 17.63 -2.89
CA CYS A 360 47.20 16.74 -3.62
C CYS A 360 46.37 15.80 -4.48
N VAL A 361 47.06 14.97 -5.25
CA VAL A 361 46.44 14.04 -6.18
C VAL A 361 46.84 12.62 -5.79
N ALA A 362 45.85 11.76 -5.58
CA ALA A 362 46.07 10.44 -5.01
C ALA A 362 46.04 9.40 -6.13
N ASP A 363 47.16 8.72 -6.33
CA ASP A 363 47.25 7.56 -7.21
C ASP A 363 47.79 6.41 -6.37
N TYR A 364 46.89 5.52 -5.95
CA TYR A 364 47.21 4.52 -4.94
C TYR A 364 48.06 3.37 -5.47
N SER A 365 48.58 3.47 -6.69
CA SER A 365 49.53 2.47 -7.16
C SER A 365 50.81 2.49 -6.36
N VAL A 366 51.22 3.67 -5.89
CA VAL A 366 52.37 3.75 -4.99
C VAL A 366 52.07 3.03 -3.68
N LEU A 367 50.87 3.23 -3.14
CA LEU A 367 50.44 2.47 -1.98
C LEU A 367 50.44 0.97 -2.25
N TYR A 368 50.15 0.56 -3.48
CA TYR A 368 50.18 -0.84 -3.85
C TYR A 368 51.60 -1.41 -3.91
N ASN A 369 52.52 -0.69 -4.53
CA ASN A 369 53.88 -1.19 -4.72
C ASN A 369 54.80 -0.98 -3.52
N PHE A 370 54.27 -0.31 -2.49
CA PHE A 370 55.02 -0.07 -1.24
C PHE A 370 54.64 -1.10 -0.19
N ALA A 371 53.86 -2.10 -0.60
CA ALA A 371 53.49 -3.09 0.41
C ALA A 371 53.04 -4.41 -0.20
N PRO A 372 53.67 -5.52 0.17
CA PRO A 372 53.12 -6.84 -0.17
C PRO A 372 51.90 -7.14 0.68
N PHE A 373 50.74 -6.69 0.19
CA PHE A 373 49.55 -6.57 1.02
C PHE A 373 49.14 -7.90 1.63
N PHE A 374 48.64 -7.85 2.86
CA PHE A 374 48.06 -9.00 3.52
C PHE A 374 46.55 -8.89 3.69
N ALA A 375 46.04 -7.67 3.85
CA ALA A 375 44.59 -7.47 4.06
C ALA A 375 44.15 -6.09 3.57
N PHE A 376 43.56 -6.01 2.37
CA PHE A 376 43.03 -4.72 1.88
C PHE A 376 41.51 -4.71 2.06
N LYS A 377 41.04 -4.26 3.22
CA LYS A 377 39.58 -4.31 3.50
C LYS A 377 38.96 -2.92 3.29
N CYS A 378 39.06 -2.38 2.07
CA CYS A 378 38.37 -1.09 1.77
C CYS A 378 36.87 -1.29 1.98
N TYR A 379 36.22 -0.40 2.74
CA TYR A 379 34.78 -0.62 3.05
C TYR A 379 33.92 0.36 2.24
N GLY A 380 33.77 1.59 2.75
CA GLY A 380 32.89 2.57 2.09
C GLY A 380 33.39 2.99 0.72
N VAL A 381 34.55 2.48 0.31
CA VAL A 381 35.15 2.88 -0.99
C VAL A 381 35.63 1.62 -1.73
N SER A 382 35.42 1.57 -3.05
CA SER A 382 35.94 0.43 -3.85
C SER A 382 37.39 0.73 -4.25
N PRO A 383 38.37 -0.17 -4.00
CA PRO A 383 39.77 0.10 -4.31
C PRO A 383 39.93 0.53 -5.78
N THR A 384 39.19 -0.12 -6.68
CA THR A 384 39.26 0.26 -8.12
C THR A 384 38.69 1.66 -8.31
N LYS A 385 37.55 1.97 -7.70
CA LYS A 385 36.90 3.30 -7.86
C LYS A 385 37.64 4.35 -7.03
N LEU A 386 38.49 3.92 -6.10
CA LEU A 386 39.25 4.85 -5.22
C LEU A 386 40.07 5.81 -6.10
N ASN A 387 40.36 5.42 -7.34
CA ASN A 387 41.17 6.26 -8.25
C ASN A 387 40.21 7.03 -9.15
N ASP A 388 38.92 7.08 -8.75
CA ASP A 388 37.91 7.87 -9.52
C ASP A 388 37.06 8.67 -8.53
N LEU A 389 37.60 9.01 -7.36
CA LEU A 389 36.80 9.71 -6.32
C LEU A 389 37.53 10.93 -5.79
N CYS A 390 36.82 11.84 -5.11
CA CYS A 390 37.45 13.03 -4.50
C CYS A 390 37.01 13.12 -3.04
N PHE A 391 37.87 13.65 -2.16
CA PHE A 391 37.55 13.67 -0.70
C PHE A 391 37.83 15.06 -0.12
N THR A 392 36.86 15.61 0.64
CA THR A 392 37.11 16.88 1.32
C THR A 392 38.44 16.86 2.07
N ASN A 393 38.64 15.85 2.92
CA ASN A 393 39.90 15.69 3.64
C ASN A 393 40.12 14.21 3.88
N VAL A 394 41.39 13.83 4.02
CA VAL A 394 41.78 12.44 4.18
C VAL A 394 42.60 12.32 5.46
N TYR A 395 42.27 11.34 6.28
CA TYR A 395 42.99 11.06 7.52
C TYR A 395 43.66 9.70 7.41
N ALA A 396 44.96 9.67 7.65
CA ALA A 396 45.75 8.45 7.57
C ALA A 396 46.28 8.11 8.97
N ASP A 397 45.75 7.04 9.55
CA ASP A 397 46.18 6.59 10.87
C ASP A 397 47.03 5.33 10.71
N SER A 398 48.24 5.36 11.24
CA SER A 398 49.22 4.29 11.05
C SER A 398 49.68 3.74 12.39
N PHE A 399 49.75 2.42 12.52
CA PHE A 399 50.11 1.76 13.77
C PHE A 399 50.39 0.29 13.48
N VAL A 400 51.32 -0.31 14.22
CA VAL A 400 51.61 -1.73 14.06
C VAL A 400 50.81 -2.52 15.09
N ILE A 401 50.12 -3.56 14.61
CA ILE A 401 49.35 -4.47 15.45
C ILE A 401 49.65 -5.90 15.01
N LYS A 402 49.12 -6.86 15.76
CA LYS A 402 49.44 -8.26 15.51
C LYS A 402 48.47 -8.85 14.48
N GLY A 403 48.67 -10.14 14.19
CA GLY A 403 47.95 -10.77 13.08
C GLY A 403 46.45 -10.85 13.30
N ASN A 404 46.03 -11.35 14.46
CA ASN A 404 44.60 -11.43 14.75
C ASN A 404 43.98 -10.05 14.84
N GLU A 405 44.77 -9.06 15.24
CA GLU A 405 44.28 -7.69 15.40
C GLU A 405 43.87 -7.08 14.06
N VAL A 406 44.44 -7.54 12.96
CA VAL A 406 43.98 -7.10 11.64
C VAL A 406 42.55 -7.53 11.43
N SER A 407 42.23 -8.78 11.78
CA SER A 407 40.85 -9.21 11.75
C SER A 407 40.00 -8.42 12.73
N GLN A 408 40.61 -8.00 13.84
CA GLN A 408 39.84 -7.22 14.85
C GLN A 408 39.55 -5.82 14.31
N ILE A 409 40.48 -5.21 13.56
CA ILE A 409 40.25 -3.84 13.12
C ILE A 409 39.22 -3.86 11.97
N ALA A 410 38.05 -3.32 12.26
CA ALA A 410 36.93 -3.23 11.34
C ALA A 410 35.84 -2.41 12.01
N PRO A 411 34.95 -1.78 11.25
CA PRO A 411 33.97 -0.87 11.87
C PRO A 411 33.11 -1.58 12.89
N GLY A 412 33.30 -1.21 14.15
CA GLY A 412 32.53 -1.77 15.25
C GLY A 412 32.78 -3.23 15.51
N GLN A 413 33.98 -3.56 16.00
CA GLN A 413 34.28 -4.96 16.38
C GLN A 413 34.57 -5.02 17.87
N THR A 414 34.65 -6.23 18.44
CA THR A 414 34.94 -6.40 19.89
C THR A 414 36.41 -6.77 20.07
N GLY A 415 37.02 -6.34 21.17
CA GLY A 415 38.44 -6.68 21.44
C GLY A 415 39.15 -5.53 22.13
N ASN A 416 40.12 -5.83 23.00
CA ASN A 416 40.80 -4.79 23.76
C ASN A 416 41.49 -3.77 22.87
N ILE A 417 41.71 -4.07 21.59
CA ILE A 417 42.16 -3.05 20.66
C ILE A 417 40.98 -2.25 20.12
N ALA A 418 39.91 -2.94 19.74
CA ALA A 418 38.74 -2.27 19.15
C ALA A 418 37.79 -1.79 20.25
N ASP A 419 38.30 -1.64 21.49
CA ASP A 419 37.46 -1.15 22.62
C ASP A 419 38.29 -0.21 23.51
N TYR A 420 39.60 -0.44 23.60
CA TYR A 420 40.44 0.40 24.43
C TYR A 420 41.61 1.05 23.69
N ASN A 421 41.93 0.61 22.47
CA ASN A 421 43.11 1.08 21.78
C ASN A 421 42.79 1.89 20.52
N TYR A 422 41.81 1.46 19.73
CA TYR A 422 41.39 2.23 18.57
C TYR A 422 40.04 1.70 18.13
N LYS A 423 39.11 2.60 17.79
CA LYS A 423 37.74 2.28 17.42
C LYS A 423 37.36 3.12 16.21
N LEU A 424 36.98 2.46 15.11
CA LEU A 424 36.52 3.17 13.92
C LEU A 424 35.04 3.51 14.08
N PRO A 425 34.54 4.57 13.45
CA PRO A 425 33.11 4.85 13.55
C PRO A 425 32.29 3.79 12.84
N ASP A 426 31.03 3.65 13.27
CA ASP A 426 30.17 2.63 12.70
C ASP A 426 29.93 2.88 11.21
N ASP A 427 29.68 4.14 10.86
CA ASP A 427 29.47 4.55 9.46
C ASP A 427 30.79 4.93 8.81
N PHE A 428 31.75 4.00 8.87
CA PHE A 428 33.11 4.28 8.33
C PHE A 428 33.12 4.30 6.81
N THR A 429 33.70 5.34 6.22
CA THR A 429 33.82 5.45 4.76
C THR A 429 35.30 5.64 4.46
N GLY A 430 36.02 4.53 4.35
CA GLY A 430 37.47 4.60 4.10
C GLY A 430 38.07 3.24 3.79
N CYS A 431 39.40 3.14 3.87
CA CYS A 431 40.11 1.87 3.56
C CYS A 431 41.08 1.52 4.69
N VAL A 432 41.18 0.24 5.04
CA VAL A 432 42.19 -0.17 6.07
C VAL A 432 43.30 -0.94 5.35
N ILE A 433 44.56 -0.49 5.52
CA ILE A 433 45.70 -1.13 4.83
C ILE A 433 46.49 -1.95 5.85
N ALA A 434 46.89 -3.17 5.48
CA ALA A 434 47.65 -4.03 6.39
C ALA A 434 48.65 -4.84 5.59
N TRP A 435 49.93 -4.66 5.88
CA TRP A 435 50.98 -5.46 5.27
C TRP A 435 51.97 -5.92 6.32
N ASN A 436 52.52 -7.11 6.09
CA ASN A 436 53.40 -7.74 7.07
C ASN A 436 54.74 -7.03 7.13
N SER A 437 55.20 -6.74 8.35
CA SER A 437 56.48 -6.07 8.57
C SER A 437 57.25 -6.82 9.66
N ASN A 438 57.97 -7.85 9.26
CA ASN A 438 58.88 -8.55 10.14
C ASN A 438 60.32 -8.08 10.01
N LYS A 439 60.58 -7.13 9.12
CA LYS A 439 61.92 -6.65 8.87
C LYS A 439 62.23 -5.33 9.56
N LEU A 440 61.22 -4.59 9.98
CA LEU A 440 61.41 -3.32 10.67
C LEU A 440 61.02 -3.36 12.14
N ASP A 441 60.27 -4.38 12.57
CA ASP A 441 59.82 -4.50 13.95
C ASP A 441 60.36 -5.79 14.57
N SER A 442 61.60 -6.14 14.25
CA SER A 442 62.18 -7.35 14.80
C SER A 442 63.69 -7.27 14.72
N LYS A 443 64.35 -7.93 15.67
CA LYS A 443 65.79 -8.04 15.69
C LYS A 443 66.17 -9.18 16.63
N HIS A 444 67.43 -9.62 16.52
CA HIS A 444 67.94 -10.61 17.44
C HIS A 444 67.93 -10.06 18.86
N SER A 445 67.71 -10.95 19.82
CA SER A 445 67.52 -10.67 21.24
C SER A 445 66.20 -9.96 21.52
N GLY A 446 65.35 -9.76 20.52
CA GLY A 446 64.01 -9.24 20.71
C GLY A 446 63.93 -7.73 20.67
N ASN A 447 62.69 -7.25 20.58
CA ASN A 447 62.40 -5.82 20.61
C ASN A 447 61.02 -5.62 21.20
N TYR A 448 60.96 -4.89 22.31
CA TYR A 448 59.71 -4.67 23.03
C TYR A 448 59.31 -3.20 23.00
N ASP A 449 59.58 -2.52 21.88
CA ASP A 449 59.40 -1.07 21.82
C ASP A 449 57.93 -0.69 21.85
N TYR A 450 57.08 -1.46 21.18
CA TYR A 450 55.70 -1.06 20.96
C TYR A 450 54.86 -1.26 22.22
N TRP A 451 53.61 -0.82 22.16
CA TRP A 451 52.77 -0.74 23.33
C TRP A 451 51.32 -0.93 22.92
N TYR A 452 50.47 -1.26 23.88
CA TYR A 452 49.04 -1.38 23.64
C TYR A 452 48.34 -1.45 25.00
N ARG A 453 47.08 -1.04 25.01
CA ARG A 453 46.32 -0.85 26.25
C ARG A 453 45.30 -1.97 26.39
N SER A 454 45.26 -2.60 27.57
CA SER A 454 44.23 -3.57 27.91
C SER A 454 43.33 -3.10 29.03
N PHE A 455 43.71 -2.03 29.74
CA PHE A 455 43.00 -1.62 30.95
C PHE A 455 42.57 -0.17 30.79
N ARG A 456 41.29 0.03 30.53
CA ARG A 456 40.70 1.35 30.44
C ARG A 456 39.43 1.39 31.27
N LYS A 457 39.12 2.57 31.80
CA LYS A 457 37.95 2.72 32.65
C LYS A 457 36.65 2.52 31.87
N SER A 458 36.66 2.81 30.57
CA SER A 458 35.48 2.65 29.73
C SER A 458 35.91 2.31 28.32
N LYS A 459 34.92 2.27 27.42
CA LYS A 459 35.19 1.99 26.02
C LYS A 459 35.81 3.20 25.34
N LEU A 460 36.30 2.98 24.12
CA LEU A 460 36.94 4.04 23.34
C LEU A 460 35.95 4.58 22.32
N LYS A 461 35.70 5.89 22.38
CA LYS A 461 34.87 6.53 21.37
C LYS A 461 35.59 6.56 20.03
N PRO A 462 34.85 6.54 18.92
CA PRO A 462 35.50 6.49 17.60
C PRO A 462 36.43 7.66 17.38
N PHE A 463 37.62 7.36 16.84
CA PHE A 463 38.64 8.35 16.52
C PHE A 463 38.95 9.25 17.72
N GLU A 464 39.25 8.61 18.83
CA GLU A 464 39.57 9.31 20.08
C GLU A 464 40.76 8.64 20.72
N ARG A 465 41.78 9.42 21.05
CA ARG A 465 43.01 8.91 21.62
C ARG A 465 42.97 9.01 23.15
N ASP A 466 43.59 8.02 23.80
CA ASP A 466 43.56 7.93 25.26
C ASP A 466 44.97 7.69 25.79
N ILE A 467 45.94 8.47 25.31
CA ILE A 467 47.29 8.35 25.81
C ILE A 467 47.32 8.83 27.27
N SER A 468 47.67 7.92 28.17
CA SER A 468 47.73 8.17 29.60
C SER A 468 48.29 6.94 30.29
N THR A 469 48.94 7.16 31.43
CA THR A 469 49.50 6.08 32.24
C THR A 469 48.85 6.15 33.62
N GLU A 470 47.70 5.53 33.77
CA GLU A 470 46.98 5.47 35.03
C GLU A 470 46.69 4.02 35.37
N ILE A 471 47.07 3.62 36.58
CA ILE A 471 46.92 2.23 36.98
C ILE A 471 45.44 1.92 37.17
N TYR A 472 44.99 0.80 36.60
CA TYR A 472 43.59 0.41 36.71
C TYR A 472 43.25 0.09 38.15
N GLN A 473 42.08 0.57 38.60
CA GLN A 473 41.62 0.26 39.94
C GLN A 473 40.98 -1.11 40.00
N ALA A 474 41.29 -1.85 41.07
CA ALA A 474 40.67 -3.14 41.30
C ALA A 474 40.13 -3.18 42.73
N GLY A 475 38.91 -3.70 42.88
CA GLY A 475 38.24 -3.66 44.15
C GLY A 475 37.78 -2.26 44.50
N ASN A 476 38.34 -1.70 45.58
CA ASN A 476 38.01 -0.33 45.99
C ASN A 476 39.23 0.43 46.47
N LYS A 477 40.43 0.00 46.09
CA LYS A 477 41.66 0.59 46.59
C LYS A 477 42.08 1.76 45.71
N PRO A 478 42.40 2.92 46.27
CA PRO A 478 42.93 4.03 45.46
C PRO A 478 44.39 3.83 45.08
N CYS A 479 44.86 2.59 45.24
CA CYS A 479 46.22 2.17 44.94
C CYS A 479 46.79 2.82 43.68
N LYS A 480 48.03 3.28 43.77
CA LYS A 480 48.76 3.86 42.64
C LYS A 480 50.13 3.17 42.59
N GLY A 481 50.26 2.18 41.70
CA GLY A 481 51.49 1.43 41.57
C GLY A 481 51.32 0.13 40.81
N LYS A 482 52.39 -0.64 40.68
CA LYS A 482 52.28 -1.93 40.03
C LYS A 482 52.20 -3.05 41.06
N GLY A 483 51.80 -4.23 40.60
CA GLY A 483 51.68 -5.38 41.46
C GLY A 483 50.26 -5.88 41.58
N PRO A 484 49.87 -6.31 42.78
CA PRO A 484 48.57 -6.93 42.95
C PRO A 484 47.47 -5.88 42.95
N ASN A 485 46.42 -6.15 42.17
CA ASN A 485 45.21 -5.33 41.98
C ASN A 485 45.53 -3.88 41.65
N CYS A 486 46.79 -3.57 41.35
CA CYS A 486 47.18 -2.24 40.88
C CYS A 486 47.98 -2.48 39.60
N TYR A 487 47.28 -2.51 38.47
CA TYR A 487 47.86 -2.98 37.21
C TYR A 487 48.10 -1.82 36.25
N PHE A 488 49.24 -1.88 35.58
CA PHE A 488 49.55 -0.86 34.58
C PHE A 488 48.60 -1.00 33.41
N PRO A 489 48.04 0.10 32.91
CA PRO A 489 47.02 0.00 31.85
C PRO A 489 47.54 -0.62 30.56
N LEU A 490 48.81 -0.38 30.26
CA LEU A 490 49.38 -0.70 28.97
C LEU A 490 50.55 -1.66 29.12
N GLN A 491 50.53 -2.73 28.32
CA GLN A 491 51.53 -3.79 28.33
C GLN A 491 52.27 -3.82 26.99
N SER A 492 53.43 -4.46 27.00
CA SER A 492 54.32 -4.47 25.84
C SER A 492 53.72 -5.25 24.67
N TYR A 493 54.03 -4.79 23.47
CA TYR A 493 53.65 -5.46 22.23
C TYR A 493 54.85 -6.19 21.63
N GLY A 494 55.69 -6.75 22.50
CA GLY A 494 56.99 -7.32 22.17
C GLY A 494 57.06 -8.14 20.90
N PHE A 495 58.03 -7.81 20.04
CA PHE A 495 58.15 -8.41 18.73
C PHE A 495 59.53 -9.01 18.54
N ARG A 496 59.58 -10.19 17.94
CA ARG A 496 60.79 -10.92 17.61
C ARG A 496 60.65 -11.44 16.18
N PRO A 497 61.78 -11.72 15.50
CA PRO A 497 61.70 -12.21 14.12
C PRO A 497 61.05 -13.58 13.99
N THR A 498 60.87 -14.32 15.09
CA THR A 498 60.37 -15.70 15.04
C THR A 498 59.13 -15.84 15.91
N TYR A 499 57.97 -15.52 15.35
CA TYR A 499 56.68 -15.87 15.91
C TYR A 499 55.83 -16.56 14.85
N GLY A 500 54.61 -16.91 15.24
CA GLY A 500 53.63 -17.34 14.26
C GLY A 500 53.05 -16.18 13.50
N VAL A 501 52.36 -16.50 12.40
CA VAL A 501 51.79 -15.46 11.54
C VAL A 501 50.81 -14.60 12.32
N GLY A 502 49.95 -15.23 13.12
CA GLY A 502 49.04 -14.48 13.96
C GLY A 502 49.75 -13.62 15.00
N HIS A 503 51.01 -13.91 15.28
CA HIS A 503 51.80 -13.12 16.21
C HIS A 503 52.87 -12.29 15.51
N GLN A 504 52.85 -12.22 14.18
CA GLN A 504 53.84 -11.44 13.46
C GLN A 504 53.50 -9.95 13.53
N PRO A 505 54.50 -9.07 13.38
CA PRO A 505 54.27 -7.62 13.42
C PRO A 505 53.63 -7.06 12.15
N TYR A 506 52.31 -7.14 12.08
CA TYR A 506 51.59 -6.56 10.96
C TYR A 506 51.57 -5.04 11.05
N ARG A 507 51.99 -4.37 9.99
CA ARG A 507 51.96 -2.92 9.90
C ARG A 507 50.63 -2.51 9.28
N VAL A 508 49.81 -1.80 10.05
CA VAL A 508 48.47 -1.43 9.62
C VAL A 508 48.39 0.08 9.52
N VAL A 509 47.93 0.57 8.38
CA VAL A 509 47.55 1.97 8.25
C VAL A 509 46.11 2.01 7.74
N VAL A 510 45.32 2.95 8.24
CA VAL A 510 43.89 3.03 7.84
C VAL A 510 43.61 4.41 7.22
N LEU A 511 43.08 4.44 6.00
CA LEU A 511 42.74 5.72 5.32
C LEU A 511 41.25 6.00 5.55
N SER A 512 40.93 7.11 6.21
CA SER A 512 39.51 7.41 6.55
C SER A 512 38.93 8.51 5.67
N PHE A 513 38.44 8.14 4.49
CA PHE A 513 37.84 9.15 3.58
C PHE A 513 36.62 9.78 4.25
N GLU A 514 36.19 10.92 3.73
CA GLU A 514 35.02 11.63 4.30
C GLU A 514 33.87 11.52 3.31
N LEU A 515 34.20 11.62 2.02
CA LEU A 515 33.17 11.51 0.95
C LEU A 515 31.98 12.41 1.31
N LEU A 516 32.24 13.59 1.87
CA LEU A 516 31.11 14.54 2.10
C LEU A 516 30.86 15.23 0.77
N HIS A 517 30.78 16.56 0.78
CA HIS A 517 30.65 17.31 -0.51
C HIS A 517 31.31 18.69 -0.36
N ALA A 518 31.94 18.94 0.78
CA ALA A 518 32.63 20.24 0.99
C ALA A 518 33.71 20.38 -0.09
N PRO A 519 34.18 21.60 -0.43
CA PRO A 519 35.13 21.72 -1.52
C PRO A 519 36.19 20.63 -1.38
N ALA A 520 36.41 19.84 -2.43
CA ALA A 520 37.34 18.70 -2.36
C ALA A 520 38.80 19.16 -2.44
N THR A 521 39.72 18.35 -1.93
CA THR A 521 41.18 18.66 -1.97
C THR A 521 41.92 17.42 -2.46
N VAL A 522 41.76 16.27 -1.81
CA VAL A 522 42.41 15.04 -2.35
C VAL A 522 41.53 14.42 -3.44
N CYS A 523 41.78 14.80 -4.69
CA CYS A 523 41.06 14.16 -5.83
C CYS A 523 42.03 13.16 -6.45
N GLY A 524 41.55 11.98 -6.88
CA GLY A 524 42.48 11.07 -7.57
C GLY A 524 42.87 11.55 -8.96
N PRO A 525 43.64 10.79 -9.79
CA PRO A 525 44.09 11.31 -11.09
C PRO A 525 42.95 11.59 -12.07
N LYS A 526 42.77 10.76 -13.09
CA LYS A 526 41.60 10.85 -14.01
C LYS A 526 41.79 11.79 -15.22
N LYS A 527 42.70 12.76 -15.20
CA LYS A 527 42.96 13.58 -16.41
C LYS A 527 41.77 14.46 -16.77
N SER A 528 42.00 15.77 -16.85
CA SER A 528 40.88 16.70 -17.13
C SER A 528 40.64 16.83 -18.63
N THR A 529 39.46 16.42 -19.11
CA THR A 529 39.11 16.65 -20.54
C THR A 529 38.58 18.08 -20.64
N ASN A 530 38.30 18.58 -21.84
CA ASN A 530 37.89 20.00 -21.92
C ASN A 530 36.38 20.09 -21.72
N LEU A 531 35.78 21.25 -22.00
CA LEU A 531 34.32 21.44 -21.75
C LEU A 531 33.56 21.22 -23.06
N VAL A 532 32.24 21.06 -22.99
CA VAL A 532 31.40 20.94 -24.23
C VAL A 532 30.08 21.60 -23.87
N LYS A 533 30.06 22.92 -23.83
CA LYS A 533 28.85 23.61 -23.30
C LYS A 533 27.69 23.65 -24.28
N ASN A 534 27.01 22.52 -24.51
CA ASN A 534 25.76 22.53 -25.30
C ASN A 534 25.42 21.12 -25.79
N LYS A 535 26.25 20.13 -25.46
CA LYS A 535 26.02 18.74 -25.93
C LYS A 535 25.96 17.80 -24.73
N CYS A 536 24.93 16.98 -24.62
CA CYS A 536 24.71 16.02 -23.55
C CYS A 536 25.93 15.14 -23.37
N VAL A 537 26.39 15.00 -22.12
CA VAL A 537 27.68 14.39 -21.83
C VAL A 537 27.62 13.71 -20.46
N ASN A 538 28.25 12.54 -20.38
CA ASN A 538 28.49 11.89 -19.10
C ASN A 538 29.61 12.63 -18.38
N PHE A 539 29.32 13.15 -17.19
CA PHE A 539 30.32 13.90 -16.45
C PHE A 539 30.69 13.19 -15.17
N ASN A 540 31.93 13.42 -14.73
CA ASN A 540 32.47 12.87 -13.49
C ASN A 540 33.13 13.97 -12.68
N PHE A 541 32.41 15.07 -12.50
CA PHE A 541 32.97 16.26 -11.87
C PHE A 541 33.29 16.03 -10.41
N ASN A 542 34.59 15.90 -10.10
CA ASN A 542 35.03 15.72 -8.69
C ASN A 542 34.25 14.56 -8.05
N GLY A 543 34.41 13.34 -8.59
CA GLY A 543 33.74 12.17 -8.00
C GLY A 543 32.25 12.15 -8.30
N LEU A 544 31.63 13.32 -8.47
CA LEU A 544 30.19 13.37 -8.69
C LEU A 544 29.92 12.96 -10.14
N THR A 545 29.45 11.73 -10.31
CA THR A 545 29.13 11.24 -11.65
C THR A 545 27.68 11.54 -12.00
N GLY A 546 27.44 11.68 -13.29
CA GLY A 546 26.09 11.92 -13.77
C GLY A 546 26.09 12.24 -15.24
N THR A 547 24.90 12.54 -15.76
CA THR A 547 24.70 12.76 -17.17
C THR A 547 23.79 13.96 -17.39
N GLY A 548 24.11 14.75 -18.40
CA GLY A 548 23.31 15.91 -18.74
C GLY A 548 24.05 16.83 -19.67
N VAL A 549 23.58 18.07 -19.72
CA VAL A 549 24.11 19.10 -20.61
C VAL A 549 24.65 20.24 -19.77
N LEU A 550 25.57 21.00 -20.32
CA LEU A 550 26.09 22.15 -19.56
C LEU A 550 25.92 23.42 -20.40
N THR A 551 25.32 24.47 -19.85
CA THR A 551 25.20 25.77 -20.57
C THR A 551 25.63 26.90 -19.64
N LYS A 552 25.92 28.09 -20.19
CA LYS A 552 26.34 29.28 -19.40
C LYS A 552 25.28 29.59 -18.35
N SER A 553 25.70 30.06 -17.17
CA SER A 553 24.73 30.34 -16.08
C SER A 553 25.13 31.63 -15.36
N ASN A 554 24.15 32.41 -14.90
CA ASN A 554 24.43 33.69 -14.19
C ASN A 554 24.15 33.52 -12.70
N LYS A 555 23.90 32.27 -12.25
CA LYS A 555 23.64 32.01 -10.81
C LYS A 555 24.61 32.84 -9.97
N LYS A 556 24.08 33.69 -9.10
CA LYS A 556 24.94 34.59 -8.26
C LYS A 556 25.64 33.74 -7.20
N PHE A 557 26.28 32.64 -7.60
CA PHE A 557 27.05 31.82 -6.65
C PHE A 557 28.05 32.71 -5.91
N LEU A 558 27.69 33.19 -4.71
CA LEU A 558 28.66 33.99 -3.92
C LEU A 558 29.94 33.17 -3.82
N PRO A 559 31.13 33.79 -3.78
CA PRO A 559 32.38 33.03 -3.90
C PRO A 559 32.66 31.88 -2.93
N PHE A 560 31.66 31.31 -2.28
CA PHE A 560 31.91 30.14 -1.41
C PHE A 560 30.99 29.00 -1.84
N GLN A 561 30.04 29.29 -2.73
CA GLN A 561 29.05 28.27 -3.10
C GLN A 561 29.68 27.32 -4.14
N GLN A 562 29.61 26.00 -3.93
CA GLN A 562 30.27 25.00 -4.83
C GLN A 562 29.30 23.96 -5.41
N PHE A 563 29.23 22.71 -4.85
CA PHE A 563 28.39 21.76 -5.58
C PHE A 563 27.16 22.41 -6.19
N GLY A 564 26.32 23.03 -5.38
CA GLY A 564 25.13 23.66 -5.89
C GLY A 564 24.01 22.65 -6.06
N ARG A 565 22.78 23.14 -6.15
CA ARG A 565 21.60 22.24 -6.28
C ARG A 565 20.42 23.04 -6.85
N ASP A 566 19.20 22.72 -6.40
CA ASP A 566 17.99 23.44 -6.88
C ASP A 566 16.94 23.49 -5.78
N ILE A 567 15.66 23.58 -6.15
CA ILE A 567 14.55 23.59 -5.14
C ILE A 567 14.44 22.21 -4.50
N VAL A 568 14.54 21.15 -5.30
CA VAL A 568 14.43 19.75 -4.76
C VAL A 568 15.82 19.31 -4.29
N ASP A 569 16.74 20.26 -4.13
CA ASP A 569 18.11 19.95 -3.64
C ASP A 569 18.77 18.89 -4.53
N THR A 570 18.71 19.05 -5.85
CA THR A 570 19.41 18.12 -6.77
C THR A 570 20.46 18.92 -7.55
N THR A 571 21.71 18.46 -7.56
CA THR A 571 22.81 19.24 -8.21
C THR A 571 22.31 19.80 -9.55
N ASP A 572 22.35 21.13 -9.71
CA ASP A 572 21.86 21.78 -10.95
C ASP A 572 22.96 22.68 -11.52
N ALA A 573 23.84 23.21 -10.66
CA ALA A 573 24.88 24.15 -11.13
C ALA A 573 26.22 23.91 -10.45
N VAL A 574 27.18 23.31 -11.16
CA VAL A 574 28.52 23.11 -10.62
C VAL A 574 29.44 24.15 -11.24
N ARG A 575 30.04 25.00 -10.42
CA ARG A 575 31.04 25.96 -10.95
C ARG A 575 32.30 25.18 -11.36
N ASP A 576 32.55 25.06 -12.66
CA ASP A 576 33.79 24.37 -13.13
C ASP A 576 34.93 24.76 -12.18
N PRO A 577 35.46 23.84 -11.35
CA PRO A 577 36.49 24.19 -10.36
C PRO A 577 37.72 24.86 -11.00
N GLN A 578 38.11 24.42 -12.19
CA GLN A 578 39.34 24.97 -12.84
C GLN A 578 39.10 26.40 -13.34
N THR A 579 37.95 26.65 -13.99
CA THR A 579 37.70 28.00 -14.57
C THR A 579 36.71 28.78 -13.70
N LEU A 580 36.22 28.18 -12.62
CA LEU A 580 35.29 28.89 -11.68
C LEU A 580 34.15 29.53 -12.46
N GLU A 581 33.60 28.81 -13.46
CA GLU A 581 32.46 29.34 -14.24
C GLU A 581 31.20 28.53 -13.90
N ILE A 582 30.07 29.22 -13.70
CA ILE A 582 28.80 28.53 -13.31
C ILE A 582 28.31 27.67 -14.49
N LEU A 583 28.03 26.38 -14.24
CA LEU A 583 27.52 25.51 -15.28
C LEU A 583 26.22 24.85 -14.81
N ASP A 584 25.13 25.19 -15.52
CA ASP A 584 23.83 24.55 -15.24
C ASP A 584 23.81 23.16 -15.88
N ILE A 585 23.15 22.21 -15.25
CA ILE A 585 23.04 20.84 -15.74
C ILE A 585 21.57 20.57 -16.07
N THR A 586 21.33 20.13 -17.30
CA THR A 586 20.01 19.95 -17.85
C THR A 586 19.73 18.46 -18.04
N PRO A 587 18.48 18.02 -17.91
CA PRO A 587 18.14 16.63 -18.25
C PRO A 587 18.66 16.27 -19.63
N CYS A 588 18.83 14.97 -19.87
CA CYS A 588 19.37 14.50 -21.18
C CYS A 588 18.34 14.73 -22.28
N SER A 589 17.55 13.70 -22.61
CA SER A 589 16.47 13.84 -23.63
C SER A 589 15.33 12.88 -23.29
N PHE A 590 15.23 12.48 -22.02
CA PHE A 590 14.16 11.53 -21.59
C PHE A 590 12.78 12.11 -21.92
N GLY A 591 11.96 11.31 -22.61
CA GLY A 591 10.53 11.60 -22.77
C GLY A 591 9.72 10.32 -22.76
N GLY A 592 8.91 10.07 -23.80
CA GLY A 592 8.18 8.82 -23.89
C GLY A 592 7.70 8.55 -25.29
N VAL A 593 7.81 7.29 -25.73
CA VAL A 593 7.41 6.91 -27.09
C VAL A 593 6.14 6.09 -27.02
N SER A 594 5.12 6.54 -27.76
CA SER A 594 3.85 5.84 -27.88
C SER A 594 3.57 5.59 -29.36
N VAL A 595 3.19 4.35 -29.70
CA VAL A 595 2.99 3.94 -31.08
C VAL A 595 1.51 4.00 -31.39
N ILE A 596 1.16 4.74 -32.43
CA ILE A 596 -0.22 4.86 -32.90
C ILE A 596 -0.39 3.92 -34.08
N THR A 597 -1.25 2.92 -33.92
CA THR A 597 -1.41 1.94 -34.97
C THR A 597 -2.88 1.62 -35.22
N PRO A 598 -3.27 1.42 -36.46
CA PRO A 598 -4.58 0.85 -36.76
C PRO A 598 -4.56 -0.64 -36.49
N GLY A 599 -5.70 -1.29 -36.67
CA GLY A 599 -5.76 -2.74 -36.43
C GLY A 599 -4.73 -3.45 -37.28
N THR A 600 -3.86 -4.25 -36.67
CA THR A 600 -2.86 -5.04 -37.46
C THR A 600 -3.58 -5.71 -38.63
N ASN A 601 -4.79 -6.23 -38.39
CA ASN A 601 -5.57 -6.88 -39.47
C ASN A 601 -5.89 -5.84 -40.54
N THR A 602 -6.34 -4.64 -40.13
CA THR A 602 -6.62 -3.55 -41.09
C THR A 602 -5.33 -3.15 -41.80
N SER A 603 -4.27 -2.85 -41.03
CA SER A 603 -2.99 -2.40 -41.64
C SER A 603 -1.84 -2.51 -40.63
N ASN A 604 -0.60 -2.52 -41.13
CA ASN A 604 0.59 -2.64 -40.23
C ASN A 604 1.32 -1.29 -40.16
N GLN A 605 0.98 -0.35 -41.05
CA GLN A 605 1.62 0.99 -41.04
C GLN A 605 1.48 1.59 -39.64
N VAL A 606 2.59 2.12 -39.09
CA VAL A 606 2.53 2.66 -37.73
C VAL A 606 3.02 4.09 -37.74
N ALA A 607 2.56 4.85 -36.74
CA ALA A 607 3.00 6.21 -36.53
C ALA A 607 3.52 6.35 -35.10
N VAL A 608 4.70 6.94 -34.97
CA VAL A 608 5.39 7.03 -33.69
C VAL A 608 5.21 8.44 -33.15
N LEU A 609 4.97 8.54 -31.84
CA LEU A 609 4.82 9.81 -31.16
C LEU A 609 5.89 9.86 -30.06
N TYR A 610 6.79 10.84 -30.16
CA TYR A 610 7.73 11.13 -29.09
C TYR A 610 7.12 12.20 -28.20
N GLN A 611 6.92 11.89 -26.93
CA GLN A 611 6.11 12.73 -26.06
C GLN A 611 6.90 13.91 -25.53
N GLY A 612 6.26 15.08 -25.51
CA GLY A 612 6.87 16.30 -24.92
C GLY A 612 8.30 16.57 -25.35
N VAL A 613 8.71 16.07 -26.53
CA VAL A 613 10.07 16.41 -27.05
C VAL A 613 9.95 16.82 -28.52
N ASN A 614 10.46 18.00 -28.86
CA ASN A 614 10.39 18.50 -30.26
C ASN A 614 11.07 17.49 -31.19
N CYS A 615 10.45 17.20 -32.34
CA CYS A 615 11.07 16.29 -33.33
C CYS A 615 12.38 16.91 -33.82
N THR A 616 12.51 18.25 -33.73
CA THR A 616 13.79 18.91 -34.11
C THR A 616 14.91 18.28 -33.27
N GLU A 617 14.71 18.20 -31.95
CA GLU A 617 15.71 17.54 -31.07
C GLU A 617 15.84 16.08 -31.49
N VAL A 618 14.72 15.41 -31.70
CA VAL A 618 14.74 13.97 -32.12
C VAL A 618 15.47 13.86 -33.46
N SER A 619 15.22 14.79 -34.37
CA SER A 619 15.83 14.73 -35.73
C SER A 619 17.37 14.75 -35.61
N VAL A 620 17.92 15.78 -34.95
CA VAL A 620 19.40 15.90 -34.87
C VAL A 620 19.92 14.67 -34.10
N ALA A 621 19.09 14.10 -33.24
CA ALA A 621 19.47 12.91 -32.49
C ALA A 621 19.34 11.65 -33.35
N ILE A 622 18.26 11.56 -34.12
CA ILE A 622 18.13 10.47 -35.08
C ILE A 622 19.25 10.54 -36.10
N HIS A 623 19.53 11.75 -36.60
CA HIS A 623 20.58 11.94 -37.59
C HIS A 623 21.95 11.60 -37.02
N ALA A 624 22.19 11.91 -35.75
CA ALA A 624 23.45 11.61 -35.12
C ALA A 624 23.53 10.19 -34.56
N ASP A 625 22.44 9.43 -34.65
CA ASP A 625 22.40 8.02 -34.22
C ASP A 625 22.81 7.87 -32.75
N GLN A 626 22.24 8.70 -31.89
CA GLN A 626 22.47 8.62 -30.45
C GLN A 626 21.19 8.36 -29.67
N LEU A 627 20.09 8.00 -30.35
CA LEU A 627 18.83 7.70 -29.71
C LEU A 627 18.76 6.23 -29.29
N THR A 628 18.33 5.99 -28.05
CA THR A 628 18.28 4.62 -27.54
C THR A 628 17.32 3.75 -28.32
N PRO A 629 16.11 4.18 -28.68
CA PRO A 629 15.30 3.42 -29.63
C PRO A 629 16.05 2.93 -30.86
N THR A 630 16.18 1.63 -31.00
CA THR A 630 16.85 1.05 -32.16
C THR A 630 15.94 0.94 -33.37
N TRP A 631 14.63 1.11 -33.15
CA TRP A 631 13.66 1.13 -34.28
C TRP A 631 13.72 2.53 -34.91
N ARG A 632 14.15 2.63 -36.17
CA ARG A 632 14.32 3.98 -36.79
C ARG A 632 13.14 4.26 -37.72
N VAL A 633 12.10 4.93 -37.21
CA VAL A 633 10.92 5.28 -38.06
C VAL A 633 11.40 6.15 -39.23
N TYR A 634 11.00 5.81 -40.46
CA TYR A 634 11.47 6.55 -41.66
C TYR A 634 10.88 7.97 -41.66
N SER A 635 11.67 8.95 -42.12
CA SER A 635 11.17 10.34 -42.23
C SER A 635 11.30 10.81 -43.69
N THR A 636 10.19 11.20 -44.31
CA THR A 636 10.20 11.64 -45.73
C THR A 636 10.00 13.16 -45.79
N GLY A 637 10.20 13.86 -44.68
CA GLY A 637 10.01 15.30 -44.65
C GLY A 637 8.55 15.68 -44.59
N SER A 638 7.70 14.89 -45.25
CA SER A 638 6.26 15.10 -45.19
C SER A 638 5.61 14.40 -44.01
N ASN A 639 6.40 13.61 -43.25
CA ASN A 639 5.86 12.88 -42.07
C ASN A 639 6.48 13.41 -40.78
N VAL A 640 6.22 14.69 -40.44
CA VAL A 640 6.80 15.36 -39.24
C VAL A 640 5.76 16.41 -38.83
N PHE A 641 5.20 16.35 -37.61
CA PHE A 641 4.14 17.27 -37.21
C PHE A 641 4.35 17.61 -35.73
N GLN A 642 4.93 18.80 -35.51
CA GLN A 642 5.18 19.27 -34.13
C GLN A 642 3.85 19.56 -33.44
N THR A 643 3.40 18.66 -32.57
CA THR A 643 2.15 18.85 -31.85
C THR A 643 2.42 19.42 -30.47
N ARG A 644 1.34 19.77 -29.77
CA ARG A 644 1.48 20.24 -28.40
C ARG A 644 1.75 19.10 -27.43
N ALA A 645 1.62 17.86 -27.85
CA ALA A 645 1.91 16.70 -27.03
C ALA A 645 3.28 16.10 -27.30
N GLY A 646 4.12 16.79 -28.05
CA GLY A 646 5.38 16.25 -28.52
C GLY A 646 5.51 16.50 -30.01
N CYS A 647 5.62 15.40 -30.78
CA CYS A 647 5.69 15.51 -32.26
C CYS A 647 5.37 14.13 -32.87
N LEU A 648 4.65 14.09 -33.98
CA LEU A 648 4.27 12.85 -34.63
C LEU A 648 5.24 12.57 -35.77
N ILE A 649 5.72 11.33 -35.83
CA ILE A 649 6.65 10.91 -36.91
C ILE A 649 6.03 9.73 -37.65
N GLY A 650 5.81 9.85 -38.96
CA GLY A 650 5.20 8.83 -39.77
C GLY A 650 3.77 9.09 -40.18
N ALA A 651 3.20 10.23 -39.78
CA ALA A 651 1.84 10.58 -40.15
C ALA A 651 1.82 12.02 -40.64
N GLU A 652 1.29 12.22 -41.85
CA GLU A 652 1.17 13.55 -42.42
C GLU A 652 -0.05 14.25 -41.85
N TYR A 653 -0.01 15.57 -41.95
CA TYR A 653 -1.03 16.46 -41.39
C TYR A 653 -1.90 17.01 -42.50
N VAL A 654 -3.19 16.76 -42.37
CA VAL A 654 -4.17 17.11 -43.43
C VAL A 654 -5.02 18.23 -42.85
N ASN A 655 -5.04 19.38 -43.51
CA ASN A 655 -5.60 20.58 -42.87
C ASN A 655 -7.12 20.53 -42.89
N ASN A 656 -7.69 19.33 -42.91
CA ASN A 656 -9.16 19.13 -42.89
C ASN A 656 -9.53 18.70 -41.47
N SER A 657 -10.74 18.19 -41.27
CA SER A 657 -11.20 17.84 -39.91
C SER A 657 -12.20 16.70 -39.98
N TYR A 658 -12.07 15.73 -39.09
CA TYR A 658 -12.88 14.54 -39.01
C TYR A 658 -13.17 14.22 -37.55
N GLU A 659 -14.16 13.36 -37.33
CA GLU A 659 -14.39 12.82 -36.01
C GLU A 659 -13.15 12.06 -35.55
N CYS A 660 -12.81 12.23 -34.26
CA CYS A 660 -11.61 11.62 -33.73
C CYS A 660 -11.69 10.10 -33.80
N ASP A 661 -10.62 9.47 -34.28
CA ASP A 661 -10.52 8.02 -34.32
C ASP A 661 -9.56 7.49 -33.26
N ILE A 662 -8.35 8.03 -33.22
CA ILE A 662 -7.36 7.62 -32.23
C ILE A 662 -6.90 8.86 -31.48
N PRO A 663 -7.24 9.01 -30.19
CA PRO A 663 -6.82 10.20 -29.45
C PRO A 663 -5.33 10.21 -29.23
N ILE A 664 -4.70 11.32 -29.60
CA ILE A 664 -3.27 11.51 -29.41
C ILE A 664 -2.99 12.47 -28.27
N GLY A 665 -3.69 13.59 -28.25
CA GLY A 665 -3.52 14.62 -27.24
C GLY A 665 -3.52 15.97 -27.91
N ALA A 666 -3.92 16.99 -27.15
CA ALA A 666 -3.91 18.38 -27.61
C ALA A 666 -4.68 18.55 -28.92
N GLY A 667 -5.79 17.83 -29.02
CA GLY A 667 -6.74 18.10 -30.09
C GLY A 667 -6.37 17.55 -31.44
N ILE A 668 -5.42 16.63 -31.52
CA ILE A 668 -5.06 15.98 -32.77
C ILE A 668 -5.32 14.49 -32.64
N CYS A 669 -5.86 13.88 -33.70
CA CYS A 669 -6.14 12.47 -33.74
C CYS A 669 -5.62 11.89 -35.04
N ALA A 670 -5.18 10.65 -34.99
CA ALA A 670 -4.67 9.95 -36.15
C ALA A 670 -5.67 8.87 -36.57
N SER A 671 -5.68 8.56 -37.86
CA SER A 671 -6.61 7.57 -38.37
C SER A 671 -6.06 7.00 -39.67
N TYR A 672 -6.59 5.83 -40.04
CA TYR A 672 -6.20 5.17 -41.31
C TYR A 672 -7.19 5.58 -42.39
N GLN A 673 -6.82 6.51 -43.25
CA GLN A 673 -7.67 7.05 -44.29
C GLN A 673 -7.06 6.77 -45.65
N THR A 674 -7.93 6.63 -46.65
CA THR A 674 -7.47 6.38 -48.01
C THR A 674 -6.82 7.64 -48.59
N GLN A 675 -6.07 7.43 -49.67
CA GLN A 675 -5.37 8.52 -50.32
C GLN A 675 -6.27 9.24 -51.32
N SER A 687 -2.36 3.51 -51.60
CA SER A 687 -3.65 4.19 -51.59
C SER A 687 -4.13 4.41 -50.15
N GLN A 688 -3.34 3.95 -49.19
CA GLN A 688 -3.70 4.04 -47.79
C GLN A 688 -2.49 4.51 -46.98
N SER A 689 -2.75 5.35 -45.98
CA SER A 689 -1.70 5.88 -45.11
C SER A 689 -2.34 6.33 -43.81
N ILE A 690 -1.51 6.88 -42.93
CA ILE A 690 -1.96 7.37 -41.63
C ILE A 690 -1.88 8.89 -41.64
N ILE A 691 -2.99 9.53 -41.33
CA ILE A 691 -3.08 10.99 -41.32
C ILE A 691 -3.44 11.45 -39.92
N ALA A 692 -2.92 12.62 -39.56
CA ALA A 692 -3.25 13.28 -38.32
C ALA A 692 -4.06 14.53 -38.62
N TYR A 693 -5.03 14.83 -37.76
CA TYR A 693 -5.94 15.93 -38.03
C TYR A 693 -6.44 16.49 -36.71
N THR A 694 -6.90 17.73 -36.76
CA THR A 694 -7.59 18.33 -35.62
C THR A 694 -9.01 17.79 -35.56
N MET A 695 -9.37 17.26 -34.40
CA MET A 695 -10.68 16.64 -34.23
C MET A 695 -11.80 17.64 -34.48
N SER A 696 -12.80 17.23 -35.26
CA SER A 696 -13.99 18.03 -35.48
C SER A 696 -15.01 17.72 -34.40
N LEU A 697 -15.40 18.75 -33.63
CA LEU A 697 -16.32 18.53 -32.53
C LEU A 697 -17.72 18.16 -33.00
N GLY A 698 -18.01 18.34 -34.27
CA GLY A 698 -19.31 17.97 -34.80
C GLY A 698 -19.65 18.80 -36.03
N ALA A 699 -20.88 18.65 -36.50
CA ALA A 699 -21.33 19.47 -37.65
C ALA A 699 -21.70 20.87 -37.14
N GLU A 700 -21.01 21.91 -37.64
CA GLU A 700 -21.30 23.30 -37.22
C GLU A 700 -22.79 23.59 -37.43
N ASN A 701 -23.47 24.12 -36.42
CA ASN A 701 -24.94 24.34 -36.53
C ASN A 701 -25.28 25.80 -36.24
N SER A 702 -26.18 26.40 -37.02
CA SER A 702 -26.61 27.79 -36.77
C SER A 702 -28.14 27.83 -36.61
N VAL A 703 -28.63 28.32 -35.47
CA VAL A 703 -30.10 28.38 -35.21
C VAL A 703 -30.66 29.67 -35.79
N ALA A 704 -31.61 29.58 -36.72
CA ALA A 704 -32.16 30.79 -37.37
C ALA A 704 -33.01 31.59 -36.38
N TYR A 705 -32.68 31.55 -35.09
CA TYR A 705 -33.39 32.29 -34.06
C TYR A 705 -33.76 33.69 -34.55
N SER A 706 -34.92 34.17 -34.12
CA SER A 706 -35.32 35.57 -34.38
C SER A 706 -36.59 35.91 -33.58
N ASN A 707 -36.94 37.18 -33.51
CA ASN A 707 -37.88 37.66 -32.46
C ASN A 707 -39.25 37.00 -32.61
N ASN A 708 -39.58 36.46 -33.76
CA ASN A 708 -40.87 35.79 -33.81
C ASN A 708 -40.88 34.50 -34.65
N SER A 709 -39.70 33.92 -34.85
CA SER A 709 -39.60 32.66 -35.64
C SER A 709 -39.48 31.47 -34.68
N ILE A 710 -40.41 30.51 -34.77
CA ILE A 710 -40.35 29.30 -33.91
C ILE A 710 -40.42 28.05 -34.80
N ALA A 711 -39.71 26.99 -34.41
CA ALA A 711 -39.75 25.72 -35.17
C ALA A 711 -40.49 24.66 -34.34
N ILE A 712 -41.49 24.01 -34.92
CA ILE A 712 -42.26 23.02 -34.18
C ILE A 712 -42.31 21.73 -34.98
N PRO A 713 -42.04 20.58 -34.36
CA PRO A 713 -42.08 19.32 -35.10
C PRO A 713 -43.51 18.95 -35.50
N THR A 714 -43.75 18.89 -36.81
CA THR A 714 -45.03 18.44 -37.32
C THR A 714 -45.11 16.92 -37.39
N ASN A 715 -44.04 16.24 -37.04
CA ASN A 715 -43.99 14.79 -37.00
C ASN A 715 -43.04 14.39 -35.90
N PHE A 716 -42.96 13.09 -35.64
CA PHE A 716 -42.09 12.58 -34.59
C PHE A 716 -41.56 11.22 -34.99
N THR A 717 -40.50 10.81 -34.30
CA THR A 717 -39.94 9.48 -34.47
C THR A 717 -39.72 8.88 -33.08
N ILE A 718 -39.63 7.56 -33.04
CA ILE A 718 -39.34 6.85 -31.81
C ILE A 718 -38.03 6.09 -32.01
N SER A 719 -37.19 6.07 -30.99
CA SER A 719 -35.87 5.47 -31.08
C SER A 719 -35.57 4.70 -29.81
N VAL A 720 -34.93 3.55 -29.95
CA VAL A 720 -34.56 2.71 -28.83
C VAL A 720 -33.04 2.70 -28.75
N THR A 721 -32.49 3.53 -27.88
CA THR A 721 -31.07 3.51 -27.61
C THR A 721 -30.79 2.41 -26.61
N THR A 722 -29.54 2.30 -26.18
CA THR A 722 -29.15 1.31 -25.19
C THR A 722 -28.12 1.91 -24.25
N GLU A 723 -28.18 1.46 -22.99
CA GLU A 723 -27.18 1.83 -21.99
C GLU A 723 -26.65 0.56 -21.35
N ILE A 724 -25.33 0.47 -21.24
CA ILE A 724 -24.67 -0.68 -20.65
C ILE A 724 -24.08 -0.26 -19.32
N LEU A 725 -24.49 -0.91 -18.25
CA LEU A 725 -24.02 -0.54 -16.93
C LEU A 725 -23.52 -1.76 -16.17
N PRO A 726 -22.27 -1.78 -15.74
CA PRO A 726 -21.79 -2.91 -14.93
C PRO A 726 -22.53 -2.94 -13.61
N VAL A 727 -22.75 -4.15 -13.09
CA VAL A 727 -23.49 -4.31 -11.85
C VAL A 727 -22.63 -5.03 -10.82
N SER A 728 -21.71 -5.87 -11.27
CA SER A 728 -20.92 -6.67 -10.36
C SER A 728 -19.62 -7.08 -11.01
N MET A 729 -18.70 -7.57 -10.19
CA MET A 729 -17.43 -8.12 -10.64
C MET A 729 -17.30 -9.55 -10.11
N THR A 730 -16.27 -10.24 -10.58
CA THR A 730 -16.02 -11.59 -10.09
C THR A 730 -15.57 -11.53 -8.64
N LYS A 731 -16.18 -12.37 -7.80
CA LYS A 731 -15.87 -12.39 -6.37
C LYS A 731 -14.67 -13.29 -6.14
N THR A 732 -13.68 -12.78 -5.42
CA THR A 732 -12.44 -13.51 -5.18
C THR A 732 -12.23 -13.68 -3.68
N SER A 733 -11.62 -14.80 -3.31
CA SER A 733 -11.36 -15.14 -1.91
C SER A 733 -9.93 -15.65 -1.75
N VAL A 734 -8.98 -14.86 -2.26
CA VAL A 734 -7.56 -15.22 -2.20
C VAL A 734 -7.17 -15.52 -0.76
N ASP A 735 -6.48 -16.65 -0.59
CA ASP A 735 -6.01 -17.07 0.76
C ASP A 735 -4.56 -16.59 0.92
N CYS A 736 -4.34 -15.54 1.72
CA CYS A 736 -2.97 -14.98 1.85
C CYS A 736 -2.00 -16.10 2.24
N THR A 737 -2.30 -16.83 3.31
CA THR A 737 -1.37 -17.88 3.79
C THR A 737 -0.97 -18.80 2.63
N MET A 738 -1.96 -19.34 1.91
CA MET A 738 -1.66 -20.28 0.79
C MET A 738 -0.87 -19.56 -0.30
N TYR A 739 -1.28 -18.34 -0.66
CA TYR A 739 -0.61 -17.59 -1.75
C TYR A 739 0.85 -17.32 -1.39
N ILE A 740 1.12 -16.79 -0.20
CA ILE A 740 2.52 -16.41 0.17
C ILE A 740 3.35 -17.67 0.43
N CYS A 741 2.75 -18.70 1.03
CA CYS A 741 3.51 -19.94 1.38
C CYS A 741 2.74 -21.18 0.92
N GLY A 742 3.40 -22.06 0.16
CA GLY A 742 2.76 -23.31 -0.28
C GLY A 742 2.98 -24.44 0.71
N ASP A 743 1.91 -24.94 1.35
CA ASP A 743 2.00 -26.04 2.30
C ASP A 743 3.39 -26.20 2.92
N SER A 744 3.97 -25.10 3.37
CA SER A 744 5.29 -25.11 3.99
C SER A 744 5.17 -24.62 5.43
N THR A 745 5.43 -25.52 6.37
CA THR A 745 5.25 -25.22 7.78
C THR A 745 6.15 -24.09 8.26
N GLU A 746 7.43 -24.08 7.87
CA GLU A 746 8.33 -23.02 8.30
C GLU A 746 7.91 -21.68 7.69
N CYS A 747 7.45 -21.71 6.44
CA CYS A 747 7.00 -20.48 5.81
C CYS A 747 5.77 -19.92 6.50
N SER A 748 4.82 -20.79 6.86
CA SER A 748 3.64 -20.33 7.58
C SER A 748 4.01 -19.80 8.96
N ASN A 749 4.95 -20.47 9.63
CA ASN A 749 5.41 -19.99 10.93
C ASN A 749 6.01 -18.60 10.83
N LEU A 750 6.83 -18.36 9.79
CA LEU A 750 7.44 -17.04 9.65
C LEU A 750 6.44 -16.01 9.16
N LEU A 751 5.39 -16.45 8.47
CA LEU A 751 4.29 -15.54 8.11
C LEU A 751 3.49 -15.13 9.34
N LEU A 752 3.34 -16.03 10.31
CA LEU A 752 2.66 -15.68 11.55
C LEU A 752 3.38 -14.55 12.29
N GLN A 753 4.66 -14.35 12.01
CA GLN A 753 5.43 -13.27 12.61
C GLN A 753 5.03 -11.90 12.08
N TYR A 754 4.23 -11.84 11.02
CA TYR A 754 3.75 -10.58 10.48
C TYR A 754 2.42 -10.17 11.07
N GLY A 755 1.95 -10.87 12.10
CA GLY A 755 0.74 -10.48 12.79
C GLY A 755 -0.50 -10.67 11.94
N SER A 756 -1.56 -9.99 12.35
CA SER A 756 -2.81 -10.02 11.60
C SER A 756 -2.75 -9.06 10.42
N PHE A 757 -1.68 -9.19 9.65
CA PHE A 757 -1.53 -8.37 8.46
C PHE A 757 -2.54 -8.72 7.39
N CYS A 758 -2.78 -10.01 7.17
CA CYS A 758 -3.53 -10.46 6.02
C CYS A 758 -4.92 -10.97 6.35
N THR A 759 -5.22 -11.19 7.63
CA THR A 759 -6.62 -11.33 8.02
C THR A 759 -7.41 -10.12 7.55
N GLN A 760 -6.77 -8.95 7.54
CA GLN A 760 -7.36 -7.78 6.90
C GLN A 760 -7.65 -8.06 5.43
N LEU A 761 -6.74 -8.74 4.74
CA LEU A 761 -6.97 -9.03 3.33
C LEU A 761 -8.17 -9.95 3.12
N LYS A 762 -8.26 -11.01 3.91
CA LYS A 762 -9.40 -11.91 3.80
C LYS A 762 -10.70 -11.19 4.12
N ARG A 763 -10.68 -10.34 5.15
CA ARG A 763 -11.86 -9.56 5.50
C ARG A 763 -12.26 -8.62 4.39
N ALA A 764 -11.30 -7.96 3.76
CA ALA A 764 -11.60 -7.04 2.68
C ALA A 764 -12.19 -7.77 1.49
N LEU A 765 -11.64 -8.93 1.14
CA LEU A 765 -12.19 -9.68 0.00
C LEU A 765 -13.58 -10.20 0.30
N THR A 766 -13.84 -10.64 1.54
CA THR A 766 -15.18 -11.03 1.92
C THR A 766 -16.14 -9.86 1.81
N GLY A 767 -15.71 -8.69 2.26
CA GLY A 767 -16.53 -7.50 2.12
C GLY A 767 -16.83 -7.16 0.68
N ILE A 768 -15.84 -7.34 -0.20
CA ILE A 768 -16.06 -7.10 -1.62
C ILE A 768 -17.10 -8.05 -2.17
N ALA A 769 -17.01 -9.34 -1.80
CA ALA A 769 -17.99 -10.31 -2.27
C ALA A 769 -19.39 -9.95 -1.81
N VAL A 770 -19.53 -9.62 -0.53
CA VAL A 770 -20.86 -9.28 -0.01
C VAL A 770 -21.38 -8.02 -0.67
N GLU A 771 -20.50 -7.05 -0.92
CA GLU A 771 -20.91 -5.81 -1.57
C GLU A 771 -21.38 -6.06 -3.00
N GLN A 772 -20.70 -6.96 -3.72
CA GLN A 772 -21.14 -7.29 -5.07
C GLN A 772 -22.52 -7.97 -5.04
N ASP A 773 -22.72 -8.87 -4.09
CA ASP A 773 -24.03 -9.50 -3.96
C ASP A 773 -25.11 -8.46 -3.68
N LYS A 774 -24.83 -7.52 -2.77
CA LYS A 774 -25.79 -6.47 -2.47
C LYS A 774 -26.02 -5.57 -3.68
N ASN A 775 -24.99 -5.36 -4.49
CA ASN A 775 -25.15 -4.57 -5.70
C ASN A 775 -26.11 -5.23 -6.66
N THR A 776 -25.94 -6.54 -6.88
CA THR A 776 -26.87 -7.26 -7.75
C THR A 776 -28.29 -7.20 -7.20
N GLN A 777 -28.43 -7.39 -5.88
CA GLN A 777 -29.75 -7.33 -5.27
C GLN A 777 -30.39 -5.96 -5.48
N GLU A 778 -29.62 -4.89 -5.23
CA GLU A 778 -30.15 -3.54 -5.39
C GLU A 778 -30.55 -3.27 -6.83
N VAL A 779 -29.71 -3.70 -7.78
CA VAL A 779 -30.01 -3.43 -9.18
C VAL A 779 -31.26 -4.17 -9.62
N PHE A 780 -31.39 -5.43 -9.25
CA PHE A 780 -32.38 -6.28 -9.91
C PHE A 780 -33.59 -6.61 -9.05
N ALA A 781 -33.40 -6.99 -7.78
CA ALA A 781 -34.54 -7.37 -6.96
C ALA A 781 -35.31 -6.14 -6.49
N GLN A 782 -35.87 -5.39 -7.43
CA GLN A 782 -36.65 -4.21 -7.09
C GLN A 782 -38.14 -4.46 -7.01
N VAL A 783 -38.59 -5.69 -7.29
CA VAL A 783 -39.99 -6.06 -7.15
C VAL A 783 -40.07 -7.25 -6.20
N LYS A 784 -41.04 -7.20 -5.30
CA LYS A 784 -41.22 -8.30 -4.36
C LYS A 784 -42.08 -9.41 -4.97
N GLN A 785 -42.87 -9.07 -5.98
CA GLN A 785 -43.74 -10.05 -6.61
C GLN A 785 -43.26 -10.33 -8.04
N ILE A 786 -43.08 -11.61 -8.35
CA ILE A 786 -42.64 -12.04 -9.67
C ILE A 786 -43.85 -12.10 -10.57
N TYR A 787 -43.98 -11.14 -11.47
CA TYR A 787 -45.11 -11.11 -12.40
C TYR A 787 -44.83 -11.98 -13.61
N LYS A 788 -45.91 -12.36 -14.29
CA LYS A 788 -45.81 -13.12 -15.52
C LYS A 788 -46.65 -12.47 -16.60
N THR A 789 -46.16 -12.58 -17.82
CA THR A 789 -46.86 -12.02 -18.97
C THR A 789 -48.16 -12.78 -19.22
N PRO A 790 -49.16 -12.11 -19.79
CA PRO A 790 -50.36 -12.83 -20.18
C PRO A 790 -50.04 -13.88 -21.22
N PRO A 791 -50.78 -15.00 -21.23
CA PRO A 791 -50.47 -16.06 -22.19
C PRO A 791 -50.51 -15.59 -23.64
N ILE A 792 -51.44 -14.71 -23.97
CA ILE A 792 -51.47 -14.08 -25.29
C ILE A 792 -50.54 -12.89 -25.25
N LYS A 793 -49.95 -12.57 -26.41
CA LYS A 793 -49.04 -11.43 -26.54
C LYS A 793 -49.55 -10.56 -27.69
N TYR A 794 -50.47 -9.65 -27.38
CA TYR A 794 -50.94 -8.63 -28.32
C TYR A 794 -51.02 -7.33 -27.55
N PHE A 795 -49.94 -6.55 -27.58
CA PHE A 795 -49.90 -5.27 -26.87
C PHE A 795 -50.20 -4.13 -27.85
N GLY A 796 -51.45 -4.11 -28.30
CA GLY A 796 -51.93 -3.03 -29.15
C GLY A 796 -51.22 -2.91 -30.48
N GLY A 797 -50.55 -3.99 -30.88
CA GLY A 797 -49.78 -3.95 -32.11
C GLY A 797 -48.29 -3.89 -31.84
N PHE A 798 -47.91 -3.48 -30.63
CA PHE A 798 -46.50 -3.47 -30.27
C PHE A 798 -45.94 -4.89 -30.19
N ASN A 799 -44.76 -5.10 -30.77
CA ASN A 799 -44.11 -6.43 -30.64
C ASN A 799 -43.14 -6.41 -29.46
N PHE A 800 -43.18 -7.44 -28.59
CA PHE A 800 -42.29 -7.48 -27.39
C PHE A 800 -41.74 -8.90 -27.19
N SER A 801 -41.84 -9.75 -28.19
CA SER A 801 -41.32 -11.14 -28.08
C SER A 801 -39.80 -11.10 -27.85
N GLN A 802 -39.11 -10.14 -28.47
CA GLN A 802 -37.63 -10.05 -28.37
C GLN A 802 -37.19 -9.78 -26.92
N ILE A 803 -38.00 -9.05 -26.14
CA ILE A 803 -37.55 -8.68 -24.76
C ILE A 803 -38.08 -9.68 -23.73
N LEU A 804 -39.20 -10.34 -24.02
CA LEU A 804 -39.81 -11.31 -23.05
C LEU A 804 -39.13 -12.67 -23.21
N PRO A 805 -39.03 -13.53 -22.16
CA PRO A 805 -38.34 -14.81 -22.30
C PRO A 805 -38.95 -15.67 -23.39
N ASP A 806 -38.13 -16.54 -23.97
CA ASP A 806 -38.56 -17.48 -24.98
C ASP A 806 -38.79 -18.83 -24.33
N PRO A 807 -40.02 -19.36 -24.33
CA PRO A 807 -40.26 -20.66 -23.70
C PRO A 807 -39.43 -21.80 -24.29
N SER A 808 -39.18 -21.78 -25.60
CA SER A 808 -38.49 -22.90 -26.24
C SER A 808 -37.05 -23.03 -25.74
N LYS A 809 -36.38 -21.90 -25.56
CA LYS A 809 -34.99 -21.95 -25.08
C LYS A 809 -34.95 -22.52 -23.67
N PRO A 810 -34.03 -23.44 -23.38
CA PRO A 810 -33.96 -24.00 -22.02
C PRO A 810 -33.66 -22.98 -20.95
N SER A 811 -32.84 -21.97 -21.26
CA SER A 811 -32.46 -20.97 -20.26
C SER A 811 -33.58 -19.97 -19.98
N LYS A 812 -34.65 -19.99 -20.77
CA LYS A 812 -35.78 -19.07 -20.61
C LYS A 812 -35.31 -17.63 -20.62
N ARG A 813 -34.61 -17.28 -21.70
CA ARG A 813 -33.99 -15.97 -21.84
C ARG A 813 -34.39 -15.37 -23.18
N SER A 814 -34.54 -14.07 -23.19
CA SER A 814 -35.01 -13.38 -24.38
C SER A 814 -33.94 -13.38 -25.47
N PRO A 815 -34.32 -13.30 -26.77
CA PRO A 815 -33.33 -13.21 -27.85
C PRO A 815 -32.31 -12.11 -27.53
N ILE A 816 -32.80 -10.90 -27.20
CA ILE A 816 -31.88 -9.81 -26.93
C ILE A 816 -30.95 -10.12 -25.78
N GLU A 817 -31.38 -10.96 -24.83
CA GLU A 817 -30.50 -11.43 -23.77
C GLU A 817 -29.47 -12.42 -24.25
N ASP A 818 -29.84 -13.31 -25.18
CA ASP A 818 -28.95 -14.37 -25.60
C ASP A 818 -27.70 -13.82 -26.29
N LEU A 819 -27.86 -12.78 -27.11
CA LEU A 819 -26.70 -12.18 -27.75
C LEU A 819 -25.74 -11.63 -26.70
N LEU A 820 -26.27 -11.09 -25.61
CA LEU A 820 -25.43 -10.57 -24.55
C LEU A 820 -24.57 -11.66 -23.93
N PHE A 821 -25.15 -12.82 -23.65
CA PHE A 821 -24.39 -13.92 -23.09
C PHE A 821 -23.43 -14.52 -24.12
N ASN A 822 -23.78 -14.45 -25.40
CA ASN A 822 -22.90 -14.99 -26.42
C ASN A 822 -21.79 -14.04 -26.83
N LYS A 823 -21.87 -12.75 -26.47
CA LYS A 823 -20.85 -11.79 -26.81
C LYS A 823 -19.93 -11.45 -25.64
N VAL A 824 -20.11 -12.10 -24.49
CA VAL A 824 -19.23 -11.92 -23.34
C VAL A 824 -18.69 -13.28 -22.95
N THR A 825 -17.37 -13.42 -22.94
CA THR A 825 -16.70 -14.67 -22.63
C THR A 825 -16.01 -14.52 -21.28
N LEU A 826 -16.35 -15.38 -20.34
CA LEU A 826 -15.80 -15.33 -18.99
C LEU A 826 -14.55 -16.20 -18.90
N ALA A 827 -13.45 -15.61 -18.44
CA ALA A 827 -12.23 -16.39 -18.25
C ALA A 827 -12.42 -17.48 -17.20
N ASP A 828 -13.06 -17.14 -16.08
CA ASP A 828 -13.31 -18.08 -14.99
C ASP A 828 -14.80 -18.03 -14.65
N ALA A 829 -15.53 -19.09 -15.01
CA ALA A 829 -16.93 -19.17 -14.63
C ALA A 829 -17.08 -19.25 -13.12
N GLY A 830 -16.22 -20.03 -12.46
CA GLY A 830 -16.25 -20.22 -11.02
C GLY A 830 -17.16 -21.35 -10.56
N PHE A 831 -18.37 -21.40 -11.11
CA PHE A 831 -19.32 -22.47 -10.80
C PHE A 831 -19.07 -23.70 -11.68
N ILE A 832 -17.82 -24.14 -11.69
CA ILE A 832 -17.40 -25.23 -12.58
C ILE A 832 -16.93 -26.42 -11.76
N LYS A 833 -16.43 -26.17 -10.55
CA LYS A 833 -15.77 -27.18 -9.75
C LYS A 833 -14.70 -27.89 -10.58
N GLN A 834 -13.85 -27.07 -11.21
CA GLN A 834 -12.82 -27.61 -12.13
C GLN A 834 -12.10 -28.81 -11.52
N TYR A 835 -11.61 -28.69 -10.28
CA TYR A 835 -10.82 -29.81 -9.70
C TYR A 835 -11.46 -31.13 -10.14
N GLY A 836 -10.74 -31.90 -10.95
CA GLY A 836 -11.30 -33.16 -11.48
C GLY A 836 -11.18 -33.20 -13.00
N ASP A 837 -10.93 -32.04 -13.63
CA ASP A 837 -10.69 -32.01 -15.10
C ASP A 837 -9.28 -31.47 -15.34
N CYS A 838 -8.71 -30.77 -14.35
CA CYS A 838 -7.31 -30.29 -14.48
C CYS A 838 -6.40 -31.51 -14.66
N LEU A 839 -6.76 -32.63 -14.04
CA LEU A 839 -5.98 -33.88 -14.19
C LEU A 839 -6.03 -34.33 -15.66
N GLY A 840 -7.17 -34.14 -16.32
CA GLY A 840 -7.32 -34.55 -17.74
C GLY A 840 -6.99 -33.43 -18.69
N ASP A 841 -6.39 -32.34 -18.19
CA ASP A 841 -6.05 -31.17 -19.03
C ASP A 841 -5.15 -31.63 -20.19
N ILE A 842 -4.45 -32.76 -20.01
CA ILE A 842 -3.52 -33.29 -21.05
C ILE A 842 -2.45 -32.23 -21.33
N ALA A 843 -2.80 -31.16 -22.06
CA ALA A 843 -1.84 -30.09 -22.39
C ALA A 843 -1.59 -29.21 -21.16
N ALA A 844 -0.80 -28.15 -21.32
CA ALA A 844 -0.51 -27.24 -20.19
C ALA A 844 -1.84 -26.83 -19.52
N ARG A 845 -1.92 -26.96 -18.20
CA ARG A 845 -3.21 -26.67 -17.50
C ARG A 845 -3.61 -25.22 -17.77
N ASP A 846 -4.91 -24.94 -17.89
CA ASP A 846 -5.39 -23.57 -18.24
C ASP A 846 -5.16 -22.59 -17.09
N LEU A 847 -5.30 -21.29 -17.37
CA LEU A 847 -5.14 -20.25 -16.30
C LEU A 847 -5.86 -20.72 -15.04
N ILE A 848 -7.09 -21.23 -15.18
CA ILE A 848 -7.85 -21.62 -14.00
C ILE A 848 -7.12 -22.67 -13.19
N CYS A 849 -6.68 -23.73 -13.88
CA CYS A 849 -6.00 -24.85 -13.15
C CYS A 849 -4.71 -24.31 -12.51
N ALA A 850 -4.13 -23.28 -13.11
CA ALA A 850 -2.89 -22.69 -12.57
C ALA A 850 -3.23 -21.83 -11.34
N GLN A 851 -4.28 -20.99 -11.43
CA GLN A 851 -4.71 -20.25 -10.24
C GLN A 851 -5.03 -21.18 -9.09
N LYS A 852 -5.71 -22.30 -9.38
CA LYS A 852 -5.97 -23.29 -8.34
C LYS A 852 -4.68 -23.85 -7.78
N PHE A 853 -3.64 -23.90 -8.62
CA PHE A 853 -2.33 -24.44 -8.15
C PHE A 853 -1.71 -23.48 -7.12
N ASN A 854 -2.20 -22.24 -7.04
CA ASN A 854 -1.62 -21.25 -6.08
C ASN A 854 -2.67 -20.78 -5.08
N GLY A 855 -3.92 -21.25 -5.17
CA GLY A 855 -4.93 -20.94 -4.13
C GLY A 855 -5.79 -19.71 -4.39
N LEU A 856 -5.74 -19.12 -5.59
CA LEU A 856 -6.59 -17.99 -5.93
C LEU A 856 -7.83 -18.52 -6.64
N THR A 857 -8.92 -18.64 -5.91
CA THR A 857 -10.18 -19.16 -6.43
C THR A 857 -11.15 -18.02 -6.68
N VAL A 858 -12.24 -18.37 -7.36
CA VAL A 858 -13.29 -17.41 -7.70
C VAL A 858 -14.60 -17.92 -7.12
N LEU A 859 -15.19 -17.15 -6.25
CA LEU A 859 -16.50 -17.60 -5.78
C LEU A 859 -17.57 -17.24 -6.80
N PRO A 860 -18.61 -18.05 -6.90
CA PRO A 860 -19.68 -17.74 -7.84
C PRO A 860 -20.69 -16.80 -7.22
N PRO A 861 -21.34 -15.97 -8.03
CA PRO A 861 -22.33 -15.03 -7.48
C PRO A 861 -23.53 -15.77 -6.91
N LEU A 862 -24.12 -15.17 -5.88
CA LEU A 862 -25.24 -15.78 -5.20
C LEU A 862 -26.43 -15.95 -6.14
N LEU A 863 -26.74 -14.93 -6.92
CA LEU A 863 -27.79 -15.00 -7.92
C LEU A 863 -27.23 -15.56 -9.21
N THR A 864 -27.78 -16.69 -9.67
CA THR A 864 -27.34 -17.27 -10.92
C THR A 864 -27.84 -16.46 -12.10
N ASP A 865 -27.24 -16.72 -13.26
CA ASP A 865 -27.62 -16.04 -14.50
C ASP A 865 -28.98 -16.48 -14.99
N GLU A 866 -29.58 -17.50 -14.38
CA GLU A 866 -30.91 -17.96 -14.75
C GLU A 866 -32.02 -17.24 -14.00
N MET A 867 -31.99 -17.26 -12.67
CA MET A 867 -32.99 -16.52 -11.91
C MET A 867 -32.82 -15.02 -12.01
N ILE A 868 -31.63 -14.54 -12.39
CA ILE A 868 -31.49 -13.12 -12.69
C ILE A 868 -32.31 -12.77 -13.92
N ALA A 869 -32.38 -13.70 -14.88
CA ALA A 869 -33.27 -13.51 -16.02
C ALA A 869 -34.73 -13.57 -15.58
N GLN A 870 -35.03 -14.37 -14.56
CA GLN A 870 -36.38 -14.37 -14.02
C GLN A 870 -36.73 -13.02 -13.40
N TYR A 871 -35.79 -12.41 -12.68
CA TYR A 871 -36.03 -11.09 -12.12
C TYR A 871 -36.23 -10.07 -13.25
N THR A 872 -35.40 -10.15 -14.28
CA THR A 872 -35.56 -9.24 -15.42
C THR A 872 -36.91 -9.41 -16.08
N SER A 873 -37.36 -10.66 -16.26
CA SER A 873 -38.66 -10.90 -16.86
C SER A 873 -39.78 -10.38 -15.96
N ALA A 874 -39.62 -10.52 -14.64
CA ALA A 874 -40.62 -9.99 -13.73
C ALA A 874 -40.73 -8.49 -13.87
N LEU A 875 -39.58 -7.81 -13.90
CA LEU A 875 -39.59 -6.36 -14.10
C LEU A 875 -40.23 -5.99 -15.43
N LEU A 876 -39.90 -6.75 -16.48
CA LEU A 876 -40.45 -6.47 -17.79
C LEU A 876 -41.95 -6.63 -17.83
N ALA A 877 -42.47 -7.72 -17.29
CA ALA A 877 -43.91 -7.93 -17.23
C ALA A 877 -44.60 -6.93 -16.33
N GLY A 878 -43.90 -6.42 -15.32
CA GLY A 878 -44.49 -5.36 -14.52
C GLY A 878 -44.70 -4.06 -15.26
N THR A 879 -43.78 -3.71 -16.15
CA THR A 879 -43.87 -2.47 -16.91
C THR A 879 -44.89 -2.53 -18.04
N ILE A 880 -44.91 -3.61 -18.82
CA ILE A 880 -45.74 -3.64 -20.02
C ILE A 880 -47.21 -3.96 -19.72
N THR A 881 -47.51 -4.53 -18.56
CA THR A 881 -48.88 -4.87 -18.22
C THR A 881 -49.48 -4.02 -17.12
N SER A 882 -48.66 -3.37 -16.30
CA SER A 882 -49.18 -2.56 -15.19
C SER A 882 -48.65 -1.14 -15.21
N GLY A 883 -47.96 -0.74 -16.27
CA GLY A 883 -47.41 0.61 -16.30
C GLY A 883 -46.41 0.81 -15.19
N TRP A 884 -46.46 1.98 -14.57
CA TRP A 884 -45.57 2.32 -13.47
C TRP A 884 -46.23 2.14 -12.11
N THR A 885 -47.45 1.64 -12.05
CA THR A 885 -48.11 1.45 -10.76
C THR A 885 -47.40 0.42 -9.91
N PHE A 886 -46.97 -0.70 -10.52
CA PHE A 886 -46.35 -1.76 -9.75
C PHE A 886 -45.04 -1.35 -9.11
N GLY A 887 -44.42 -0.28 -9.59
CA GLY A 887 -43.24 0.24 -8.92
C GLY A 887 -43.53 1.00 -7.65
N ALA A 888 -44.80 1.32 -7.40
CA ALA A 888 -45.22 2.02 -6.20
C ALA A 888 -45.93 1.12 -5.22
N GLY A 889 -47.00 0.46 -5.65
CA GLY A 889 -47.76 -0.42 -4.79
C GLY A 889 -48.25 -1.64 -5.52
N PRO A 890 -49.53 -1.96 -5.37
CA PRO A 890 -50.10 -3.08 -6.11
C PRO A 890 -50.04 -2.86 -7.61
N ALA A 891 -49.84 -3.94 -8.35
CA ALA A 891 -49.75 -3.88 -9.81
C ALA A 891 -51.16 -3.79 -10.38
N LEU A 892 -51.49 -2.65 -10.97
CA LEU A 892 -52.80 -2.40 -11.55
C LEU A 892 -52.71 -2.58 -13.06
N GLN A 893 -53.53 -3.48 -13.59
CA GLN A 893 -53.51 -3.77 -15.05
C GLN A 893 -54.02 -2.55 -15.82
N ILE A 894 -53.37 -2.24 -16.95
CA ILE A 894 -53.77 -1.12 -17.80
C ILE A 894 -53.39 -1.45 -19.23
N PRO A 895 -54.27 -1.22 -20.20
CA PRO A 895 -53.94 -1.53 -21.59
C PRO A 895 -52.68 -0.79 -22.05
N PHE A 896 -51.88 -1.48 -22.84
CA PHE A 896 -50.63 -0.89 -23.32
C PHE A 896 -50.82 0.37 -24.15
N PRO A 897 -51.77 0.45 -25.09
CA PRO A 897 -51.97 1.75 -25.76
C PRO A 897 -52.26 2.85 -24.76
N MET A 898 -52.97 2.53 -23.68
CA MET A 898 -53.30 3.54 -22.69
C MET A 898 -52.08 3.98 -21.90
N GLN A 899 -51.21 3.02 -21.56
CA GLN A 899 -49.96 3.39 -20.91
C GLN A 899 -49.13 4.27 -21.84
N MET A 900 -49.09 3.93 -23.13
CA MET A 900 -48.41 4.80 -24.10
C MET A 900 -49.00 6.20 -24.08
N ALA A 901 -50.32 6.31 -24.08
CA ALA A 901 -50.96 7.61 -24.06
C ALA A 901 -50.57 8.38 -22.82
N TYR A 902 -50.47 7.70 -21.68
CA TYR A 902 -50.19 8.40 -20.44
C TYR A 902 -48.74 8.83 -20.35
N ARG A 903 -47.82 8.01 -20.85
CA ARG A 903 -46.44 8.44 -20.93
C ARG A 903 -46.29 9.61 -21.90
N PHE A 904 -47.03 9.60 -23.00
CA PHE A 904 -47.02 10.74 -23.91
C PHE A 904 -47.51 11.98 -23.21
N ASN A 905 -48.62 11.87 -22.47
CA ASN A 905 -49.11 12.97 -21.66
C ASN A 905 -48.07 13.41 -20.64
N GLY A 906 -47.16 12.52 -20.26
CA GLY A 906 -46.10 12.88 -19.34
C GLY A 906 -45.01 13.76 -19.93
N ILE A 907 -44.90 13.83 -21.26
CA ILE A 907 -43.89 14.67 -21.89
C ILE A 907 -44.50 15.87 -22.60
N GLY A 908 -45.76 16.18 -22.28
CA GLY A 908 -46.38 17.41 -22.83
C GLY A 908 -46.92 17.24 -24.24
N VAL A 909 -47.38 16.03 -24.59
CA VAL A 909 -48.03 15.85 -25.92
C VAL A 909 -49.40 15.21 -25.68
N THR A 910 -50.46 15.76 -26.30
CA THR A 910 -51.84 15.24 -26.05
C THR A 910 -51.89 13.73 -26.31
N GLN A 911 -52.57 12.99 -25.44
CA GLN A 911 -52.68 11.52 -25.60
C GLN A 911 -53.35 11.19 -26.94
N ASN A 912 -54.20 12.10 -27.43
CA ASN A 912 -54.95 11.83 -28.69
C ASN A 912 -53.97 11.60 -29.84
N VAL A 913 -52.87 12.35 -29.90
CA VAL A 913 -51.94 12.21 -31.07
C VAL A 913 -51.59 10.72 -31.24
N LEU A 914 -51.32 10.03 -30.13
CA LEU A 914 -51.03 8.57 -30.21
C LEU A 914 -52.27 7.86 -30.75
N TYR A 915 -53.45 8.19 -30.23
CA TYR A 915 -54.68 7.46 -30.65
C TYR A 915 -54.83 7.53 -32.17
N GLU A 916 -54.43 8.63 -32.82
CA GLU A 916 -54.47 8.61 -34.29
C GLU A 916 -53.21 8.08 -34.97
N ASN A 917 -52.07 7.92 -34.29
CA ASN A 917 -50.96 7.30 -35.02
C ASN A 917 -50.40 6.10 -34.26
N GLN A 918 -51.32 5.31 -33.66
CA GLN A 918 -50.90 4.11 -32.91
C GLN A 918 -50.25 3.10 -33.88
N LYS A 919 -50.80 2.98 -35.09
CA LYS A 919 -50.22 2.06 -36.10
C LYS A 919 -48.79 2.51 -36.43
N LEU A 920 -48.61 3.80 -36.75
CA LEU A 920 -47.29 4.30 -37.13
C LEU A 920 -46.29 4.12 -35.99
N ILE A 921 -46.70 4.43 -34.76
CA ILE A 921 -45.76 4.30 -33.66
C ILE A 921 -45.45 2.83 -33.39
N ALA A 922 -46.43 1.95 -33.56
CA ALA A 922 -46.16 0.52 -33.39
C ALA A 922 -45.16 0.03 -34.42
N ASN A 923 -45.32 0.45 -35.68
CA ASN A 923 -44.37 0.05 -36.70
C ASN A 923 -42.97 0.60 -36.40
N GLN A 924 -42.89 1.86 -35.98
CA GLN A 924 -41.58 2.42 -35.64
C GLN A 924 -40.95 1.69 -34.46
N PHE A 925 -41.75 1.35 -33.46
CA PHE A 925 -41.24 0.61 -32.31
C PHE A 925 -40.71 -0.75 -32.73
N ASN A 926 -41.46 -1.47 -33.56
CA ASN A 926 -41.00 -2.77 -34.04
C ASN A 926 -39.72 -2.64 -34.84
N SER A 927 -39.64 -1.63 -35.71
CA SER A 927 -38.44 -1.43 -36.51
C SER A 927 -37.23 -1.13 -35.61
N ALA A 928 -37.40 -0.27 -34.62
CA ALA A 928 -36.29 0.07 -33.74
C ALA A 928 -35.83 -1.14 -32.93
N ILE A 929 -36.78 -1.91 -32.40
CA ILE A 929 -36.41 -3.09 -31.64
C ILE A 929 -35.70 -4.10 -32.54
N GLY A 930 -36.18 -4.27 -33.77
CA GLY A 930 -35.51 -5.18 -34.69
C GLY A 930 -34.10 -4.73 -35.02
N LYS A 931 -33.92 -3.44 -35.24
CA LYS A 931 -32.62 -2.92 -35.66
C LYS A 931 -31.62 -2.81 -34.52
N ILE A 932 -32.07 -2.80 -33.26
CA ILE A 932 -31.10 -2.88 -32.16
C ILE A 932 -30.46 -4.25 -32.08
N GLN A 933 -31.19 -5.32 -32.42
CA GLN A 933 -30.58 -6.65 -32.43
C GLN A 933 -29.46 -6.73 -33.45
N ASP A 934 -29.69 -6.20 -34.66
CA ASP A 934 -28.63 -6.19 -35.66
C ASP A 934 -27.49 -5.26 -35.26
N SER A 935 -27.80 -4.15 -34.59
CA SER A 935 -26.74 -3.26 -34.11
C SER A 935 -25.82 -3.95 -33.13
N LEU A 936 -26.37 -4.74 -32.20
CA LEU A 936 -25.56 -5.53 -31.30
C LEU A 936 -24.89 -6.72 -31.99
N PHE A 937 -25.52 -7.26 -33.04
CA PHE A 937 -24.98 -8.43 -33.72
C PHE A 937 -23.74 -8.08 -34.53
N SER A 938 -23.82 -6.99 -35.30
CA SER A 938 -22.76 -6.66 -36.25
C SER A 938 -21.64 -5.81 -35.67
N THR A 939 -21.87 -5.17 -34.53
CA THR A 939 -20.83 -4.35 -33.94
C THR A 939 -19.69 -5.23 -33.41
N PRO A 940 -18.40 -4.81 -33.43
CA PRO A 940 -17.37 -5.66 -32.87
C PRO A 940 -17.68 -5.73 -31.37
N SER A 941 -17.63 -4.57 -30.71
CA SER A 941 -17.87 -4.62 -29.27
C SER A 941 -18.65 -3.38 -28.85
N ALA A 942 -19.97 -3.52 -28.73
CA ALA A 942 -20.78 -2.51 -28.07
C ALA A 942 -20.95 -2.77 -26.59
N LEU A 943 -20.49 -3.93 -26.12
CA LEU A 943 -20.48 -4.28 -24.72
C LEU A 943 -19.16 -3.93 -24.06
N GLY A 944 -18.49 -2.90 -24.54
CA GLY A 944 -17.13 -2.60 -24.12
C GLY A 944 -16.95 -2.45 -22.63
N LYS A 945 -17.96 -1.94 -21.93
CA LYS A 945 -17.79 -1.72 -20.49
C LYS A 945 -17.75 -3.04 -19.72
N LEU A 946 -18.69 -3.94 -20.01
CA LEU A 946 -18.71 -5.23 -19.31
C LEU A 946 -17.47 -6.05 -19.63
N GLN A 947 -17.11 -6.13 -20.90
CA GLN A 947 -15.90 -6.85 -21.27
C GLN A 947 -14.67 -6.19 -20.67
N ASP A 948 -14.69 -4.87 -20.53
CA ASP A 948 -13.57 -4.17 -19.88
C ASP A 948 -13.47 -4.56 -18.42
N VAL A 949 -14.60 -4.66 -17.72
CA VAL A 949 -14.58 -5.06 -16.31
C VAL A 949 -14.06 -6.49 -16.18
N VAL A 950 -14.56 -7.39 -17.02
CA VAL A 950 -14.12 -8.78 -16.95
C VAL A 950 -12.63 -8.87 -17.26
N ASN A 951 -12.17 -8.16 -18.28
CA ASN A 951 -10.76 -8.17 -18.62
C ASN A 951 -9.91 -7.59 -17.50
N HIS A 952 -10.39 -6.53 -16.84
CA HIS A 952 -9.65 -5.95 -15.73
C HIS A 952 -9.48 -6.96 -14.62
N ASN A 953 -10.56 -7.67 -14.26
CA ASN A 953 -10.45 -8.64 -13.18
C ASN A 953 -9.54 -9.80 -13.56
N ALA A 954 -9.68 -10.31 -14.79
CA ALA A 954 -8.84 -11.42 -15.23
C ALA A 954 -7.38 -11.00 -15.28
N GLN A 955 -7.11 -9.79 -15.76
CA GLN A 955 -5.75 -9.28 -15.84
C GLN A 955 -5.15 -9.05 -14.47
N ALA A 956 -5.96 -8.57 -13.52
CA ALA A 956 -5.47 -8.43 -12.15
C ALA A 956 -5.11 -9.79 -11.57
N LEU A 957 -5.96 -10.80 -11.79
CA LEU A 957 -5.65 -12.13 -11.28
C LEU A 957 -4.39 -12.69 -11.95
N ASN A 958 -4.22 -12.46 -13.25
CA ASN A 958 -3.03 -12.95 -13.93
C ASN A 958 -1.77 -12.27 -13.41
N THR A 959 -1.82 -10.95 -13.20
CA THR A 959 -0.69 -10.27 -12.60
C THR A 959 -0.43 -10.76 -11.19
N LEU A 960 -1.48 -11.14 -10.46
CA LEU A 960 -1.30 -11.70 -9.13
C LEU A 960 -0.55 -13.03 -9.20
N VAL A 961 -0.99 -13.93 -10.08
CA VAL A 961 -0.34 -15.24 -10.15
C VAL A 961 1.07 -15.15 -10.71
N LYS A 962 1.34 -14.15 -11.56
CA LYS A 962 2.64 -14.08 -12.21
C LYS A 962 3.76 -13.68 -11.25
N GLN A 963 3.44 -13.00 -10.15
CA GLN A 963 4.46 -12.60 -9.20
C GLN A 963 5.04 -13.78 -8.43
N LEU A 964 4.43 -14.95 -8.52
CA LEU A 964 4.94 -16.14 -7.86
C LEU A 964 6.16 -16.71 -8.57
N SER A 965 6.45 -16.23 -9.77
CA SER A 965 7.65 -16.63 -10.50
C SER A 965 8.74 -15.57 -10.40
N SER A 966 8.56 -14.59 -9.51
CA SER A 966 9.50 -13.51 -9.34
C SER A 966 10.38 -13.79 -8.13
N LYS A 967 11.70 -13.76 -8.34
CA LYS A 967 12.63 -14.10 -7.27
C LYS A 967 12.55 -13.13 -6.10
N PHE A 968 12.12 -11.89 -6.35
CA PHE A 968 12.11 -10.84 -5.33
C PHE A 968 13.49 -10.65 -4.70
N GLY A 969 14.55 -10.87 -5.48
CA GLY A 969 15.89 -10.69 -4.96
C GLY A 969 16.38 -11.81 -4.07
N ALA A 970 15.91 -13.03 -4.27
CA ALA A 970 16.34 -14.17 -3.48
C ALA A 970 16.99 -15.23 -4.36
N ILE A 971 17.41 -16.32 -3.72
CA ILE A 971 18.14 -17.37 -4.43
C ILE A 971 17.26 -18.01 -5.51
N SER A 972 15.99 -18.25 -5.18
CA SER A 972 15.06 -18.80 -6.16
C SER A 972 13.65 -18.34 -5.81
N SER A 973 12.72 -18.64 -6.70
CA SER A 973 11.35 -18.18 -6.55
C SER A 973 10.38 -19.28 -6.13
N VAL A 974 10.86 -20.42 -5.67
CA VAL A 974 9.99 -21.52 -5.28
C VAL A 974 10.28 -21.88 -3.83
N LEU A 975 9.22 -21.88 -3.01
CA LEU A 975 9.37 -22.22 -1.60
C LEU A 975 9.85 -23.65 -1.42
N ASN A 976 9.32 -24.57 -2.22
CA ASN A 976 9.64 -25.98 -2.06
C ASN A 976 11.11 -26.28 -2.29
N ASP A 977 11.73 -25.69 -3.31
CA ASP A 977 13.15 -25.99 -3.50
C ASP A 977 14.02 -25.09 -2.63
N ILE A 978 13.52 -23.91 -2.26
CA ILE A 978 14.29 -23.10 -1.32
C ILE A 978 14.43 -23.81 0.02
N LEU A 979 13.34 -24.37 0.56
CA LEU A 979 13.46 -25.11 1.81
C LEU A 979 14.29 -26.37 1.64
N SER A 980 14.19 -27.02 0.48
CA SER A 980 14.92 -28.25 0.22
C SER A 980 16.38 -28.01 -0.13
N ARG A 981 16.80 -26.77 -0.26
CA ARG A 981 18.18 -26.44 -0.61
C ARG A 981 18.97 -25.79 0.52
N LEU A 982 18.34 -24.98 1.36
CA LEU A 982 19.03 -24.29 2.44
C LEU A 982 18.47 -24.73 3.78
N ASP A 983 19.35 -24.84 4.77
CA ASP A 983 18.95 -25.21 6.11
C ASP A 983 18.17 -24.07 6.76
N PRO A 984 17.35 -24.36 7.77
CA PRO A 984 16.38 -23.37 8.30
C PRO A 984 17.02 -22.03 8.62
N PRO A 985 18.09 -21.97 9.43
CA PRO A 985 18.54 -20.65 9.90
C PRO A 985 19.38 -19.88 8.90
N GLU A 986 19.52 -20.34 7.66
CA GLU A 986 19.94 -19.47 6.57
C GLU A 986 18.85 -19.27 5.53
N ALA A 987 17.99 -20.26 5.32
CA ALA A 987 16.83 -20.09 4.45
C ALA A 987 15.82 -19.13 5.04
N GLU A 988 15.96 -18.79 6.32
CA GLU A 988 15.06 -17.82 6.93
C GLU A 988 15.11 -16.49 6.20
N VAL A 989 16.29 -16.00 5.86
CA VAL A 989 16.40 -14.69 5.20
C VAL A 989 15.70 -14.74 3.84
N GLN A 990 15.94 -15.78 3.06
CA GLN A 990 15.34 -15.89 1.74
C GLN A 990 13.83 -16.01 1.84
N ILE A 991 13.35 -16.81 2.79
CA ILE A 991 11.92 -16.98 2.97
C ILE A 991 11.28 -15.67 3.40
N ASP A 992 11.98 -14.88 4.23
CA ASP A 992 11.43 -13.59 4.63
C ASP A 992 11.39 -12.63 3.46
N ARG A 993 12.39 -12.70 2.59
CA ARG A 993 12.37 -11.88 1.38
C ARG A 993 11.17 -12.22 0.50
N LEU A 994 10.92 -13.53 0.32
CA LEU A 994 9.72 -13.94 -0.42
C LEU A 994 8.45 -13.45 0.26
N ILE A 995 8.38 -13.55 1.58
CA ILE A 995 7.19 -13.13 2.30
C ILE A 995 6.95 -11.65 2.06
N THR A 996 8.00 -10.84 2.19
CA THR A 996 7.87 -9.41 1.97
C THR A 996 7.43 -9.08 0.55
N GLY A 997 7.99 -9.75 -0.45
CA GLY A 997 7.55 -9.51 -1.81
C GLY A 997 6.11 -9.91 -2.08
N ARG A 998 5.74 -11.11 -1.64
CA ARG A 998 4.43 -11.64 -1.94
C ARG A 998 3.33 -10.90 -1.19
N LEU A 999 3.56 -10.55 0.09
CA LEU A 999 2.58 -9.78 0.82
C LEU A 999 2.38 -8.41 0.19
N GLN A 1000 3.46 -7.78 -0.26
CA GLN A 1000 3.32 -6.48 -0.92
C GLN A 1000 2.54 -6.60 -2.22
N SER A 1001 2.80 -7.64 -3.02
CA SER A 1001 2.01 -7.84 -4.22
C SER A 1001 0.54 -8.12 -3.92
N LEU A 1002 0.27 -8.92 -2.89
CA LEU A 1002 -1.10 -9.20 -2.49
C LEU A 1002 -1.82 -7.97 -1.98
N GLN A 1003 -1.14 -7.11 -1.21
CA GLN A 1003 -1.69 -5.83 -0.82
C GLN A 1003 -2.00 -4.94 -2.01
N THR A 1004 -1.11 -4.90 -2.99
CA THR A 1004 -1.41 -4.22 -4.24
C THR A 1004 -2.71 -4.73 -4.85
N TYR A 1005 -2.83 -6.05 -4.98
CA TYR A 1005 -4.02 -6.62 -5.59
C TYR A 1005 -5.27 -6.27 -4.80
N VAL A 1006 -5.20 -6.39 -3.47
CA VAL A 1006 -6.38 -6.16 -2.65
C VAL A 1006 -6.80 -4.70 -2.70
N THR A 1007 -5.84 -3.78 -2.67
CA THR A 1007 -6.17 -2.37 -2.76
C THR A 1007 -6.77 -2.04 -4.12
N GLN A 1008 -6.21 -2.58 -5.20
CA GLN A 1008 -6.79 -2.32 -6.51
C GLN A 1008 -8.19 -2.92 -6.63
N GLN A 1009 -8.41 -4.10 -6.06
CA GLN A 1009 -9.74 -4.69 -6.06
C GLN A 1009 -10.71 -3.85 -5.25
N LEU A 1010 -10.26 -3.30 -4.12
CA LEU A 1010 -11.11 -2.40 -3.35
C LEU A 1010 -11.51 -1.19 -4.18
N ILE A 1011 -10.54 -0.60 -4.90
CA ILE A 1011 -10.83 0.60 -5.68
C ILE A 1011 -11.81 0.27 -6.80
N ARG A 1012 -11.56 -0.83 -7.52
CA ARG A 1012 -12.45 -1.21 -8.60
C ARG A 1012 -13.82 -1.60 -8.07
N ALA A 1013 -13.89 -2.19 -6.87
CA ALA A 1013 -15.17 -2.54 -6.31
C ALA A 1013 -15.95 -1.31 -5.88
N ALA A 1014 -15.26 -0.28 -5.40
CA ALA A 1014 -15.93 0.98 -5.12
C ALA A 1014 -16.46 1.60 -6.41
N GLU A 1015 -15.66 1.54 -7.47
CA GLU A 1015 -16.13 2.05 -8.77
C GLU A 1015 -17.36 1.28 -9.24
N ILE A 1016 -17.32 -0.05 -9.14
CA ILE A 1016 -18.44 -0.87 -9.55
C ILE A 1016 -19.64 -0.62 -8.66
N ARG A 1017 -19.43 -0.36 -7.37
CA ARG A 1017 -20.53 -0.02 -6.48
C ARG A 1017 -21.19 1.28 -6.90
N ALA A 1018 -20.40 2.29 -7.26
CA ALA A 1018 -20.98 3.53 -7.76
C ALA A 1018 -21.76 3.28 -9.04
N SER A 1019 -21.19 2.48 -9.94
CA SER A 1019 -21.88 2.18 -11.20
C SER A 1019 -23.17 1.41 -10.95
N ALA A 1020 -23.16 0.49 -10.00
CA ALA A 1020 -24.34 -0.31 -9.70
C ALA A 1020 -25.40 0.51 -8.99
N ASN A 1021 -25.01 1.44 -8.13
CA ASN A 1021 -25.98 2.35 -7.56
C ASN A 1021 -26.60 3.24 -8.63
N LEU A 1022 -25.79 3.70 -9.58
CA LEU A 1022 -26.34 4.43 -10.72
C LEU A 1022 -27.31 3.56 -11.49
N ALA A 1023 -26.96 2.28 -11.69
CA ALA A 1023 -27.85 1.37 -12.39
C ALA A 1023 -29.15 1.16 -11.63
N ALA A 1024 -29.07 1.02 -10.31
CA ALA A 1024 -30.28 0.82 -9.51
C ALA A 1024 -31.18 2.04 -9.57
N THR A 1025 -30.60 3.24 -9.46
CA THR A 1025 -31.40 4.44 -9.59
C THR A 1025 -32.01 4.55 -10.98
N LYS A 1026 -31.23 4.21 -12.01
CA LYS A 1026 -31.74 4.25 -13.38
C LYS A 1026 -32.89 3.27 -13.54
N MET A 1027 -32.78 2.08 -12.97
CA MET A 1027 -33.87 1.13 -13.02
C MET A 1027 -35.11 1.68 -12.32
N SER A 1028 -34.93 2.13 -11.08
CA SER A 1028 -36.07 2.59 -10.29
C SER A 1028 -36.76 3.78 -10.91
N GLU A 1029 -36.04 4.58 -11.70
CA GLU A 1029 -36.65 5.74 -12.33
C GLU A 1029 -37.17 5.44 -13.73
N CYS A 1030 -36.28 5.03 -14.65
CA CYS A 1030 -36.68 4.82 -16.03
C CYS A 1030 -37.60 3.61 -16.17
N VAL A 1031 -37.31 2.53 -15.44
CA VAL A 1031 -38.12 1.32 -15.58
C VAL A 1031 -39.45 1.48 -14.85
N LEU A 1032 -39.40 1.72 -13.54
CA LEU A 1032 -40.61 1.84 -12.74
C LEU A 1032 -41.19 3.24 -12.82
N GLY A 1033 -41.39 3.73 -14.03
CA GLY A 1033 -41.95 5.06 -14.21
C GLY A 1033 -41.31 5.86 -15.33
N GLN A 1034 -41.84 7.05 -15.57
CA GLN A 1034 -41.27 7.97 -16.54
C GLN A 1034 -40.44 9.01 -15.81
N SER A 1035 -39.24 9.25 -16.31
CA SER A 1035 -38.32 10.18 -15.68
C SER A 1035 -38.26 11.47 -16.48
N LYS A 1036 -38.57 12.59 -15.82
CA LYS A 1036 -38.58 13.90 -16.45
C LYS A 1036 -37.19 14.47 -16.66
N ARG A 1037 -36.18 13.94 -15.97
CA ARG A 1037 -34.82 14.47 -16.11
C ARG A 1037 -34.28 14.13 -17.50
N VAL A 1038 -33.97 15.18 -18.26
CA VAL A 1038 -33.61 15.01 -19.66
C VAL A 1038 -32.25 14.36 -19.78
N ASP A 1039 -32.09 13.53 -20.81
CA ASP A 1039 -30.84 12.84 -21.14
C ASP A 1039 -30.36 11.93 -20.02
N PHE A 1040 -31.23 11.54 -19.10
CA PHE A 1040 -30.86 10.56 -18.09
C PHE A 1040 -31.14 9.15 -18.57
N CYS A 1041 -32.38 8.90 -19.00
CA CYS A 1041 -32.77 7.58 -19.52
C CYS A 1041 -32.63 7.58 -21.04
N GLY A 1042 -31.38 7.71 -21.48
CA GLY A 1042 -31.07 7.76 -22.90
C GLY A 1042 -31.39 9.12 -23.50
N LYS A 1043 -30.96 9.29 -24.75
CA LYS A 1043 -31.13 10.56 -25.44
C LYS A 1043 -32.58 10.72 -25.87
N GLY A 1044 -33.09 11.94 -25.73
CA GLY A 1044 -34.43 12.27 -26.14
C GLY A 1044 -35.41 12.19 -24.98
N TYR A 1045 -36.66 12.57 -25.28
CA TYR A 1045 -37.73 12.54 -24.30
C TYR A 1045 -38.00 11.10 -23.92
N HIS A 1046 -37.79 10.77 -22.65
CA HIS A 1046 -37.90 9.39 -22.19
C HIS A 1046 -39.36 8.94 -22.15
N LEU A 1047 -39.60 7.71 -22.60
CA LEU A 1047 -40.91 7.08 -22.52
C LEU A 1047 -40.91 5.86 -21.61
N MET A 1048 -40.07 4.87 -21.88
CA MET A 1048 -39.96 3.69 -21.04
C MET A 1048 -38.50 3.26 -21.00
N SER A 1049 -38.27 2.11 -20.39
CA SER A 1049 -36.96 1.47 -20.46
C SER A 1049 -37.14 0.00 -20.09
N PHE A 1050 -36.68 -0.87 -20.98
CA PHE A 1050 -36.80 -2.31 -20.76
C PHE A 1050 -35.45 -2.87 -20.35
N PRO A 1051 -35.33 -3.41 -19.15
CA PRO A 1051 -34.03 -3.93 -18.71
C PRO A 1051 -33.75 -5.31 -19.31
N GLN A 1052 -32.47 -5.61 -19.44
CA GLN A 1052 -32.03 -6.91 -19.90
C GLN A 1052 -30.80 -7.33 -19.11
N SER A 1053 -30.76 -8.58 -18.67
CA SER A 1053 -29.65 -9.10 -17.89
C SER A 1053 -28.45 -9.34 -18.80
N ALA A 1054 -27.27 -9.05 -18.28
CA ALA A 1054 -26.02 -9.23 -18.99
C ALA A 1054 -25.00 -9.87 -18.06
N PRO A 1055 -23.99 -10.54 -18.60
CA PRO A 1055 -22.95 -11.11 -17.74
C PRO A 1055 -22.29 -10.03 -16.89
N HIS A 1056 -22.48 -10.13 -15.58
CA HIS A 1056 -21.92 -9.16 -14.63
C HIS A 1056 -22.34 -7.74 -14.99
N GLY A 1057 -23.62 -7.55 -15.27
CA GLY A 1057 -24.10 -6.21 -15.57
C GLY A 1057 -25.54 -6.23 -16.03
N VAL A 1058 -26.04 -5.04 -16.35
CA VAL A 1058 -27.38 -4.85 -16.85
C VAL A 1058 -27.31 -4.01 -18.11
N VAL A 1059 -28.29 -4.21 -18.99
CA VAL A 1059 -28.41 -3.45 -20.23
C VAL A 1059 -29.84 -2.95 -20.36
N PHE A 1060 -29.98 -1.66 -20.61
CA PHE A 1060 -31.28 -1.01 -20.68
C PHE A 1060 -31.68 -0.80 -22.13
N LEU A 1061 -32.99 -0.78 -22.38
CA LEU A 1061 -33.55 -0.46 -23.68
C LEU A 1061 -34.45 0.75 -23.48
N HIS A 1062 -33.88 1.95 -23.57
CA HIS A 1062 -34.63 3.18 -23.37
C HIS A 1062 -35.46 3.46 -24.62
N VAL A 1063 -36.78 3.50 -24.45
CA VAL A 1063 -37.68 3.92 -25.51
C VAL A 1063 -37.90 5.42 -25.33
N THR A 1064 -37.55 6.19 -26.35
CA THR A 1064 -37.57 7.64 -26.25
C THR A 1064 -38.36 8.25 -27.39
N TYR A 1065 -38.99 9.39 -27.10
CA TYR A 1065 -39.73 10.15 -28.08
C TYR A 1065 -38.83 11.27 -28.59
N VAL A 1066 -38.58 11.28 -29.89
CA VAL A 1066 -37.66 12.22 -30.52
C VAL A 1066 -38.42 12.97 -31.60
N PRO A 1067 -38.39 14.30 -31.62
CA PRO A 1067 -39.12 15.04 -32.66
C PRO A 1067 -38.55 14.83 -34.05
N ALA A 1068 -39.17 15.46 -35.04
CA ALA A 1068 -38.88 15.19 -36.45
C ALA A 1068 -39.08 16.48 -37.23
N GLN A 1069 -39.29 16.36 -38.54
CA GLN A 1069 -39.47 17.47 -39.45
C GLN A 1069 -40.23 18.63 -38.82
N GLU A 1070 -39.68 19.83 -38.96
CA GLU A 1070 -40.31 21.05 -38.36
C GLU A 1070 -40.17 22.20 -39.35
N LYS A 1071 -40.97 23.25 -39.18
CA LYS A 1071 -40.93 24.41 -40.11
C LYS A 1071 -40.94 25.72 -39.31
N ASN A 1072 -40.43 26.81 -39.90
CA ASN A 1072 -40.48 28.13 -39.22
C ASN A 1072 -41.95 28.56 -39.09
N PHE A 1073 -42.36 28.99 -37.89
CA PHE A 1073 -43.75 29.46 -37.68
C PHE A 1073 -43.72 30.84 -37.02
N THR A 1074 -44.45 31.81 -37.59
CA THR A 1074 -44.54 33.15 -36.95
C THR A 1074 -45.28 32.99 -35.62
N THR A 1075 -44.62 33.31 -34.50
CA THR A 1075 -45.25 33.15 -33.20
C THR A 1075 -45.30 34.48 -32.48
N ALA A 1076 -46.28 34.61 -31.59
CA ALA A 1076 -46.50 35.83 -30.82
C ALA A 1076 -46.71 35.48 -29.36
N PRO A 1077 -46.13 36.24 -28.40
CA PRO A 1077 -46.22 35.91 -26.97
C PRO A 1077 -47.68 35.86 -26.51
N ALA A 1078 -48.53 36.72 -27.09
CA ALA A 1078 -49.91 36.77 -26.67
C ALA A 1078 -50.75 37.34 -27.81
N ILE A 1079 -52.06 37.17 -27.70
CA ILE A 1079 -53.00 37.63 -28.71
C ILE A 1079 -53.94 38.63 -28.06
N CYS A 1080 -54.11 39.81 -28.66
CA CYS A 1080 -54.88 40.91 -28.03
C CYS A 1080 -56.22 41.12 -28.70
N HIS A 1081 -57.26 40.38 -28.30
CA HIS A 1081 -58.56 40.35 -28.95
C HIS A 1081 -59.27 41.69 -28.82
N ASP A 1082 -59.59 42.09 -27.59
CA ASP A 1082 -60.24 43.37 -27.32
C ASP A 1082 -59.56 43.98 -26.09
N GLY A 1083 -58.49 44.74 -26.34
CA GLY A 1083 -57.75 45.39 -25.27
C GLY A 1083 -57.17 44.46 -24.22
N LYS A 1084 -57.33 43.15 -24.37
CA LYS A 1084 -56.89 42.19 -23.38
C LYS A 1084 -55.97 41.16 -24.00
N ALA A 1085 -54.89 40.83 -23.29
CA ALA A 1085 -53.93 39.87 -23.78
C ALA A 1085 -54.44 38.45 -23.53
N HIS A 1086 -54.26 37.57 -24.50
CA HIS A 1086 -54.60 36.17 -24.37
C HIS A 1086 -53.34 35.34 -24.47
N PHE A 1087 -53.13 34.48 -23.47
CA PHE A 1087 -52.00 33.57 -23.46
C PHE A 1087 -52.50 32.14 -23.53
N PRO A 1088 -51.82 31.26 -24.26
CA PRO A 1088 -52.29 29.88 -24.37
C PRO A 1088 -52.21 29.18 -23.04
N ARG A 1089 -53.24 28.39 -22.73
CA ARG A 1089 -53.24 27.62 -21.49
C ARG A 1089 -52.09 26.63 -21.48
N GLU A 1090 -51.78 26.04 -22.64
CA GLU A 1090 -50.56 25.26 -22.83
C GLU A 1090 -50.25 25.25 -24.32
N GLY A 1091 -49.03 25.65 -24.66
CA GLY A 1091 -48.57 25.58 -26.03
C GLY A 1091 -48.24 26.95 -26.57
N VAL A 1092 -47.95 26.99 -27.86
CA VAL A 1092 -47.50 28.18 -28.54
C VAL A 1092 -48.60 28.66 -29.49
N PHE A 1093 -48.76 29.98 -29.58
CA PHE A 1093 -49.52 30.59 -30.65
C PHE A 1093 -48.71 30.51 -31.93
N VAL A 1094 -49.25 30.07 -33.05
CA VAL A 1094 -48.35 30.02 -34.23
C VAL A 1094 -49.10 30.59 -35.42
N SER A 1095 -48.42 30.92 -36.52
CA SER A 1095 -49.10 31.55 -37.69
C SER A 1095 -48.64 30.87 -38.97
N ASN A 1096 -49.55 30.21 -39.69
CA ASN A 1096 -49.21 29.56 -40.98
C ASN A 1096 -48.87 30.65 -42.00
N GLY A 1097 -49.35 31.87 -41.78
CA GLY A 1097 -49.09 32.99 -42.71
C GLY A 1097 -50.27 33.94 -42.77
N THR A 1098 -51.47 33.45 -42.46
CA THR A 1098 -52.68 34.31 -42.45
C THR A 1098 -53.46 34.09 -41.15
N HIS A 1099 -54.04 32.90 -40.98
CA HIS A 1099 -54.86 32.61 -39.76
C HIS A 1099 -53.93 32.22 -38.61
N TRP A 1100 -54.22 32.72 -37.41
CA TRP A 1100 -53.41 32.36 -36.22
C TRP A 1100 -53.89 31.02 -35.63
N PHE A 1101 -53.03 30.32 -34.88
CA PHE A 1101 -53.37 28.95 -34.45
C PHE A 1101 -52.72 28.70 -33.08
N VAL A 1102 -53.37 27.84 -32.30
CA VAL A 1102 -52.73 27.35 -31.08
C VAL A 1102 -52.38 25.89 -31.28
N THR A 1103 -51.30 25.45 -30.65
CA THR A 1103 -50.83 24.09 -30.81
C THR A 1103 -50.04 23.70 -29.57
N GLN A 1104 -49.72 22.41 -29.48
CA GLN A 1104 -49.03 21.91 -28.27
C GLN A 1104 -47.55 22.30 -28.31
N ARG A 1105 -46.74 21.62 -27.51
CA ARG A 1105 -45.32 21.89 -27.42
C ARG A 1105 -44.48 21.06 -28.37
N ASN A 1106 -44.71 19.76 -28.43
CA ASN A 1106 -43.85 18.85 -29.17
C ASN A 1106 -44.56 18.17 -30.35
N PHE A 1107 -45.73 18.65 -30.73
CA PHE A 1107 -46.38 18.15 -31.93
C PHE A 1107 -47.24 19.25 -32.51
N TYR A 1108 -47.17 19.41 -33.83
CA TYR A 1108 -47.96 20.41 -34.52
C TYR A 1108 -49.40 19.92 -34.66
N GLU A 1109 -50.27 20.37 -33.74
CA GLU A 1109 -51.70 20.02 -33.83
C GLU A 1109 -52.47 21.33 -33.76
N PRO A 1110 -52.49 22.15 -34.83
CA PRO A 1110 -53.15 23.47 -34.78
C PRO A 1110 -54.63 23.34 -34.46
N GLN A 1111 -55.11 24.28 -33.66
CA GLN A 1111 -56.51 24.31 -33.25
C GLN A 1111 -57.01 25.75 -33.31
N ILE A 1112 -58.33 25.90 -33.48
CA ILE A 1112 -58.92 27.23 -33.47
C ILE A 1112 -58.74 27.85 -32.09
N ILE A 1113 -58.26 29.10 -32.07
CA ILE A 1113 -57.96 29.77 -30.81
C ILE A 1113 -59.24 30.17 -30.12
N THR A 1114 -59.66 29.40 -29.14
CA THR A 1114 -60.89 29.63 -28.40
C THR A 1114 -60.58 30.13 -26.99
N THR A 1115 -61.62 30.60 -26.31
CA THR A 1115 -61.48 30.98 -24.91
C THR A 1115 -61.17 29.79 -24.02
N ASP A 1116 -61.39 28.57 -24.50
CA ASP A 1116 -60.95 27.39 -23.75
C ASP A 1116 -59.44 27.25 -23.83
N ASN A 1117 -58.87 27.44 -25.02
CA ASN A 1117 -57.43 27.25 -25.20
C ASN A 1117 -56.62 28.33 -24.49
N THR A 1118 -57.22 29.47 -24.20
CA THR A 1118 -56.49 30.63 -23.70
C THR A 1118 -57.08 31.11 -22.38
N PHE A 1119 -56.20 31.75 -21.60
CA PHE A 1119 -56.64 32.43 -20.36
C PHE A 1119 -56.32 33.90 -20.61
N VAL A 1120 -57.16 34.81 -20.14
CA VAL A 1120 -57.03 36.24 -20.41
C VAL A 1120 -56.62 36.96 -19.13
N SER A 1121 -55.53 37.71 -19.21
CA SER A 1121 -55.11 38.59 -18.13
C SER A 1121 -54.11 39.59 -18.70
N GLY A 1122 -54.48 40.86 -18.73
CA GLY A 1122 -53.58 41.87 -19.23
C GLY A 1122 -54.35 43.09 -19.69
N ASN A 1123 -53.61 44.03 -20.27
CA ASN A 1123 -54.17 45.28 -20.76
C ASN A 1123 -53.74 45.61 -22.19
N CYS A 1124 -53.03 44.71 -22.86
CA CYS A 1124 -52.60 44.89 -24.24
C CYS A 1124 -51.66 46.09 -24.42
N ASP A 1125 -50.98 46.50 -23.34
CA ASP A 1125 -50.04 47.62 -23.43
C ASP A 1125 -48.68 47.31 -22.82
N VAL A 1126 -48.59 46.22 -22.06
CA VAL A 1126 -47.31 45.88 -21.37
C VAL A 1126 -46.80 44.53 -21.88
N VAL A 1127 -47.71 43.70 -22.40
CA VAL A 1127 -47.30 42.37 -22.94
C VAL A 1127 -46.55 42.58 -24.26
N ILE A 1128 -45.21 42.56 -24.20
CA ILE A 1128 -44.38 42.77 -25.42
C ILE A 1128 -44.71 41.67 -26.42
N GLY A 1129 -44.96 42.03 -27.68
CA GLY A 1129 -45.27 41.03 -28.72
C GLY A 1129 -46.77 40.84 -28.91
N ILE A 1130 -47.59 41.74 -28.37
CA ILE A 1130 -49.06 41.65 -28.60
C ILE A 1130 -49.29 41.61 -30.12
N VAL A 1131 -50.24 40.79 -30.58
CA VAL A 1131 -50.42 40.62 -32.03
C VAL A 1131 -51.91 40.50 -32.28
N ASN A 1132 -52.50 41.60 -32.71
CA ASN A 1132 -53.96 41.73 -32.92
C ASN A 1132 -54.47 40.55 -33.77
N ASN A 1133 -55.71 40.15 -33.54
CA ASN A 1133 -56.31 38.93 -34.12
C ASN A 1133 -57.67 38.77 -33.46
N THR A 1134 -58.50 37.87 -33.96
CA THR A 1134 -59.86 37.73 -33.46
C THR A 1134 -59.99 36.41 -32.72
N VAL A 1135 -60.42 36.48 -31.46
CA VAL A 1135 -60.74 35.29 -30.70
C VAL A 1135 -62.22 35.02 -30.84
N TYR A 1136 -62.62 33.79 -30.55
CA TYR A 1136 -64.00 33.37 -30.70
C TYR A 1136 -64.56 32.95 -29.35
N ASP A 1137 -65.88 33.02 -29.22
CA ASP A 1137 -66.57 32.50 -28.07
C ASP A 1137 -67.77 31.70 -28.54
N PRO A 1138 -68.16 30.63 -27.83
CA PRO A 1138 -69.31 29.82 -28.25
C PRO A 1138 -70.65 30.32 -27.74
N LEU A 1139 -70.74 31.57 -27.28
CA LEU A 1139 -71.94 32.06 -26.61
C LEU A 1139 -72.81 32.96 -27.47
N GLN A 1140 -72.21 33.90 -28.21
CA GLN A 1140 -73.01 34.89 -28.91
C GLN A 1140 -73.84 34.26 -30.02
N LEU A 1141 -73.36 33.14 -30.58
CA LEU A 1141 -74.12 32.46 -31.62
C LEU A 1141 -75.44 31.92 -31.07
N GLU A 1142 -75.41 31.37 -29.87
CA GLU A 1142 -76.60 30.82 -29.24
C GLU A 1142 -77.20 31.81 -28.25
N THR B 26 -4.19 -55.14 42.25
CA THR B 26 -4.27 -54.98 40.80
C THR B 26 -4.95 -53.67 40.42
N THR B 27 -5.39 -53.60 39.17
CA THR B 27 -5.99 -52.37 38.64
C THR B 27 -6.85 -52.72 37.42
N THR B 28 -7.73 -51.79 37.09
CA THR B 28 -8.58 -51.88 35.90
C THR B 28 -8.23 -50.72 34.97
N GLN B 29 -8.69 -50.81 33.72
CA GLN B 29 -8.37 -49.81 32.70
C GLN B 29 -9.63 -49.40 31.94
N SER B 30 -10.68 -49.07 32.69
CA SER B 30 -11.92 -48.62 32.07
C SER B 30 -11.74 -47.25 31.43
N TYR B 31 -12.39 -47.05 30.27
CA TYR B 31 -12.22 -45.77 29.53
C TYR B 31 -13.42 -44.84 29.81
N THR B 32 -13.20 -43.53 29.88
CA THR B 32 -14.27 -42.58 30.27
C THR B 32 -14.23 -41.30 29.43
N ASN B 33 -15.24 -40.42 29.55
CA ASN B 33 -15.24 -39.11 28.87
C ASN B 33 -14.75 -38.06 29.85
N SER B 34 -14.00 -37.08 29.39
CA SER B 34 -13.47 -35.99 30.20
C SER B 34 -14.34 -34.74 30.16
N PHE B 35 -15.16 -34.59 29.14
CA PHE B 35 -16.05 -33.42 29.00
C PHE B 35 -15.17 -32.16 29.02
N THR B 36 -15.71 -31.05 29.48
CA THR B 36 -14.98 -29.79 29.59
C THR B 36 -14.20 -29.81 30.90
N ARG B 37 -12.93 -30.20 30.81
CA ARG B 37 -12.11 -30.38 32.00
C ARG B 37 -10.64 -30.35 31.60
N GLY B 38 -9.78 -29.87 32.51
CA GLY B 38 -8.34 -29.89 32.25
C GLY B 38 -7.85 -28.65 31.53
N VAL B 39 -8.23 -27.46 32.03
CA VAL B 39 -7.75 -26.18 31.42
C VAL B 39 -6.98 -25.41 32.50
N TYR B 40 -5.65 -25.41 32.42
CA TYR B 40 -4.81 -24.73 33.45
C TYR B 40 -4.64 -23.25 33.09
N TYR B 41 -3.82 -22.53 33.87
CA TYR B 41 -3.54 -21.10 33.57
C TYR B 41 -2.33 -21.03 32.64
N PRO B 42 -2.52 -20.70 31.34
CA PRO B 42 -1.40 -20.68 30.38
C PRO B 42 -0.22 -19.87 30.93
N ASP B 43 -0.48 -18.65 31.40
CA ASP B 43 0.58 -17.83 31.97
C ASP B 43 0.05 -17.13 33.23
N LYS B 44 0.76 -16.12 33.71
CA LYS B 44 0.44 -15.46 34.97
C LYS B 44 0.00 -14.01 34.76
N VAL B 45 -0.78 -13.74 33.72
CA VAL B 45 -1.21 -12.39 33.40
C VAL B 45 -2.68 -12.25 33.70
N PHE B 46 -2.96 -11.22 34.49
CA PHE B 46 -4.34 -10.92 34.91
C PHE B 46 -5.09 -10.60 33.62
N ARG B 47 -6.33 -11.03 33.54
CA ARG B 47 -7.16 -10.61 32.43
C ARG B 47 -8.61 -10.64 32.86
N SER B 48 -9.36 -9.62 32.43
CA SER B 48 -10.79 -9.51 32.85
C SER B 48 -11.63 -8.98 31.70
N SER B 49 -12.85 -9.51 31.54
CA SER B 49 -13.79 -9.07 30.51
C SER B 49 -13.17 -9.19 29.13
N VAL B 50 -12.37 -10.24 28.94
CA VAL B 50 -11.53 -10.38 27.76
C VAL B 50 -11.62 -11.82 27.28
N LEU B 51 -11.39 -12.02 25.99
CA LEU B 51 -11.60 -13.31 25.35
C LEU B 51 -10.30 -13.83 24.76
N HIS B 52 -9.24 -13.78 25.56
CA HIS B 52 -7.90 -14.11 25.09
C HIS B 52 -7.83 -15.53 24.53
N LEU B 53 -7.09 -15.69 23.44
CA LEU B 53 -6.92 -16.96 22.76
C LEU B 53 -5.47 -17.43 22.91
N THR B 54 -5.30 -18.68 23.30
CA THR B 54 -3.98 -19.22 23.57
C THR B 54 -3.74 -20.50 22.78
N GLN B 55 -2.46 -20.76 22.51
CA GLN B 55 -2.03 -22.01 21.89
C GLN B 55 -1.00 -22.65 22.80
N ASP B 56 -1.40 -23.76 23.44
CA ASP B 56 -0.47 -24.46 24.37
C ASP B 56 -0.96 -25.91 24.56
N LEU B 57 -0.17 -26.74 25.24
CA LEU B 57 -0.62 -28.13 25.54
C LEU B 57 -1.91 -28.04 26.36
N PHE B 58 -3.01 -28.59 25.85
CA PHE B 58 -4.31 -28.47 26.56
C PHE B 58 -5.13 -29.74 26.32
N LEU B 59 -5.62 -30.36 27.40
CA LEU B 59 -6.37 -31.59 27.26
C LEU B 59 -7.55 -31.37 26.32
N PRO B 60 -7.67 -32.11 25.23
CA PRO B 60 -8.78 -31.90 24.30
C PRO B 60 -10.11 -32.17 24.98
N PHE B 61 -11.14 -31.40 24.59
CA PHE B 61 -12.50 -31.62 25.16
C PHE B 61 -13.06 -32.94 24.63
N PHE B 62 -13.71 -33.72 25.49
CA PHE B 62 -14.35 -35.00 25.07
C PHE B 62 -13.28 -35.95 24.50
N SER B 63 -12.14 -36.09 25.19
CA SER B 63 -11.09 -37.04 24.76
C SER B 63 -11.17 -38.32 25.60
N ASN B 64 -10.38 -39.33 25.27
CA ASN B 64 -10.51 -40.62 26.01
C ASN B 64 -9.63 -40.58 27.25
N VAL B 65 -10.27 -40.47 28.40
CA VAL B 65 -9.52 -40.48 29.68
C VAL B 65 -9.72 -41.86 30.29
N THR B 66 -8.63 -42.56 30.52
CA THR B 66 -8.70 -43.94 30.98
C THR B 66 -8.78 -43.93 32.50
N TRP B 67 -9.76 -44.65 33.04
CA TRP B 67 -10.03 -44.67 34.47
C TRP B 67 -9.48 -45.98 35.05
N PHE B 68 -8.71 -45.87 36.12
CA PHE B 68 -8.05 -47.01 36.73
C PHE B 68 -8.72 -47.36 38.06
N HIS B 69 -8.17 -48.40 38.70
CA HIS B 69 -8.62 -48.83 40.02
C HIS B 69 -7.42 -49.23 40.88
N ALA B 70 -7.68 -49.71 42.10
CA ALA B 70 -6.59 -50.08 42.98
C ALA B 70 -7.09 -51.10 44.00
N ILE B 71 -6.25 -52.11 44.27
CA ILE B 71 -6.52 -53.12 45.29
C ILE B 71 -5.25 -53.88 45.65
N ASP B 81 -0.25 -54.32 38.76
CA ASP B 81 0.01 -53.54 39.96
C ASP B 81 0.78 -52.26 39.63
N ASN B 82 0.06 -51.13 39.63
CA ASN B 82 0.63 -49.82 39.38
C ASN B 82 1.36 -49.78 38.04
N PRO B 83 0.64 -49.87 36.92
CA PRO B 83 1.32 -49.92 35.62
C PRO B 83 2.02 -48.61 35.30
N VAL B 84 3.14 -48.72 34.60
CA VAL B 84 3.87 -47.54 34.13
C VAL B 84 3.14 -46.96 32.94
N LEU B 85 2.91 -45.65 32.97
CA LEU B 85 2.19 -45.11 31.83
C LEU B 85 3.10 -44.22 31.00
N PRO B 86 2.91 -44.21 29.68
CA PRO B 86 3.75 -43.35 28.84
C PRO B 86 3.50 -41.88 29.13
N PHE B 87 4.58 -41.12 29.00
CA PHE B 87 4.57 -39.68 29.19
C PHE B 87 4.92 -39.02 27.86
N ASN B 88 4.05 -38.15 27.38
CA ASN B 88 4.25 -37.51 26.08
C ASN B 88 3.46 -36.22 26.06
N ASP B 89 4.16 -35.10 25.82
CA ASP B 89 3.57 -33.76 25.78
C ASP B 89 2.87 -33.41 27.09
N GLY B 90 3.16 -34.13 28.17
CA GLY B 90 2.46 -33.96 29.42
C GLY B 90 1.26 -34.88 29.57
N VAL B 91 0.86 -35.09 30.82
CA VAL B 91 -0.30 -35.93 31.13
C VAL B 91 -1.19 -35.18 32.11
N TYR B 92 -2.49 -35.38 31.98
CA TYR B 92 -3.48 -34.83 32.90
C TYR B 92 -3.81 -35.87 33.95
N PHE B 93 -3.68 -35.49 35.22
CA PHE B 93 -3.89 -36.41 36.32
C PHE B 93 -5.01 -35.90 37.22
N ALA B 94 -5.92 -36.79 37.59
CA ALA B 94 -7.02 -36.41 38.46
C ALA B 94 -7.33 -37.59 39.38
N SER B 95 -7.73 -37.28 40.60
CA SER B 95 -8.04 -38.32 41.57
C SER B 95 -9.00 -37.80 42.62
N THR B 96 -9.95 -38.64 43.00
CA THR B 96 -10.85 -38.38 44.11
C THR B 96 -10.66 -39.48 45.15
N GLU B 97 -10.64 -39.11 46.42
CA GLU B 97 -10.20 -40.00 47.47
C GLU B 97 -10.90 -39.67 48.78
N LYS B 98 -10.84 -40.62 49.72
CA LYS B 98 -11.41 -40.40 51.03
C LYS B 98 -10.53 -39.51 51.90
N SER B 99 -9.35 -40.01 52.27
CA SER B 99 -8.35 -39.19 52.93
C SER B 99 -7.05 -39.14 52.14
N ASN B 100 -6.41 -40.29 51.89
CA ASN B 100 -5.19 -40.35 51.11
C ASN B 100 -4.81 -41.80 50.80
N ILE B 101 -4.50 -42.07 49.54
CA ILE B 101 -3.99 -43.38 49.16
C ILE B 101 -2.85 -43.29 48.17
N ILE B 102 -2.55 -42.08 47.72
CA ILE B 102 -1.51 -41.82 46.73
C ILE B 102 -0.57 -40.77 47.30
N ARG B 103 0.74 -41.03 47.19
CA ARG B 103 1.75 -40.12 47.73
C ARG B 103 2.40 -39.27 46.64
N GLY B 104 3.01 -39.88 45.63
CA GLY B 104 3.75 -39.14 44.65
C GLY B 104 3.79 -39.82 43.30
N TRP B 105 4.72 -39.38 42.46
CA TRP B 105 4.86 -39.89 41.10
C TRP B 105 6.33 -40.09 40.78
N ILE B 106 6.60 -40.99 39.83
CA ILE B 106 7.94 -41.24 39.35
C ILE B 106 7.98 -40.96 37.85
N PHE B 107 8.91 -40.11 37.44
CA PHE B 107 9.17 -39.84 36.03
C PHE B 107 10.57 -40.34 35.70
N GLY B 108 10.79 -40.19 34.39
CA GLY B 108 12.08 -40.22 33.70
C GLY B 108 12.07 -41.15 32.50
N THR B 109 13.22 -41.80 32.27
CA THR B 109 13.35 -43.00 31.39
C THR B 109 13.98 -44.16 32.16
N THR B 110 13.65 -45.37 31.70
CA THR B 110 14.15 -46.69 32.03
C THR B 110 14.15 -46.95 33.54
N LEU B 111 13.83 -45.94 34.33
CA LEU B 111 13.63 -46.04 35.78
C LEU B 111 14.68 -46.90 36.48
N ASP B 112 15.94 -46.77 36.09
CA ASP B 112 17.02 -47.56 36.66
C ASP B 112 18.17 -46.64 37.05
N SER B 113 19.28 -47.24 37.48
CA SER B 113 20.47 -46.48 37.88
C SER B 113 21.38 -46.22 36.69
N LYS B 114 20.79 -45.75 35.59
CA LYS B 114 21.55 -45.34 34.41
C LYS B 114 21.15 -43.96 33.94
N THR B 115 19.88 -43.56 34.10
CA THR B 115 19.42 -42.25 33.68
C THR B 115 18.75 -41.57 34.86
N GLN B 116 18.98 -40.26 35.02
CA GLN B 116 18.40 -39.52 36.17
C GLN B 116 16.88 -39.75 36.24
N SER B 117 16.32 -39.81 37.45
CA SER B 117 14.87 -40.06 37.62
C SER B 117 14.26 -39.02 38.58
N LEU B 118 12.97 -38.73 38.44
CA LEU B 118 12.34 -37.73 39.29
C LEU B 118 11.38 -38.40 40.28
N LEU B 119 11.41 -37.91 41.51
CA LEU B 119 10.55 -38.41 42.58
C LEU B 119 9.80 -37.26 43.22
N ILE B 120 8.47 -37.31 43.16
CA ILE B 120 7.64 -36.18 43.60
C ILE B 120 6.82 -36.63 44.81
N VAL B 121 7.38 -37.51 45.62
CA VAL B 121 6.63 -38.05 46.75
C VAL B 121 6.34 -36.95 47.76
N ASN B 122 5.07 -36.83 48.14
CA ASN B 122 4.66 -35.94 49.22
C ASN B 122 4.59 -36.70 50.53
N ASN B 123 4.26 -35.95 51.59
CA ASN B 123 3.83 -36.45 52.92
C ASN B 123 2.91 -35.40 53.53
N ALA B 124 2.42 -35.62 54.75
CA ALA B 124 1.45 -34.68 55.35
C ALA B 124 2.17 -33.41 55.82
N THR B 125 3.48 -33.33 55.62
CA THR B 125 4.31 -32.28 56.27
C THR B 125 4.84 -31.35 55.19
N ASN B 126 5.60 -31.88 54.23
CA ASN B 126 6.11 -31.06 53.10
C ASN B 126 6.03 -31.86 51.79
N VAL B 127 7.06 -31.79 50.92
CA VAL B 127 7.20 -32.57 49.70
C VAL B 127 8.67 -32.91 49.50
N PHE B 128 8.93 -33.83 48.57
CA PHE B 128 10.27 -34.40 48.41
C PHE B 128 10.65 -34.48 46.94
N ILE B 129 10.45 -33.38 46.20
CA ILE B 129 10.80 -33.37 44.75
C ILE B 129 12.32 -33.46 44.61
N LYS B 130 12.81 -34.51 43.93
CA LYS B 130 14.27 -34.71 43.75
C LYS B 130 14.52 -35.37 42.38
N VAL B 131 15.62 -34.98 41.72
CA VAL B 131 15.95 -35.54 40.37
C VAL B 131 17.20 -36.40 40.49
N CYS B 132 17.47 -36.93 41.69
CA CYS B 132 18.65 -37.81 41.89
C CYS B 132 18.45 -39.12 41.10
N GLU B 133 19.54 -39.78 40.73
CA GLU B 133 19.44 -41.05 39.96
C GLU B 133 19.11 -42.19 40.95
N PHE B 134 17.95 -42.82 40.78
CA PHE B 134 17.52 -43.90 41.72
C PHE B 134 17.57 -45.24 40.98
N GLN B 135 18.02 -46.30 41.66
CA GLN B 135 18.01 -47.65 41.04
C GLN B 135 16.56 -48.13 40.94
N PHE B 136 16.00 -48.65 42.04
CA PHE B 136 14.57 -49.09 42.05
C PHE B 136 14.17 -49.45 43.47
N CYS B 137 12.87 -49.65 43.71
CA CYS B 137 12.36 -50.03 45.05
C CYS B 137 11.49 -51.28 44.92
N ASN B 138 10.87 -51.47 43.75
CA ASN B 138 10.02 -52.63 43.51
C ASN B 138 9.01 -52.86 44.63
N ASP B 139 8.74 -51.85 45.45
CA ASP B 139 7.80 -51.98 46.55
C ASP B 139 6.88 -50.77 46.63
N GLY B 158 10.82 -44.57 49.68
CA GLY B 158 11.79 -45.68 49.60
C GLY B 158 12.35 -45.85 48.20
N VAL B 159 11.70 -45.23 47.21
CA VAL B 159 12.16 -45.32 45.79
C VAL B 159 13.56 -44.68 45.69
N TYR B 160 13.84 -43.70 46.56
CA TYR B 160 15.18 -43.07 46.58
C TYR B 160 16.24 -44.17 46.61
N SER B 161 16.07 -45.15 47.50
CA SER B 161 17.01 -46.29 47.58
C SER B 161 18.45 -45.79 47.55
N SER B 162 19.21 -46.16 46.51
CA SER B 162 20.65 -45.79 46.43
C SER B 162 20.81 -44.27 46.34
N ALA B 163 20.01 -43.59 45.50
CA ALA B 163 20.20 -42.13 45.28
C ALA B 163 21.63 -41.89 44.80
N ASN B 164 21.85 -41.95 43.48
CA ASN B 164 23.25 -41.89 42.96
C ASN B 164 23.64 -40.44 42.66
N ASN B 165 24.38 -40.19 41.56
CA ASN B 165 24.69 -38.78 41.18
C ASN B 165 23.38 -37.99 41.34
N CYS B 166 23.21 -37.26 42.45
CA CYS B 166 21.92 -36.57 42.74
C CYS B 166 21.80 -35.23 42.00
N THR B 167 20.60 -34.64 42.01
CA THR B 167 20.38 -33.36 41.29
C THR B 167 19.04 -32.71 41.68
N PHE B 168 19.05 -31.42 42.02
CA PHE B 168 17.79 -30.66 42.28
C PHE B 168 16.93 -31.29 43.37
N GLU B 169 17.36 -31.23 44.63
CA GLU B 169 16.51 -31.72 45.75
C GLU B 169 15.70 -30.52 46.26
N TYR B 170 14.37 -30.61 46.27
CA TYR B 170 13.54 -29.44 46.64
C TYR B 170 12.41 -29.86 47.58
N VAL B 171 12.11 -29.03 48.58
CA VAL B 171 11.01 -29.33 49.51
C VAL B 171 10.22 -28.05 49.48
N SER B 172 9.00 -28.15 49.94
CA SER B 172 8.11 -27.00 50.05
C SER B 172 6.79 -27.46 50.66
N GLN B 173 5.78 -26.60 50.57
CA GLN B 173 4.48 -26.89 51.13
C GLN B 173 3.83 -28.07 50.40
N PRO B 174 2.97 -28.83 51.08
CA PRO B 174 2.37 -30.01 50.45
C PRO B 174 1.36 -29.61 49.37
N PHE B 175 1.29 -30.45 48.34
CA PHE B 175 0.32 -30.21 47.27
C PHE B 175 -1.09 -30.64 47.69
N LEU B 176 -1.20 -31.51 48.68
CA LEU B 176 -2.46 -32.17 48.97
C LEU B 176 -3.17 -31.45 50.11
N MET B 177 -4.15 -30.62 49.76
CA MET B 177 -5.02 -29.96 50.73
C MET B 177 -6.32 -30.75 50.84
N ASP B 178 -6.66 -31.17 52.05
CA ASP B 178 -7.86 -31.94 52.30
C ASP B 178 -8.62 -31.32 53.47
N LEU B 179 -9.90 -31.06 53.26
CA LEU B 179 -10.77 -30.48 54.27
C LEU B 179 -12.08 -31.26 54.31
N GLU B 180 -12.65 -31.38 55.51
CA GLU B 180 -13.91 -32.06 55.69
C GLU B 180 -14.81 -31.24 56.60
N GLY B 181 -16.11 -31.26 56.33
CA GLY B 181 -17.08 -30.60 57.18
C GLY B 181 -17.62 -31.53 58.24
N LYS B 182 -16.72 -32.10 59.05
CA LYS B 182 -17.05 -33.08 60.09
C LYS B 182 -17.68 -34.34 59.50
N GLN B 183 -17.48 -34.59 58.22
CA GLN B 183 -18.02 -35.77 57.57
C GLN B 183 -17.17 -36.12 56.36
N GLY B 184 -17.14 -37.41 56.02
CA GLY B 184 -16.31 -37.91 54.94
C GLY B 184 -16.93 -37.87 53.56
N ASN B 185 -18.16 -37.37 53.43
CA ASN B 185 -18.80 -37.32 52.12
C ASN B 185 -18.17 -36.29 51.20
N PHE B 186 -17.34 -35.39 51.74
CA PHE B 186 -16.72 -34.33 50.94
C PHE B 186 -15.48 -34.90 50.24
N LYS B 187 -15.72 -35.76 49.27
CA LYS B 187 -14.66 -36.42 48.51
C LYS B 187 -14.12 -35.43 47.49
N ASN B 188 -13.20 -34.59 47.94
CA ASN B 188 -12.64 -33.54 47.09
C ASN B 188 -11.84 -34.15 45.94
N LEU B 189 -12.04 -33.54 44.75
CA LEU B 189 -11.28 -34.00 43.55
C LEU B 189 -10.04 -33.13 43.40
N ARG B 190 -8.91 -33.74 43.02
CA ARG B 190 -7.64 -33.05 42.84
C ARG B 190 -7.15 -33.30 41.44
N GLU B 191 -7.22 -32.28 40.59
CA GLU B 191 -6.81 -32.37 39.20
C GLU B 191 -5.39 -31.82 39.07
N PHE B 192 -4.49 -32.65 38.56
CA PHE B 192 -3.09 -32.26 38.39
C PHE B 192 -2.71 -32.36 36.92
N VAL B 193 -1.93 -31.36 36.47
CA VAL B 193 -1.46 -31.33 35.05
C VAL B 193 0.05 -31.09 35.05
N PHE B 194 0.82 -32.05 34.55
CA PHE B 194 2.27 -31.92 34.45
C PHE B 194 2.69 -31.88 32.99
N LYS B 195 3.67 -31.01 32.72
CA LYS B 195 4.18 -30.85 31.34
C LYS B 195 5.68 -30.57 31.45
N ASN B 196 6.44 -30.82 30.37
CA ASN B 196 7.88 -30.65 30.37
C ASN B 196 8.36 -29.98 29.10
N ILE B 197 7.73 -28.87 28.72
CA ILE B 197 8.24 -28.07 27.61
C ILE B 197 9.55 -27.44 28.02
N ASP B 198 10.54 -27.48 27.12
CA ASP B 198 11.88 -26.90 27.27
C ASP B 198 12.42 -26.99 28.69
N GLY B 199 12.44 -28.20 29.25
CA GLY B 199 12.79 -28.35 30.65
C GLY B 199 11.70 -27.77 31.52
N TYR B 200 12.09 -26.88 32.43
CA TYR B 200 11.18 -25.97 33.14
C TYR B 200 9.86 -26.64 33.52
N PHE B 201 9.98 -27.68 34.34
CA PHE B 201 8.82 -28.48 34.75
C PHE B 201 7.74 -27.62 35.39
N LYS B 202 6.54 -27.67 34.82
CA LYS B 202 5.39 -26.93 35.32
C LYS B 202 4.39 -27.91 35.93
N ILE B 203 3.81 -27.53 37.07
CA ILE B 203 2.80 -28.33 37.75
C ILE B 203 1.60 -27.44 38.04
N TYR B 204 0.42 -27.91 37.63
CA TYR B 204 -0.83 -27.15 37.89
C TYR B 204 -1.76 -28.04 38.72
N SER B 205 -2.57 -27.43 39.59
CA SER B 205 -3.47 -28.20 40.45
C SER B 205 -4.65 -27.33 40.85
N LYS B 206 -5.68 -28.00 41.35
CA LYS B 206 -6.88 -27.35 41.86
C LYS B 206 -7.72 -28.34 42.66
N HIS B 207 -8.19 -27.94 43.83
CA HIS B 207 -9.01 -28.79 44.68
C HIS B 207 -10.43 -28.26 44.72
N THR B 208 -11.39 -29.12 44.36
CA THR B 208 -12.82 -28.73 44.39
C THR B 208 -13.61 -29.87 45.04
N PRO B 209 -14.60 -29.61 45.92
CA PRO B 209 -15.42 -30.68 46.50
C PRO B 209 -16.26 -31.38 45.42
N ILE B 210 -16.70 -32.62 45.70
CA ILE B 210 -17.54 -33.38 44.72
C ILE B 210 -18.78 -32.56 44.38
N ILE B 211 -19.21 -32.60 43.11
CA ILE B 211 -20.57 -32.14 42.72
C ILE B 211 -21.36 -33.32 42.15
N GLY B 212 -21.48 -34.41 42.91
CA GLY B 212 -22.20 -35.57 42.47
C GLY B 212 -21.34 -36.77 42.23
N ARG B 213 -20.40 -36.68 41.29
CA ARG B 213 -19.65 -37.89 40.98
C ARG B 213 -18.36 -37.68 40.21
N ASP B 214 -17.84 -38.76 39.65
CA ASP B 214 -16.55 -38.71 38.96
C ASP B 214 -16.40 -37.77 37.78
N PHE B 215 -15.17 -37.35 37.51
CA PHE B 215 -14.91 -36.49 36.38
C PHE B 215 -16.08 -35.59 36.20
N PRO B 216 -16.47 -34.87 37.28
CA PRO B 216 -17.68 -34.07 37.08
C PRO B 216 -17.48 -33.27 35.83
N GLN B 217 -18.54 -32.68 35.33
CA GLN B 217 -18.41 -32.05 34.02
C GLN B 217 -18.35 -30.53 34.11
N GLY B 218 -18.53 -29.95 35.28
CA GLY B 218 -18.43 -28.52 35.42
C GLY B 218 -17.02 -28.02 35.22
N PHE B 219 -16.91 -26.78 34.74
CA PHE B 219 -15.61 -26.19 34.46
C PHE B 219 -14.84 -25.91 35.74
N SER B 220 -13.53 -25.94 35.64
CA SER B 220 -12.66 -25.68 36.80
C SER B 220 -11.29 -25.28 36.30
N ALA B 221 -10.81 -24.12 36.71
CA ALA B 221 -9.48 -23.68 36.35
C ALA B 221 -8.43 -24.46 37.12
N LEU B 222 -7.18 -24.40 36.65
CA LEU B 222 -6.06 -25.12 37.32
C LEU B 222 -4.93 -24.13 37.56
N GLU B 223 -4.54 -23.90 38.83
CA GLU B 223 -3.50 -22.92 39.09
C GLU B 223 -2.14 -23.60 39.22
N PRO B 224 -1.07 -22.92 38.78
CA PRO B 224 0.28 -23.44 39.00
C PRO B 224 0.66 -23.41 40.47
N LEU B 225 1.51 -24.36 40.86
CA LEU B 225 2.05 -24.41 42.22
C LEU B 225 3.56 -24.25 42.23
N VAL B 226 4.27 -25.09 41.47
CA VAL B 226 5.73 -25.04 41.45
C VAL B 226 6.20 -25.17 40.00
N ASP B 227 7.19 -24.35 39.66
CA ASP B 227 7.79 -24.35 38.33
C ASP B 227 9.29 -24.48 38.49
N LEU B 228 9.77 -25.72 38.61
CA LEU B 228 11.23 -25.94 38.81
C LEU B 228 11.85 -26.47 37.52
N PRO B 229 12.93 -25.84 37.00
CA PRO B 229 13.53 -26.26 35.73
C PRO B 229 14.36 -27.55 35.86
N ILE B 230 13.70 -28.70 35.79
CA ILE B 230 14.40 -30.01 35.89
C ILE B 230 15.36 -30.14 34.71
N GLY B 231 14.85 -29.96 33.48
CA GLY B 231 15.68 -30.06 32.28
C GLY B 231 16.21 -31.45 31.97
N ILE B 232 15.30 -32.43 32.14
CA ILE B 232 15.54 -33.86 31.82
C ILE B 232 14.38 -34.36 30.95
N ASN B 233 14.69 -35.18 29.95
CA ASN B 233 13.69 -36.02 29.26
C ASN B 233 12.79 -36.62 30.33
N ILE B 234 11.47 -36.50 30.16
CA ILE B 234 10.55 -37.46 30.82
C ILE B 234 9.73 -38.19 29.75
N THR B 235 9.74 -39.53 29.76
CA THR B 235 8.95 -40.32 28.77
C THR B 235 8.11 -41.42 29.46
N ARG B 236 8.56 -42.07 30.54
CA ARG B 236 7.65 -42.90 31.31
C ARG B 236 7.03 -42.09 32.45
N PHE B 237 6.02 -42.67 33.09
CA PHE B 237 5.27 -42.01 34.13
C PHE B 237 4.62 -43.06 35.02
N GLN B 238 4.77 -42.90 36.33
CA GLN B 238 4.29 -43.86 37.31
C GLN B 238 3.85 -43.13 38.56
N THR B 239 3.14 -43.85 39.44
CA THR B 239 2.56 -43.26 40.63
C THR B 239 2.85 -44.15 41.83
N LEU B 240 2.81 -43.54 43.02
CA LEU B 240 2.98 -44.24 44.28
C LEU B 240 1.62 -44.48 44.93
N LEU B 241 1.62 -45.34 45.95
CA LEU B 241 0.41 -45.64 46.70
C LEU B 241 0.67 -45.49 48.19
N ALA B 242 -0.29 -45.89 49.02
CA ALA B 242 -0.18 -45.73 50.46
C ALA B 242 -0.52 -47.06 51.13
N LEU B 243 -0.69 -47.07 52.46
CA LEU B 243 -0.72 -48.37 53.18
C LEU B 243 -1.35 -48.21 54.57
N ASN B 244 -0.56 -48.44 55.62
CA ASN B 244 -1.05 -48.67 57.00
C ASN B 244 -1.90 -49.94 57.05
N ARG B 245 -3.21 -49.77 57.23
CA ARG B 245 -4.19 -50.89 57.36
C ARG B 245 -5.41 -50.61 56.48
N ALA B 262 -11.66 -45.76 41.22
CA ALA B 262 -12.23 -44.67 42.00
C ALA B 262 -11.26 -43.50 42.10
N ASP B 263 -10.21 -43.55 41.27
CA ASP B 263 -9.15 -42.55 41.27
C ASP B 263 -8.33 -42.77 40.00
N TYR B 264 -7.16 -42.14 39.94
CA TYR B 264 -6.17 -42.42 38.90
C TYR B 264 -6.63 -41.96 37.52
N TYR B 265 -7.51 -40.96 37.48
CA TYR B 265 -7.97 -40.42 36.20
C TYR B 265 -6.81 -39.78 35.44
N VAL B 266 -6.46 -40.35 34.29
CA VAL B 266 -5.30 -39.91 33.52
C VAL B 266 -5.74 -39.55 32.11
N GLY B 267 -5.29 -38.40 31.64
CA GLY B 267 -5.50 -38.01 30.26
C GLY B 267 -4.23 -37.41 29.70
N TYR B 268 -4.14 -37.41 28.38
CA TYR B 268 -2.95 -36.93 27.68
C TYR B 268 -3.27 -35.66 26.91
N LEU B 269 -2.47 -34.63 27.18
CA LEU B 269 -2.68 -33.32 26.53
C LEU B 269 -2.09 -33.33 25.12
N GLN B 270 -2.55 -32.41 24.28
CA GLN B 270 -2.08 -32.27 22.91
C GLN B 270 -1.97 -30.80 22.58
N PRO B 271 -1.18 -30.42 21.58
CA PRO B 271 -1.14 -29.01 21.17
C PRO B 271 -2.43 -28.60 20.47
N ARG B 272 -3.19 -27.72 21.10
CA ARG B 272 -4.44 -27.23 20.53
C ARG B 272 -4.54 -25.73 20.76
N THR B 273 -5.38 -25.08 19.95
CA THR B 273 -5.71 -23.67 20.12
C THR B 273 -6.98 -23.59 20.96
N PHE B 274 -6.95 -22.76 22.00
CA PHE B 274 -8.09 -22.59 22.87
C PHE B 274 -8.46 -21.12 22.96
N LEU B 275 -9.74 -20.86 23.16
CA LEU B 275 -10.24 -19.51 23.41
C LEU B 275 -10.90 -19.51 24.78
N LEU B 276 -10.38 -18.70 25.70
CA LEU B 276 -10.74 -18.78 27.11
C LEU B 276 -11.47 -17.50 27.54
N LYS B 277 -12.60 -17.68 28.22
CA LYS B 277 -13.41 -16.57 28.70
C LYS B 277 -12.96 -16.23 30.12
N TYR B 278 -12.49 -15.00 30.30
CA TYR B 278 -11.98 -14.53 31.58
C TYR B 278 -13.07 -13.75 32.29
N ASN B 279 -13.14 -13.87 33.62
CA ASN B 279 -14.18 -13.12 34.37
C ASN B 279 -13.55 -11.86 34.95
N GLU B 280 -14.38 -10.98 35.50
CA GLU B 280 -13.94 -9.62 35.87
C GLU B 280 -12.86 -9.68 36.94
N ASN B 281 -12.82 -10.76 37.72
CA ASN B 281 -11.86 -10.90 38.83
C ASN B 281 -10.64 -11.71 38.39
N GLY B 282 -10.47 -11.91 37.10
CA GLY B 282 -9.20 -12.48 36.59
C GLY B 282 -9.22 -13.98 36.42
N THR B 283 -10.42 -14.59 36.42
CA THR B 283 -10.72 -16.03 36.66
C THR B 283 -11.33 -16.67 35.42
N ILE B 284 -11.03 -17.94 35.14
CA ILE B 284 -11.51 -18.57 33.87
C ILE B 284 -12.92 -19.13 34.10
N THR B 285 -13.92 -18.53 33.44
CA THR B 285 -15.30 -18.99 33.60
C THR B 285 -15.64 -20.09 32.59
N ASP B 286 -15.22 -19.93 31.34
CA ASP B 286 -15.52 -20.91 30.31
C ASP B 286 -14.40 -20.90 29.27
N ALA B 287 -14.20 -22.06 28.65
CA ALA B 287 -13.23 -22.19 27.57
C ALA B 287 -13.83 -23.07 26.49
N VAL B 288 -13.42 -22.81 25.25
CA VAL B 288 -13.92 -23.56 24.11
C VAL B 288 -12.74 -24.00 23.26
N ASP B 289 -12.76 -25.29 22.86
CA ASP B 289 -11.69 -25.82 21.97
C ASP B 289 -11.97 -25.35 20.55
N CYS B 290 -10.93 -25.01 19.79
CA CYS B 290 -11.15 -24.44 18.42
C CYS B 290 -11.03 -25.54 17.36
N ALA B 291 -10.59 -26.74 17.77
CA ALA B 291 -10.50 -27.88 16.82
C ALA B 291 -11.51 -28.95 17.24
N LEU B 292 -12.66 -28.54 17.75
CA LEU B 292 -13.68 -29.51 18.25
C LEU B 292 -14.82 -29.64 17.24
N ASP B 293 -15.75 -28.69 17.21
CA ASP B 293 -16.93 -28.78 16.30
C ASP B 293 -16.93 -27.59 15.34
N PRO B 294 -17.66 -27.64 14.20
CA PRO B 294 -17.76 -26.47 13.32
C PRO B 294 -18.19 -25.21 14.05
N LEU B 295 -19.13 -25.36 14.98
CA LEU B 295 -19.54 -24.22 15.80
C LEU B 295 -18.37 -23.72 16.63
N SER B 296 -17.57 -24.64 17.17
CA SER B 296 -16.41 -24.24 17.96
C SER B 296 -15.42 -23.45 17.12
N GLU B 297 -15.17 -23.90 15.89
CA GLU B 297 -14.21 -23.20 15.05
C GLU B 297 -14.73 -21.83 14.64
N THR B 298 -16.05 -21.74 14.44
CA THR B 298 -16.67 -20.44 14.06
C THR B 298 -16.51 -19.43 15.20
N LYS B 299 -16.99 -19.80 16.40
CA LYS B 299 -16.90 -18.88 17.57
C LYS B 299 -15.43 -18.49 17.78
N CYS B 300 -14.52 -19.46 17.64
CA CYS B 300 -13.07 -19.18 17.83
C CYS B 300 -12.60 -18.17 16.79
N THR B 301 -13.07 -18.30 15.55
CA THR B 301 -12.63 -17.38 14.45
C THR B 301 -12.99 -15.94 14.82
N LEU B 302 -14.23 -15.70 15.27
CA LEU B 302 -14.66 -14.32 15.59
C LEU B 302 -14.38 -14.03 17.07
N LYS B 303 -13.75 -14.96 17.78
CA LYS B 303 -13.38 -14.73 19.20
C LYS B 303 -14.56 -14.17 19.98
N SER B 304 -15.70 -14.87 19.97
CA SER B 304 -16.89 -14.42 20.75
C SER B 304 -17.74 -15.65 21.11
N PHE B 305 -18.21 -15.73 22.36
CA PHE B 305 -18.99 -16.89 22.77
C PHE B 305 -20.35 -16.93 22.12
N THR B 306 -20.76 -15.81 21.50
CA THR B 306 -22.10 -15.74 20.85
C THR B 306 -21.93 -15.53 19.35
N VAL B 307 -22.34 -16.52 18.55
CA VAL B 307 -22.29 -16.38 17.06
C VAL B 307 -23.69 -16.04 16.56
N GLU B 308 -23.88 -14.83 16.00
CA GLU B 308 -25.17 -14.47 15.47
C GLU B 308 -25.48 -15.28 14.21
N LYS B 309 -26.76 -15.33 13.87
CA LYS B 309 -27.20 -16.12 12.72
C LYS B 309 -26.54 -15.62 11.45
N GLY B 310 -25.98 -16.53 10.68
CA GLY B 310 -25.28 -16.18 9.47
C GLY B 310 -24.37 -17.31 9.01
N ILE B 311 -23.56 -17.01 8.00
CA ILE B 311 -22.56 -17.92 7.47
C ILE B 311 -21.20 -17.27 7.63
N TYR B 312 -20.25 -18.01 8.19
CA TYR B 312 -18.91 -17.42 8.48
C TYR B 312 -17.79 -18.30 7.93
N GLN B 313 -16.96 -17.75 7.05
CA GLN B 313 -15.82 -18.46 6.47
C GLN B 313 -14.73 -18.54 7.53
N THR B 314 -14.38 -19.75 7.95
CA THR B 314 -13.54 -19.94 9.13
C THR B 314 -12.13 -20.41 8.77
N SER B 315 -11.99 -21.30 7.81
CA SER B 315 -10.69 -21.91 7.53
C SER B 315 -10.72 -22.49 6.12
N ASN B 316 -9.77 -23.39 5.83
CA ASN B 316 -9.74 -24.05 4.50
C ASN B 316 -9.47 -25.54 4.70
N PHE B 317 -9.82 -26.37 3.72
CA PHE B 317 -9.66 -27.85 3.91
C PHE B 317 -8.77 -28.43 2.80
N ARG B 318 -7.70 -29.12 3.19
CA ARG B 318 -6.83 -29.78 2.22
C ARG B 318 -6.63 -31.22 2.64
N VAL B 319 -6.57 -32.11 1.64
CA VAL B 319 -6.41 -33.56 1.91
C VAL B 319 -4.92 -33.85 2.11
N GLN B 320 -4.51 -34.15 3.34
CA GLN B 320 -3.11 -34.48 3.60
C GLN B 320 -2.74 -35.77 2.87
N PRO B 321 -1.51 -35.87 2.38
CA PRO B 321 -1.12 -37.04 1.58
C PRO B 321 -1.11 -38.31 2.42
N THR B 322 -1.32 -39.44 1.74
CA THR B 322 -1.24 -40.72 2.42
C THR B 322 0.19 -41.23 2.46
N GLU B 323 0.62 -41.48 1.20
CA GLU B 323 1.97 -42.03 0.90
C GLU B 323 2.68 -41.10 -0.08
N SER B 324 3.92 -41.42 -0.45
CA SER B 324 4.71 -40.50 -1.29
C SER B 324 5.61 -41.22 -2.28
N ILE B 325 5.34 -41.13 -3.59
CA ILE B 325 6.25 -41.72 -4.62
C ILE B 325 7.37 -40.71 -4.87
N VAL B 326 8.58 -41.11 -4.50
CA VAL B 326 9.84 -40.45 -4.93
C VAL B 326 10.51 -41.39 -5.93
N ARG B 327 10.56 -40.97 -7.19
CA ARG B 327 11.30 -41.78 -8.19
C ARG B 327 12.31 -40.86 -8.90
N PHE B 328 13.53 -41.34 -9.12
CA PHE B 328 14.59 -40.57 -9.84
C PHE B 328 14.84 -41.23 -11.20
N PRO B 329 15.89 -40.87 -12.00
CA PRO B 329 16.22 -41.57 -13.26
C PRO B 329 16.61 -43.05 -13.03
N ASN B 330 17.21 -43.73 -14.02
CA ASN B 330 17.46 -45.17 -13.76
C ASN B 330 18.94 -45.52 -13.76
N VAL B 331 19.74 -44.76 -13.01
CA VAL B 331 21.22 -44.93 -12.95
C VAL B 331 21.60 -45.45 -11.58
N THR B 332 22.83 -45.91 -11.42
CA THR B 332 23.27 -46.41 -10.12
C THR B 332 24.77 -46.26 -9.93
N ASN B 333 25.50 -46.06 -11.02
CA ASN B 333 26.97 -46.04 -10.97
C ASN B 333 27.48 -44.98 -10.00
N LEU B 334 28.44 -45.36 -9.16
CA LEU B 334 28.93 -44.47 -8.11
C LEU B 334 29.83 -43.39 -8.69
N CYS B 335 29.72 -42.19 -8.15
CA CYS B 335 30.53 -41.06 -8.59
C CYS B 335 31.96 -41.18 -8.07
N PRO B 336 32.91 -40.58 -8.79
CA PRO B 336 34.33 -40.78 -8.45
C PRO B 336 34.88 -39.90 -7.34
N PHE B 337 34.06 -39.33 -6.43
CA PHE B 337 34.61 -38.55 -5.34
C PHE B 337 35.78 -39.26 -4.65
N HIS B 338 35.76 -40.59 -4.64
CA HIS B 338 36.93 -41.35 -4.20
C HIS B 338 38.16 -40.89 -4.97
N GLU B 339 38.16 -40.90 -6.29
CA GLU B 339 39.37 -40.30 -6.88
C GLU B 339 39.60 -38.91 -6.25
N VAL B 340 38.61 -38.03 -6.37
CA VAL B 340 38.86 -36.58 -6.11
C VAL B 340 39.49 -36.47 -4.72
N PHE B 341 39.35 -37.50 -3.91
CA PHE B 341 39.86 -37.41 -2.55
C PHE B 341 40.99 -38.39 -2.28
N ASN B 342 40.98 -39.51 -3.01
CA ASN B 342 42.08 -40.50 -2.97
C ASN B 342 42.96 -40.22 -4.19
N ALA B 343 43.33 -38.94 -4.34
CA ALA B 343 44.48 -38.48 -5.15
C ALA B 343 45.59 -38.05 -4.19
N THR B 344 46.70 -37.58 -4.74
CA THR B 344 47.81 -37.08 -3.89
C THR B 344 48.19 -35.68 -4.37
N ARG B 345 48.50 -35.65 -5.67
CA ARG B 345 48.83 -34.40 -6.40
C ARG B 345 47.50 -33.68 -6.64
N PHE B 346 47.02 -33.03 -5.59
CA PHE B 346 46.11 -31.90 -5.69
C PHE B 346 46.89 -30.66 -6.10
N ALA B 347 46.78 -30.30 -7.37
CA ALA B 347 47.05 -28.96 -7.94
C ALA B 347 47.51 -27.91 -6.92
N SER B 348 48.43 -27.03 -7.29
CA SER B 348 48.56 -25.80 -6.54
C SER B 348 47.44 -24.83 -6.92
N VAL B 349 47.19 -23.87 -6.04
CA VAL B 349 46.08 -22.95 -6.21
C VAL B 349 46.23 -22.08 -7.46
N TYR B 350 47.47 -21.82 -7.89
CA TYR B 350 47.65 -21.02 -9.10
C TYR B 350 47.06 -21.72 -10.32
N ALA B 351 47.01 -23.04 -10.31
CA ALA B 351 46.36 -23.83 -11.36
C ALA B 351 45.45 -24.84 -10.66
N TRP B 352 44.23 -24.41 -10.35
CA TRP B 352 43.30 -25.26 -9.61
C TRP B 352 42.73 -26.32 -10.56
N ASN B 353 43.05 -27.58 -10.29
CA ASN B 353 42.49 -28.67 -11.15
C ASN B 353 41.01 -28.77 -10.89
N ARG B 354 40.28 -28.91 -11.97
CA ARG B 354 38.82 -28.92 -11.93
C ARG B 354 38.31 -30.16 -12.66
N THR B 355 37.67 -31.05 -11.91
CA THR B 355 37.01 -32.21 -12.53
C THR B 355 35.53 -31.92 -12.73
N ARG B 356 34.90 -32.70 -13.59
CA ARG B 356 33.46 -32.68 -13.80
C ARG B 356 32.86 -34.00 -13.36
N ILE B 357 31.80 -33.92 -12.57
CA ILE B 357 31.11 -35.10 -12.03
C ILE B 357 29.74 -35.16 -12.67
N SER B 358 29.48 -36.20 -13.45
CA SER B 358 28.19 -36.34 -14.12
C SER B 358 27.88 -37.81 -14.36
N ASN B 359 26.60 -38.08 -14.60
CA ASN B 359 26.11 -39.41 -14.96
C ASN B 359 26.50 -40.44 -13.90
N CYS B 360 26.02 -40.20 -12.69
CA CYS B 360 26.37 -41.02 -11.54
C CYS B 360 25.44 -40.68 -10.39
N VAL B 361 25.61 -41.40 -9.28
CA VAL B 361 24.78 -41.26 -8.10
C VAL B 361 25.67 -40.86 -6.94
N ALA B 362 25.33 -39.76 -6.27
CA ALA B 362 26.19 -39.15 -5.26
C ALA B 362 25.68 -39.50 -3.87
N ASP B 363 26.49 -40.22 -3.11
CA ASP B 363 26.25 -40.49 -1.70
C ASP B 363 27.47 -39.99 -0.94
N TYR B 364 27.34 -38.81 -0.34
CA TYR B 364 28.49 -38.10 0.21
C TYR B 364 29.01 -38.68 1.52
N SER B 365 28.53 -39.85 1.93
CA SER B 365 29.11 -40.52 3.09
C SER B 365 30.55 -40.93 2.82
N VAL B 366 30.87 -41.29 1.56
CA VAL B 366 32.26 -41.57 1.20
C VAL B 366 33.10 -40.31 1.34
N LEU B 367 32.58 -39.17 0.88
CA LEU B 367 33.23 -37.89 1.11
C LEU B 367 33.43 -37.60 2.59
N TYR B 368 32.49 -38.05 3.43
CA TYR B 368 32.61 -37.88 4.87
C TYR B 368 33.70 -38.74 5.48
N ASN B 369 33.75 -40.01 5.11
CA ASN B 369 34.70 -40.95 5.71
C ASN B 369 36.10 -40.90 5.11
N PHE B 370 36.25 -40.09 4.06
CA PHE B 370 37.56 -39.91 3.38
C PHE B 370 38.25 -38.66 3.91
N ALA B 371 37.68 -38.06 4.94
CA ALA B 371 38.33 -36.86 5.45
C ALA B 371 37.93 -36.50 6.87
N PRO B 372 38.89 -36.38 7.78
CA PRO B 372 38.61 -35.80 9.10
C PRO B 372 38.39 -34.30 8.97
N PHE B 373 37.15 -33.91 8.69
CA PHE B 373 36.84 -32.58 8.19
C PHE B 373 37.30 -31.50 9.17
N PHE B 374 37.76 -30.38 8.60
CA PHE B 374 38.08 -29.20 9.38
C PHE B 374 37.11 -28.05 9.13
N ALA B 375 36.52 -27.94 7.95
CA ALA B 375 35.56 -26.90 7.64
C ALA B 375 34.67 -27.37 6.50
N PHE B 376 33.37 -27.47 6.76
CA PHE B 376 32.41 -27.86 5.68
C PHE B 376 31.38 -26.74 5.50
N LYS B 377 31.80 -25.61 4.92
CA LYS B 377 30.89 -24.45 4.77
C LYS B 377 30.17 -24.52 3.41
N CYS B 378 29.11 -25.31 3.32
CA CYS B 378 28.33 -25.40 2.06
C CYS B 378 27.76 -24.02 1.71
N TYR B 379 27.99 -23.55 0.48
CA TYR B 379 27.42 -22.26 0.03
C TYR B 379 26.24 -22.54 -0.90
N GLY B 380 25.91 -23.82 -1.10
CA GLY B 380 24.81 -24.20 -2.00
C GLY B 380 23.76 -25.03 -1.29
N VAL B 381 23.94 -26.36 -1.26
CA VAL B 381 22.92 -27.26 -0.64
C VAL B 381 23.46 -27.78 0.70
N SER B 382 22.64 -27.75 1.74
CA SER B 382 23.05 -28.28 3.07
C SER B 382 23.47 -29.75 2.92
N PRO B 383 24.53 -30.24 3.63
CA PRO B 383 24.91 -31.64 3.57
C PRO B 383 23.72 -32.54 3.91
N THR B 384 22.89 -32.11 4.87
CA THR B 384 21.73 -32.92 5.28
C THR B 384 20.84 -33.21 4.07
N LYS B 385 20.62 -32.21 3.22
CA LYS B 385 19.73 -32.37 2.03
C LYS B 385 20.59 -32.55 0.78
N LEU B 386 21.90 -32.73 0.95
CA LEU B 386 22.82 -32.86 -0.22
C LEU B 386 22.46 -34.11 -1.04
N ASN B 387 22.12 -35.21 -0.36
CA ASN B 387 21.81 -36.48 -1.07
C ASN B 387 20.38 -36.44 -1.61
N ASP B 388 19.65 -35.35 -1.37
CA ASP B 388 18.23 -35.25 -1.82
C ASP B 388 18.14 -34.29 -3.01
N LEU B 389 19.28 -33.87 -3.56
CA LEU B 389 19.26 -32.86 -4.67
C LEU B 389 19.89 -33.44 -5.93
N CYS B 390 19.39 -33.04 -7.10
CA CYS B 390 19.95 -33.52 -8.39
C CYS B 390 20.69 -32.37 -9.08
N PHE B 391 21.84 -32.66 -9.69
CA PHE B 391 22.65 -31.58 -10.33
C PHE B 391 22.88 -31.92 -11.81
N THR B 392 22.64 -30.94 -12.69
CA THR B 392 22.88 -31.14 -14.14
C THR B 392 24.36 -31.47 -14.34
N ASN B 393 25.25 -30.70 -13.70
CA ASN B 393 26.71 -30.98 -13.76
C ASN B 393 27.35 -30.52 -12.44
N VAL B 394 28.40 -31.21 -12.01
CA VAL B 394 29.05 -30.85 -10.70
C VAL B 394 30.56 -30.65 -10.96
N TYR B 395 31.10 -29.52 -10.51
CA TYR B 395 32.54 -29.21 -10.76
C TYR B 395 33.34 -29.36 -9.46
N ALA B 396 34.30 -30.28 -9.44
CA ALA B 396 35.14 -30.49 -8.24
C ALA B 396 36.50 -29.80 -8.44
N ASP B 397 36.73 -28.70 -7.74
CA ASP B 397 38.00 -27.94 -7.89
C ASP B 397 38.93 -28.30 -6.72
N SER B 398 40.06 -28.94 -7.02
CA SER B 398 41.01 -29.37 -5.95
C SER B 398 42.19 -28.41 -5.87
N PHE B 399 42.42 -27.82 -4.69
CA PHE B 399 43.56 -26.88 -4.50
C PHE B 399 43.96 -26.87 -3.01
N VAL B 400 45.19 -27.29 -2.72
CA VAL B 400 45.67 -27.31 -1.30
C VAL B 400 46.00 -25.87 -0.88
N ILE B 401 45.72 -25.52 0.38
CA ILE B 401 46.02 -24.15 0.90
C ILE B 401 46.34 -24.25 2.39
N LYS B 402 46.13 -23.16 3.14
CA LYS B 402 46.37 -23.17 4.61
C LYS B 402 45.10 -22.71 5.33
N GLY B 403 45.07 -22.81 6.66
CA GLY B 403 43.86 -22.45 7.43
C GLY B 403 43.36 -21.06 7.08
N ASN B 404 44.27 -20.07 7.02
CA ASN B 404 43.87 -18.69 6.65
C ASN B 404 43.27 -18.69 5.25
N GLU B 405 43.93 -19.36 4.30
CA GLU B 405 43.45 -19.37 2.89
C GLU B 405 42.15 -20.18 2.78
N VAL B 406 41.95 -21.17 3.67
CA VAL B 406 40.66 -21.92 3.67
C VAL B 406 39.52 -20.92 3.83
N SER B 407 39.61 -20.04 4.83
CA SER B 407 38.58 -19.00 5.05
C SER B 407 38.68 -17.94 3.94
N GLN B 408 39.90 -17.69 3.45
CA GLN B 408 40.11 -16.64 2.42
C GLN B 408 39.28 -16.95 1.18
N ILE B 409 39.31 -18.20 0.71
CA ILE B 409 38.58 -18.55 -0.54
C ILE B 409 37.08 -18.64 -0.23
N ALA B 410 36.27 -17.75 -0.82
CA ALA B 410 34.81 -17.75 -0.59
C ALA B 410 34.15 -16.88 -1.66
N PRO B 411 32.82 -16.98 -1.90
CA PRO B 411 32.15 -16.21 -2.96
C PRO B 411 32.67 -14.77 -3.05
N GLY B 412 33.46 -14.47 -4.09
CA GLY B 412 33.97 -13.10 -4.30
C GLY B 412 34.53 -12.48 -3.03
N GLN B 413 35.61 -13.04 -2.50
CA GLN B 413 36.19 -12.52 -1.23
C GLN B 413 37.61 -12.01 -1.47
N THR B 414 38.13 -11.20 -0.53
CA THR B 414 39.49 -10.61 -0.69
C THR B 414 40.56 -11.69 -0.45
N GLY B 415 41.81 -11.39 -0.82
CA GLY B 415 42.91 -12.35 -0.63
C GLY B 415 43.60 -12.68 -1.94
N ASN B 416 44.93 -12.70 -1.96
CA ASN B 416 45.68 -12.92 -3.23
C ASN B 416 45.30 -14.29 -3.83
N ILE B 417 45.20 -15.32 -2.99
CA ILE B 417 44.76 -16.67 -3.48
C ILE B 417 43.34 -16.53 -4.05
N ALA B 418 42.49 -15.76 -3.38
CA ALA B 418 41.07 -15.63 -3.83
C ALA B 418 40.96 -14.61 -4.97
N ASP B 419 41.99 -13.78 -5.20
CA ASP B 419 41.86 -12.69 -6.21
C ASP B 419 42.83 -12.92 -7.38
N TYR B 420 43.81 -13.81 -7.24
CA TYR B 420 44.83 -13.98 -8.32
C TYR B 420 45.05 -15.47 -8.62
N ASN B 421 44.45 -16.37 -7.84
CA ASN B 421 44.70 -17.81 -8.03
C ASN B 421 43.38 -18.54 -8.34
N TYR B 422 42.40 -18.45 -7.44
CA TYR B 422 41.08 -19.09 -7.66
C TYR B 422 39.98 -18.20 -7.07
N LYS B 423 38.95 -17.90 -7.87
CA LYS B 423 37.88 -16.98 -7.39
C LYS B 423 36.53 -17.68 -7.40
N LEU B 424 35.77 -17.57 -6.30
CA LEU B 424 34.40 -18.16 -6.26
C LEU B 424 33.40 -17.07 -6.68
N PRO B 425 32.36 -17.38 -7.47
CA PRO B 425 31.35 -16.40 -7.84
C PRO B 425 30.61 -15.88 -6.59
N ASP B 426 30.24 -14.60 -6.57
CA ASP B 426 29.52 -14.03 -5.41
C ASP B 426 28.23 -14.82 -5.16
N ASP B 427 27.60 -15.32 -6.23
CA ASP B 427 26.37 -16.13 -6.11
C ASP B 427 26.72 -17.62 -6.14
N PHE B 428 27.89 -17.98 -5.59
CA PHE B 428 28.32 -19.40 -5.59
C PHE B 428 27.26 -20.28 -4.93
N THR B 429 26.89 -21.40 -5.57
CA THR B 429 25.88 -22.32 -5.00
C THR B 429 26.46 -23.73 -4.97
N GLY B 430 27.39 -24.00 -4.05
CA GLY B 430 27.98 -25.34 -3.91
C GLY B 430 28.64 -25.50 -2.55
N CYS B 431 29.11 -26.71 -2.23
CA CYS B 431 29.70 -26.96 -0.89
C CYS B 431 31.23 -26.85 -0.95
N VAL B 432 31.85 -26.20 0.04
CA VAL B 432 33.35 -26.16 0.09
C VAL B 432 33.81 -27.24 1.06
N ILE B 433 34.88 -27.95 0.73
CA ILE B 433 35.35 -29.05 1.57
C ILE B 433 36.81 -28.81 1.91
N ALA B 434 37.15 -28.93 3.19
CA ALA B 434 38.49 -28.64 3.67
C ALA B 434 38.86 -29.61 4.77
N TRP B 435 39.91 -30.38 4.56
CA TRP B 435 40.42 -31.27 5.59
C TRP B 435 41.94 -31.17 5.65
N ASN B 436 42.46 -31.34 6.86
CA ASN B 436 43.88 -31.15 7.11
C ASN B 436 44.69 -32.30 6.50
N SER B 437 45.76 -31.94 5.79
CA SER B 437 46.64 -32.92 5.15
C SER B 437 48.08 -32.55 5.45
N ASN B 438 48.58 -33.01 6.60
CA ASN B 438 49.99 -32.87 6.94
C ASN B 438 50.78 -34.13 6.64
N LYS B 439 50.13 -35.17 6.12
CA LYS B 439 50.79 -36.44 5.85
C LYS B 439 51.15 -36.63 4.38
N LEU B 440 50.53 -35.86 3.48
CA LEU B 440 50.83 -35.97 2.06
C LEU B 440 51.55 -34.74 1.51
N ASP B 441 51.55 -33.62 2.23
CA ASP B 441 52.19 -32.39 1.79
C ASP B 441 53.30 -31.99 2.75
N SER B 442 54.04 -32.97 3.26
CA SER B 442 55.11 -32.66 4.20
C SER B 442 56.11 -33.82 4.23
N LYS B 443 57.36 -33.48 4.50
CA LYS B 443 58.42 -34.47 4.67
C LYS B 443 59.59 -33.80 5.37
N HIS B 444 60.50 -34.63 5.88
CA HIS B 444 61.72 -34.10 6.46
C HIS B 444 62.54 -33.37 5.40
N SER B 445 63.24 -32.33 5.83
CA SER B 445 63.99 -31.39 5.01
C SER B 445 63.08 -30.48 4.18
N GLY B 446 61.76 -30.59 4.35
CA GLY B 446 60.83 -29.66 3.73
C GLY B 446 60.37 -30.08 2.35
N ASN B 447 59.33 -29.42 1.88
CA ASN B 447 58.80 -29.63 0.54
C ASN B 447 58.17 -28.34 0.04
N TYR B 448 58.71 -27.82 -1.07
CA TYR B 448 58.26 -26.54 -1.61
C TYR B 448 57.59 -26.73 -2.97
N ASP B 449 56.86 -27.84 -3.14
CA ASP B 449 56.35 -28.19 -4.46
C ASP B 449 55.24 -27.25 -4.91
N TYR B 450 54.39 -26.82 -3.97
CA TYR B 450 53.18 -26.10 -4.34
C TYR B 450 53.48 -24.65 -4.67
N TRP B 451 52.46 -23.93 -5.13
CA TRP B 451 52.65 -22.61 -5.71
C TRP B 451 51.39 -21.79 -5.44
N TYR B 452 51.54 -20.47 -5.56
CA TYR B 452 50.40 -19.56 -5.43
C TYR B 452 50.84 -18.20 -5.93
N ARG B 453 49.86 -17.40 -6.38
CA ARG B 453 50.12 -16.14 -7.07
C ARG B 453 49.77 -14.98 -6.15
N SER B 454 50.68 -14.03 -6.03
CA SER B 454 50.43 -12.78 -5.34
C SER B 454 50.43 -11.56 -6.25
N PHE B 455 50.92 -11.72 -7.48
CA PHE B 455 51.15 -10.58 -8.37
C PHE B 455 50.37 -10.82 -9.66
N ARG B 456 49.25 -10.13 -9.81
CA ARG B 456 48.46 -10.18 -11.03
C ARG B 456 48.12 -8.75 -11.45
N LYS B 457 47.96 -8.57 -12.77
CA LYS B 457 47.68 -7.24 -13.28
C LYS B 457 46.29 -6.75 -12.87
N SER B 458 45.36 -7.67 -12.63
CA SER B 458 44.00 -7.30 -12.22
C SER B 458 43.44 -8.39 -11.32
N LYS B 459 42.16 -8.25 -10.99
CA LYS B 459 41.47 -9.24 -10.18
C LYS B 459 41.14 -10.48 -10.99
N LEU B 460 40.73 -11.53 -10.29
CA LEU B 460 40.40 -12.80 -10.92
C LEU B 460 38.88 -12.90 -11.08
N LYS B 461 38.43 -13.10 -12.31
CA LYS B 461 37.02 -13.33 -12.55
C LYS B 461 36.62 -14.70 -12.01
N PRO B 462 35.36 -14.87 -11.60
CA PRO B 462 34.93 -16.14 -11.02
C PRO B 462 35.15 -17.31 -11.96
N PHE B 463 35.70 -18.40 -11.40
CA PHE B 463 35.95 -19.64 -12.14
C PHE B 463 36.76 -19.38 -13.41
N GLU B 464 37.87 -18.70 -13.24
CA GLU B 464 38.75 -18.36 -14.35
C GLU B 464 40.19 -18.59 -13.93
N ARG B 465 40.93 -19.35 -14.73
CA ARG B 465 42.30 -19.71 -14.41
C ARG B 465 43.26 -18.75 -15.09
N ASP B 466 44.38 -18.48 -14.41
CA ASP B 466 45.37 -17.52 -14.90
C ASP B 466 46.76 -18.11 -14.81
N ILE B 467 46.93 -19.33 -15.31
CA ILE B 467 48.25 -19.95 -15.31
C ILE B 467 49.13 -19.20 -16.31
N SER B 468 50.20 -18.59 -15.81
CA SER B 468 51.13 -17.82 -16.61
C SER B 468 52.29 -17.40 -15.71
N THR B 469 53.46 -17.21 -16.33
CA THR B 469 54.66 -16.77 -15.62
C THR B 469 55.12 -15.46 -16.26
N GLU B 470 54.55 -14.35 -15.80
CA GLU B 470 54.92 -13.03 -16.28
C GLU B 470 55.30 -12.16 -15.10
N ILE B 471 56.48 -11.54 -15.17
CA ILE B 471 56.98 -10.75 -14.06
C ILE B 471 56.15 -9.48 -13.93
N TYR B 472 55.73 -9.18 -12.70
CA TYR B 472 54.91 -8.01 -12.46
C TYR B 472 55.72 -6.74 -12.74
N GLN B 473 55.09 -5.78 -13.41
CA GLN B 473 55.74 -4.50 -13.69
C GLN B 473 55.68 -3.60 -12.47
N ALA B 474 56.79 -2.91 -12.20
CA ALA B 474 56.83 -1.92 -11.13
C ALA B 474 57.42 -0.63 -11.69
N GLY B 475 56.79 0.48 -11.33
CA GLY B 475 57.17 1.76 -11.90
C GLY B 475 56.73 1.88 -13.35
N ASN B 476 57.71 1.99 -14.26
CA ASN B 476 57.42 2.06 -15.69
C ASN B 476 58.42 1.26 -16.51
N LYS B 477 59.10 0.29 -15.90
CA LYS B 477 60.15 -0.45 -16.58
C LYS B 477 59.56 -1.67 -17.29
N PRO B 478 59.89 -1.89 -18.56
CA PRO B 478 59.44 -3.12 -19.24
C PRO B 478 60.26 -4.34 -18.83
N CYS B 479 60.99 -4.20 -17.72
CA CYS B 479 61.86 -5.23 -17.15
C CYS B 479 61.24 -6.62 -17.22
N LYS B 480 62.06 -7.59 -17.62
CA LYS B 480 61.67 -9.00 -17.68
C LYS B 480 62.76 -9.79 -16.95
N GLY B 481 62.49 -10.14 -15.68
CA GLY B 481 63.45 -10.88 -14.89
C GLY B 481 63.15 -10.84 -13.41
N LYS B 482 63.99 -11.44 -12.59
CA LYS B 482 63.81 -11.38 -11.15
C LYS B 482 64.71 -10.32 -10.53
N GLY B 483 64.40 -9.96 -9.28
CA GLY B 483 65.18 -8.98 -8.57
C GLY B 483 64.39 -7.74 -8.23
N PRO B 484 65.04 -6.59 -8.31
CA PRO B 484 64.38 -5.34 -7.89
C PRO B 484 63.36 -4.89 -8.91
N ASN B 485 62.16 -4.56 -8.42
CA ASN B 485 60.99 -4.05 -9.15
C ASN B 485 60.64 -4.94 -10.34
N CYS B 486 61.24 -6.12 -10.45
CA CYS B 486 60.88 -7.11 -11.46
C CYS B 486 60.64 -8.41 -10.69
N TYR B 487 59.39 -8.62 -10.27
CA TYR B 487 59.08 -9.67 -9.31
C TYR B 487 58.31 -10.80 -9.99
N PHE B 488 58.67 -12.03 -9.63
CA PHE B 488 57.97 -13.19 -10.15
C PHE B 488 56.54 -13.22 -9.61
N PRO B 489 55.55 -13.47 -10.46
CA PRO B 489 54.16 -13.38 -10.01
C PRO B 489 53.81 -14.37 -8.91
N LEU B 490 54.44 -15.54 -8.95
CA LEU B 490 54.04 -16.66 -8.11
C LEU B 490 55.20 -17.10 -7.22
N GLN B 491 54.91 -17.26 -5.94
CA GLN B 491 55.88 -17.65 -4.92
C GLN B 491 55.50 -19.00 -4.33
N SER B 492 56.47 -19.62 -3.67
CA SER B 492 56.32 -20.99 -3.17
C SER B 492 55.31 -21.05 -2.04
N TYR B 493 54.60 -22.18 -1.97
CA TYR B 493 53.68 -22.49 -0.89
C TYR B 493 54.30 -23.49 0.08
N GLY B 494 55.60 -23.36 0.30
CA GLY B 494 56.42 -24.33 1.02
C GLY B 494 55.83 -24.93 2.28
N PHE B 495 55.85 -26.26 2.36
CA PHE B 495 55.20 -26.99 3.43
C PHE B 495 56.18 -27.91 4.13
N ARG B 496 56.10 -27.95 5.45
CA ARG B 496 56.90 -28.80 6.31
C ARG B 496 55.98 -29.45 7.34
N PRO B 497 56.38 -30.59 7.91
CA PRO B 497 55.52 -31.24 8.90
C PRO B 497 55.32 -30.45 10.18
N THR B 498 56.10 -29.40 10.42
CA THR B 498 56.06 -28.66 11.69
C THR B 498 55.81 -27.17 11.41
N TYR B 499 54.54 -26.81 11.27
CA TYR B 499 54.11 -25.42 11.31
C TYR B 499 52.97 -25.27 12.31
N GLY B 500 52.46 -24.05 12.42
CA GLY B 500 51.23 -23.83 13.14
C GLY B 500 50.02 -24.26 12.34
N VAL B 501 48.88 -24.36 13.03
CA VAL B 501 47.65 -24.81 12.38
C VAL B 501 47.29 -23.89 11.23
N GLY B 502 47.38 -22.58 11.46
CA GLY B 502 47.12 -21.63 10.38
C GLY B 502 48.09 -21.74 9.23
N HIS B 503 49.24 -22.38 9.46
CA HIS B 503 50.22 -22.60 8.40
C HIS B 503 50.30 -24.05 7.97
N GLN B 504 49.38 -24.91 8.42
CA GLN B 504 49.39 -26.31 8.05
C GLN B 504 48.84 -26.48 6.62
N PRO B 505 49.22 -27.56 5.94
CA PRO B 505 48.72 -27.81 4.56
C PRO B 505 47.28 -28.34 4.52
N TYR B 506 46.34 -27.41 4.55
CA TYR B 506 44.94 -27.79 4.41
C TYR B 506 44.61 -28.17 2.98
N ARG B 507 44.04 -29.35 2.80
CA ARG B 507 43.60 -29.83 1.51
C ARG B 507 42.15 -29.40 1.30
N VAL B 508 41.92 -28.54 0.31
CA VAL B 508 40.59 -27.98 0.07
C VAL B 508 40.12 -28.46 -1.29
N VAL B 509 38.89 -29.00 -1.33
CA VAL B 509 38.20 -29.24 -2.58
C VAL B 509 36.85 -28.55 -2.49
N VAL B 510 36.43 -27.92 -3.57
CA VAL B 510 35.14 -27.23 -3.62
C VAL B 510 34.23 -28.00 -4.56
N LEU B 511 32.94 -28.02 -4.26
CA LEU B 511 31.96 -28.68 -5.08
C LEU B 511 30.94 -27.66 -5.57
N SER B 512 30.93 -27.38 -6.86
CA SER B 512 30.10 -26.25 -7.33
C SER B 512 28.84 -26.74 -8.04
N PHE B 513 27.79 -26.96 -7.26
CA PHE B 513 26.54 -27.48 -7.87
C PHE B 513 25.98 -26.38 -8.77
N GLU B 514 25.03 -26.74 -9.63
CA GLU B 514 24.42 -25.76 -10.58
C GLU B 514 22.97 -25.53 -10.14
N LEU B 515 22.32 -26.62 -9.70
CA LEU B 515 20.90 -26.53 -9.25
C LEU B 515 20.09 -25.73 -10.27
N LEU B 516 20.35 -25.92 -11.57
CA LEU B 516 19.49 -25.27 -12.59
C LEU B 516 18.25 -26.14 -12.72
N HIS B 517 17.87 -26.49 -13.96
CA HIS B 517 16.74 -27.44 -14.14
C HIS B 517 16.97 -28.24 -15.43
N ALA B 518 18.12 -28.05 -16.08
CA ALA B 518 18.41 -28.80 -17.31
C ALA B 518 18.40 -30.29 -16.97
N PRO B 519 18.21 -31.22 -17.92
CA PRO B 519 18.11 -32.63 -17.57
C PRO B 519 19.22 -32.94 -16.56
N ALA B 520 18.85 -33.53 -15.42
CA ALA B 520 19.83 -33.80 -14.34
C ALA B 520 20.69 -35.03 -14.66
N THR B 521 21.87 -35.12 -14.06
CA THR B 521 22.79 -36.26 -14.27
C THR B 521 23.29 -36.73 -12.89
N VAL B 522 23.88 -35.84 -12.10
CA VAL B 522 24.28 -36.29 -10.73
C VAL B 522 23.08 -36.17 -9.77
N CYS B 523 22.32 -37.24 -9.61
CA CYS B 523 21.20 -37.25 -8.63
C CYS B 523 21.71 -38.02 -7.41
N GLY B 524 21.39 -37.58 -6.19
CA GLY B 524 21.82 -38.40 -5.03
C GLY B 524 21.03 -39.70 -4.91
N PRO B 525 21.20 -40.52 -3.86
CA PRO B 525 20.52 -41.83 -3.79
C PRO B 525 18.99 -41.72 -3.73
N LYS B 526 18.37 -41.99 -2.58
CA LYS B 526 16.91 -41.76 -2.36
C LYS B 526 16.01 -42.94 -2.74
N LYS B 527 16.44 -43.88 -3.60
CA LYS B 527 15.59 -45.09 -3.87
C LYS B 527 14.30 -44.74 -4.60
N SER B 528 14.09 -45.34 -5.77
CA SER B 528 12.88 -45.02 -6.56
C SER B 528 11.67 -45.83 -6.10
N THR B 529 10.64 -45.17 -5.60
CA THR B 529 9.37 -45.89 -5.27
C THR B 529 8.58 -46.01 -6.57
N ASN B 530 7.46 -46.73 -6.59
CA ASN B 530 6.77 -46.92 -7.88
C ASN B 530 5.82 -45.74 -8.12
N LEU B 531 4.93 -45.85 -9.10
CA LEU B 531 4.04 -44.72 -9.45
C LEU B 531 2.68 -44.93 -8.78
N VAL B 532 1.84 -43.90 -8.72
CA VAL B 532 0.45 -44.04 -8.19
C VAL B 532 -0.39 -43.08 -8.99
N LYS B 533 -0.70 -43.43 -10.22
CA LYS B 533 -1.37 -42.46 -11.13
C LYS B 533 -2.85 -42.26 -10.84
N ASN B 534 -3.19 -41.57 -9.75
CA ASN B 534 -4.61 -41.19 -9.52
C ASN B 534 -4.82 -40.82 -8.05
N LYS B 535 -3.78 -40.89 -7.23
CA LYS B 535 -3.91 -40.60 -5.78
C LYS B 535 -2.92 -39.51 -5.40
N CYS B 536 -3.42 -38.49 -4.70
CA CYS B 536 -2.59 -37.35 -4.22
C CYS B 536 -1.34 -37.91 -3.53
N VAL B 537 -0.19 -37.31 -3.81
CA VAL B 537 1.07 -37.86 -3.30
C VAL B 537 2.11 -36.75 -3.19
N ASN B 538 2.89 -36.79 -2.12
CA ASN B 538 4.07 -35.94 -2.01
C ASN B 538 5.16 -36.51 -2.92
N PHE B 539 5.63 -35.73 -3.87
CA PHE B 539 6.64 -36.20 -4.81
C PHE B 539 7.94 -35.44 -4.64
N ASN B 540 9.05 -36.12 -4.94
CA ASN B 540 10.39 -35.55 -4.89
C ASN B 540 11.12 -35.85 -6.19
N PHE B 541 10.47 -35.55 -7.31
CA PHE B 541 10.98 -35.92 -8.62
C PHE B 541 12.26 -35.17 -8.96
N ASN B 542 13.40 -35.85 -8.87
CA ASN B 542 14.71 -35.23 -9.24
C ASN B 542 14.88 -33.92 -8.48
N GLY B 543 14.91 -33.99 -7.15
CA GLY B 543 15.12 -32.79 -6.31
C GLY B 543 13.88 -31.91 -6.26
N LEU B 544 13.06 -31.92 -7.31
CA LEU B 544 11.89 -31.06 -7.35
C LEU B 544 10.83 -31.64 -6.42
N THR B 545 10.68 -31.04 -5.24
CA THR B 545 9.69 -31.50 -4.29
C THR B 545 8.37 -30.79 -4.51
N GLY B 546 7.29 -31.47 -4.15
CA GLY B 546 5.97 -30.88 -4.26
C GLY B 546 4.91 -31.92 -3.97
N THR B 547 3.63 -31.49 -4.04
CA THR B 547 2.51 -32.43 -3.73
C THR B 547 1.41 -32.27 -4.78
N GLY B 548 1.02 -33.37 -5.43
CA GLY B 548 -0.02 -33.29 -6.48
C GLY B 548 -0.49 -34.67 -6.93
N VAL B 549 -1.50 -34.73 -7.81
CA VAL B 549 -2.03 -36.02 -8.32
C VAL B 549 -1.49 -36.23 -9.74
N LEU B 550 -1.02 -37.44 -10.06
CA LEU B 550 -0.43 -37.68 -11.39
C LEU B 550 -1.42 -38.48 -12.25
N THR B 551 -1.73 -38.03 -13.45
CA THR B 551 -2.61 -38.79 -14.37
C THR B 551 -1.97 -38.88 -15.75
N LYS B 552 -2.38 -39.85 -16.57
CA LYS B 552 -1.74 -40.04 -17.90
C LYS B 552 -1.80 -38.72 -18.68
N SER B 553 -0.63 -38.15 -19.01
CA SER B 553 -0.60 -36.91 -19.81
C SER B 553 -0.36 -37.26 -21.28
N ASN B 554 -1.23 -36.78 -22.18
CA ASN B 554 -1.07 -37.06 -23.62
C ASN B 554 -0.43 -35.83 -24.29
N LYS B 555 0.46 -35.14 -23.56
CA LYS B 555 1.14 -33.94 -24.10
C LYS B 555 2.05 -34.34 -25.27
N LYS B 556 2.45 -33.37 -26.09
CA LYS B 556 3.31 -33.67 -27.27
C LYS B 556 4.76 -33.29 -26.93
N PHE B 557 5.15 -33.47 -25.67
CA PHE B 557 6.55 -33.19 -25.26
C PHE B 557 7.51 -33.73 -26.32
N LEU B 558 7.96 -32.87 -27.25
CA LEU B 558 8.97 -33.31 -28.25
C LEU B 558 10.12 -33.90 -27.46
N PRO B 559 10.83 -34.91 -27.99
CA PRO B 559 11.81 -35.65 -27.18
C PRO B 559 12.95 -34.89 -26.48
N PHE B 560 12.81 -33.58 -26.27
CA PHE B 560 13.87 -32.85 -25.52
C PHE B 560 13.21 -32.12 -24.35
N GLN B 561 11.88 -32.10 -24.32
CA GLN B 561 11.19 -31.31 -23.29
C GLN B 561 11.17 -32.11 -21.99
N GLN B 562 11.58 -31.53 -20.85
CA GLN B 562 11.69 -32.26 -19.55
C GLN B 562 10.87 -31.62 -18.40
N PHE B 563 11.50 -30.82 -17.49
CA PHE B 563 10.67 -30.39 -16.37
C PHE B 563 9.23 -30.10 -16.79
N GLY B 564 9.04 -29.19 -17.72
CA GLY B 564 7.70 -28.84 -18.17
C GLY B 564 7.07 -27.84 -17.22
N ARG B 565 5.98 -27.23 -17.70
CA ARG B 565 5.29 -26.20 -16.94
C ARG B 565 3.91 -25.92 -17.53
N ASP B 566 3.26 -24.87 -17.04
CA ASP B 566 1.93 -24.49 -17.59
C ASP B 566 1.98 -23.05 -18.10
N ILE B 567 0.85 -22.34 -18.05
CA ILE B 567 0.79 -20.94 -18.53
C ILE B 567 1.47 -20.04 -17.48
N VAL B 568 0.98 -20.05 -16.24
CA VAL B 568 1.60 -19.26 -15.19
C VAL B 568 2.55 -20.10 -14.33
N ASP B 569 3.73 -20.38 -14.87
CA ASP B 569 4.92 -20.83 -14.15
C ASP B 569 4.65 -21.74 -12.96
N THR B 570 3.98 -22.87 -13.21
CA THR B 570 3.76 -23.87 -12.13
C THR B 570 3.96 -25.26 -12.74
N THR B 571 5.02 -25.97 -12.35
CA THR B 571 5.32 -27.29 -12.96
C THR B 571 4.03 -28.08 -13.13
N ASP B 572 3.71 -28.49 -14.37
CA ASP B 572 2.43 -29.19 -14.64
C ASP B 572 2.68 -30.61 -15.15
N ALA B 573 3.69 -30.80 -16.01
CA ALA B 573 3.90 -32.13 -16.62
C ALA B 573 5.36 -32.58 -16.56
N VAL B 574 5.69 -33.52 -15.68
CA VAL B 574 7.04 -34.08 -15.63
C VAL B 574 7.01 -35.45 -16.30
N ARG B 575 7.81 -35.62 -17.35
CA ARG B 575 7.92 -36.97 -17.96
C ARG B 575 8.54 -37.90 -16.93
N ASP B 576 7.89 -39.02 -16.61
CA ASP B 576 8.48 -40.01 -15.67
C ASP B 576 9.92 -40.27 -16.11
N PRO B 577 10.94 -39.97 -15.28
CA PRO B 577 12.34 -40.13 -15.68
C PRO B 577 12.66 -41.54 -16.22
N GLN B 578 11.94 -42.57 -15.75
CA GLN B 578 12.27 -43.96 -16.15
C GLN B 578 11.37 -44.42 -17.30
N THR B 579 10.05 -44.15 -17.23
CA THR B 579 9.13 -44.67 -18.29
C THR B 579 8.95 -43.62 -19.39
N LEU B 580 9.57 -42.45 -19.25
CA LEU B 580 9.50 -41.37 -20.28
C LEU B 580 8.05 -40.95 -20.50
N GLU B 581 7.07 -41.73 -20.03
CA GLU B 581 5.69 -41.30 -20.14
C GLU B 581 5.54 -39.97 -19.44
N ILE B 582 4.55 -39.20 -19.91
CA ILE B 582 4.34 -37.83 -19.39
C ILE B 582 3.32 -37.89 -18.25
N LEU B 583 3.47 -37.02 -17.27
CA LEU B 583 2.62 -37.03 -16.07
C LEU B 583 2.19 -35.62 -15.72
N ASP B 584 0.88 -35.39 -15.82
CA ASP B 584 0.30 -34.08 -15.41
C ASP B 584 0.20 -34.05 -13.88
N ILE B 585 0.44 -32.88 -13.28
CA ILE B 585 0.33 -32.72 -11.80
C ILE B 585 -0.89 -31.85 -11.52
N THR B 586 -1.73 -32.27 -10.56
CA THR B 586 -2.97 -31.51 -10.26
C THR B 586 -3.01 -31.17 -8.77
N PRO B 587 -3.43 -29.96 -8.36
CA PRO B 587 -3.55 -29.66 -6.94
C PRO B 587 -4.29 -30.79 -6.21
N CYS B 588 -3.83 -31.15 -5.01
CA CYS B 588 -4.44 -32.28 -4.26
C CYS B 588 -5.97 -32.17 -4.33
N SER B 589 -6.53 -31.03 -3.92
CA SER B 589 -8.01 -30.81 -3.97
C SER B 589 -8.28 -29.30 -3.92
N PHE B 590 -7.86 -28.65 -2.82
CA PHE B 590 -8.05 -27.19 -2.64
C PHE B 590 -9.54 -26.83 -2.48
N GLY B 591 -9.97 -26.64 -1.24
CA GLY B 591 -11.36 -26.21 -0.96
C GLY B 591 -11.43 -25.32 0.27
N GLY B 592 -12.46 -24.47 0.35
CA GLY B 592 -12.66 -23.63 1.55
C GLY B 592 -13.77 -24.18 2.40
N VAL B 593 -13.72 -23.97 3.72
CA VAL B 593 -14.80 -24.42 4.59
C VAL B 593 -15.46 -23.22 5.25
N SER B 594 -16.77 -23.10 5.07
CA SER B 594 -17.57 -22.05 5.70
C SER B 594 -18.69 -22.72 6.49
N VAL B 595 -18.88 -22.28 7.72
CA VAL B 595 -19.84 -22.88 8.64
C VAL B 595 -21.10 -22.03 8.62
N ILE B 596 -22.23 -22.67 8.34
CA ILE B 596 -23.54 -22.01 8.33
C ILE B 596 -24.22 -22.35 9.65
N THR B 597 -24.47 -21.33 10.46
CA THR B 597 -25.04 -21.58 11.77
C THR B 597 -26.16 -20.59 12.08
N PRO B 598 -27.22 -21.03 12.73
CA PRO B 598 -28.20 -20.11 13.29
C PRO B 598 -27.63 -19.50 14.57
N GLY B 599 -28.41 -18.62 15.20
CA GLY B 599 -27.95 -18.01 16.46
C GLY B 599 -27.55 -19.09 17.46
N THR B 600 -26.35 -19.01 18.02
CA THR B 600 -25.92 -19.99 19.05
C THR B 600 -26.99 -20.05 20.14
N ASN B 601 -27.62 -18.90 20.44
CA ASN B 601 -28.72 -18.89 21.45
C ASN B 601 -29.88 -19.73 20.93
N THR B 602 -30.20 -19.60 19.63
CA THR B 602 -31.28 -20.42 19.03
C THR B 602 -30.93 -21.90 19.18
N SER B 603 -29.73 -22.31 18.77
CA SER B 603 -29.36 -23.75 18.82
C SER B 603 -27.85 -23.95 18.57
N ASN B 604 -27.36 -25.18 18.75
CA ASN B 604 -25.96 -25.47 18.54
C ASN B 604 -25.69 -26.25 17.26
N GLN B 605 -26.74 -26.64 16.54
CA GLN B 605 -26.57 -27.36 15.29
C GLN B 605 -25.88 -26.45 14.26
N VAL B 606 -25.06 -27.07 13.41
CA VAL B 606 -24.33 -26.34 12.39
C VAL B 606 -24.33 -27.14 11.10
N ALA B 607 -24.17 -26.42 9.99
CA ALA B 607 -24.05 -27.02 8.67
C ALA B 607 -22.77 -26.54 8.03
N VAL B 608 -21.97 -27.48 7.52
CA VAL B 608 -20.65 -27.12 6.91
C VAL B 608 -20.79 -27.07 5.39
N LEU B 609 -20.24 -26.03 4.76
CA LEU B 609 -20.27 -25.94 3.27
C LEU B 609 -18.85 -25.97 2.73
N TYR B 610 -18.42 -27.12 2.19
CA TYR B 610 -17.08 -27.19 1.54
C TYR B 610 -17.19 -26.42 0.22
N GLN B 611 -16.28 -25.47 -0.04
CA GLN B 611 -16.44 -24.62 -1.23
C GLN B 611 -15.81 -25.14 -2.52
N GLY B 612 -16.60 -25.21 -3.58
CA GLY B 612 -16.12 -25.54 -4.92
C GLY B 612 -15.42 -26.88 -4.97
N VAL B 613 -16.05 -27.90 -4.37
CA VAL B 613 -15.47 -29.28 -4.36
C VAL B 613 -16.61 -30.29 -4.47
N ASN B 614 -16.48 -31.31 -5.34
CA ASN B 614 -17.51 -32.37 -5.47
C ASN B 614 -17.68 -33.04 -4.11
N CYS B 615 -18.93 -33.33 -3.71
CA CYS B 615 -19.16 -34.06 -2.43
C CYS B 615 -18.38 -35.36 -2.44
N THR B 616 -18.31 -36.04 -3.58
CA THR B 616 -17.58 -37.34 -3.68
C THR B 616 -16.12 -37.14 -3.25
N GLU B 617 -15.49 -36.05 -3.69
CA GLU B 617 -14.06 -35.83 -3.37
C GLU B 617 -13.89 -35.82 -1.84
N VAL B 618 -14.65 -34.97 -1.14
CA VAL B 618 -14.47 -34.84 0.33
C VAL B 618 -14.98 -36.11 1.03
N SER B 619 -16.02 -36.75 0.48
CA SER B 619 -16.62 -37.95 1.12
C SER B 619 -15.55 -39.03 1.31
N VAL B 620 -15.06 -39.62 0.21
CA VAL B 620 -14.03 -40.64 0.30
C VAL B 620 -12.84 -40.13 1.09
N ALA B 621 -12.53 -38.84 0.98
CA ALA B 621 -11.47 -38.27 1.80
C ALA B 621 -11.82 -38.33 3.28
N ILE B 622 -13.09 -38.02 3.62
CA ILE B 622 -13.55 -38.20 4.99
C ILE B 622 -13.46 -39.66 5.38
N HIS B 623 -13.90 -40.55 4.47
CA HIS B 623 -13.88 -41.98 4.75
C HIS B 623 -12.45 -42.49 4.90
N ALA B 624 -11.51 -41.95 4.13
CA ALA B 624 -10.11 -42.36 4.23
C ALA B 624 -9.36 -41.63 5.32
N ASP B 625 -9.98 -40.67 6.01
CA ASP B 625 -9.37 -39.95 7.12
C ASP B 625 -8.08 -39.27 6.70
N GLN B 626 -8.10 -38.57 5.57
CA GLN B 626 -6.95 -37.80 5.11
C GLN B 626 -7.26 -36.31 4.98
N LEU B 627 -8.38 -35.86 5.51
CA LEU B 627 -8.77 -34.45 5.47
C LEU B 627 -8.17 -33.70 6.65
N THR B 628 -7.59 -32.53 6.37
CA THR B 628 -6.94 -31.75 7.43
C THR B 628 -7.93 -31.29 8.49
N PRO B 629 -9.13 -30.79 8.16
CA PRO B 629 -10.15 -30.58 9.19
C PRO B 629 -10.31 -31.74 10.15
N THR B 630 -10.00 -31.50 11.42
CA THR B 630 -10.17 -32.54 12.44
C THR B 630 -11.59 -32.62 12.96
N TRP B 631 -12.40 -31.60 12.66
CA TRP B 631 -13.85 -31.63 13.03
C TRP B 631 -14.57 -32.50 11.99
N ARG B 632 -15.15 -33.62 12.41
CA ARG B 632 -15.79 -34.54 11.43
C ARG B 632 -17.31 -34.35 11.46
N VAL B 633 -17.82 -33.50 10.57
CA VAL B 633 -19.30 -33.24 10.50
C VAL B 633 -20.00 -34.58 10.23
N TYR B 634 -21.04 -34.91 11.01
CA TYR B 634 -21.74 -36.21 10.85
C TYR B 634 -22.48 -36.27 9.51
N SER B 635 -22.48 -37.43 8.86
CA SER B 635 -23.23 -37.61 7.59
C SER B 635 -24.21 -38.78 7.74
N THR B 636 -25.50 -38.55 7.51
CA THR B 636 -26.52 -39.62 7.65
C THR B 636 -27.08 -39.98 6.27
N GLY B 637 -26.36 -39.65 5.20
CA GLY B 637 -26.84 -39.93 3.86
C GLY B 637 -27.91 -38.97 3.42
N SER B 638 -28.75 -38.54 4.34
CA SER B 638 -29.76 -37.54 4.06
C SER B 638 -29.25 -36.11 4.21
N ASN B 639 -28.02 -35.94 4.70
CA ASN B 639 -27.43 -34.58 4.85
C ASN B 639 -26.24 -34.44 3.89
N VAL B 640 -26.48 -34.58 2.58
CA VAL B 640 -25.38 -34.54 1.57
C VAL B 640 -25.86 -33.72 0.38
N PHE B 641 -25.58 -32.41 0.36
CA PHE B 641 -26.10 -31.56 -0.75
C PHE B 641 -24.94 -31.01 -1.58
N GLN B 642 -24.80 -31.48 -2.82
CA GLN B 642 -23.75 -30.95 -3.72
C GLN B 642 -24.35 -29.78 -4.51
N THR B 643 -24.05 -28.55 -4.09
CA THR B 643 -24.63 -27.35 -4.76
C THR B 643 -23.63 -26.80 -5.78
N ARG B 644 -24.00 -25.74 -6.50
CA ARG B 644 -23.11 -25.13 -7.46
C ARG B 644 -21.98 -24.36 -6.79
N ALA B 645 -22.09 -24.16 -5.48
CA ALA B 645 -21.06 -23.42 -4.72
C ALA B 645 -20.11 -24.40 -4.01
N GLY B 646 -20.44 -25.69 -4.02
CA GLY B 646 -19.58 -26.71 -3.39
C GLY B 646 -20.38 -27.82 -2.73
N CYS B 647 -19.82 -28.46 -1.70
CA CYS B 647 -20.51 -29.58 -1.02
C CYS B 647 -21.03 -29.13 0.35
N LEU B 648 -22.36 -29.12 0.54
CA LEU B 648 -22.94 -28.76 1.85
C LEU B 648 -23.20 -30.03 2.66
N ILE B 649 -22.72 -30.06 3.90
CA ILE B 649 -22.87 -31.30 4.75
C ILE B 649 -23.57 -30.92 6.05
N GLY B 650 -24.62 -31.67 6.42
CA GLY B 650 -25.34 -31.44 7.65
C GLY B 650 -26.67 -30.75 7.49
N ALA B 651 -27.08 -30.45 6.26
CA ALA B 651 -28.37 -29.81 6.02
C ALA B 651 -29.07 -30.55 4.89
N GLU B 652 -30.30 -31.00 5.14
CA GLU B 652 -31.09 -31.69 4.13
C GLU B 652 -31.73 -30.67 3.22
N TYR B 653 -32.10 -31.17 2.04
CA TYR B 653 -32.65 -30.35 0.94
C TYR B 653 -34.13 -30.61 0.83
N VAL B 654 -34.90 -29.55 0.94
CA VAL B 654 -36.37 -29.60 0.98
C VAL B 654 -36.86 -28.99 -0.32
N ASN B 655 -37.60 -29.75 -1.12
CA ASN B 655 -37.85 -29.31 -2.51
C ASN B 655 -38.92 -28.22 -2.53
N ASN B 656 -39.03 -27.45 -1.45
CA ASN B 656 -40.00 -26.33 -1.35
C ASN B 656 -39.20 -25.05 -1.53
N SER B 657 -39.79 -23.90 -1.19
CA SER B 657 -39.12 -22.61 -1.43
C SER B 657 -39.58 -21.59 -0.40
N TYR B 658 -38.64 -20.82 0.15
CA TYR B 658 -38.88 -19.82 1.17
C TYR B 658 -38.03 -18.60 0.87
N GLU B 659 -38.35 -17.50 1.53
CA GLU B 659 -37.49 -16.33 1.50
C GLU B 659 -36.12 -16.69 2.07
N CYS B 660 -35.07 -16.17 1.44
CA CYS B 660 -33.73 -16.52 1.86
C CYS B 660 -33.45 -16.02 3.28
N ASP B 661 -32.88 -16.89 4.09
CA ASP B 661 -32.48 -16.54 5.45
C ASP B 661 -30.97 -16.41 5.58
N ILE B 662 -30.22 -17.41 5.13
CA ILE B 662 -28.76 -17.36 5.16
C ILE B 662 -28.24 -17.59 3.76
N PRO B 663 -27.65 -16.59 3.11
CA PRO B 663 -27.17 -16.78 1.74
C PRO B 663 -25.97 -17.72 1.72
N ILE B 664 -26.04 -18.73 0.87
CA ILE B 664 -24.96 -19.69 0.71
C ILE B 664 -24.24 -19.46 -0.61
N GLY B 665 -24.99 -19.30 -1.69
CA GLY B 665 -24.44 -19.11 -3.02
C GLY B 665 -25.23 -19.94 -3.99
N ALA B 666 -25.25 -19.49 -5.25
CA ALA B 666 -25.88 -20.23 -6.34
C ALA B 666 -27.35 -20.54 -6.03
N GLY B 667 -28.03 -19.59 -5.39
CA GLY B 667 -29.46 -19.68 -5.26
C GLY B 667 -29.97 -20.63 -4.22
N ILE B 668 -29.14 -21.07 -3.28
CA ILE B 668 -29.58 -21.92 -2.18
C ILE B 668 -29.30 -21.18 -0.88
N CYS B 669 -30.23 -21.28 0.05
CA CYS B 669 -30.11 -20.67 1.36
C CYS B 669 -30.49 -21.68 2.43
N ALA B 670 -29.83 -21.57 3.57
CA ALA B 670 -30.08 -22.46 4.70
C ALA B 670 -30.80 -21.69 5.80
N SER B 671 -31.60 -22.39 6.58
CA SER B 671 -32.35 -21.75 7.65
C SER B 671 -32.70 -22.79 8.71
N TYR B 672 -33.03 -22.27 9.91
CA TYR B 672 -33.44 -23.16 11.02
C TYR B 672 -34.97 -23.25 11.02
N GLN B 673 -35.51 -24.35 10.51
CA GLN B 673 -36.94 -24.56 10.38
C GLN B 673 -37.36 -25.77 11.20
N THR B 674 -38.59 -25.74 11.67
CA THR B 674 -39.12 -26.84 12.45
C THR B 674 -39.38 -28.06 11.56
N GLN B 675 -39.52 -29.21 12.21
CA GLN B 675 -39.73 -30.46 11.50
C GLN B 675 -41.21 -30.67 11.19
N SER B 687 -37.26 -31.86 16.76
CA SER B 687 -38.31 -31.14 16.07
C SER B 687 -37.75 -29.97 15.28
N GLN B 688 -36.43 -29.78 15.37
CA GLN B 688 -35.76 -28.67 14.71
C GLN B 688 -34.49 -29.17 14.03
N SER B 689 -34.21 -28.61 12.86
CA SER B 689 -33.03 -28.96 12.10
C SER B 689 -32.72 -27.84 11.13
N ILE B 690 -31.67 -28.04 10.32
CA ILE B 690 -31.22 -27.06 9.34
C ILE B 690 -31.55 -27.59 7.96
N ILE B 691 -32.29 -26.79 7.18
CA ILE B 691 -32.70 -27.17 5.84
C ILE B 691 -32.13 -26.18 4.84
N ALA B 692 -31.81 -26.68 3.66
CA ALA B 692 -31.36 -25.86 2.56
C ALA B 692 -32.43 -25.87 1.47
N TYR B 693 -32.61 -24.72 0.82
CA TYR B 693 -33.70 -24.59 -0.14
C TYR B 693 -33.31 -23.57 -1.18
N THR B 694 -33.97 -23.65 -2.33
CA THR B 694 -33.82 -22.64 -3.37
C THR B 694 -34.64 -21.42 -2.97
N MET B 695 -34.00 -20.26 -2.96
CA MET B 695 -34.65 -19.03 -2.52
C MET B 695 -35.84 -18.70 -3.39
N SER B 696 -36.96 -18.35 -2.76
CA SER B 696 -38.13 -17.89 -3.48
C SER B 696 -38.04 -16.39 -3.67
N LEU B 697 -38.06 -15.94 -4.93
CA LEU B 697 -37.91 -14.52 -5.21
C LEU B 697 -39.12 -13.71 -4.76
N GLY B 698 -40.22 -14.35 -4.44
CA GLY B 698 -41.39 -13.65 -3.97
C GLY B 698 -42.64 -14.44 -4.26
N ALA B 699 -43.78 -13.81 -3.95
CA ALA B 699 -45.07 -14.46 -4.16
C ALA B 699 -45.40 -14.55 -5.63
N GLU B 700 -45.79 -15.75 -6.07
CA GLU B 700 -46.17 -15.96 -7.46
C GLU B 700 -47.48 -15.25 -7.73
N ASN B 701 -47.44 -14.21 -8.55
CA ASN B 701 -48.62 -13.41 -8.85
C ASN B 701 -48.80 -13.31 -10.36
N SER B 702 -50.07 -13.29 -10.79
CA SER B 702 -50.42 -13.14 -12.18
C SER B 702 -51.32 -11.93 -12.34
N VAL B 703 -51.09 -11.15 -13.39
CA VAL B 703 -51.89 -9.96 -13.62
C VAL B 703 -52.94 -10.24 -14.67
N ALA B 704 -54.13 -9.66 -14.53
CA ALA B 704 -55.24 -10.05 -15.42
C ALA B 704 -55.38 -9.08 -16.58
N TYR B 705 -54.27 -8.49 -17.03
CA TYR B 705 -54.26 -7.55 -18.15
C TYR B 705 -55.18 -8.03 -19.26
N SER B 706 -55.82 -7.08 -19.94
CA SER B 706 -56.63 -7.40 -21.14
C SER B 706 -57.06 -6.09 -21.83
N ASN B 707 -57.57 -6.18 -23.04
CA ASN B 707 -57.64 -5.01 -23.95
C ASN B 707 -58.54 -3.92 -23.36
N ASN B 708 -59.41 -4.24 -22.42
CA ASN B 708 -60.19 -3.14 -21.85
C ASN B 708 -60.44 -3.27 -20.35
N SER B 709 -59.59 -4.04 -19.66
CA SER B 709 -59.73 -4.22 -18.19
C SER B 709 -58.69 -3.37 -17.46
N ILE B 710 -59.14 -2.52 -16.53
CA ILE B 710 -58.20 -1.67 -15.75
C ILE B 710 -58.54 -1.79 -14.26
N ALA B 711 -57.54 -1.67 -13.39
CA ALA B 711 -57.78 -1.74 -11.92
C ALA B 711 -57.48 -0.38 -11.29
N ILE B 712 -58.47 0.22 -10.63
CA ILE B 712 -58.26 1.54 -10.05
C ILE B 712 -58.53 1.48 -8.55
N PRO B 713 -57.64 2.03 -7.72
CA PRO B 713 -57.86 1.97 -6.27
C PRO B 713 -59.03 2.85 -5.86
N THR B 714 -60.06 2.23 -5.30
CA THR B 714 -61.19 2.96 -4.75
C THR B 714 -60.92 3.44 -3.34
N ASN B 715 -59.76 3.09 -2.78
CA ASN B 715 -59.36 3.53 -1.47
C ASN B 715 -57.84 3.67 -1.48
N PHE B 716 -57.29 4.18 -0.37
CA PHE B 716 -55.86 4.38 -0.29
C PHE B 716 -55.43 4.17 1.16
N THR B 717 -54.13 3.97 1.32
CA THR B 717 -53.51 3.88 2.63
C THR B 717 -52.28 4.78 2.66
N ILE B 718 -51.87 5.15 3.86
CA ILE B 718 -50.66 5.95 4.05
C ILE B 718 -49.71 5.11 4.89
N SER B 719 -48.42 5.17 4.56
CA SER B 719 -47.41 4.35 5.21
C SER B 719 -46.15 5.17 5.43
N VAL B 720 -45.53 4.98 6.59
CA VAL B 720 -44.30 5.68 6.95
C VAL B 720 -43.18 4.66 7.00
N THR B 721 -42.43 4.55 5.91
CA THR B 721 -41.24 3.73 5.90
C THR B 721 -40.10 4.49 6.54
N THR B 722 -38.92 3.89 6.54
CA THR B 722 -37.74 4.56 7.08
C THR B 722 -36.53 4.23 6.22
N GLU B 723 -35.62 5.20 6.14
CA GLU B 723 -34.35 5.00 5.46
C GLU B 723 -33.23 5.41 6.41
N ILE B 724 -32.20 4.58 6.51
CA ILE B 724 -31.06 4.84 7.38
C ILE B 724 -29.87 5.12 6.50
N LEU B 725 -29.27 6.29 6.67
CA LEU B 725 -28.14 6.67 5.83
C LEU B 725 -27.00 7.17 6.69
N PRO B 726 -25.82 6.55 6.60
CA PRO B 726 -24.67 7.07 7.34
C PRO B 726 -24.28 8.45 6.82
N VAL B 727 -23.80 9.30 7.71
CA VAL B 727 -23.44 10.66 7.34
C VAL B 727 -21.97 10.91 7.64
N SER B 728 -21.43 10.24 8.65
CA SER B 728 -20.06 10.50 9.06
C SER B 728 -19.49 9.27 9.77
N MET B 729 -18.18 9.29 9.93
CA MET B 729 -17.45 8.28 10.68
C MET B 729 -16.66 8.96 11.79
N THR B 730 -16.09 8.15 12.67
CA THR B 730 -15.26 8.69 13.74
C THR B 730 -13.97 9.26 13.14
N LYS B 731 -13.63 10.47 13.55
CA LYS B 731 -12.47 11.17 13.03
C LYS B 731 -11.23 10.74 13.82
N THR B 732 -10.19 10.32 13.13
CA THR B 732 -8.98 9.83 13.77
C THR B 732 -7.78 10.67 13.35
N SER B 733 -6.84 10.82 14.27
CA SER B 733 -5.62 11.61 14.06
C SER B 733 -4.41 10.85 14.53
N VAL B 734 -4.27 9.61 14.05
CA VAL B 734 -3.15 8.75 14.43
C VAL B 734 -1.84 9.47 14.17
N ASP B 735 -0.95 9.46 15.18
CA ASP B 735 0.38 10.09 15.02
C ASP B 735 1.37 9.00 14.62
N CYS B 736 1.83 9.02 13.35
CA CYS B 736 2.74 7.95 12.88
C CYS B 736 3.93 7.83 13.83
N THR B 737 4.67 8.93 14.04
CA THR B 737 5.89 8.86 14.88
C THR B 737 5.56 8.13 16.18
N MET B 738 4.53 8.57 16.90
CA MET B 738 4.17 7.95 18.21
C MET B 738 3.82 6.47 18.01
N TYR B 739 3.02 6.16 16.98
CA TYR B 739 2.57 4.77 16.75
C TYR B 739 3.79 3.88 16.45
N ILE B 740 4.65 4.30 15.53
CA ILE B 740 5.80 3.43 15.10
C ILE B 740 6.87 3.42 16.21
N CYS B 741 7.11 4.56 16.86
CA CYS B 741 8.19 4.63 17.89
C CYS B 741 7.65 5.26 19.18
N GLY B 742 7.81 4.57 20.32
CA GLY B 742 7.36 5.11 21.61
C GLY B 742 8.45 5.92 22.29
N ASP B 743 8.24 7.23 22.47
CA ASP B 743 9.21 8.10 23.12
C ASP B 743 10.64 7.56 23.10
N SER B 744 11.09 7.09 21.94
CA SER B 744 12.42 6.54 21.77
C SER B 744 13.18 7.38 20.76
N THR B 745 14.23 8.06 21.23
CA THR B 745 14.97 8.99 20.39
C THR B 745 15.64 8.30 19.21
N GLU B 746 16.27 7.14 19.44
CA GLU B 746 16.92 6.44 18.34
C GLU B 746 15.90 5.94 17.32
N CYS B 747 14.74 5.49 17.80
CA CYS B 747 13.70 5.03 16.89
C CYS B 747 13.17 6.18 16.05
N SER B 748 12.96 7.35 16.66
CA SER B 748 12.50 8.50 15.89
C SER B 748 13.56 8.94 14.89
N ASN B 749 14.84 8.90 15.29
CA ASN B 749 15.91 9.25 14.37
C ASN B 749 15.92 8.32 13.16
N LEU B 750 15.73 7.02 13.39
CA LEU B 750 15.74 6.09 12.27
C LEU B 750 14.46 6.17 11.45
N LEU B 751 13.36 6.63 12.08
CA LEU B 751 12.15 6.90 11.33
C LEU B 751 12.31 8.12 10.42
N LEU B 752 13.08 9.12 10.86
CA LEU B 752 13.35 10.27 10.02
C LEU B 752 14.06 9.88 8.73
N GLN B 753 14.73 8.72 8.72
CA GLN B 753 15.40 8.23 7.53
C GLN B 753 14.43 7.75 6.46
N TYR B 754 13.14 7.63 6.78
CA TYR B 754 12.14 7.25 5.81
C TYR B 754 11.50 8.44 5.13
N GLY B 755 12.04 9.64 5.35
CA GLY B 755 11.56 10.82 4.65
C GLY B 755 10.17 11.23 5.10
N SER B 756 9.52 12.03 4.26
CA SER B 756 8.15 12.46 4.52
C SER B 756 7.17 11.38 4.10
N PHE B 757 7.43 10.16 4.58
CA PHE B 757 6.54 9.05 4.28
C PHE B 757 5.20 9.21 4.98
N CYS B 758 5.21 9.64 6.23
CA CYS B 758 4.02 9.59 7.05
C CYS B 758 3.40 10.95 7.33
N THR B 759 4.09 12.04 7.01
CA THR B 759 3.42 13.33 6.92
C THR B 759 2.25 13.21 5.95
N GLN B 760 2.41 12.40 4.91
CA GLN B 760 1.28 12.05 4.05
C GLN B 760 0.15 11.42 4.86
N LEU B 761 0.49 10.54 5.81
CA LEU B 761 -0.54 9.90 6.61
C LEU B 761 -1.30 10.91 7.47
N LYS B 762 -0.56 11.80 8.14
CA LYS B 762 -1.23 12.82 8.95
C LYS B 762 -2.09 13.73 8.09
N ARG B 763 -1.59 14.10 6.91
CA ARG B 763 -2.37 14.93 6.00
C ARG B 763 -3.64 14.22 5.56
N ALA B 764 -3.54 12.93 5.24
CA ALA B 764 -4.71 12.19 4.80
C ALA B 764 -5.75 12.08 5.90
N LEU B 765 -5.31 11.82 7.14
CA LEU B 765 -6.26 11.73 8.23
C LEU B 765 -6.92 13.08 8.53
N THR B 766 -6.15 14.16 8.44
CA THR B 766 -6.74 15.48 8.59
C THR B 766 -7.77 15.75 7.49
N GLY B 767 -7.45 15.35 6.26
CA GLY B 767 -8.41 15.49 5.18
C GLY B 767 -9.67 14.69 5.42
N ILE B 768 -9.53 13.48 5.98
CA ILE B 768 -10.69 12.67 6.30
C ILE B 768 -11.56 13.37 7.34
N ALA B 769 -10.93 13.92 8.38
CA ALA B 769 -11.70 14.62 9.40
C ALA B 769 -12.46 15.80 8.82
N VAL B 770 -11.78 16.61 8.01
CA VAL B 770 -12.43 17.77 7.43
C VAL B 770 -13.56 17.35 6.49
N GLU B 771 -13.35 16.26 5.75
CA GLU B 771 -14.38 15.77 4.84
C GLU B 771 -15.60 15.27 5.61
N GLN B 772 -15.38 14.60 6.75
CA GLN B 772 -16.52 14.18 7.56
C GLN B 772 -17.29 15.38 8.09
N ASP B 773 -16.58 16.41 8.54
CA ASP B 773 -17.26 17.61 9.00
C ASP B 773 -18.08 18.24 7.88
N LYS B 774 -17.51 18.32 6.68
CA LYS B 774 -18.23 18.88 5.55
C LYS B 774 -19.42 18.00 5.19
N ASN B 775 -19.30 16.68 5.35
CA ASN B 775 -20.41 15.79 5.09
C ASN B 775 -21.57 16.08 6.03
N THR B 776 -21.27 16.23 7.32
CA THR B 776 -22.34 16.55 8.27
C THR B 776 -22.96 17.90 7.94
N GLN B 777 -22.13 18.89 7.58
CA GLN B 777 -22.67 20.20 7.21
C GLN B 777 -23.59 20.09 6.01
N GLU B 778 -23.15 19.38 4.97
CA GLU B 778 -23.96 19.24 3.76
C GLU B 778 -25.27 18.53 4.06
N VAL B 779 -25.21 17.47 4.86
CA VAL B 779 -26.43 16.72 5.15
C VAL B 779 -27.41 17.56 5.93
N PHE B 780 -26.95 18.27 6.95
CA PHE B 780 -27.88 18.82 7.93
C PHE B 780 -28.07 20.33 7.83
N ALA B 781 -26.99 21.10 7.70
CA ALA B 781 -27.14 22.56 7.66
C ALA B 781 -27.66 23.02 6.31
N GLN B 782 -28.88 22.61 5.96
CA GLN B 782 -29.48 23.00 4.70
C GLN B 782 -30.42 24.20 4.83
N VAL B 783 -30.62 24.67 6.06
CA VAL B 783 -31.55 25.82 6.31
C VAL B 783 -30.75 27.12 6.33
N LYS B 784 -31.41 28.25 6.06
CA LYS B 784 -30.73 29.57 6.09
C LYS B 784 -30.92 30.21 7.46
N GLN B 785 -32.02 29.89 8.15
CA GLN B 785 -32.34 30.52 9.45
C GLN B 785 -32.84 29.46 10.44
N ILE B 786 -32.77 29.75 11.74
CA ILE B 786 -33.30 28.80 12.76
C ILE B 786 -34.82 28.96 12.81
N TYR B 787 -35.57 27.85 12.81
CA TYR B 787 -37.06 27.91 12.82
C TYR B 787 -37.60 27.19 14.05
N LYS B 788 -38.79 27.58 14.52
CA LYS B 788 -39.35 26.96 15.71
C LYS B 788 -40.83 26.68 15.49
N THR B 789 -41.28 25.59 16.09
CA THR B 789 -42.67 25.20 15.98
C THR B 789 -43.57 26.21 16.72
N PRO B 790 -44.82 26.35 16.28
CA PRO B 790 -45.74 27.18 17.03
C PRO B 790 -45.96 26.63 18.41
N PRO B 791 -46.21 27.49 19.40
CA PRO B 791 -46.38 26.98 20.77
C PRO B 791 -47.49 25.96 20.91
N ILE B 792 -48.57 26.14 20.18
CA ILE B 792 -49.63 25.13 20.11
C ILE B 792 -49.26 24.12 19.05
N LYS B 793 -49.71 22.88 19.24
CA LYS B 793 -49.44 21.80 18.29
C LYS B 793 -50.78 21.17 17.91
N TYR B 794 -51.43 21.74 16.91
CA TYR B 794 -52.63 21.17 16.31
C TYR B 794 -52.50 21.31 14.80
N PHE B 795 -51.96 20.28 14.16
CA PHE B 795 -51.77 20.30 12.71
C PHE B 795 -52.91 19.56 12.02
N GLY B 796 -54.10 20.14 12.12
CA GLY B 796 -55.26 19.63 11.42
C GLY B 796 -55.68 18.25 11.88
N GLY B 797 -55.22 17.84 13.06
CA GLY B 797 -55.52 16.51 13.54
C GLY B 797 -54.31 15.60 13.47
N PHE B 798 -53.33 15.97 12.65
CA PHE B 798 -52.12 15.19 12.55
C PHE B 798 -51.32 15.28 13.85
N ASN B 799 -50.91 14.13 14.37
CA ASN B 799 -50.13 14.03 15.60
C ASN B 799 -48.67 13.87 15.22
N PHE B 800 -47.84 14.83 15.63
CA PHE B 800 -46.43 14.81 15.30
C PHE B 800 -45.55 14.73 16.53
N SER B 801 -46.15 14.79 17.72
CA SER B 801 -45.38 14.83 18.99
C SER B 801 -44.22 13.82 19.00
N GLN B 802 -44.22 12.86 18.08
CA GLN B 802 -43.16 11.80 18.12
C GLN B 802 -41.90 12.24 17.38
N ILE B 803 -41.91 13.43 16.75
CA ILE B 803 -40.75 13.83 15.96
C ILE B 803 -40.25 15.24 16.26
N LEU B 804 -41.11 16.08 16.85
CA LEU B 804 -40.66 17.42 17.28
C LEU B 804 -39.98 17.25 18.65
N PRO B 805 -38.97 18.07 19.03
CA PRO B 805 -38.27 17.88 20.30
C PRO B 805 -39.22 17.90 21.48
N ASP B 806 -38.82 17.22 22.55
CA ASP B 806 -39.57 17.18 23.79
C ASP B 806 -38.97 18.18 24.76
N PRO B 807 -39.70 19.20 25.18
CA PRO B 807 -39.12 20.18 26.12
C PRO B 807 -38.66 19.55 27.44
N SER B 808 -39.37 18.55 27.95
CA SER B 808 -39.04 18.00 29.26
C SER B 808 -37.67 17.34 29.25
N LYS B 809 -37.34 16.62 28.19
CA LYS B 809 -36.05 15.95 28.11
C LYS B 809 -34.93 16.98 28.09
N PRO B 810 -33.86 16.79 28.87
CA PRO B 810 -32.76 17.77 28.87
C PRO B 810 -32.09 17.92 27.52
N SER B 811 -31.97 16.83 26.76
CA SER B 811 -31.28 16.88 25.47
C SER B 811 -32.11 17.55 24.39
N LYS B 812 -33.39 17.82 24.66
CA LYS B 812 -34.30 18.45 23.69
C LYS B 812 -34.33 17.65 22.39
N ARG B 813 -34.68 16.36 22.50
CA ARG B 813 -34.79 15.50 21.30
C ARG B 813 -36.18 14.87 21.24
N SER B 814 -36.39 13.93 20.33
CA SER B 814 -37.72 13.28 20.17
C SER B 814 -37.63 11.83 20.66
N PRO B 815 -38.76 11.14 20.93
CA PRO B 815 -38.72 9.73 21.33
C PRO B 815 -37.91 8.94 20.30
N ILE B 816 -38.19 9.15 19.02
CA ILE B 816 -37.45 8.44 17.93
C ILE B 816 -35.95 8.78 18.06
N GLU B 817 -35.62 10.05 18.26
CA GLU B 817 -34.21 10.48 18.37
C GLU B 817 -33.53 9.70 19.50
N ASP B 818 -34.20 9.62 20.66
CA ASP B 818 -33.60 8.92 21.83
C ASP B 818 -33.47 7.42 21.51
N LEU B 819 -34.54 6.80 21.01
CA LEU B 819 -34.46 5.37 20.60
C LEU B 819 -33.18 5.18 19.78
N LEU B 820 -32.96 6.06 18.79
CA LEU B 820 -31.79 5.96 17.95
C LEU B 820 -30.51 6.07 18.75
N PHE B 821 -30.43 7.03 19.67
CA PHE B 821 -29.26 7.17 20.51
C PHE B 821 -29.13 6.03 21.51
N ASN B 822 -30.25 5.44 21.93
CA ASN B 822 -30.18 4.34 22.88
C ASN B 822 -29.92 2.99 22.22
N LYS B 823 -30.05 2.89 20.90
CA LYS B 823 -29.80 1.65 20.18
C LYS B 823 -28.46 1.62 19.47
N VAL B 824 -27.65 2.68 19.61
CA VAL B 824 -26.31 2.72 19.04
C VAL B 824 -25.34 3.01 20.17
N THR B 825 -24.37 2.10 20.36
CA THR B 825 -23.38 2.22 21.42
C THR B 825 -22.03 2.52 20.79
N LEU B 826 -21.43 3.63 21.20
CA LEU B 826 -20.15 4.06 20.66
C LEU B 826 -19.00 3.51 21.49
N ALA B 827 -18.06 2.84 20.83
CA ALA B 827 -16.89 2.32 21.53
C ALA B 827 -16.06 3.46 22.11
N ASP B 828 -15.84 4.50 21.33
CA ASP B 828 -15.06 5.66 21.75
C ASP B 828 -15.88 6.91 21.50
N ALA B 829 -16.37 7.54 22.57
CA ALA B 829 -17.07 8.81 22.41
C ALA B 829 -16.14 9.90 21.90
N GLY B 830 -14.92 9.94 22.41
CA GLY B 830 -13.92 10.92 22.02
C GLY B 830 -13.97 12.21 22.82
N PHE B 831 -15.18 12.74 23.03
CA PHE B 831 -15.37 13.94 23.85
C PHE B 831 -15.48 13.59 25.33
N ILE B 832 -14.51 12.83 25.81
CA ILE B 832 -14.54 12.30 27.17
C ILE B 832 -13.37 12.85 27.97
N LYS B 833 -12.28 13.18 27.29
CA LYS B 833 -11.02 13.53 27.94
C LYS B 833 -10.66 12.45 28.98
N GLN B 834 -10.61 11.22 28.50
CA GLN B 834 -10.53 10.06 29.39
C GLN B 834 -9.21 9.99 30.17
N TYR B 835 -8.26 10.85 29.83
CA TYR B 835 -7.00 10.93 30.60
C TYR B 835 -7.31 11.24 32.07
N GLY B 836 -6.70 10.49 33.00
CA GLY B 836 -6.94 10.70 34.41
C GLY B 836 -7.66 9.55 35.09
N ASP B 837 -8.40 8.74 34.33
CA ASP B 837 -9.10 7.59 34.89
C ASP B 837 -8.53 6.26 34.41
N CYS B 838 -7.59 6.27 33.47
CA CYS B 838 -6.86 5.04 33.16
C CYS B 838 -6.11 4.55 34.39
N LEU B 839 -5.81 5.53 35.23
CA LEU B 839 -5.08 5.27 36.48
C LEU B 839 -6.11 4.90 37.55
N GLY B 840 -7.34 5.39 37.42
CA GLY B 840 -8.42 5.00 38.35
C GLY B 840 -9.23 3.86 37.79
N ASP B 841 -8.80 3.31 36.64
CA ASP B 841 -9.52 2.19 35.99
C ASP B 841 -9.56 0.99 36.94
N ILE B 842 -8.54 0.85 37.79
CA ILE B 842 -8.48 -0.28 38.76
C ILE B 842 -8.30 -1.59 38.00
N ALA B 843 -9.34 -2.04 37.28
CA ALA B 843 -9.25 -3.27 36.47
C ALA B 843 -8.50 -2.99 35.16
N ALA B 844 -8.38 -3.99 34.29
CA ALA B 844 -7.63 -3.81 33.03
C ALA B 844 -8.17 -2.57 32.30
N ARG B 845 -7.26 -1.69 31.86
CA ARG B 845 -7.71 -0.43 31.19
C ARG B 845 -8.51 -0.78 29.94
N ASP B 846 -9.54 0.01 29.62
CA ASP B 846 -10.42 -0.30 28.47
C ASP B 846 -9.71 -0.05 27.14
N LEU B 847 -10.29 -0.54 26.04
CA LEU B 847 -9.70 -0.31 24.69
C LEU B 847 -9.23 1.14 24.58
N ILE B 848 -10.05 2.08 25.05
CA ILE B 848 -9.70 3.49 24.90
C ILE B 848 -8.39 3.80 25.59
N CYS B 849 -8.29 3.40 26.87
CA CYS B 849 -7.06 3.68 27.65
C CYS B 849 -5.88 3.04 26.95
N ALA B 850 -6.11 1.91 26.29
CA ALA B 850 -5.02 1.19 25.59
C ALA B 850 -4.64 1.96 24.32
N GLN B 851 -5.63 2.37 23.51
CA GLN B 851 -5.32 3.19 22.34
C GLN B 851 -4.55 4.44 22.73
N LYS B 852 -4.94 5.05 23.86
CA LYS B 852 -4.20 6.25 24.36
C LYS B 852 -2.77 5.83 24.68
N PHE B 853 -2.56 4.58 25.11
CA PHE B 853 -1.19 4.12 25.50
C PHE B 853 -0.30 3.98 24.26
N ASN B 854 -0.88 3.97 23.06
CA ASN B 854 -0.07 3.89 21.85
C ASN B 854 -0.52 4.87 20.78
N GLY B 855 -0.75 6.14 21.18
CA GLY B 855 -0.97 7.24 20.23
C GLY B 855 -2.06 7.16 19.17
N LEU B 856 -3.18 6.52 19.43
CA LEU B 856 -4.30 6.56 18.49
C LEU B 856 -5.50 7.15 19.18
N THR B 857 -5.75 8.44 18.95
CA THR B 857 -6.85 9.16 19.56
C THR B 857 -7.98 9.35 18.57
N VAL B 858 -9.12 9.79 19.09
CA VAL B 858 -10.31 10.04 18.29
C VAL B 858 -10.71 11.49 18.48
N LEU B 859 -10.72 12.23 17.39
CA LEU B 859 -11.22 13.59 17.54
C LEU B 859 -12.74 13.60 17.56
N PRO B 860 -13.34 14.53 18.29
CA PRO B 860 -14.80 14.60 18.32
C PRO B 860 -15.32 15.42 17.16
N PRO B 861 -16.52 15.12 16.67
CA PRO B 861 -17.07 15.89 15.56
C PRO B 861 -17.35 17.32 15.95
N LEU B 862 -17.22 18.21 14.96
CA LEU B 862 -17.39 19.64 15.20
C LEU B 862 -18.81 19.94 15.66
N LEU B 863 -19.80 19.35 15.01
CA LEU B 863 -21.20 19.50 15.41
C LEU B 863 -21.53 18.45 16.46
N THR B 864 -21.95 18.90 17.64
CA THR B 864 -22.33 17.98 18.70
C THR B 864 -23.68 17.33 18.39
N ASP B 865 -23.97 16.26 19.10
CA ASP B 865 -25.22 15.55 18.95
C ASP B 865 -26.41 16.33 19.47
N GLU B 866 -26.17 17.47 20.13
CA GLU B 866 -27.23 18.32 20.64
C GLU B 866 -27.68 19.37 19.62
N MET B 867 -26.76 20.18 19.12
CA MET B 867 -27.14 21.15 18.10
C MET B 867 -27.45 20.50 16.75
N ILE B 868 -26.99 19.27 16.53
CA ILE B 868 -27.44 18.54 15.35
C ILE B 868 -28.93 18.25 15.47
N ALA B 869 -29.40 17.97 16.69
CA ALA B 869 -30.83 17.84 16.91
C ALA B 869 -31.54 19.17 16.72
N GLN B 870 -30.87 20.27 17.05
CA GLN B 870 -31.44 21.58 16.77
C GLN B 870 -31.62 21.80 15.26
N TYR B 871 -30.62 21.40 14.48
CA TYR B 871 -30.74 21.50 13.02
C TYR B 871 -31.88 20.63 12.51
N THR B 872 -31.98 19.42 13.04
CA THR B 872 -33.06 18.53 12.64
C THR B 872 -34.42 19.12 12.98
N SER B 873 -34.54 19.71 14.17
CA SER B 873 -35.80 20.34 14.56
C SER B 873 -36.11 21.55 13.69
N ALA B 874 -35.08 22.31 13.30
CA ALA B 874 -35.30 23.43 12.41
C ALA B 874 -35.83 22.96 11.06
N LEU B 875 -35.22 21.91 10.51
CA LEU B 875 -35.71 21.34 9.26
C LEU B 875 -37.14 20.85 9.41
N LEU B 876 -37.43 20.19 10.53
CA LEU B 876 -38.77 19.65 10.76
C LEU B 876 -39.81 20.75 10.85
N ALA B 877 -39.54 21.81 11.61
CA ALA B 877 -40.45 22.93 11.71
C ALA B 877 -40.57 23.69 10.40
N GLY B 878 -39.53 23.67 9.56
CA GLY B 878 -39.67 24.26 8.25
C GLY B 878 -40.64 23.54 7.34
N THR B 879 -40.67 22.22 7.41
CA THR B 879 -41.55 21.43 6.56
C THR B 879 -43.00 21.46 7.00
N ILE B 880 -43.29 21.32 8.29
CA ILE B 880 -44.66 21.17 8.75
C ILE B 880 -45.41 22.49 8.86
N THR B 881 -44.70 23.62 8.91
CA THR B 881 -45.35 24.92 9.02
C THR B 881 -45.23 25.77 7.77
N SER B 882 -44.27 25.50 6.90
CA SER B 882 -44.08 26.32 5.70
C SER B 882 -44.08 25.49 4.42
N GLY B 883 -44.41 24.20 4.50
CA GLY B 883 -44.37 23.38 3.31
C GLY B 883 -42.97 23.30 2.74
N TRP B 884 -42.89 23.37 1.42
CA TRP B 884 -41.61 23.34 0.72
C TRP B 884 -41.10 24.71 0.32
N THR B 885 -41.81 25.77 0.70
CA THR B 885 -41.36 27.12 0.33
C THR B 885 -40.03 27.47 0.99
N PHE B 886 -39.86 27.12 2.27
CA PHE B 886 -38.65 27.49 2.99
C PHE B 886 -37.40 26.83 2.42
N GLY B 887 -37.55 25.76 1.66
CA GLY B 887 -36.41 25.19 0.99
C GLY B 887 -35.95 25.95 -0.22
N ALA B 888 -36.74 26.91 -0.69
CA ALA B 888 -36.41 27.75 -1.82
C ALA B 888 -36.03 29.16 -1.41
N GLY B 889 -36.89 29.85 -0.68
CA GLY B 889 -36.63 31.21 -0.26
C GLY B 889 -37.17 31.47 1.13
N PRO B 890 -37.90 32.58 1.29
CA PRO B 890 -38.51 32.87 2.59
C PRO B 890 -39.52 31.80 2.96
N ALA B 891 -39.62 31.52 4.27
CA ALA B 891 -40.55 30.53 4.78
C ALA B 891 -41.95 31.15 4.84
N LEU B 892 -42.84 30.66 4.01
CA LEU B 892 -44.22 31.15 3.94
C LEU B 892 -45.12 30.18 4.70
N GLN B 893 -45.82 30.72 5.70
CA GLN B 893 -46.72 29.87 6.53
C GLN B 893 -47.89 29.37 5.69
N ILE B 894 -48.28 28.10 5.86
CA ILE B 894 -49.39 27.51 5.15
C ILE B 894 -50.02 26.43 6.04
N PRO B 895 -51.34 26.38 6.15
CA PRO B 895 -51.96 25.36 7.00
C PRO B 895 -51.57 23.95 6.56
N PHE B 896 -51.37 23.09 7.55
CA PHE B 896 -50.97 21.73 7.26
C PHE B 896 -51.96 20.94 6.42
N PRO B 897 -53.27 21.00 6.66
CA PRO B 897 -54.19 20.33 5.72
C PRO B 897 -54.00 20.81 4.30
N MET B 898 -53.68 22.09 4.14
CA MET B 898 -53.50 22.66 2.81
C MET B 898 -52.23 22.14 2.16
N GLN B 899 -51.16 22.04 2.94
CA GLN B 899 -49.94 21.44 2.41
C GLN B 899 -50.18 19.98 2.02
N MET B 900 -50.94 19.25 2.83
CA MET B 900 -51.34 17.90 2.45
C MET B 900 -52.07 17.89 1.12
N ALA B 901 -53.03 18.81 0.96
CA ALA B 901 -53.78 18.86 -0.28
C ALA B 901 -52.86 19.13 -1.46
N TYR B 902 -51.86 19.99 -1.27
CA TYR B 902 -51.01 20.36 -2.39
C TYR B 902 -50.04 19.24 -2.73
N ARG B 903 -49.52 18.54 -1.73
CA ARG B 903 -48.72 17.36 -2.02
C ARG B 903 -49.55 16.29 -2.73
N PHE B 904 -50.80 16.12 -2.32
CA PHE B 904 -51.69 15.19 -3.00
C PHE B 904 -51.88 15.60 -4.46
N ASN B 905 -52.12 16.88 -4.69
CA ASN B 905 -52.19 17.41 -6.06
C ASN B 905 -50.89 17.18 -6.80
N GLY B 906 -49.77 17.05 -6.08
CA GLY B 906 -48.51 16.75 -6.72
C GLY B 906 -48.36 15.34 -7.23
N ILE B 907 -49.18 14.39 -6.78
CA ILE B 907 -49.11 13.02 -7.25
C ILE B 907 -50.30 12.64 -8.11
N GLY B 908 -51.09 13.62 -8.54
CA GLY B 908 -52.16 13.37 -9.48
C GLY B 908 -53.53 13.11 -8.89
N VAL B 909 -53.74 13.36 -7.60
CA VAL B 909 -55.03 13.21 -6.96
C VAL B 909 -55.47 14.56 -6.42
N THR B 910 -56.76 14.89 -6.63
CA THR B 910 -57.28 16.22 -6.24
C THR B 910 -57.15 16.47 -4.73
N GLN B 911 -57.29 17.74 -4.33
CA GLN B 911 -57.19 18.11 -2.89
C GLN B 911 -58.52 17.82 -2.19
N ASN B 912 -59.61 17.82 -2.95
CA ASN B 912 -60.97 17.63 -2.35
C ASN B 912 -61.01 16.31 -1.58
N VAL B 913 -60.47 15.23 -2.17
CA VAL B 913 -60.56 13.89 -1.51
C VAL B 913 -59.88 13.96 -0.15
N LEU B 914 -58.73 14.64 -0.04
CA LEU B 914 -58.05 14.79 1.27
C LEU B 914 -59.00 15.49 2.25
N TYR B 915 -59.53 16.65 1.85
CA TYR B 915 -60.43 17.41 2.76
C TYR B 915 -61.60 16.52 3.15
N GLU B 916 -62.06 15.68 2.22
CA GLU B 916 -63.17 14.73 2.53
C GLU B 916 -62.70 13.69 3.56
N ASN B 917 -61.50 13.11 3.37
CA ASN B 917 -61.05 12.05 4.28
C ASN B 917 -59.87 12.51 5.12
N GLN B 918 -59.92 13.77 5.56
CA GLN B 918 -58.81 14.32 6.40
C GLN B 918 -58.77 13.57 7.72
N LYS B 919 -59.94 13.23 8.29
CA LYS B 919 -59.98 12.46 9.55
C LYS B 919 -59.32 11.09 9.35
N LEU B 920 -59.71 10.37 8.30
CA LEU B 920 -59.17 9.04 8.06
C LEU B 920 -57.67 9.10 7.82
N ILE B 921 -57.20 10.07 7.03
CA ILE B 921 -55.77 10.13 6.77
C ILE B 921 -55.02 10.53 8.03
N ALA B 922 -55.60 11.39 8.87
CA ALA B 922 -54.94 11.75 10.12
C ALA B 922 -54.82 10.54 11.03
N ASN B 923 -55.87 9.73 11.13
CA ASN B 923 -55.79 8.53 11.95
C ASN B 923 -54.76 7.55 11.40
N GLN B 924 -54.72 7.37 10.08
CA GLN B 924 -53.71 6.49 9.50
C GLN B 924 -52.31 7.01 9.74
N PHE B 925 -52.11 8.31 9.62
CA PHE B 925 -50.80 8.90 9.88
C PHE B 925 -50.38 8.67 11.32
N ASN B 926 -51.28 8.90 12.26
CA ASN B 926 -50.97 8.68 13.66
C ASN B 926 -50.64 7.23 13.92
N SER B 927 -51.41 6.31 13.34
CA SER B 927 -51.16 4.89 13.54
C SER B 927 -49.79 4.49 12.98
N ALA B 928 -49.45 4.98 11.79
CA ALA B 928 -48.16 4.63 11.19
C ALA B 928 -47.00 5.18 12.01
N ILE B 929 -47.12 6.43 12.46
CA ILE B 929 -46.07 7.02 13.27
C ILE B 929 -45.92 6.25 14.59
N GLY B 930 -47.04 5.88 15.20
CA GLY B 930 -46.96 5.10 16.42
C GLY B 930 -46.32 3.75 16.22
N LYS B 931 -46.65 3.07 15.12
CA LYS B 931 -46.15 1.73 14.88
C LYS B 931 -44.71 1.70 14.39
N ILE B 932 -44.18 2.81 13.86
CA ILE B 932 -42.76 2.84 13.56
C ILE B 932 -41.91 2.86 14.83
N GLN B 933 -42.38 3.49 15.90
CA GLN B 933 -41.64 3.46 17.15
C GLN B 933 -41.52 2.04 17.68
N ASP B 934 -42.62 1.27 17.65
CA ASP B 934 -42.55 -0.11 18.10
C ASP B 934 -41.72 -0.96 17.14
N SER B 935 -41.76 -0.65 15.85
CA SER B 935 -40.92 -1.38 14.90
C SER B 935 -39.45 -1.20 15.19
N LEU B 936 -39.02 0.02 15.52
CA LEU B 936 -37.64 0.24 15.94
C LEU B 936 -37.35 -0.29 17.34
N PHE B 937 -38.36 -0.34 18.22
CA PHE B 937 -38.15 -0.80 19.58
C PHE B 937 -37.92 -2.30 19.64
N SER B 938 -38.75 -3.07 18.93
CA SER B 938 -38.73 -4.51 19.07
C SER B 938 -37.77 -5.20 18.12
N THR B 939 -37.32 -4.53 17.06
CA THR B 939 -36.39 -5.15 16.13
C THR B 939 -35.04 -5.36 16.80
N PRO B 940 -34.25 -6.42 16.48
CA PRO B 940 -32.93 -6.54 17.10
C PRO B 940 -32.13 -5.36 16.56
N SER B 941 -31.94 -5.32 15.24
CA SER B 941 -31.13 -4.23 14.72
C SER B 941 -31.69 -3.80 13.38
N ALA B 942 -32.50 -2.74 13.39
CA ALA B 942 -32.88 -2.05 12.15
C ALA B 942 -31.94 -0.92 11.81
N LEU B 943 -31.01 -0.59 12.71
CA LEU B 943 -29.98 0.39 12.49
C LEU B 943 -28.69 -0.23 11.98
N GLY B 944 -28.81 -1.35 11.26
CA GLY B 944 -27.65 -2.15 10.89
C GLY B 944 -26.57 -1.38 10.18
N LYS B 945 -26.92 -0.37 9.39
CA LYS B 945 -25.89 0.35 8.63
C LYS B 945 -25.03 1.21 9.54
N LEU B 946 -25.65 1.98 10.44
CA LEU B 946 -24.88 2.83 11.34
C LEU B 946 -24.03 2.00 12.28
N GLN B 947 -24.61 0.96 12.88
CA GLN B 947 -23.83 0.09 13.75
C GLN B 947 -22.74 -0.60 12.97
N ASP B 948 -22.97 -0.91 11.69
CA ASP B 948 -21.94 -1.51 10.87
C ASP B 948 -20.78 -0.55 10.66
N VAL B 949 -21.09 0.73 10.42
CA VAL B 949 -20.03 1.72 10.24
C VAL B 949 -19.21 1.88 11.51
N VAL B 950 -19.91 1.99 12.65
CA VAL B 950 -19.21 2.14 13.93
C VAL B 950 -18.36 0.92 14.22
N ASN B 951 -18.90 -0.28 13.97
CA ASN B 951 -18.14 -1.51 14.19
C ASN B 951 -16.94 -1.56 13.26
N HIS B 952 -17.10 -1.15 12.01
CA HIS B 952 -15.97 -1.15 11.09
C HIS B 952 -14.85 -0.25 11.59
N ASN B 953 -15.19 0.96 12.04
CA ASN B 953 -14.15 1.86 12.52
C ASN B 953 -13.48 1.32 13.78
N ALA B 954 -14.29 0.81 14.72
CA ALA B 954 -13.72 0.28 15.95
C ALA B 954 -12.84 -0.93 15.67
N GLN B 955 -13.26 -1.79 14.76
CA GLN B 955 -12.48 -2.97 14.40
C GLN B 955 -11.21 -2.61 13.66
N ALA B 956 -11.26 -1.57 12.82
CA ALA B 956 -10.03 -1.10 12.19
C ALA B 956 -9.06 -0.57 13.23
N LEU B 957 -9.55 0.20 14.19
CA LEU B 957 -8.67 0.70 15.24
C LEU B 957 -8.09 -0.43 16.08
N ASN B 958 -8.90 -1.45 16.38
CA ASN B 958 -8.42 -2.57 17.16
C ASN B 958 -7.34 -3.35 16.40
N THR B 959 -7.57 -3.60 15.10
CA THR B 959 -6.53 -4.22 14.30
C THR B 959 -5.28 -3.37 14.22
N LEU B 960 -5.44 -2.04 14.23
CA LEU B 960 -4.28 -1.17 14.23
C LEU B 960 -3.48 -1.34 15.52
N VAL B 961 -4.15 -1.30 16.67
CA VAL B 961 -3.43 -1.40 17.93
C VAL B 961 -2.85 -2.79 18.14
N LYS B 962 -3.47 -3.83 17.57
CA LYS B 962 -3.01 -5.18 17.83
C LYS B 962 -1.68 -5.50 17.14
N GLN B 963 -1.34 -4.79 16.06
CA GLN B 963 -0.08 -5.04 15.38
C GLN B 963 1.13 -4.60 16.19
N LEU B 964 0.93 -3.86 17.27
CA LEU B 964 2.03 -3.45 18.13
C LEU B 964 2.53 -4.58 19.01
N SER B 965 1.82 -5.70 19.05
CA SER B 965 2.27 -6.88 19.76
C SER B 965 2.84 -7.93 18.81
N SER B 966 3.07 -7.54 17.55
CA SER B 966 3.58 -8.45 16.53
C SER B 966 5.08 -8.22 16.36
N LYS B 967 5.85 -9.30 16.48
CA LYS B 967 7.30 -9.18 16.43
C LYS B 967 7.79 -8.69 15.08
N PHE B 968 7.02 -8.92 14.02
CA PHE B 968 7.44 -8.59 12.66
C PHE B 968 8.78 -9.24 12.30
N GLY B 969 9.05 -10.41 12.87
CA GLY B 969 10.29 -11.10 12.57
C GLY B 969 11.51 -10.54 13.27
N ALA B 970 11.34 -9.96 14.45
CA ALA B 970 12.46 -9.42 15.21
C ALA B 970 12.58 -10.10 16.57
N ILE B 971 13.57 -9.67 17.33
CA ILE B 971 13.86 -10.32 18.62
C ILE B 971 12.68 -10.17 19.57
N SER B 972 12.07 -8.99 19.61
CA SER B 972 10.89 -8.77 20.44
C SER B 972 10.04 -7.69 19.81
N SER B 973 8.86 -7.49 20.39
CA SER B 973 7.87 -6.56 19.84
C SER B 973 7.76 -5.26 20.62
N VAL B 974 8.69 -4.97 21.53
CA VAL B 974 8.60 -3.75 22.34
C VAL B 974 9.87 -2.94 22.13
N LEU B 975 9.69 -1.67 21.75
CA LEU B 975 10.81 -0.78 21.51
C LEU B 975 11.62 -0.57 22.77
N ASN B 976 10.95 -0.41 23.91
CA ASN B 976 11.62 -0.11 25.16
C ASN B 976 12.57 -1.20 25.61
N ASP B 977 12.18 -2.47 25.50
CA ASP B 977 13.10 -3.51 25.91
C ASP B 977 14.07 -3.87 24.80
N ILE B 978 13.69 -3.64 23.54
CA ILE B 978 14.66 -3.83 22.47
C ILE B 978 15.83 -2.88 22.60
N LEU B 979 15.57 -1.60 22.86
CA LEU B 979 16.67 -0.65 23.05
C LEU B 979 17.45 -0.97 24.32
N SER B 980 16.76 -1.44 25.36
CA SER B 980 17.40 -1.73 26.64
C SER B 980 18.12 -3.06 26.64
N ARG B 981 18.03 -3.84 25.55
CA ARG B 981 18.68 -5.15 25.47
C ARG B 981 19.83 -5.19 24.47
N LEU B 982 19.75 -4.46 23.37
CA LEU B 982 20.79 -4.48 22.34
C LEU B 982 21.40 -3.09 22.19
N ASP B 983 22.71 -3.08 21.96
CA ASP B 983 23.43 -1.83 21.75
C ASP B 983 23.04 -1.22 20.41
N PRO B 984 23.22 0.10 20.24
CA PRO B 984 22.65 0.81 19.07
C PRO B 984 22.98 0.15 17.74
N PRO B 985 24.25 -0.13 17.44
CA PRO B 985 24.56 -0.56 16.07
C PRO B 985 24.29 -2.03 15.78
N GLU B 986 23.67 -2.76 16.70
CA GLU B 986 23.02 -4.02 16.35
C GLU B 986 21.50 -3.96 16.50
N ALA B 987 21.02 -3.17 17.46
CA ALA B 987 19.58 -2.94 17.58
C ALA B 987 19.03 -2.15 16.42
N GLU B 988 19.90 -1.54 15.62
CA GLU B 988 19.44 -0.82 14.44
C GLU B 988 18.66 -1.72 13.49
N VAL B 989 19.14 -2.94 13.24
CA VAL B 989 18.45 -3.83 12.31
C VAL B 989 17.07 -4.17 12.84
N GLN B 990 16.97 -4.51 14.12
CA GLN B 990 15.68 -4.89 14.70
C GLN B 990 14.72 -3.70 14.69
N ILE B 991 15.22 -2.52 15.04
CA ILE B 991 14.38 -1.33 15.05
C ILE B 991 13.90 -1.00 13.64
N ASP B 992 14.74 -1.23 12.63
CA ASP B 992 14.32 -0.97 11.25
C ASP B 992 13.27 -1.99 10.82
N ARG B 993 13.40 -3.23 11.29
CA ARG B 993 12.38 -4.23 10.99
C ARG B 993 11.04 -3.82 11.59
N LEU B 994 11.05 -3.36 12.85
CA LEU B 994 9.82 -2.84 13.45
C LEU B 994 9.27 -1.66 12.68
N ILE B 995 10.13 -0.75 12.25
CA ILE B 995 9.66 0.43 11.52
C ILE B 995 8.99 0.00 10.23
N THR B 996 9.61 -0.92 9.50
CA THR B 996 9.02 -1.41 8.27
C THR B 996 7.68 -2.09 8.50
N GLY B 997 7.56 -2.91 9.53
CA GLY B 997 6.28 -3.54 9.81
C GLY B 997 5.20 -2.55 10.21
N ARG B 998 5.54 -1.64 11.13
CA ARG B 998 4.53 -0.74 11.66
C ARG B 998 4.09 0.29 10.63
N LEU B 999 5.02 0.83 9.84
CA LEU B 999 4.63 1.75 8.78
C LEU B 999 3.73 1.07 7.76
N GLN B 1000 4.03 -0.17 7.40
CA GLN B 1000 3.18 -0.90 6.48
C GLN B 1000 1.78 -1.12 7.04
N SER B 1001 1.68 -1.48 8.33
CA SER B 1001 0.37 -1.62 8.94
C SER B 1001 -0.37 -0.29 9.00
N LEU B 1002 0.32 0.79 9.32
CA LEU B 1002 -0.30 2.12 9.35
C LEU B 1002 -0.76 2.56 7.97
N GLN B 1003 0.02 2.30 6.94
CA GLN B 1003 -0.41 2.55 5.57
C GLN B 1003 -1.65 1.74 5.20
N THR B 1004 -1.70 0.47 5.59
CA THR B 1004 -2.91 -0.31 5.43
C THR B 1004 -4.11 0.39 6.08
N TYR B 1005 -3.95 0.80 7.33
CA TYR B 1005 -5.06 1.44 8.03
C TYR B 1005 -5.49 2.72 7.34
N VAL B 1006 -4.52 3.55 6.93
CA VAL B 1006 -4.85 4.83 6.34
C VAL B 1006 -5.54 4.65 5.00
N THR B 1007 -5.05 3.71 4.19
CA THR B 1007 -5.70 3.44 2.91
C THR B 1007 -7.12 2.92 3.10
N GLN B 1008 -7.32 2.00 4.05
CA GLN B 1008 -8.67 1.51 4.31
C GLN B 1008 -9.58 2.62 4.82
N GLN B 1009 -9.06 3.50 5.68
CA GLN B 1009 -9.85 4.63 6.15
C GLN B 1009 -10.19 5.56 5.00
N LEU B 1010 -9.26 5.79 4.08
CA LEU B 1010 -9.55 6.60 2.91
C LEU B 1010 -10.68 5.99 2.10
N ILE B 1011 -10.63 4.67 1.89
CA ILE B 1011 -11.65 4.02 1.08
C ILE B 1011 -13.00 4.10 1.77
N ARG B 1012 -13.04 3.82 3.06
CA ARG B 1012 -14.30 3.88 3.79
C ARG B 1012 -14.81 5.32 3.89
N ALA B 1013 -13.91 6.29 3.95
CA ALA B 1013 -14.35 7.69 3.99
C ALA B 1013 -14.89 8.13 2.65
N ALA B 1014 -14.34 7.62 1.55
CA ALA B 1014 -14.94 7.88 0.25
C ALA B 1014 -16.32 7.25 0.14
N GLU B 1015 -16.47 6.04 0.66
CA GLU B 1015 -17.78 5.39 0.68
C GLU B 1015 -18.78 6.20 1.50
N ILE B 1016 -18.35 6.65 2.68
CA ILE B 1016 -19.22 7.46 3.54
C ILE B 1016 -19.51 8.80 2.90
N ARG B 1017 -18.56 9.36 2.17
CA ARG B 1017 -18.81 10.61 1.45
C ARG B 1017 -19.89 10.41 0.38
N ALA B 1018 -19.82 9.31 -0.35
CA ALA B 1018 -20.86 9.04 -1.33
C ALA B 1018 -22.21 8.86 -0.64
N SER B 1019 -22.23 8.13 0.48
CA SER B 1019 -23.47 7.92 1.20
C SER B 1019 -24.02 9.24 1.74
N ALA B 1020 -23.14 10.12 2.23
CA ALA B 1020 -23.58 11.38 2.78
C ALA B 1020 -24.05 12.34 1.70
N ASN B 1021 -23.43 12.31 0.52
CA ASN B 1021 -23.94 13.09 -0.59
C ASN B 1021 -25.31 12.59 -1.02
N LEU B 1022 -25.49 11.26 -1.04
CA LEU B 1022 -26.82 10.72 -1.29
C LEU B 1022 -27.80 11.18 -0.24
N ALA B 1023 -27.38 11.21 1.03
CA ALA B 1023 -28.25 11.67 2.10
C ALA B 1023 -28.61 13.14 1.94
N ALA B 1024 -27.63 13.97 1.55
CA ALA B 1024 -27.89 15.39 1.36
C ALA B 1024 -28.85 15.63 0.21
N THR B 1025 -28.67 14.91 -0.89
CA THR B 1025 -29.61 15.02 -2.00
C THR B 1025 -30.99 14.55 -1.58
N LYS B 1026 -31.06 13.44 -0.84
CA LYS B 1026 -32.33 12.93 -0.36
C LYS B 1026 -33.02 13.95 0.54
N MET B 1027 -32.26 14.60 1.42
CA MET B 1027 -32.83 15.64 2.26
C MET B 1027 -33.35 16.79 1.41
N SER B 1028 -32.51 17.31 0.52
CA SER B 1028 -32.88 18.48 -0.26
C SER B 1028 -34.08 18.21 -1.15
N GLU B 1029 -34.30 16.96 -1.55
CA GLU B 1029 -35.44 16.64 -2.40
C GLU B 1029 -36.67 16.21 -1.59
N CYS B 1030 -36.56 15.13 -0.82
CA CYS B 1030 -37.72 14.62 -0.10
C CYS B 1030 -38.16 15.56 1.01
N VAL B 1031 -37.20 16.14 1.74
CA VAL B 1031 -37.57 17.01 2.86
C VAL B 1031 -38.05 18.35 2.35
N LEU B 1032 -37.19 19.08 1.64
CA LEU B 1032 -37.53 20.41 1.14
C LEU B 1032 -38.33 20.34 -0.15
N GLY B 1033 -39.40 19.56 -0.14
CA GLY B 1033 -40.24 19.44 -1.31
C GLY B 1033 -40.74 18.04 -1.57
N GLN B 1034 -41.56 17.89 -2.61
CA GLN B 1034 -42.04 16.59 -3.04
C GLN B 1034 -41.23 16.14 -4.24
N SER B 1035 -40.78 14.89 -4.21
CA SER B 1035 -39.94 14.35 -5.26
C SER B 1035 -40.76 13.41 -6.14
N LYS B 1036 -40.80 13.70 -7.44
CA LYS B 1036 -41.55 12.90 -8.39
C LYS B 1036 -40.87 11.60 -8.75
N ARG B 1037 -39.56 11.48 -8.49
CA ARG B 1037 -38.84 10.27 -8.84
C ARG B 1037 -39.31 9.11 -7.98
N VAL B 1038 -39.85 8.08 -8.62
CA VAL B 1038 -40.51 7.00 -7.90
C VAL B 1038 -39.47 6.16 -7.18
N ASP B 1039 -39.84 5.65 -6.01
CA ASP B 1039 -39.03 4.76 -5.19
C ASP B 1039 -37.71 5.40 -4.76
N PHE B 1040 -37.61 6.73 -4.81
CA PHE B 1040 -36.44 7.39 -4.28
C PHE B 1040 -36.62 7.73 -2.80
N CYS B 1041 -37.71 8.42 -2.48
CA CYS B 1041 -38.00 8.77 -1.09
C CYS B 1041 -38.92 7.71 -0.48
N GLY B 1042 -38.38 6.51 -0.36
CA GLY B 1042 -39.12 5.38 0.16
C GLY B 1042 -40.08 4.81 -0.87
N LYS B 1043 -40.66 3.66 -0.51
CA LYS B 1043 -41.56 2.96 -1.41
C LYS B 1043 -42.91 3.67 -1.48
N GLY B 1044 -43.47 3.75 -2.68
CA GLY B 1044 -44.76 4.34 -2.90
C GLY B 1044 -44.65 5.79 -3.32
N TYR B 1045 -45.81 6.37 -3.62
CA TYR B 1045 -45.89 7.77 -4.03
C TYR B 1045 -45.47 8.64 -2.87
N HIS B 1046 -44.39 9.40 -3.05
CA HIS B 1046 -43.83 10.19 -1.97
C HIS B 1046 -44.70 11.39 -1.65
N LEU B 1047 -44.88 11.66 -0.35
CA LEU B 1047 -45.59 12.84 0.12
C LEU B 1047 -44.67 13.78 0.89
N MET B 1048 -44.04 13.32 1.96
CA MET B 1048 -43.10 14.14 2.72
C MET B 1048 -41.95 13.26 3.17
N SER B 1049 -41.08 13.83 4.01
CA SER B 1049 -40.07 13.06 4.68
C SER B 1049 -39.58 13.86 5.88
N PHE B 1050 -39.64 13.24 7.06
CA PHE B 1050 -39.23 13.90 8.29
C PHE B 1050 -37.87 13.38 8.71
N PRO B 1051 -36.84 14.21 8.74
CA PRO B 1051 -35.51 13.72 9.12
C PRO B 1051 -35.38 13.58 10.62
N GLN B 1052 -34.50 12.67 11.03
CA GLN B 1052 -34.18 12.47 12.44
C GLN B 1052 -32.69 12.22 12.57
N SER B 1053 -32.07 12.85 13.54
CA SER B 1053 -30.64 12.72 13.77
C SER B 1053 -30.35 11.37 14.41
N ALA B 1054 -29.24 10.76 14.00
CA ALA B 1054 -28.80 9.48 14.52
C ALA B 1054 -27.31 9.54 14.79
N PRO B 1055 -26.80 8.68 15.67
CA PRO B 1055 -25.35 8.66 15.91
C PRO B 1055 -24.58 8.39 14.62
N HIS B 1056 -23.81 9.39 14.19
CA HIS B 1056 -23.03 9.28 12.98
C HIS B 1056 -23.91 8.92 11.78
N GLY B 1057 -25.04 9.59 11.64
CA GLY B 1057 -25.90 9.34 10.51
C GLY B 1057 -27.20 10.07 10.63
N VAL B 1058 -28.06 9.86 9.63
CA VAL B 1058 -29.39 10.44 9.59
C VAL B 1058 -30.40 9.35 9.31
N VAL B 1059 -31.62 9.54 9.78
CA VAL B 1059 -32.72 8.61 9.56
C VAL B 1059 -33.93 9.39 9.08
N PHE B 1060 -34.51 8.94 7.98
CA PHE B 1060 -35.63 9.62 7.35
C PHE B 1060 -36.94 8.94 7.70
N LEU B 1061 -38.01 9.70 7.71
CA LEU B 1061 -39.36 9.19 7.90
C LEU B 1061 -40.16 9.58 6.66
N HIS B 1062 -40.11 8.75 5.62
CA HIS B 1062 -40.81 9.03 4.38
C HIS B 1062 -42.29 8.75 4.55
N VAL B 1063 -43.10 9.79 4.39
CA VAL B 1063 -44.56 9.63 4.36
C VAL B 1063 -44.97 9.44 2.91
N THR B 1064 -45.59 8.31 2.62
CA THR B 1064 -45.88 7.94 1.24
C THR B 1064 -47.36 7.60 1.09
N TYR B 1065 -47.88 7.87 -0.11
CA TYR B 1065 -49.25 7.54 -0.46
C TYR B 1065 -49.23 6.24 -1.25
N VAL B 1066 -49.94 5.23 -0.74
CA VAL B 1066 -49.94 3.90 -1.31
C VAL B 1066 -51.38 3.52 -1.61
N PRO B 1067 -51.70 3.09 -2.82
CA PRO B 1067 -53.10 2.73 -3.13
C PRO B 1067 -53.57 1.50 -2.37
N ALA B 1068 -54.82 1.12 -2.60
CA ALA B 1068 -55.51 0.12 -1.78
C ALA B 1068 -56.48 -0.63 -2.68
N GLN B 1069 -57.48 -1.26 -2.06
CA GLN B 1069 -58.50 -2.06 -2.75
C GLN B 1069 -58.87 -1.47 -4.09
N GLU B 1070 -58.87 -2.33 -5.12
CA GLU B 1070 -59.19 -1.88 -6.50
C GLU B 1070 -59.99 -2.98 -7.19
N LYS B 1071 -60.69 -2.65 -8.28
CA LYS B 1071 -61.54 -3.65 -8.98
C LYS B 1071 -61.34 -3.53 -10.50
N ASN B 1072 -61.61 -4.60 -11.24
CA ASN B 1072 -61.51 -4.54 -12.72
C ASN B 1072 -62.58 -3.56 -13.24
N PHE B 1073 -62.18 -2.65 -14.14
CA PHE B 1073 -63.15 -1.66 -14.70
C PHE B 1073 -63.06 -1.67 -16.22
N THR B 1074 -64.20 -1.76 -16.91
CA THR B 1074 -64.20 -1.70 -18.39
C THR B 1074 -63.79 -0.28 -18.81
N THR B 1075 -62.66 -0.15 -19.50
CA THR B 1075 -62.19 1.18 -19.89
C THR B 1075 -62.07 1.26 -21.40
N ALA B 1076 -62.18 2.48 -21.92
CA ALA B 1076 -62.13 2.73 -23.34
C ALA B 1076 -61.20 3.91 -23.61
N PRO B 1077 -60.31 3.85 -24.64
CA PRO B 1077 -59.36 4.94 -24.89
C PRO B 1077 -60.07 6.28 -25.10
N ALA B 1078 -61.25 6.26 -25.74
CA ALA B 1078 -61.96 7.50 -26.01
C ALA B 1078 -63.44 7.19 -26.14
N ILE B 1079 -64.24 8.25 -26.09
CA ILE B 1079 -65.69 8.15 -26.17
C ILE B 1079 -66.16 8.92 -27.39
N CYS B 1080 -66.96 8.30 -28.26
CA CYS B 1080 -67.35 8.90 -29.55
C CYS B 1080 -68.80 9.37 -29.54
N HIS B 1081 -69.07 10.60 -29.08
CA HIS B 1081 -70.42 11.12 -28.86
C HIS B 1081 -71.15 11.29 -30.19
N ASP B 1082 -70.64 12.17 -31.05
CA ASP B 1082 -71.23 12.41 -32.37
C ASP B 1082 -70.08 12.51 -33.37
N GLY B 1083 -69.69 11.37 -33.92
CA GLY B 1083 -68.61 11.31 -34.88
C GLY B 1083 -67.27 11.84 -34.42
N LYS B 1084 -67.16 12.26 -33.16
CA LYS B 1084 -65.95 12.89 -32.65
C LYS B 1084 -65.48 12.14 -31.41
N ALA B 1085 -64.17 11.92 -31.32
CA ALA B 1085 -63.59 11.23 -30.20
C ALA B 1085 -63.42 12.19 -29.02
N HIS B 1086 -63.73 11.71 -27.83
CA HIS B 1086 -63.55 12.48 -26.60
C HIS B 1086 -62.52 11.77 -25.74
N PHE B 1087 -61.49 12.51 -25.33
CA PHE B 1087 -60.48 11.99 -24.43
C PHE B 1087 -60.52 12.75 -23.12
N PRO B 1088 -60.32 12.07 -21.99
CA PRO B 1088 -60.39 12.76 -20.71
C PRO B 1088 -59.25 13.76 -20.57
N ARG B 1089 -59.57 14.94 -20.03
CA ARG B 1089 -58.55 15.94 -19.80
C ARG B 1089 -57.51 15.44 -18.83
N GLU B 1090 -57.93 14.67 -17.82
CA GLU B 1090 -57.00 13.92 -16.97
C GLU B 1090 -57.79 12.77 -16.36
N GLY B 1091 -57.27 11.56 -16.53
CA GLY B 1091 -57.84 10.39 -15.90
C GLY B 1091 -58.30 9.38 -16.94
N VAL B 1092 -58.98 8.36 -16.45
CA VAL B 1092 -59.42 7.24 -17.26
C VAL B 1092 -60.93 7.28 -17.40
N PHE B 1093 -61.42 6.92 -18.57
CA PHE B 1093 -62.83 6.61 -18.76
C PHE B 1093 -63.10 5.25 -18.14
N VAL B 1094 -64.13 5.07 -17.33
CA VAL B 1094 -64.27 3.69 -16.78
C VAL B 1094 -65.74 3.31 -16.87
N SER B 1095 -66.08 2.02 -16.72
CA SER B 1095 -67.49 1.58 -16.87
C SER B 1095 -67.90 0.72 -15.66
N ASN B 1096 -68.96 1.11 -14.95
CA ASN B 1096 -69.45 0.32 -13.79
C ASN B 1096 -70.20 -0.91 -14.32
N GLY B 1097 -70.46 -0.96 -15.63
CA GLY B 1097 -71.18 -2.09 -16.22
C GLY B 1097 -72.32 -1.62 -17.10
N THR B 1098 -72.76 -0.36 -16.91
CA THR B 1098 -73.84 0.21 -17.75
C THR B 1098 -73.49 1.65 -18.11
N HIS B 1099 -73.47 2.55 -17.13
CA HIS B 1099 -73.17 3.98 -17.40
C HIS B 1099 -71.66 4.21 -17.41
N TRP B 1100 -71.18 5.05 -18.33
CA TRP B 1100 -69.72 5.34 -18.41
C TRP B 1100 -69.33 6.46 -17.44
N PHE B 1101 -68.10 6.46 -16.92
CA PHE B 1101 -67.74 7.48 -15.89
C PHE B 1101 -66.26 7.88 -16.00
N VAL B 1102 -65.96 9.17 -15.78
CA VAL B 1102 -64.58 9.63 -15.78
C VAL B 1102 -64.10 9.71 -14.34
N THR B 1103 -62.82 9.46 -14.13
CA THR B 1103 -62.26 9.44 -12.79
C THR B 1103 -60.77 9.78 -12.87
N GLN B 1104 -60.17 10.00 -11.71
CA GLN B 1104 -58.77 10.41 -11.64
C GLN B 1104 -57.87 9.19 -11.85
N ARG B 1105 -56.58 9.37 -11.59
CA ARG B 1105 -55.59 8.33 -11.81
C ARG B 1105 -55.44 7.39 -10.63
N ASN B 1106 -55.33 7.92 -9.42
CA ASN B 1106 -55.00 7.12 -8.25
C ASN B 1106 -56.11 7.08 -7.21
N PHE B 1107 -57.30 7.53 -7.56
CA PHE B 1107 -58.44 7.40 -6.66
C PHE B 1107 -59.71 7.31 -7.49
N TYR B 1108 -60.58 6.38 -7.11
CA TYR B 1108 -61.84 6.20 -7.81
C TYR B 1108 -62.82 7.29 -7.39
N GLU B 1109 -62.92 8.33 -8.21
CA GLU B 1109 -63.88 9.43 -7.93
C GLU B 1109 -64.71 9.61 -9.19
N PRO B 1110 -65.65 8.69 -9.54
CA PRO B 1110 -66.39 8.79 -10.80
C PRO B 1110 -67.18 10.08 -10.88
N GLN B 1111 -67.22 10.65 -12.08
CA GLN B 1111 -67.94 11.89 -12.34
C GLN B 1111 -68.68 11.76 -13.66
N ILE B 1112 -69.73 12.55 -13.80
CA ILE B 1112 -70.48 12.56 -15.06
C ILE B 1112 -69.58 13.11 -16.15
N ILE B 1113 -69.53 12.41 -17.28
CA ILE B 1113 -68.64 12.77 -18.38
C ILE B 1113 -69.18 13.99 -19.10
N THR B 1114 -68.62 15.16 -18.79
CA THR B 1114 -69.04 16.43 -19.35
C THR B 1114 -68.00 16.94 -20.35
N THR B 1115 -68.39 17.97 -21.09
CA THR B 1115 -67.45 18.63 -21.99
C THR B 1115 -66.34 19.34 -21.23
N ASP B 1116 -66.51 19.57 -19.92
CA ASP B 1116 -65.42 20.08 -19.11
C ASP B 1116 -64.37 19.01 -18.87
N ASN B 1117 -64.82 17.79 -18.56
CA ASN B 1117 -63.90 16.71 -18.22
C ASN B 1117 -63.11 16.25 -19.45
N THR B 1118 -63.61 16.52 -20.65
CA THR B 1118 -63.04 15.95 -21.87
C THR B 1118 -62.70 17.05 -22.86
N PHE B 1119 -61.73 16.72 -23.70
CA PHE B 1119 -61.36 17.61 -24.84
C PHE B 1119 -61.66 16.77 -26.08
N VAL B 1120 -62.16 17.38 -27.14
CA VAL B 1120 -62.60 16.67 -28.34
C VAL B 1120 -61.64 16.96 -29.48
N SER B 1121 -61.10 15.90 -30.08
CA SER B 1121 -60.30 16.02 -31.30
C SER B 1121 -60.23 14.65 -31.94
N GLY B 1122 -60.81 14.50 -33.11
CA GLY B 1122 -60.78 13.23 -33.80
C GLY B 1122 -61.93 13.11 -34.78
N ASN B 1123 -62.04 11.92 -35.38
CA ASN B 1123 -63.06 11.63 -36.36
C ASN B 1123 -63.79 10.33 -36.09
N CYS B 1124 -63.52 9.67 -34.97
CA CYS B 1124 -64.20 8.43 -34.57
C CYS B 1124 -63.94 7.29 -35.55
N ASP B 1125 -62.85 7.36 -36.32
CA ASP B 1125 -62.53 6.29 -37.26
C ASP B 1125 -61.09 5.80 -37.14
N VAL B 1126 -60.24 6.55 -36.44
CA VAL B 1126 -58.80 6.19 -36.36
C VAL B 1126 -58.42 5.99 -34.89
N VAL B 1127 -59.22 6.54 -33.97
CA VAL B 1127 -58.94 6.37 -32.51
C VAL B 1127 -59.34 4.95 -32.12
N ILE B 1128 -58.36 4.05 -32.02
CA ILE B 1128 -58.64 2.63 -31.66
C ILE B 1128 -59.31 2.60 -30.28
N GLY B 1129 -60.39 1.83 -30.13
CA GLY B 1129 -61.06 1.71 -28.82
C GLY B 1129 -62.20 2.69 -28.67
N ILE B 1130 -62.67 3.29 -29.77
CA ILE B 1130 -63.85 4.20 -29.70
C ILE B 1130 -65.01 3.40 -29.08
N VAL B 1131 -65.79 4.04 -28.20
CA VAL B 1131 -66.85 3.29 -27.49
C VAL B 1131 -68.03 4.24 -27.36
N ASN B 1132 -68.99 4.04 -28.23
CA ASN B 1132 -70.20 4.92 -28.34
C ASN B 1132 -70.82 5.10 -26.96
N ASN B 1133 -71.44 6.26 -26.74
CA ASN B 1133 -71.96 6.70 -25.42
C ASN B 1133 -72.43 8.13 -25.61
N THR B 1134 -73.12 8.68 -24.63
CA THR B 1134 -73.70 10.01 -24.77
C THR B 1134 -72.97 10.98 -23.85
N VAL B 1135 -72.44 12.05 -24.43
CA VAL B 1135 -71.87 13.13 -23.65
C VAL B 1135 -72.94 14.18 -23.41
N TYR B 1136 -72.71 15.02 -22.42
CA TYR B 1136 -73.67 16.05 -22.05
C TYR B 1136 -73.06 17.42 -22.22
N ASP B 1137 -73.92 18.42 -22.41
CA ASP B 1137 -73.50 19.81 -22.40
C ASP B 1137 -74.46 20.62 -21.55
N PRO B 1138 -74.00 21.65 -20.87
CA PRO B 1138 -74.88 22.46 -20.02
C PRO B 1138 -75.59 23.59 -20.75
N LEU B 1139 -75.66 23.56 -22.08
CA LEU B 1139 -76.17 24.69 -22.85
C LEU B 1139 -77.57 24.49 -23.39
N GLN B 1140 -77.88 23.30 -23.93
CA GLN B 1140 -79.16 23.11 -24.62
C GLN B 1140 -80.33 23.20 -23.64
N LEU B 1141 -80.10 22.86 -22.38
CA LEU B 1141 -81.15 22.96 -21.38
C LEU B 1141 -81.58 24.41 -21.17
N GLU B 1142 -80.61 25.31 -21.13
CA GLU B 1142 -80.89 26.73 -20.93
C GLU B 1142 -80.89 27.47 -22.27
N THR C 26 39.01 46.60 33.89
CA THR C 26 37.94 45.69 34.31
C THR C 26 36.88 45.54 33.22
N THR C 27 35.72 45.04 33.62
CA THR C 27 34.64 44.76 32.68
C THR C 27 33.31 44.71 33.42
N THR C 28 32.23 44.85 32.65
CA THR C 28 30.88 44.73 33.15
C THR C 28 30.20 43.54 32.46
N GLN C 29 29.07 43.12 33.01
CA GLN C 29 28.37 41.94 32.52
C GLN C 29 26.87 42.23 32.37
N SER C 30 26.54 43.34 31.72
CA SER C 30 25.16 43.70 31.48
C SER C 30 24.52 42.75 30.48
N TYR C 31 23.18 42.64 30.54
CA TYR C 31 22.47 41.74 29.59
C TYR C 31 21.91 42.54 28.41
N THR C 32 21.63 41.87 27.29
CA THR C 32 21.13 42.57 26.07
C THR C 32 20.35 41.59 25.18
N ASN C 33 19.13 41.97 24.77
CA ASN C 33 18.35 41.12 23.83
C ASN C 33 19.09 41.06 22.50
N SER C 34 19.07 39.94 21.82
CA SER C 34 19.71 39.73 20.53
C SER C 34 18.79 39.94 19.35
N PHE C 35 17.47 39.84 19.56
CA PHE C 35 16.48 40.01 18.49
C PHE C 35 16.79 39.01 17.38
N THR C 36 16.45 39.35 16.15
CA THR C 36 16.72 38.50 14.99
C THR C 36 18.15 38.77 14.54
N ARG C 37 19.08 37.93 15.01
CA ARG C 37 20.49 38.15 14.75
C ARG C 37 21.24 36.85 14.94
N GLY C 38 22.31 36.67 14.17
CA GLY C 38 23.15 35.50 14.34
C GLY C 38 22.71 34.31 13.49
N VAL C 39 22.44 34.56 12.22
CA VAL C 39 22.04 33.52 11.27
C VAL C 39 23.08 33.46 10.17
N TYR C 40 23.67 32.28 10.00
CA TYR C 40 24.74 32.11 8.99
C TYR C 40 24.31 31.04 7.97
N TYR C 41 24.93 31.07 6.80
CA TYR C 41 24.66 30.08 5.76
C TYR C 41 25.08 28.70 6.27
N PRO C 42 24.13 27.78 6.50
CA PRO C 42 24.51 26.47 7.04
C PRO C 42 25.46 25.71 6.13
N ASP C 43 25.33 25.85 4.82
CA ASP C 43 26.24 25.19 3.90
C ASP C 43 26.55 26.14 2.74
N LYS C 44 27.12 25.63 1.66
CA LYS C 44 27.58 26.45 0.54
C LYS C 44 26.79 26.18 -0.73
N VAL C 45 25.47 26.00 -0.61
CA VAL C 45 24.62 25.68 -1.76
C VAL C 45 23.76 26.89 -2.08
N PHE C 46 23.84 27.26 -3.37
CA PHE C 46 23.03 28.38 -3.91
C PHE C 46 21.56 28.05 -3.82
N ARG C 47 20.81 29.02 -3.33
CA ARG C 47 19.38 28.77 -3.33
C ARG C 47 18.66 30.09 -3.55
N SER C 48 17.58 29.98 -4.31
CA SER C 48 16.81 31.11 -4.87
C SER C 48 15.30 30.91 -4.64
N SER C 49 14.54 31.94 -4.29
CA SER C 49 13.08 31.83 -4.34
C SER C 49 12.61 30.54 -3.66
N VAL C 50 13.30 30.19 -2.58
CA VAL C 50 13.13 28.89 -1.94
C VAL C 50 13.09 29.10 -0.43
N LEU C 51 12.32 28.26 0.26
CA LEU C 51 12.18 28.38 1.74
C LEU C 51 12.80 27.14 2.38
N HIS C 52 14.09 26.92 2.17
CA HIS C 52 14.78 25.78 2.73
C HIS C 52 14.81 25.81 4.25
N LEU C 53 14.58 24.63 4.84
CA LEU C 53 14.56 24.50 6.32
C LEU C 53 15.81 23.73 6.74
N THR C 54 16.52 24.21 7.76
CA THR C 54 17.76 23.61 8.22
C THR C 54 17.71 23.33 9.72
N GLN C 55 18.49 22.34 10.14
CA GLN C 55 18.67 22.01 11.55
C GLN C 55 20.16 22.05 11.84
N ASP C 56 20.60 23.09 12.56
CA ASP C 56 22.04 23.27 12.87
C ASP C 56 22.16 24.03 14.21
N LEU C 57 23.39 24.39 14.60
CA LEU C 57 23.59 25.20 15.84
C LEU C 57 23.35 26.67 15.51
N PHE C 58 22.16 27.18 15.85
CA PHE C 58 21.81 28.59 15.50
C PHE C 58 21.47 29.37 16.78
N LEU C 59 21.93 30.63 16.87
CA LEU C 59 21.61 31.45 18.02
C LEU C 59 20.11 31.64 18.11
N PRO C 60 19.47 31.26 19.22
CA PRO C 60 18.02 31.41 19.33
C PRO C 60 17.61 32.87 19.24
N PHE C 61 16.44 33.12 18.64
CA PHE C 61 15.93 34.51 18.54
C PHE C 61 15.50 35.00 19.93
N PHE C 62 15.82 36.24 20.27
CA PHE C 62 15.41 36.82 21.58
C PHE C 62 16.01 36.01 22.74
N SER C 63 17.29 35.67 22.63
CA SER C 63 17.97 34.89 23.71
C SER C 63 18.56 35.85 24.75
N ASN C 64 19.64 35.45 25.42
CA ASN C 64 20.30 36.31 26.43
C ASN C 64 21.75 36.54 26.04
N VAL C 65 22.14 37.80 25.82
CA VAL C 65 23.55 38.12 25.44
C VAL C 65 24.18 38.97 26.56
N THR C 66 25.24 38.45 27.19
CA THR C 66 25.94 39.22 28.25
C THR C 66 26.81 40.29 27.59
N TRP C 67 26.34 41.55 27.57
CA TRP C 67 27.13 42.64 27.02
C TRP C 67 28.21 43.02 28.01
N PHE C 68 29.44 43.11 27.54
CA PHE C 68 30.61 43.38 28.38
C PHE C 68 31.12 44.79 28.15
N HIS C 69 32.18 45.12 28.89
CA HIS C 69 32.86 46.41 28.74
C HIS C 69 34.36 46.22 28.84
N ALA C 70 35.13 47.31 28.78
CA ALA C 70 36.58 47.20 28.84
C ALA C 70 37.17 48.52 29.35
N ILE C 71 38.17 48.41 30.21
CA ILE C 71 38.93 49.55 30.72
C ILE C 71 40.25 49.11 31.35
N ASP C 81 39.21 41.34 34.72
CA ASP C 81 40.01 41.66 33.54
C ASP C 81 40.00 40.51 32.55
N ASN C 82 39.23 40.67 31.46
CA ASN C 82 39.14 39.71 30.38
C ASN C 82 38.74 38.33 30.91
N PRO C 83 37.51 38.17 31.40
CA PRO C 83 37.11 36.89 31.99
C PRO C 83 37.07 35.78 30.95
N VAL C 84 37.40 34.57 31.38
CA VAL C 84 37.31 33.39 30.53
C VAL C 84 35.85 32.98 30.42
N LEU C 85 35.39 32.77 29.19
CA LEU C 85 33.99 32.40 29.10
C LEU C 85 33.85 30.95 28.65
N PRO C 86 32.83 30.25 29.16
CA PRO C 86 32.63 28.86 28.74
C PRO C 86 32.29 28.76 27.27
N PHE C 87 32.77 27.67 26.67
CA PHE C 87 32.54 27.36 25.27
C PHE C 87 31.73 26.07 25.21
N ASN C 88 30.58 26.11 24.55
CA ASN C 88 29.70 24.97 24.48
C ASN C 88 28.81 25.11 23.25
N ASP C 89 28.85 24.11 22.37
CA ASP C 89 28.04 24.15 21.13
C ASP C 89 28.30 25.45 20.37
N GLY C 90 29.50 26.01 20.50
CA GLY C 90 29.82 27.24 19.82
C GLY C 90 29.31 28.47 20.55
N VAL C 91 29.91 29.61 20.23
CA VAL C 91 29.52 30.89 20.80
C VAL C 91 29.37 31.91 19.69
N TYR C 92 28.43 32.82 19.86
CA TYR C 92 28.22 33.93 18.94
C TYR C 92 28.95 35.15 19.46
N PHE C 93 29.80 35.74 18.63
CA PHE C 93 30.62 36.87 19.03
C PHE C 93 30.32 38.07 18.14
N ALA C 94 30.16 39.23 18.77
CA ALA C 94 29.87 40.44 18.03
C ALA C 94 30.56 41.60 18.72
N SER C 95 31.04 42.57 17.94
CA SER C 95 31.72 43.72 18.51
C SER C 95 31.63 44.90 17.56
N THR C 96 31.43 46.08 18.14
CA THR C 96 31.48 47.35 17.41
C THR C 96 32.58 48.19 18.03
N GLU C 97 33.37 48.86 17.18
CA GLU C 97 34.60 49.48 17.63
C GLU C 97 34.91 50.70 16.78
N LYS C 98 35.82 51.54 17.27
CA LYS C 98 36.23 52.71 16.53
C LYS C 98 37.22 52.35 15.42
N SER C 99 38.42 51.90 15.80
CA SER C 99 39.36 51.34 14.83
C SER C 99 39.73 49.90 15.17
N ASN C 100 40.28 49.65 16.35
CA ASN C 100 40.62 48.31 16.79
C ASN C 100 41.04 48.29 18.25
N ILE C 101 40.48 47.36 19.02
CA ILE C 101 40.89 47.17 20.40
C ILE C 101 41.01 45.70 20.76
N ILE C 102 40.61 44.82 19.84
CA ILE C 102 40.61 43.38 20.05
C ILE C 102 41.40 42.74 18.92
N ARG C 103 42.30 41.82 19.26
CA ARG C 103 43.14 41.15 18.27
C ARG C 103 42.65 39.75 17.94
N GLY C 104 42.56 38.87 18.94
CA GLY C 104 42.23 37.49 18.68
C GLY C 104 41.52 36.82 19.84
N TRP C 105 41.50 35.50 19.81
CA TRP C 105 40.80 34.70 20.81
C TRP C 105 41.66 33.51 21.21
N ILE C 106 41.44 33.01 22.42
CA ILE C 106 42.11 31.81 22.91
C ILE C 106 41.07 30.75 23.24
N PHE C 107 41.22 29.57 22.66
CA PHE C 107 40.39 28.42 22.98
C PHE C 107 41.26 27.37 23.65
N GLY C 108 40.51 26.34 24.04
CA GLY C 108 40.95 24.99 24.41
C GLY C 108 40.36 24.54 25.73
N THR C 109 41.18 23.77 26.48
CA THR C 109 40.96 23.50 27.92
C THR C 109 42.21 23.90 28.73
N THR C 110 41.96 24.21 30.00
CA THR C 110 42.87 24.48 31.11
C THR C 110 43.95 25.50 30.77
N LEU C 111 44.00 25.92 29.50
CA LEU C 111 44.86 27.00 29.02
C LEU C 111 46.28 26.96 29.60
N ASP C 112 46.86 25.77 29.68
CA ASP C 112 48.20 25.59 30.25
C ASP C 112 49.04 24.74 29.31
N SER C 113 50.24 24.41 29.76
CA SER C 113 51.15 23.57 28.97
C SER C 113 50.92 22.09 29.25
N LYS C 114 49.66 21.68 29.21
CA LYS C 114 49.29 20.28 29.34
C LYS C 114 48.37 19.83 28.22
N THR C 115 47.49 20.71 27.73
CA THR C 115 46.55 20.38 26.67
C THR C 115 46.71 21.39 25.55
N GLN C 116 46.57 20.93 24.31
CA GLN C 116 46.82 21.80 23.14
C GLN C 116 45.71 22.85 23.13
N SER C 117 46.08 24.06 22.76
CA SER C 117 45.16 25.19 22.75
C SER C 117 45.30 25.95 21.44
N LEU C 118 44.39 26.89 21.23
CA LEU C 118 44.27 27.56 19.94
C LEU C 118 44.43 29.06 20.11
N LEU C 119 45.23 29.66 19.22
CA LEU C 119 45.42 31.13 19.23
C LEU C 119 45.00 31.67 17.85
N ILE C 120 44.07 32.63 17.83
CA ILE C 120 43.52 33.15 16.58
C ILE C 120 43.86 34.62 16.48
N VAL C 121 45.02 35.01 17.00
CA VAL C 121 45.38 36.42 17.01
C VAL C 121 45.58 36.92 15.58
N ASN C 122 44.93 38.02 15.26
CA ASN C 122 45.14 38.72 14.00
C ASN C 122 46.17 39.83 14.19
N ASN C 123 46.46 40.50 13.07
CA ASN C 123 47.18 41.80 12.98
C ASN C 123 46.68 42.51 11.72
N ALA C 124 47.22 43.69 11.43
CA ALA C 124 46.72 44.47 10.27
C ALA C 124 47.22 43.87 8.96
N THR C 125 47.99 42.78 9.04
CA THR C 125 48.74 42.27 7.86
C THR C 125 48.16 40.92 7.45
N ASN C 126 48.17 39.95 8.37
CA ASN C 126 47.57 38.62 8.07
C ASN C 126 46.83 38.10 9.32
N VAL C 127 46.94 36.80 9.65
CA VAL C 127 46.41 36.18 10.85
C VAL C 127 47.39 35.10 11.32
N PHE C 128 47.22 34.64 12.57
CA PHE C 128 48.21 33.68 13.11
C PHE C 128 47.52 32.51 13.81
N ILE C 129 46.52 31.91 13.17
CA ILE C 129 45.88 30.73 13.72
C ILE C 129 46.88 29.58 13.79
N LYS C 130 46.93 28.93 14.95
CA LYS C 130 47.83 27.79 15.13
C LYS C 130 47.23 26.87 16.19
N VAL C 131 47.67 25.60 16.21
CA VAL C 131 47.20 24.66 17.26
C VAL C 131 48.40 24.18 18.08
N CYS C 132 48.75 24.89 19.15
CA CYS C 132 49.97 24.52 19.92
C CYS C 132 49.67 24.46 21.42
N GLU C 133 50.57 23.86 22.20
CA GLU C 133 50.34 23.70 23.67
C GLU C 133 51.04 24.84 24.42
N PHE C 134 50.59 26.08 24.22
CA PHE C 134 51.17 27.23 24.95
C PHE C 134 50.76 27.16 26.42
N GLN C 135 51.51 27.83 27.30
CA GLN C 135 51.11 27.88 28.74
C GLN C 135 50.21 29.11 28.93
N PHE C 136 50.73 30.15 29.59
CA PHE C 136 49.95 31.40 29.78
C PHE C 136 50.88 32.62 29.69
N CYS C 137 50.40 33.70 29.08
CA CYS C 137 51.20 34.96 28.99
C CYS C 137 50.81 35.87 30.16
N ASN C 138 49.62 35.66 30.73
CA ASN C 138 49.16 36.47 31.85
C ASN C 138 49.26 37.96 31.57
N ASP C 139 49.38 38.35 30.31
CA ASP C 139 49.49 39.76 29.95
C ASP C 139 48.61 40.09 28.76
N GLY C 158 55.91 36.09 23.93
CA GLY C 158 55.09 36.30 25.14
C GLY C 158 53.76 35.60 25.03
N VAL C 159 52.93 35.99 24.07
CA VAL C 159 51.59 35.35 23.86
C VAL C 159 51.81 33.85 23.61
N TYR C 160 52.86 33.51 22.84
CA TYR C 160 53.18 32.09 22.55
C TYR C 160 54.11 31.56 23.64
N SER C 161 53.80 31.85 24.90
CA SER C 161 54.65 31.38 26.03
C SER C 161 54.83 29.87 25.92
N SER C 162 56.09 29.39 25.91
CA SER C 162 56.38 27.94 25.81
C SER C 162 55.51 27.31 24.72
N ALA C 163 55.59 27.81 23.48
CA ALA C 163 54.83 27.22 22.36
C ALA C 163 54.69 25.71 22.60
N ASN C 164 55.81 24.99 22.74
CA ASN C 164 55.79 23.54 23.07
C ASN C 164 55.54 22.76 21.78
N ASN C 165 55.43 21.43 21.86
CA ASN C 165 55.11 20.63 20.64
C ASN C 165 53.96 21.34 19.92
N CYS C 166 54.23 21.95 18.75
CA CYS C 166 53.20 22.78 18.04
C CYS C 166 52.51 21.99 16.93
N THR C 167 51.55 22.62 16.25
CA THR C 167 50.78 21.95 15.15
C THR C 167 49.90 22.96 14.41
N PHE C 168 49.73 22.79 13.10
CA PHE C 168 48.79 23.62 12.28
C PHE C 168 49.09 25.12 12.38
N GLU C 169 50.28 25.55 11.95
CA GLU C 169 50.56 27.01 11.91
C GLU C 169 49.89 27.58 10.66
N TYR C 170 48.83 28.39 10.82
CA TYR C 170 48.06 28.87 9.64
C TYR C 170 48.18 30.39 9.50
N VAL C 171 48.34 30.86 8.26
CA VAL C 171 48.43 32.33 7.98
C VAL C 171 47.60 32.64 6.73
N SER C 172 46.74 33.66 6.79
CA SER C 172 45.92 34.01 5.64
C SER C 172 45.52 35.49 5.76
N GLN C 173 44.53 35.88 4.95
CA GLN C 173 44.07 37.26 4.93
C GLN C 173 43.42 37.63 6.26
N PRO C 174 43.48 38.89 6.65
CA PRO C 174 42.91 39.30 7.95
C PRO C 174 41.40 39.21 7.95
N PHE C 175 40.86 38.88 9.12
CA PHE C 175 39.40 38.83 9.26
C PHE C 175 38.80 40.22 9.42
N LEU C 176 39.60 41.20 9.82
CA LEU C 176 39.08 42.48 10.26
C LEU C 176 39.17 43.49 9.11
N MET C 177 38.05 43.72 8.43
CA MET C 177 37.93 44.74 7.40
C MET C 177 37.29 45.97 8.01
N ASP C 178 37.98 47.11 7.90
CA ASP C 178 37.50 48.36 8.45
C ASP C 178 37.60 49.44 7.39
N LEU C 179 36.49 50.14 7.16
CA LEU C 179 36.44 51.23 6.19
C LEU C 179 35.73 52.42 6.82
N GLU C 180 36.16 53.62 6.42
CA GLU C 180 35.57 54.85 6.91
C GLU C 180 35.36 55.81 5.75
N GLY C 181 34.27 56.57 5.81
CA GLY C 181 34.01 57.60 4.82
C GLY C 181 34.57 58.93 5.23
N LYS C 182 35.89 58.98 5.47
CA LYS C 182 36.59 60.16 5.96
C LYS C 182 36.07 60.63 7.31
N GLN C 183 35.40 59.76 8.06
CA GLN C 183 34.89 60.11 9.37
C GLN C 183 34.75 58.84 10.20
N GLY C 184 34.86 59.01 11.52
CA GLY C 184 34.82 57.90 12.44
C GLY C 184 33.46 57.46 12.92
N ASN C 185 32.39 58.09 12.45
CA ASN C 185 31.06 57.71 12.88
C ASN C 185 30.62 56.37 12.32
N PHE C 186 31.34 55.84 11.34
CA PHE C 186 30.99 54.56 10.71
C PHE C 186 31.52 53.41 11.56
N LYS C 187 30.90 53.26 12.73
CA LYS C 187 31.30 52.21 13.68
C LYS C 187 30.75 50.89 13.20
N ASN C 188 31.49 50.25 12.30
CA ASN C 188 31.04 48.99 11.71
C ASN C 188 30.97 47.89 12.76
N LEU C 189 29.90 47.10 12.66
CA LEU C 189 29.73 45.95 13.59
C LEU C 189 30.29 44.69 12.92
N ARG C 190 30.96 43.84 13.69
CA ARG C 190 31.56 42.62 13.19
C ARG C 190 31.03 41.44 14.00
N GLU C 191 30.16 40.65 13.39
CA GLU C 191 29.52 39.51 14.03
C GLU C 191 30.30 38.25 13.65
N PHE C 192 30.79 37.53 14.66
CA PHE C 192 31.55 36.31 14.45
C PHE C 192 30.85 35.15 15.13
N VAL C 193 30.84 34.00 14.46
CA VAL C 193 30.28 32.78 15.00
C VAL C 193 31.31 31.68 14.86
N PHE C 194 31.65 31.03 15.97
CA PHE C 194 32.57 29.90 15.97
C PHE C 194 31.86 28.68 16.51
N LYS C 195 32.17 27.52 15.93
CA LYS C 195 31.61 26.26 16.39
C LYS C 195 32.58 25.14 16.04
N ASN C 196 32.46 24.04 16.77
CA ASN C 196 33.43 22.95 16.69
C ASN C 196 32.74 21.60 16.60
N ILE C 197 31.77 21.47 15.69
CA ILE C 197 31.18 20.16 15.43
C ILE C 197 32.23 19.28 14.75
N ASP C 198 32.31 18.02 15.19
CA ASP C 198 33.21 16.98 14.67
C ASP C 198 34.57 17.52 14.22
N GLY C 199 35.25 18.22 15.13
CA GLY C 199 36.48 18.90 14.74
C GLY C 199 36.14 20.05 13.80
N TYR C 200 36.82 20.07 12.65
CA TYR C 200 36.44 20.89 11.49
C TYR C 200 35.93 22.27 11.88
N PHE C 201 36.83 23.03 12.53
CA PHE C 201 36.49 24.35 13.04
C PHE C 201 35.96 25.26 11.94
N LYS C 202 34.75 25.77 12.14
CA LYS C 202 34.10 26.69 11.21
C LYS C 202 34.05 28.08 11.81
N ILE C 203 34.31 29.09 10.98
CA ILE C 203 34.26 30.49 11.40
C ILE C 203 33.40 31.26 10.41
N TYR C 204 32.46 32.03 10.92
CA TYR C 204 31.56 32.83 10.09
C TYR C 204 31.66 34.29 10.53
N SER C 205 31.53 35.20 9.57
CA SER C 205 31.67 36.61 9.89
C SER C 205 30.90 37.45 8.88
N LYS C 206 30.68 38.71 9.24
CA LYS C 206 30.03 39.68 8.37
C LYS C 206 30.22 41.08 8.93
N HIS C 207 30.58 42.04 8.08
CA HIS C 207 30.79 43.42 8.48
C HIS C 207 29.69 44.29 7.90
N THR C 208 28.99 45.01 8.78
CA THR C 208 27.90 45.93 8.33
C THR C 208 28.10 47.28 9.03
N PRO C 209 28.04 48.42 8.31
CA PRO C 209 28.14 49.74 8.95
C PRO C 209 26.97 50.00 9.91
N ILE C 210 27.20 50.78 10.97
CA ILE C 210 26.13 51.11 11.96
C ILE C 210 25.08 51.99 11.26
N ILE C 211 23.82 51.91 11.71
CA ILE C 211 22.76 52.85 11.26
C ILE C 211 22.17 53.56 12.49
N GLY C 212 22.28 52.95 13.67
CA GLY C 212 21.76 53.54 14.88
C GLY C 212 22.50 53.15 16.12
N ARG C 213 22.51 51.85 16.46
CA ARG C 213 23.12 51.50 17.72
C ARG C 213 23.45 50.03 17.90
N ASP C 214 23.69 49.64 19.14
CA ASP C 214 24.11 48.27 19.44
C ASP C 214 23.20 47.14 19.04
N PHE C 215 23.78 45.96 18.81
CA PHE C 215 22.98 44.80 18.49
C PHE C 215 21.82 45.24 17.66
N PRO C 216 22.10 45.97 16.57
CA PRO C 216 20.93 46.46 15.85
C PRO C 216 20.02 45.29 15.62
N GLN C 217 18.81 45.55 15.21
CA GLN C 217 17.87 44.43 15.15
C GLN C 217 17.59 43.98 13.72
N GLY C 218 18.11 44.67 12.72
CA GLY C 218 17.92 44.24 11.35
C GLY C 218 18.65 42.95 11.05
N PHE C 219 18.09 42.20 10.10
CA PHE C 219 18.67 40.91 9.74
C PHE C 219 20.00 41.08 9.02
N SER C 220 20.86 40.08 9.17
CA SER C 220 22.17 40.12 8.52
C SER C 220 22.70 38.69 8.42
N ALA C 221 23.03 38.25 7.21
CA ALA C 221 23.60 36.94 7.02
C ALA C 221 25.05 36.92 7.50
N LEU C 222 25.59 35.72 7.68
CA LEU C 222 26.98 35.53 8.07
C LEU C 222 27.65 34.59 7.09
N GLU C 223 28.77 35.03 6.52
CA GLU C 223 29.44 34.16 5.57
C GLU C 223 30.64 33.47 6.21
N PRO C 224 30.93 32.23 5.82
CA PRO C 224 32.14 31.57 6.29
C PRO C 224 33.39 32.21 5.70
N LEU C 225 34.48 32.14 6.46
CA LEU C 225 35.78 32.62 6.01
C LEU C 225 36.80 31.51 5.94
N VAL C 226 37.01 30.78 7.04
CA VAL C 226 37.99 29.71 7.09
C VAL C 226 37.38 28.50 7.79
N ASP C 227 37.63 27.33 7.23
CA ASP C 227 37.15 26.07 7.78
C ASP C 227 38.34 25.12 7.92
N LEU C 228 39.06 25.24 9.03
CA LEU C 228 40.27 24.47 9.25
C LEU C 228 40.00 23.39 10.29
N PRO C 229 40.28 22.13 9.98
CA PRO C 229 39.94 21.02 10.89
C PRO C 229 40.93 20.83 12.04
N ILE C 230 40.66 21.57 13.12
CA ILE C 230 41.56 21.52 14.28
C ILE C 230 41.44 20.17 14.97
N GLY C 231 40.22 19.70 15.21
CA GLY C 231 40.01 18.40 15.82
C GLY C 231 40.51 18.25 17.24
N ILE C 232 40.22 19.31 18.03
CA ILE C 232 40.54 19.37 19.48
C ILE C 232 39.27 19.82 20.22
N ASN C 233 39.01 19.22 21.37
CA ASN C 233 38.06 19.76 22.37
C ASN C 233 38.29 21.26 22.45
N ILE C 234 37.23 22.06 22.35
CA ILE C 234 37.27 23.43 22.91
C ILE C 234 36.16 23.56 23.96
N THR C 235 36.49 23.97 25.19
CA THR C 235 35.48 24.18 26.25
C THR C 235 35.62 25.54 26.95
N ARG C 236 36.83 26.09 27.15
CA ARG C 236 36.91 27.48 27.57
C ARG C 236 37.05 28.39 26.35
N PHE C 237 36.91 29.70 26.58
CA PHE C 237 36.93 30.69 25.51
C PHE C 237 37.32 32.03 26.10
N GLN C 238 38.27 32.70 25.44
CA GLN C 238 38.82 33.96 25.92
C GLN C 238 39.18 34.83 24.73
N THR C 239 39.46 36.11 25.01
CA THR C 239 39.71 37.09 23.97
C THR C 239 40.95 37.91 24.33
N LEU C 240 41.56 38.49 23.31
CA LEU C 240 42.69 39.39 23.47
C LEU C 240 42.24 40.84 23.36
N LEU C 241 43.14 41.74 23.76
CA LEU C 241 42.87 43.17 23.67
C LEU C 241 44.02 43.87 22.96
N ALA C 242 44.01 45.20 22.95
CA ALA C 242 45.01 45.99 22.25
C ALA C 242 45.55 47.06 23.19
N LEU C 243 46.33 48.01 22.68
CA LEU C 243 47.11 48.90 23.58
C LEU C 243 47.57 50.17 22.86
N ASN C 244 48.89 50.33 22.70
CA ASN C 244 49.53 51.62 22.34
C ASN C 244 49.27 52.66 23.44
N ARG C 245 48.44 53.65 23.15
CA ARG C 245 48.12 54.78 24.06
C ARG C 245 46.60 55.01 24.10
N ALA C 262 30.78 48.38 25.28
CA ALA C 262 30.64 48.94 23.94
C ALA C 262 31.11 47.94 22.89
N ASP C 263 31.30 46.70 23.31
CA ASP C 263 31.79 45.62 22.45
C ASP C 263 31.56 44.31 23.19
N TYR C 264 32.19 43.24 22.70
CA TYR C 264 32.25 41.97 23.42
C TYR C 264 30.89 41.29 23.50
N TYR C 265 29.98 41.59 22.57
CA TYR C 265 28.68 40.95 22.54
C TYR C 265 28.82 39.45 22.32
N VAL C 266 28.44 38.65 23.30
CA VAL C 266 28.62 37.21 23.26
C VAL C 266 27.27 36.52 23.46
N GLY C 267 26.98 35.55 22.61
CA GLY C 267 25.82 34.70 22.79
C GLY C 267 26.18 33.25 22.52
N TYR C 268 25.35 32.36 23.05
CA TYR C 268 25.61 30.93 22.94
C TYR C 268 24.55 30.27 22.06
N LEU C 269 24.99 29.60 20.99
CA LEU C 269 24.03 29.01 20.01
C LEU C 269 23.44 27.72 20.58
N GLN C 270 22.29 27.28 20.03
CA GLN C 270 21.62 26.05 20.51
C GLN C 270 21.15 25.21 19.32
N PRO C 271 21.04 23.87 19.44
CA PRO C 271 20.51 23.04 18.35
C PRO C 271 19.03 23.35 18.09
N ARG C 272 18.74 24.11 17.05
CA ARG C 272 17.36 24.50 16.75
C ARG C 272 17.08 24.26 15.27
N THR C 273 15.79 24.15 14.95
CA THR C 273 15.33 24.05 13.57
C THR C 273 14.99 25.45 13.10
N PHE C 274 15.51 25.83 11.93
CA PHE C 274 15.25 27.14 11.38
C PHE C 274 14.68 27.00 9.97
N LEU C 275 13.86 27.99 9.61
CA LEU C 275 13.29 28.09 8.24
C LEU C 275 13.87 29.39 7.69
N LEU C 276 14.60 29.35 6.58
CA LEU C 276 15.30 30.51 6.07
C LEU C 276 14.78 30.91 4.70
N LYS C 277 14.49 32.20 4.53
CA LYS C 277 13.98 32.73 3.28
C LYS C 277 15.16 33.19 2.44
N TYR C 278 15.30 32.59 1.26
CA TYR C 278 16.40 32.90 0.36
C TYR C 278 15.93 33.89 -0.71
N ASN C 279 16.80 34.80 -1.11
CA ASN C 279 16.40 35.78 -2.15
C ASN C 279 16.92 35.32 -3.50
N GLU C 280 16.49 35.98 -4.56
CA GLU C 280 16.71 35.47 -5.93
C GLU C 280 18.20 35.39 -6.25
N ASN C 281 19.01 36.18 -5.56
CA ASN C 281 20.47 36.24 -5.82
C ASN C 281 21.21 35.35 -4.83
N GLY C 282 20.53 34.47 -4.12
CA GLY C 282 21.20 33.41 -3.35
C GLY C 282 21.45 33.79 -1.90
N THR C 283 20.76 34.84 -1.40
CA THR C 283 21.07 35.65 -0.19
C THR C 283 19.96 35.50 0.85
N ILE C 284 20.26 35.66 2.14
CA ILE C 284 19.24 35.27 3.12
C ILE C 284 18.55 36.54 3.58
N THR C 285 17.28 36.69 3.20
CA THR C 285 16.54 37.91 3.49
C THR C 285 15.89 37.86 4.87
N ASP C 286 15.30 36.74 5.24
CA ASP C 286 14.65 36.59 6.52
C ASP C 286 14.72 35.15 6.98
N ALA C 287 14.74 34.96 8.30
CA ALA C 287 14.72 33.64 8.89
C ALA C 287 13.80 33.65 10.10
N VAL C 288 13.18 32.52 10.36
CA VAL C 288 12.24 32.38 11.47
C VAL C 288 12.61 31.15 12.28
N ASP C 289 12.64 31.31 13.61
CA ASP C 289 12.97 30.17 14.51
C ASP C 289 11.68 29.42 14.80
N CYS C 290 11.58 28.16 14.36
CA CYS C 290 10.35 27.36 14.55
C CYS C 290 10.09 27.16 16.04
N ALA C 291 11.15 26.87 16.82
CA ALA C 291 10.99 26.69 18.28
C ALA C 291 11.02 28.06 18.96
N LEU C 292 9.95 28.85 18.81
CA LEU C 292 9.89 30.21 19.40
C LEU C 292 8.46 30.52 19.81
N ASP C 293 7.59 30.87 18.85
CA ASP C 293 6.19 31.24 19.16
C ASP C 293 5.24 30.27 18.45
N PRO C 294 3.98 30.09 18.90
CA PRO C 294 3.02 29.24 18.17
C PRO C 294 2.92 29.62 16.70
N LEU C 295 2.91 30.92 16.42
CA LEU C 295 2.90 31.37 15.03
C LEU C 295 4.16 30.91 14.31
N SER C 296 5.29 30.96 15.00
CA SER C 296 6.58 30.52 14.40
C SER C 296 6.50 29.03 14.04
N GLU C 297 5.93 28.21 14.93
CA GLU C 297 5.86 26.78 14.68
C GLU C 297 4.89 26.47 13.55
N THR C 298 3.81 27.26 13.46
CA THR C 298 2.81 27.07 12.39
C THR C 298 3.44 27.39 11.03
N LYS C 299 3.97 28.61 10.86
CA LYS C 299 4.59 29.01 9.58
C LYS C 299 5.67 28.00 9.20
N CYS C 300 6.44 27.54 10.20
CA CYS C 300 7.53 26.56 9.95
C CYS C 300 6.95 25.22 9.48
N THR C 301 5.85 24.78 10.11
CA THR C 301 5.27 23.45 9.76
C THR C 301 4.84 23.43 8.30
N LEU C 302 4.33 24.55 7.78
CA LEU C 302 3.91 24.63 6.35
C LEU C 302 5.00 25.31 5.52
N LYS C 303 6.15 25.63 6.14
CA LYS C 303 7.30 26.22 5.40
C LYS C 303 6.81 27.35 4.49
N SER C 304 6.15 28.37 5.07
CA SER C 304 5.70 29.54 4.28
C SER C 304 5.63 30.77 5.19
N PHE C 305 6.15 31.92 4.74
CA PHE C 305 6.17 33.09 5.60
C PHE C 305 4.78 33.67 5.82
N THR C 306 3.82 33.23 5.02
CA THR C 306 2.43 33.75 5.12
C THR C 306 1.48 32.62 5.53
N VAL C 307 0.90 32.70 6.74
CA VAL C 307 -0.10 31.69 7.18
C VAL C 307 -1.50 32.28 7.00
N GLU C 308 -2.30 31.69 6.10
CA GLU C 308 -3.65 32.17 5.90
C GLU C 308 -4.51 31.85 7.12
N LYS C 309 -5.64 32.56 7.24
CA LYS C 309 -6.51 32.40 8.38
C LYS C 309 -7.03 30.98 8.46
N GLY C 310 -6.93 30.37 9.63
CA GLY C 310 -7.34 29.00 9.82
C GLY C 310 -6.73 28.42 11.08
N ILE C 311 -6.93 27.12 11.25
CA ILE C 311 -6.35 26.35 12.34
C ILE C 311 -5.47 25.28 11.75
N TYR C 312 -4.23 25.17 12.27
CA TYR C 312 -3.25 24.22 11.69
C TYR C 312 -2.63 23.34 12.77
N GLN C 313 -2.77 22.02 12.65
CA GLN C 313 -2.18 21.08 13.59
C GLN C 313 -0.70 20.98 13.30
N THR C 314 0.13 21.38 14.27
CA THR C 314 1.56 21.57 14.03
C THR C 314 2.41 20.49 14.67
N SER C 315 2.09 20.06 15.88
CA SER C 315 2.95 19.15 16.63
C SER C 315 2.13 18.46 17.71
N ASN C 316 2.86 17.86 18.65
CA ASN C 316 2.19 17.17 19.78
C ASN C 316 2.90 17.62 21.07
N PHE C 317 2.22 17.52 22.20
CA PHE C 317 2.77 17.93 23.49
C PHE C 317 2.77 16.74 24.44
N ARG C 318 3.91 16.53 25.10
CA ARG C 318 4.04 15.45 26.10
C ARG C 318 4.82 16.01 27.30
N VAL C 319 4.41 15.66 28.51
CA VAL C 319 5.07 16.14 29.72
C VAL C 319 6.30 15.28 29.95
N GLN C 320 7.47 15.89 29.84
CA GLN C 320 8.69 15.16 30.11
C GLN C 320 8.78 14.82 31.59
N PRO C 321 9.34 13.67 31.95
CA PRO C 321 9.35 13.27 33.36
C PRO C 321 10.25 14.17 34.20
N THR C 322 9.92 14.24 35.49
CA THR C 322 10.74 15.01 36.41
C THR C 322 11.90 14.17 36.93
N GLU C 323 11.42 13.14 37.69
CA GLU C 323 12.28 12.16 38.36
C GLU C 323 11.89 10.76 37.94
N SER C 324 12.58 9.74 38.45
CA SER C 324 12.34 8.36 37.97
C SER C 324 12.49 7.31 39.07
N ILE C 325 11.40 6.66 39.48
CA ILE C 325 11.49 5.54 40.46
C ILE C 325 11.85 4.27 39.71
N VAL C 326 13.04 3.76 39.98
CA VAL C 326 13.47 2.40 39.63
C VAL C 326 13.50 1.59 40.91
N ARG C 327 12.59 0.62 41.02
CA ARG C 327 12.62 -0.28 42.20
C ARG C 327 12.62 -1.73 41.68
N PHE C 328 13.46 -2.60 42.28
CA PHE C 328 13.53 -4.04 41.91
C PHE C 328 12.98 -4.89 43.07
N PRO C 329 13.08 -6.25 43.08
CA PRO C 329 12.67 -7.08 44.23
C PRO C 329 13.46 -6.76 45.51
N ASN C 330 13.31 -7.56 46.58
CA ASN C 330 14.02 -7.12 47.83
C ASN C 330 15.15 -8.08 48.23
N VAL C 331 16.02 -8.41 47.27
CA VAL C 331 17.12 -9.39 47.48
C VAL C 331 18.45 -8.62 47.45
N THR C 332 19.53 -9.27 47.87
CA THR C 332 20.83 -8.61 47.85
C THR C 332 21.97 -9.61 47.71
N ASN C 333 21.70 -10.89 48.00
CA ASN C 333 22.75 -11.90 48.03
C ASN C 333 23.50 -11.99 46.71
N LEU C 334 24.83 -12.02 46.78
CA LEU C 334 25.65 -11.98 45.58
C LEU C 334 25.64 -13.33 44.87
N CYS C 335 25.61 -13.28 43.53
CA CYS C 335 25.62 -14.48 42.72
C CYS C 335 26.99 -15.14 42.70
N PRO C 336 27.03 -16.46 42.49
CA PRO C 336 28.29 -17.19 42.60
C PRO C 336 29.21 -17.17 41.38
N PHE C 337 29.09 -16.19 40.47
CA PHE C 337 30.04 -16.13 39.35
C PHE C 337 31.48 -16.31 39.81
N HIS C 338 31.80 -15.88 41.02
CA HIS C 338 33.09 -16.21 41.60
C HIS C 338 33.34 -17.72 41.55
N GLU C 339 32.44 -18.53 42.07
CA GLU C 339 32.74 -19.96 41.82
C GLU C 339 32.98 -20.15 40.31
N VAL C 340 32.01 -19.79 39.49
CA VAL C 340 31.99 -20.26 38.08
C VAL C 340 33.34 -19.87 37.46
N PHE C 341 34.03 -18.94 38.08
CA PHE C 341 35.29 -18.48 37.51
C PHE C 341 36.51 -18.82 38.35
N ASN C 342 36.28 -18.92 39.66
CA ASN C 342 37.32 -19.37 40.62
C ASN C 342 37.04 -20.85 40.88
N ALA C 343 36.88 -21.62 39.79
CA ALA C 343 37.04 -23.08 39.74
C ALA C 343 38.34 -23.40 39.03
N THR C 344 38.64 -24.69 38.87
CA THR C 344 39.87 -25.10 38.14
C THR C 344 39.46 -26.11 37.07
N ARG C 345 38.79 -27.16 37.56
CA ARG C 345 38.23 -28.24 36.72
C ARG C 345 36.96 -27.66 36.08
N PHE C 346 37.17 -26.85 35.05
CA PHE C 346 36.19 -26.61 34.00
C PHE C 346 36.15 -27.81 33.06
N ALA C 347 35.14 -28.64 33.21
CA ALA C 347 34.61 -29.61 32.22
C ALA C 347 35.36 -29.62 30.89
N SER C 348 35.54 -30.79 30.28
CA SER C 348 35.81 -30.78 28.85
C SER C 348 34.55 -30.53 28.05
N VAL C 349 34.74 -30.09 26.80
CA VAL C 349 33.60 -29.69 25.98
C VAL C 349 32.67 -30.85 25.68
N TYR C 350 33.17 -32.09 25.67
CA TYR C 350 32.29 -33.22 25.42
C TYR C 350 31.23 -33.35 26.50
N ALA C 351 31.53 -32.90 27.72
CA ALA C 351 30.56 -32.85 28.81
C ALA C 351 30.65 -31.45 29.42
N TRP C 352 29.90 -30.52 28.85
CA TRP C 352 29.95 -29.12 29.30
C TRP C 352 29.19 -28.98 30.60
N ASN C 353 29.89 -28.65 31.67
CA ASN C 353 29.20 -28.47 32.97
C ASN C 353 28.36 -27.21 32.88
N ARG C 354 27.16 -27.32 33.41
CA ARG C 354 26.17 -26.25 33.31
C ARG C 354 25.64 -25.96 34.71
N THR C 355 25.90 -24.76 35.20
CA THR C 355 25.30 -24.32 36.48
C THR C 355 24.07 -23.48 36.20
N ARG C 356 23.25 -23.33 37.23
CA ARG C 356 22.09 -22.44 37.21
C ARG C 356 22.30 -21.33 38.22
N ILE C 357 22.07 -20.09 37.79
CA ILE C 357 22.23 -18.91 38.62
C ILE C 357 20.86 -18.31 38.85
N SER C 358 20.42 -18.29 40.10
CA SER C 358 19.10 -17.75 40.42
C SER C 358 19.08 -17.22 41.84
N ASN C 359 18.09 -16.39 42.12
CA ASN C 359 17.83 -15.85 43.46
C ASN C 359 19.07 -15.15 44.01
N CYS C 360 19.49 -14.10 43.28
CA CYS C 360 20.71 -13.38 43.61
C CYS C 360 20.76 -12.10 42.80
N VAL C 361 21.79 -11.30 43.04
CA VAL C 361 21.98 -10.00 42.40
C VAL C 361 23.29 -10.03 41.63
N ALA C 362 23.22 -9.72 40.34
CA ALA C 362 24.35 -9.90 39.42
C ALA C 362 25.01 -8.53 39.18
N ASP C 363 26.27 -8.42 39.59
CA ASP C 363 27.11 -7.28 39.27
C ASP C 363 28.35 -7.83 38.58
N TYR C 364 28.38 -7.72 37.25
CA TYR C 364 29.37 -8.41 36.44
C TYR C 364 30.76 -7.78 36.49
N SER C 365 30.99 -6.82 37.38
CA SER C 365 32.34 -6.31 37.57
C SER C 365 33.26 -7.37 38.14
N VAL C 366 32.73 -8.28 38.96
CA VAL C 366 33.52 -9.41 39.43
C VAL C 366 33.90 -10.31 38.27
N LEU C 367 32.94 -10.57 37.37
CA LEU C 367 33.24 -11.30 36.16
C LEU C 367 34.29 -10.59 35.32
N TYR C 368 34.31 -9.27 35.35
CA TYR C 368 35.32 -8.51 34.63
C TYR C 368 36.71 -8.63 35.24
N ASN C 369 36.82 -8.50 36.57
CA ASN C 369 38.11 -8.51 37.24
C ASN C 369 38.67 -9.90 37.50
N PHE C 370 37.87 -10.92 37.17
CA PHE C 370 38.29 -12.34 37.34
C PHE C 370 38.82 -12.89 36.04
N ALA C 371 38.96 -12.01 35.04
CA ALA C 371 39.47 -12.54 33.78
C ALA C 371 40.05 -11.46 32.88
N PRO C 372 41.31 -11.62 32.45
CA PRO C 372 41.85 -10.76 31.39
C PRO C 372 41.25 -11.15 30.05
N PHE C 373 40.09 -10.56 29.74
CA PHE C 373 39.22 -11.07 28.69
C PHE C 373 39.92 -11.12 27.35
N PHE C 374 39.59 -12.15 26.57
CA PHE C 374 40.04 -12.25 25.19
C PHE C 374 38.91 -12.07 24.17
N ALA C 375 37.68 -12.43 24.52
CA ALA C 375 36.55 -12.25 23.62
C ALA C 375 35.28 -12.20 24.46
N PHE C 376 34.58 -11.06 24.41
CA PHE C 376 33.31 -10.90 25.16
C PHE C 376 32.16 -10.67 24.18
N LYS C 377 32.04 -11.53 23.17
CA LYS C 377 30.96 -11.39 22.17
C LYS C 377 29.62 -11.77 22.79
N CYS C 378 28.85 -10.77 23.23
CA CYS C 378 27.53 -11.05 23.85
C CYS C 378 26.50 -11.34 22.76
N TYR C 379 25.66 -12.35 22.96
CA TYR C 379 24.61 -12.70 21.96
C TYR C 379 23.24 -12.43 22.59
N GLY C 380 23.21 -11.75 23.73
CA GLY C 380 21.93 -11.48 24.42
C GLY C 380 21.79 -10.02 24.82
N VAL C 381 22.28 -9.66 26.00
CA VAL C 381 22.19 -8.25 26.49
C VAL C 381 23.58 -7.63 26.48
N SER C 382 23.70 -6.35 26.09
CA SER C 382 25.01 -5.66 26.09
C SER C 382 25.57 -5.63 27.51
N PRO C 383 26.89 -5.81 27.72
CA PRO C 383 27.50 -5.73 29.05
C PRO C 383 27.16 -4.40 29.72
N THR C 384 27.04 -3.33 28.93
CA THR C 384 26.70 -1.99 29.48
C THR C 384 25.33 -2.04 30.16
N LYS C 385 24.36 -2.73 29.54
CA LYS C 385 22.98 -2.80 30.10
C LYS C 385 22.78 -4.15 30.80
N LEU C 386 23.86 -4.94 30.94
CA LEU C 386 23.74 -6.28 31.57
C LEU C 386 23.27 -6.12 33.02
N ASN C 387 23.80 -5.12 33.74
CA ASN C 387 23.44 -4.92 35.16
C ASN C 387 22.07 -4.23 35.27
N ASP C 388 21.48 -3.88 34.14
CA ASP C 388 20.17 -3.16 34.15
C ASP C 388 19.05 -4.13 33.74
N LEU C 389 19.36 -5.42 33.61
CA LEU C 389 18.34 -6.40 33.12
C LEU C 389 18.07 -7.47 34.18
N CYS C 390 16.88 -8.06 34.15
CA CYS C 390 16.52 -9.13 35.12
C CYS C 390 16.30 -10.45 34.36
N PHE C 391 16.75 -11.57 34.94
CA PHE C 391 16.64 -12.88 34.24
C PHE C 391 15.88 -13.86 35.12
N THR C 392 14.88 -14.55 34.57
CA THR C 392 14.13 -15.58 35.34
C THR C 392 15.12 -16.66 35.80
N ASN C 393 15.97 -17.14 34.89
CA ASN C 393 17.00 -18.14 35.25
C ASN C 393 18.22 -17.91 34.36
N VAL C 394 19.43 -18.16 34.88
CA VAL C 394 20.67 -17.92 34.09
C VAL C 394 21.50 -19.20 34.08
N TYR C 395 21.90 -19.67 32.89
CA TYR C 395 22.65 -20.95 32.79
C TYR C 395 24.11 -20.65 32.45
N ALA C 396 25.03 -21.04 33.35
CA ALA C 396 26.48 -20.82 33.12
C ALA C 396 27.11 -22.13 32.65
N ASP C 397 27.51 -22.18 31.37
CA ASP C 397 28.11 -23.43 30.81
C ASP C 397 29.63 -23.24 30.73
N SER C 398 30.39 -24.02 31.51
CA SER C 398 31.87 -23.89 31.54
C SER C 398 32.51 -24.99 30.70
N PHE C 399 33.34 -24.62 29.72
CA PHE C 399 34.03 -25.62 28.85
C PHE C 399 35.28 -24.98 28.26
N VAL C 400 36.45 -25.52 28.59
CA VAL C 400 37.74 -24.97 28.06
C VAL C 400 37.90 -25.38 26.59
N ILE C 401 38.43 -24.49 25.75
CA ILE C 401 38.64 -24.80 24.30
C ILE C 401 39.88 -24.06 23.82
N LYS C 402 39.95 -23.76 22.51
CA LYS C 402 41.11 -23.01 21.94
C LYS C 402 40.59 -21.80 21.16
N GLY C 403 41.49 -20.90 20.75
CA GLY C 403 41.06 -19.67 20.05
C GLY C 403 40.13 -19.96 18.89
N ASN C 404 40.48 -20.96 18.06
CA ASN C 404 39.61 -21.34 16.92
C ASN C 404 38.24 -21.78 17.44
N GLU C 405 38.24 -22.65 18.45
CA GLU C 405 36.96 -23.19 18.99
C GLU C 405 36.17 -22.07 19.69
N VAL C 406 36.88 -21.09 20.26
CA VAL C 406 36.18 -19.94 20.91
C VAL C 406 35.27 -19.28 19.86
N SER C 407 35.82 -19.00 18.67
CA SER C 407 35.01 -18.41 17.57
C SER C 407 34.04 -19.47 17.05
N GLN C 408 34.47 -20.74 17.02
CA GLN C 408 33.61 -21.83 16.47
C GLN C 408 32.29 -21.89 17.23
N ILE C 409 32.34 -21.87 18.57
CA ILE C 409 31.08 -22.01 19.37
C ILE C 409 30.31 -20.68 19.29
N ALA C 410 29.12 -20.71 18.69
CA ALA C 410 28.28 -19.50 18.56
C ALA C 410 26.86 -19.92 18.20
N PRO C 411 25.82 -19.07 18.38
CA PRO C 411 24.45 -19.47 18.11
C PRO C 411 24.32 -20.32 16.84
N GLY C 412 23.99 -21.61 16.98
CA GLY C 412 23.80 -22.49 15.82
C GLY C 412 24.93 -22.35 14.80
N GLN C 413 26.17 -22.64 15.20
CA GLN C 413 27.32 -22.58 14.25
C GLN C 413 27.87 -24.00 14.04
N THR C 414 28.65 -24.19 12.97
CA THR C 414 29.19 -25.53 12.64
C THR C 414 30.46 -25.80 13.45
N GLY C 415 31.13 -26.93 13.18
CA GLY C 415 32.35 -27.30 13.92
C GLY C 415 32.09 -28.50 14.82
N ASN C 416 33.06 -29.43 14.91
CA ASN C 416 32.83 -30.68 15.68
C ASN C 416 32.52 -30.34 17.14
N ILE C 417 33.23 -29.36 17.72
CA ILE C 417 32.94 -28.94 19.13
C ILE C 417 31.50 -28.44 19.18
N ALA C 418 31.05 -27.70 18.16
CA ALA C 418 29.69 -27.13 18.17
C ALA C 418 28.66 -28.17 17.74
N ASP C 419 29.05 -29.11 16.86
CA ASP C 419 28.05 -30.08 16.33
C ASP C 419 28.08 -31.41 17.08
N TYR C 420 29.11 -31.68 17.89
CA TYR C 420 29.19 -33.02 18.54
C TYR C 420 29.51 -32.88 20.03
N ASN C 421 29.76 -31.67 20.52
CA ASN C 421 30.15 -31.49 21.95
C ASN C 421 29.18 -30.54 22.66
N TYR C 422 29.11 -29.29 22.21
CA TYR C 422 28.19 -28.29 22.82
C TYR C 422 27.61 -27.39 21.73
N LYS C 423 26.28 -27.30 21.65
CA LYS C 423 25.64 -26.51 20.57
C LYS C 423 24.86 -25.33 21.16
N LEU C 424 25.04 -24.13 20.60
CA LEU C 424 24.26 -22.94 21.04
C LEU C 424 23.00 -22.85 20.18
N PRO C 425 21.83 -22.47 20.73
CA PRO C 425 20.61 -22.31 19.92
C PRO C 425 20.79 -21.21 18.87
N ASP C 426 20.18 -21.40 17.70
CA ASP C 426 20.28 -20.38 16.60
C ASP C 426 19.83 -19.03 17.14
N ASP C 427 18.82 -19.01 18.02
CA ASP C 427 18.30 -17.74 18.58
C ASP C 427 18.89 -17.52 19.99
N PHE C 428 20.14 -17.97 20.20
CA PHE C 428 20.79 -17.82 21.52
C PHE C 428 20.73 -16.37 21.98
N THR C 429 20.28 -16.13 23.21
CA THR C 429 20.21 -14.75 23.76
C THR C 429 20.96 -14.71 25.09
N GLY C 430 22.29 -14.74 25.04
CA GLY C 430 23.11 -14.69 26.28
C GLY C 430 24.53 -14.25 25.98
N CYS C 431 25.27 -13.82 27.01
CA CYS C 431 26.67 -13.33 26.81
C CYS C 431 27.64 -14.50 26.91
N VAL C 432 28.54 -14.65 25.94
CA VAL C 432 29.59 -15.71 26.02
C VAL C 432 30.85 -15.08 26.61
N ILE C 433 31.62 -15.84 27.40
CA ILE C 433 32.85 -15.29 28.05
C ILE C 433 34.03 -16.17 27.66
N ALA C 434 35.17 -15.55 27.31
CA ALA C 434 36.36 -16.31 26.93
C ALA C 434 37.59 -15.57 27.41
N TRP C 435 38.38 -16.21 28.26
CA TRP C 435 39.64 -15.66 28.70
C TRP C 435 40.71 -16.73 28.66
N ASN C 436 41.94 -16.30 28.38
CA ASN C 436 43.05 -17.21 28.19
C ASN C 436 43.48 -17.82 29.52
N SER C 437 43.66 -19.14 29.53
CA SER C 437 44.09 -19.87 30.72
C SER C 437 45.21 -20.82 30.34
N ASN C 438 46.45 -20.32 30.33
CA ASN C 438 47.63 -21.15 30.15
C ASN C 438 48.28 -21.52 31.47
N LYS C 439 47.74 -21.05 32.59
CA LYS C 439 48.33 -21.30 33.90
C LYS C 439 47.64 -22.42 34.65
N LEU C 440 46.42 -22.78 34.28
CA LEU C 440 45.70 -23.85 34.94
C LEU C 440 45.52 -25.09 34.07
N ASP C 441 45.73 -24.99 32.77
CA ASP C 441 45.59 -26.10 31.84
C ASP C 441 46.90 -26.42 31.16
N SER C 442 48.01 -26.32 31.90
CA SER C 442 49.31 -26.60 31.30
C SER C 442 50.31 -26.92 32.40
N LYS C 443 51.28 -27.76 32.06
CA LYS C 443 52.37 -28.10 32.96
C LYS C 443 53.49 -28.70 32.13
N HIS C 444 54.68 -28.78 32.74
CA HIS C 444 55.79 -29.45 32.09
C HIS C 444 55.47 -30.92 31.88
N SER C 445 56.00 -31.47 30.80
CA SER C 445 55.73 -32.82 30.29
C SER C 445 54.32 -32.97 29.73
N GLY C 446 53.54 -31.90 29.70
CA GLY C 446 52.25 -31.90 29.04
C GLY C 446 51.11 -32.31 29.94
N ASN C 447 49.90 -32.07 29.46
CA ASN C 447 48.67 -32.47 30.15
C ASN C 447 47.59 -32.72 29.13
N TYR C 448 47.09 -33.97 29.11
CA TYR C 448 46.10 -34.39 28.13
C TYR C 448 44.76 -34.70 28.80
N ASP C 449 44.41 -33.96 29.84
CA ASP C 449 43.25 -34.30 30.65
C ASP C 449 41.94 -34.08 29.90
N TYR C 450 41.87 -33.02 29.10
CA TYR C 450 40.61 -32.60 28.52
C TYR C 450 40.23 -33.49 27.33
N TRP C 451 39.04 -33.26 26.80
CA TRP C 451 38.46 -34.16 25.82
C TRP C 451 37.55 -33.36 24.89
N TYR C 452 37.24 -33.94 23.73
CA TYR C 452 36.32 -33.33 22.80
C TYR C 452 35.95 -34.38 21.75
N ARG C 453 34.77 -34.21 21.15
CA ARG C 453 34.17 -35.22 20.28
C ARG C 453 34.27 -34.75 18.83
N SER C 454 34.75 -35.62 17.96
CA SER C 454 34.74 -35.40 16.52
C SER C 454 33.82 -36.35 15.78
N PHE C 455 33.38 -37.42 16.41
CA PHE C 455 32.65 -38.49 15.73
C PHE C 455 31.31 -38.67 16.42
N ARG C 456 30.25 -38.18 15.78
CA ARG C 456 28.89 -38.37 16.26
C ARG C 456 28.02 -38.83 15.10
N LYS C 457 26.98 -39.60 15.44
CA LYS C 457 26.10 -40.13 14.40
C LYS C 457 25.31 -39.03 13.72
N SER C 458 25.03 -37.93 14.41
CA SER C 458 24.28 -36.82 13.84
C SER C 458 24.76 -35.52 14.46
N LYS C 459 24.05 -34.44 14.13
CA LYS C 459 24.36 -33.14 14.68
C LYS C 459 23.88 -33.03 16.13
N LEU C 460 24.33 -31.97 16.80
CA LEU C 460 23.98 -31.74 18.20
C LEU C 460 22.85 -30.72 18.27
N LYS C 461 21.75 -31.11 18.91
CA LYS C 461 20.66 -30.18 19.14
C LYS C 461 21.08 -29.13 20.17
N PRO C 462 20.51 -27.93 20.09
CA PRO C 462 20.93 -26.86 21.01
C PRO C 462 20.74 -27.25 22.47
N PHE C 463 21.75 -26.95 23.28
CA PHE C 463 21.75 -27.21 24.72
C PHE C 463 21.38 -28.66 25.02
N GLU C 464 22.11 -29.57 24.39
CA GLU C 464 21.89 -31.00 24.56
C GLU C 464 23.24 -31.68 24.69
N ARG C 465 23.40 -32.49 25.74
CA ARG C 465 24.66 -33.15 26.02
C ARG C 465 24.65 -34.56 25.45
N ASP C 466 25.81 -35.02 24.99
CA ASP C 466 25.93 -36.32 24.35
C ASP C 466 27.12 -37.09 24.94
N ILE C 467 27.20 -37.13 26.26
CA ILE C 467 28.27 -37.88 26.90
C ILE C 467 28.02 -39.37 26.66
N SER C 468 28.96 -40.01 25.96
CA SER C 468 28.89 -41.42 25.60
C SER C 468 30.20 -41.82 24.93
N THR C 469 30.55 -43.09 25.07
CA THR C 469 31.76 -43.64 24.44
C THR C 469 31.33 -44.78 23.52
N GLU C 470 30.97 -44.43 22.29
CA GLU C 470 30.57 -45.39 21.27
C GLU C 470 31.42 -45.19 20.04
N ILE C 471 32.04 -46.27 19.57
CA ILE C 471 32.95 -46.18 18.43
C ILE C 471 32.15 -45.89 17.16
N TYR C 472 32.60 -44.91 16.39
CA TYR C 472 31.90 -44.55 15.17
C TYR C 472 31.97 -45.69 14.16
N GLN C 473 30.84 -45.96 13.51
CA GLN C 473 30.79 -46.98 12.48
C GLN C 473 31.34 -46.46 11.16
N ALA C 474 32.14 -47.30 10.49
CA ALA C 474 32.64 -46.96 9.16
C ALA C 474 32.36 -48.12 8.22
N GLY C 475 31.89 -47.80 7.03
CA GLY C 475 31.45 -48.82 6.10
C GLY C 475 30.15 -49.46 6.54
N ASN C 476 30.18 -50.76 6.84
CA ASN C 476 29.00 -51.47 7.32
C ASN C 476 29.35 -52.46 8.43
N LYS C 477 30.47 -52.26 9.11
CA LYS C 477 30.92 -53.21 10.12
C LYS C 477 30.35 -52.86 11.49
N PRO C 478 29.78 -53.82 12.22
CA PRO C 478 29.31 -53.54 13.58
C PRO C 478 30.45 -53.49 14.58
N CYS C 479 31.67 -53.36 14.06
CA CYS C 479 32.91 -53.30 14.82
C CYS C 479 32.78 -52.48 16.10
N LYS C 480 33.32 -53.01 17.19
CA LYS C 480 33.37 -52.34 18.49
C LYS C 480 34.81 -52.41 18.99
N GLY C 481 35.55 -51.32 18.80
CA GLY C 481 36.94 -51.29 19.21
C GLY C 481 37.72 -50.15 18.58
N LYS C 482 39.00 -50.04 18.86
CA LYS C 482 39.82 -49.02 18.23
C LYS C 482 40.61 -49.60 17.06
N GLY C 483 41.15 -48.71 16.23
CA GLY C 483 41.94 -49.14 15.09
C GLY C 483 41.30 -48.73 13.77
N PRO C 484 41.41 -49.61 12.77
CA PRO C 484 40.94 -49.26 11.44
C PRO C 484 39.42 -49.31 11.36
N ASN C 485 38.84 -48.25 10.80
CA ASN C 485 37.41 -48.02 10.57
C ASN C 485 36.57 -48.26 11.83
N CYS C 486 37.21 -48.37 12.99
CA CYS C 486 36.52 -48.46 14.28
C CYS C 486 37.18 -47.40 15.16
N TYR C 487 36.66 -46.18 15.11
CA TYR C 487 37.33 -45.02 15.69
C TYR C 487 36.63 -44.56 16.95
N PHE C 488 37.42 -44.20 17.95
CA PHE C 488 36.87 -43.67 19.20
C PHE C 488 36.24 -42.31 18.92
N PRO C 489 35.04 -42.06 19.44
CA PRO C 489 34.34 -40.80 19.11
C PRO C 489 35.08 -39.56 19.57
N LEU C 490 35.79 -39.67 20.68
CA LEU C 490 36.35 -38.52 21.37
C LEU C 490 37.86 -38.64 21.50
N GLN C 491 38.57 -37.58 21.12
CA GLN C 491 40.02 -37.51 21.12
C GLN C 491 40.49 -36.46 22.12
N SER C 492 41.76 -36.54 22.49
CA SER C 492 42.32 -35.70 23.52
C SER C 492 42.40 -34.24 23.09
N TYR C 493 42.23 -33.35 24.06
CA TYR C 493 42.38 -31.91 23.87
C TYR C 493 43.71 -31.43 24.44
N GLY C 494 44.75 -32.27 24.32
CA GLY C 494 46.03 -32.10 24.97
C GLY C 494 46.61 -30.71 25.00
N PHE C 495 47.00 -30.26 26.18
CA PHE C 495 47.45 -28.90 26.39
C PHE C 495 48.84 -28.87 27.02
N ARG C 496 49.68 -27.98 26.54
CA ARG C 496 51.03 -27.74 27.03
C ARG C 496 51.23 -26.24 27.17
N PRO C 497 52.18 -25.81 28.01
CA PRO C 497 52.40 -24.37 28.18
C PRO C 497 52.93 -23.67 26.94
N THR C 498 53.38 -24.40 25.93
CA THR C 498 54.02 -23.81 24.74
C THR C 498 53.29 -24.27 23.48
N TYR C 499 52.23 -23.56 23.13
CA TYR C 499 51.59 -23.64 21.81
C TYR C 499 51.45 -22.25 21.23
N GLY C 500 50.87 -22.20 20.04
CA GLY C 500 50.44 -20.93 19.48
C GLY C 500 49.15 -20.44 20.13
N VAL C 501 48.85 -19.16 19.89
CA VAL C 501 47.67 -18.55 20.50
C VAL C 501 46.41 -19.30 20.07
N GLY C 502 46.30 -19.63 18.79
CA GLY C 502 45.17 -20.41 18.32
C GLY C 502 45.10 -21.79 18.93
N HIS C 503 46.21 -22.28 19.49
CA HIS C 503 46.25 -23.57 20.16
C HIS C 503 46.35 -23.45 21.67
N GLN C 504 46.23 -22.24 22.22
CA GLN C 504 46.33 -22.06 23.66
C GLN C 504 45.04 -22.50 24.34
N PRO C 505 45.10 -22.87 25.62
CA PRO C 505 43.90 -23.30 26.36
C PRO C 505 42.99 -22.14 26.79
N TYR C 506 42.11 -21.74 25.88
CA TYR C 506 41.14 -20.70 26.20
C TYR C 506 40.05 -21.26 27.10
N ARG C 507 39.82 -20.58 28.21
CA ARG C 507 38.75 -20.95 29.14
C ARG C 507 37.50 -20.17 28.76
N VAL C 508 36.46 -20.89 28.34
CA VAL C 508 35.24 -20.27 27.85
C VAL C 508 34.11 -20.64 28.79
N VAL C 509 33.32 -19.63 29.19
CA VAL C 509 32.09 -19.89 30.00
C VAL C 509 30.99 -19.04 29.37
N VAL C 510 29.71 -19.34 29.62
CA VAL C 510 28.65 -18.56 28.92
C VAL C 510 27.45 -18.34 29.84
N LEU C 511 26.82 -17.16 29.76
CA LEU C 511 25.63 -16.86 30.58
C LEU C 511 24.39 -16.79 29.67
N SER C 512 23.70 -17.91 29.49
CA SER C 512 22.51 -17.97 28.60
C SER C 512 21.28 -17.36 29.25
N PHE C 513 21.13 -16.04 29.13
CA PHE C 513 19.96 -15.34 29.72
C PHE C 513 18.69 -15.83 29.02
N GLU C 514 17.54 -15.65 29.67
CA GLU C 514 16.24 -16.10 29.12
C GLU C 514 15.47 -14.86 28.67
N LEU C 515 15.58 -13.79 29.45
CA LEU C 515 14.87 -12.52 29.11
C LEU C 515 13.42 -12.84 28.74
N LEU C 516 12.78 -13.78 29.44
CA LEU C 516 11.33 -14.01 29.19
C LEU C 516 10.59 -12.94 29.98
N HIS C 517 9.59 -13.33 30.76
CA HIS C 517 8.90 -12.34 31.64
C HIS C 517 8.39 -13.06 32.90
N ALA C 518 8.71 -14.35 33.04
CA ALA C 518 8.27 -15.11 34.22
C ALA C 518 8.86 -14.43 35.47
N PRO C 519 8.30 -14.59 36.67
CA PRO C 519 8.83 -13.87 37.82
C PRO C 519 10.36 -13.93 37.78
N ALA C 520 11.02 -12.77 37.86
CA ALA C 520 12.49 -12.71 37.73
C ALA C 520 13.17 -13.14 39.04
N THR C 521 14.42 -13.58 38.94
CA THR C 521 15.22 -14.01 40.13
C THR C 521 16.60 -13.36 40.04
N VAL C 522 17.33 -13.56 38.94
CA VAL C 522 18.63 -12.84 38.83
C VAL C 522 18.40 -11.43 38.27
N CYS C 523 18.24 -10.45 39.17
CA CYS C 523 18.14 -9.04 38.72
C CYS C 523 19.50 -8.39 38.99
N GLY C 524 19.99 -7.53 38.10
CA GLY C 524 21.26 -6.85 38.41
C GLY C 524 21.12 -5.81 39.53
N PRO C 525 22.15 -5.02 39.88
CA PRO C 525 22.04 -4.09 41.01
C PRO C 525 20.98 -2.99 40.80
N LYS C 526 21.40 -1.74 40.56
CA LYS C 526 20.46 -0.64 40.20
C LYS C 526 19.88 0.13 41.39
N LYS C 527 19.82 -0.41 42.60
CA LYS C 527 19.35 0.39 43.76
C LYS C 527 17.87 0.74 43.67
N SER C 528 17.09 0.35 44.67
CA SER C 528 15.63 0.61 44.61
C SER C 528 15.30 2.01 45.13
N THR C 529 14.74 2.86 44.26
CA THR C 529 14.26 4.20 44.73
C THR C 529 12.86 3.98 45.31
N ASN C 530 12.25 5.00 45.92
CA ASN C 530 10.94 4.74 46.56
C ASN C 530 9.83 4.89 45.52
N LEU C 531 8.56 4.94 45.95
CA LEU C 531 7.43 5.02 45.00
C LEU C 531 6.99 6.47 44.87
N VAL C 532 6.18 6.79 43.85
CA VAL C 532 5.62 8.15 43.69
C VAL C 532 4.25 7.96 43.08
N LYS C 533 3.29 7.52 43.88
CA LYS C 533 1.98 7.12 43.30
C LYS C 533 1.09 8.30 42.92
N ASN C 534 1.41 9.02 41.85
CA ASN C 534 0.48 10.05 41.32
C ASN C 534 1.23 11.02 40.40
N LYS C 535 2.53 10.81 40.21
CA LYS C 535 3.34 11.73 39.36
C LYS C 535 4.02 10.92 38.26
N CYS C 536 3.90 11.33 37.01
CA CYS C 536 4.49 10.69 35.84
C CYS C 536 5.99 10.50 36.03
N VAL C 537 6.46 9.29 35.76
CA VAL C 537 7.81 8.87 36.14
C VAL C 537 8.33 7.86 35.13
N ASN C 538 9.61 7.99 34.79
CA ASN C 538 10.31 6.95 34.03
C ASN C 538 10.59 5.78 34.97
N PHE C 539 10.08 4.60 34.64
CA PHE C 539 10.28 3.44 35.50
C PHE C 539 11.12 2.38 34.80
N ASN C 540 11.84 1.62 35.60
CA ASN C 540 12.68 0.51 35.13
C ASN C 540 12.40 -0.74 35.96
N PHE C 541 11.11 -1.07 36.10
CA PHE C 541 10.68 -2.14 36.96
C PHE C 541 11.15 -3.50 36.47
N ASN C 542 12.18 -4.05 37.13
CA ASN C 542 12.68 -5.40 36.77
C ASN C 542 12.99 -5.46 35.28
N GLY C 543 13.93 -4.64 34.81
CA GLY C 543 14.34 -4.66 33.39
C GLY C 543 13.30 -4.02 32.50
N LEU C 544 12.02 -4.04 32.90
CA LEU C 544 10.97 -3.49 32.05
C LEU C 544 11.00 -1.98 32.16
N THR C 545 11.53 -1.31 31.15
CA THR C 545 11.60 0.14 31.15
C THR C 545 10.35 0.72 30.50
N GLY C 546 10.01 1.94 30.93
CA GLY C 546 8.87 2.62 30.36
C GLY C 546 8.58 3.89 31.14
N THR C 547 7.50 4.55 30.73
CA THR C 547 7.13 5.85 31.29
C THR C 547 5.63 5.90 31.51
N GLY C 548 5.24 6.51 32.62
CA GLY C 548 3.84 6.65 32.93
C GLY C 548 3.64 7.05 34.39
N VAL C 549 2.43 6.82 34.88
CA VAL C 549 2.02 7.21 36.22
C VAL C 549 1.63 5.94 36.97
N LEU C 550 1.71 5.99 38.29
CA LEU C 550 1.28 4.81 39.06
C LEU C 550 0.22 5.23 40.08
N THR C 551 -0.93 4.56 40.12
CA THR C 551 -1.97 4.84 41.14
C THR C 551 -2.44 3.54 41.79
N LYS C 552 -3.11 3.61 42.93
CA LYS C 552 -3.62 2.40 43.66
C LYS C 552 -4.53 1.61 42.74
N SER C 553 -4.52 0.28 42.86
CA SER C 553 -5.33 -0.57 41.94
C SER C 553 -5.94 -1.73 42.73
N ASN C 554 -7.28 -1.85 42.72
CA ASN C 554 -7.96 -2.95 43.43
C ASN C 554 -7.86 -4.23 42.59
N LYS C 555 -7.38 -4.12 41.35
CA LYS C 555 -7.19 -5.30 40.47
C LYS C 555 -6.94 -6.53 41.36
N LYS C 556 -7.91 -7.44 41.46
CA LYS C 556 -7.74 -8.62 42.34
C LYS C 556 -6.83 -9.62 41.65
N PHE C 557 -5.57 -9.27 41.46
CA PHE C 557 -4.59 -10.21 40.90
C PHE C 557 -4.56 -11.41 41.83
N LEU C 558 -4.71 -12.63 41.29
CA LEU C 558 -4.57 -13.84 42.15
C LEU C 558 -3.09 -13.99 42.45
N PRO C 559 -2.70 -14.51 43.61
CA PRO C 559 -1.29 -14.48 44.03
C PRO C 559 -0.21 -15.08 43.12
N PHE C 560 -0.48 -15.26 41.83
CA PHE C 560 0.58 -15.77 40.92
C PHE C 560 0.72 -14.80 39.75
N GLN C 561 -0.19 -13.83 39.65
CA GLN C 561 -0.17 -12.92 38.48
C GLN C 561 0.88 -11.85 38.71
N GLN C 562 1.80 -11.60 37.75
CA GLN C 562 2.93 -10.64 37.93
C GLN C 562 2.96 -9.54 36.83
N PHE C 563 3.83 -9.66 35.78
CA PHE C 563 3.89 -8.50 34.91
C PHE C 563 2.53 -7.82 34.73
N GLY C 564 1.55 -8.55 34.25
CA GLY C 564 0.23 -7.99 34.03
C GLY C 564 0.18 -7.25 32.71
N ARG C 565 -1.06 -6.97 32.28
CA ARG C 565 -1.28 -6.31 31.00
C ARG C 565 -2.71 -5.79 30.90
N ASP C 566 -3.09 -5.32 29.70
CA ASP C 566 -4.46 -4.81 29.49
C ASP C 566 -5.15 -5.63 28.39
N ILE C 567 -6.08 -5.01 27.66
CA ILE C 567 -6.78 -5.71 26.54
C ILE C 567 -5.82 -5.82 25.36
N VAL C 568 -5.34 -4.69 24.83
CA VAL C 568 -4.38 -4.73 23.74
C VAL C 568 -2.94 -4.60 24.22
N ASP C 569 -2.42 -5.70 24.75
CA ASP C 569 -0.99 -5.96 24.94
C ASP C 569 -0.15 -4.73 25.30
N THR C 570 -0.51 -4.06 26.40
CA THR C 570 0.30 -2.91 26.88
C THR C 570 0.35 -3.01 28.42
N THR C 571 1.54 -3.24 28.99
CA THR C 571 1.66 -3.42 30.46
C THR C 571 0.79 -2.38 31.17
N ASP C 572 -0.17 -2.82 31.99
CA ASP C 572 -1.10 -1.87 32.65
C ASP C 572 -0.92 -1.90 34.17
N ALA C 573 -0.58 -3.06 34.74
CA ALA C 573 -0.48 -3.16 36.18
C ALA C 573 0.64 -4.10 36.60
N VAL C 574 1.65 -3.54 37.25
CA VAL C 574 2.76 -4.30 37.81
C VAL C 574 2.62 -4.27 39.32
N ARG C 575 2.53 -5.45 39.94
CA ARG C 575 2.52 -5.49 41.43
C ARG C 575 3.88 -4.99 41.92
N ASP C 576 3.90 -3.99 42.81
CA ASP C 576 5.19 -3.51 43.38
C ASP C 576 5.97 -4.74 43.87
N PRO C 577 7.18 -5.03 43.34
CA PRO C 577 7.91 -6.24 43.72
C PRO C 577 8.11 -6.37 45.24
N GLN C 578 8.26 -5.23 45.95
CA GLN C 578 8.56 -5.30 47.41
C GLN C 578 7.27 -5.24 48.23
N THR C 579 6.30 -4.40 47.86
CA THR C 579 5.08 -4.24 48.70
C THR C 579 3.95 -5.11 48.16
N LEU C 580 4.17 -5.81 47.04
CA LEU C 580 3.15 -6.73 46.46
C LEU C 580 1.87 -5.96 46.08
N GLU C 581 1.70 -4.72 46.57
CA GLU C 581 0.56 -3.93 46.14
C GLU C 581 0.61 -3.80 44.62
N ILE C 582 -0.54 -3.46 44.05
CA ILE C 582 -0.74 -3.55 42.61
C ILE C 582 -0.82 -2.13 42.06
N LEU C 583 -0.10 -1.87 40.96
CA LEU C 583 0.10 -0.51 40.47
C LEU C 583 -0.31 -0.42 39.00
N ASP C 584 -1.37 0.36 38.75
CA ASP C 584 -1.80 0.63 37.35
C ASP C 584 -0.83 1.64 36.73
N ILE C 585 -0.53 1.49 35.44
CA ILE C 585 0.37 2.43 34.72
C ILE C 585 -0.48 3.23 33.73
N THR C 586 -0.45 4.56 33.83
CA THR C 586 -1.33 5.39 32.96
C THR C 586 -0.49 6.13 31.92
N PRO C 587 -1.01 6.43 30.71
CA PRO C 587 -0.27 7.26 29.74
C PRO C 587 0.28 8.50 30.41
N CYS C 588 1.32 9.09 29.78
CA CYS C 588 1.96 10.30 30.37
C CYS C 588 1.02 11.50 30.28
N SER C 589 1.10 12.26 29.19
CA SER C 589 0.20 13.44 28.97
C SER C 589 0.17 13.78 27.48
N PHE C 590 -0.51 12.97 26.67
CA PHE C 590 -0.48 13.17 25.20
C PHE C 590 -1.85 13.53 24.64
N GLY C 591 -1.89 14.41 23.63
CA GLY C 591 -3.14 14.79 22.94
C GLY C 591 -2.84 15.41 21.59
N GLY C 592 -2.33 16.64 21.58
CA GLY C 592 -1.94 17.28 20.34
C GLY C 592 -2.16 18.78 20.38
N VAL C 593 -1.21 19.55 19.84
CA VAL C 593 -1.28 21.01 19.86
C VAL C 593 -1.59 21.52 18.47
N SER C 594 -2.65 22.31 18.35
CA SER C 594 -3.05 22.95 17.11
C SER C 594 -3.13 24.44 17.34
N VAL C 595 -2.55 25.23 16.44
CA VAL C 595 -2.46 26.67 16.58
C VAL C 595 -3.56 27.31 15.75
N ILE C 596 -4.38 28.13 16.38
CA ILE C 596 -5.45 28.85 15.71
C ILE C 596 -4.96 30.27 15.46
N THR C 597 -4.85 30.65 14.20
CA THR C 597 -4.31 31.95 13.89
C THR C 597 -5.12 32.63 12.80
N PRO C 598 -5.31 33.94 12.90
CA PRO C 598 -5.83 34.72 11.77
C PRO C 598 -4.74 34.91 10.74
N GLY C 599 -5.09 35.56 9.63
CA GLY C 599 -4.08 35.80 8.59
C GLY C 599 -2.90 36.55 9.17
N THR C 600 -1.69 36.00 9.01
CA THR C 600 -0.48 36.72 9.51
C THR C 600 -0.54 38.17 9.04
N ASN C 601 -1.03 38.40 7.82
CA ASN C 601 -1.18 39.79 7.30
C ASN C 601 -2.19 40.55 8.16
N THR C 602 -3.33 39.91 8.46
CA THR C 602 -4.36 40.54 9.32
C THR C 602 -3.77 40.76 10.72
N SER C 603 -3.20 39.70 11.31
CA SER C 603 -2.66 39.80 12.69
C SER C 603 -1.71 38.63 13.00
N ASN C 604 -0.88 38.78 14.03
CA ASN C 604 0.09 37.71 14.40
C ASN C 604 -0.36 37.04 15.72
N GLN C 605 -1.32 37.66 16.42
CA GLN C 605 -1.82 37.08 17.69
C GLN C 605 -2.27 35.64 17.43
N VAL C 606 -1.86 34.69 18.30
CA VAL C 606 -2.21 33.31 18.07
C VAL C 606 -2.89 32.74 19.30
N ALA C 607 -3.70 31.71 19.08
CA ALA C 607 -4.36 30.99 20.15
C ALA C 607 -4.01 29.51 20.03
N VAL C 608 -3.58 28.90 21.14
CA VAL C 608 -3.16 27.47 21.13
C VAL C 608 -4.28 26.61 21.71
N LEU C 609 -4.57 25.46 21.09
CA LEU C 609 -5.60 24.54 21.63
C LEU C 609 -4.97 23.17 21.92
N TYR C 610 -4.73 22.87 23.20
CA TYR C 610 -4.23 21.52 23.56
C TYR C 610 -5.40 20.54 23.33
N GLN C 611 -5.17 19.45 22.61
CA GLN C 611 -6.29 18.60 22.25
C GLN C 611 -6.56 17.55 23.32
N GLY C 612 -7.83 17.41 23.68
CA GLY C 612 -8.32 16.33 24.53
C GLY C 612 -7.53 16.20 25.83
N VAL C 613 -7.23 17.36 26.44
CA VAL C 613 -6.48 17.40 27.73
C VAL C 613 -6.97 18.61 28.52
N ASN C 614 -7.19 18.46 29.83
CA ASN C 614 -7.76 19.58 30.64
C ASN C 614 -6.73 20.69 30.83
N CYS C 615 -7.21 21.94 30.97
CA CYS C 615 -6.30 23.08 31.22
C CYS C 615 -5.56 22.84 32.55
N THR C 616 -6.27 22.29 33.54
CA THR C 616 -5.65 22.06 34.87
C THR C 616 -4.38 21.23 34.71
N GLU C 617 -4.46 20.14 33.95
CA GLU C 617 -3.27 19.28 33.70
C GLU C 617 -2.18 20.14 33.04
N VAL C 618 -2.56 20.88 31.99
CA VAL C 618 -1.58 21.74 31.26
C VAL C 618 -1.04 22.79 32.24
N SER C 619 -1.91 23.40 33.05
CA SER C 619 -1.47 24.47 33.98
C SER C 619 -0.40 23.94 34.95
N VAL C 620 -0.70 22.84 35.65
CA VAL C 620 0.27 22.31 36.66
C VAL C 620 1.55 21.88 35.92
N ALA C 621 1.44 21.58 34.64
CA ALA C 621 2.59 21.16 33.85
C ALA C 621 3.34 22.37 33.31
N ILE C 622 2.62 23.38 32.82
CA ILE C 622 3.25 24.62 32.42
C ILE C 622 3.93 25.27 33.63
N HIS C 623 3.24 25.28 34.77
CA HIS C 623 3.79 25.88 35.97
C HIS C 623 5.02 25.12 36.46
N ALA C 624 5.03 23.80 36.32
CA ALA C 624 6.17 22.99 36.73
C ALA C 624 7.26 22.91 35.67
N ASP C 625 7.04 23.49 34.49
CA ASP C 625 8.03 23.53 33.41
C ASP C 625 8.50 22.13 33.02
N GLN C 626 7.55 21.22 32.82
CA GLN C 626 7.85 19.87 32.36
C GLN C 626 7.17 19.54 31.03
N LEU C 627 6.65 20.55 30.34
CA LEU C 627 6.00 20.36 29.05
C LEU C 627 7.02 20.45 27.92
N THR C 628 6.95 19.48 27.00
CA THR C 628 7.93 19.45 25.90
C THR C 628 7.84 20.68 25.01
N PRO C 629 6.65 21.17 24.61
CA PRO C 629 6.58 22.48 23.96
C PRO C 629 7.41 23.56 24.64
N THR C 630 8.41 24.07 23.95
CA THR C 630 9.22 25.15 24.49
C THR C 630 8.61 26.52 24.28
N TRP C 631 7.58 26.59 23.42
CA TRP C 631 6.84 27.85 23.23
C TRP C 631 5.85 27.99 24.39
N ARG C 632 6.00 29.02 25.22
CA ARG C 632 5.12 29.15 26.41
C ARG C 632 4.00 30.16 26.11
N VAL C 633 2.83 29.68 25.72
CA VAL C 633 1.69 30.59 25.38
C VAL C 633 1.35 31.43 26.61
N TYR C 634 1.15 32.74 26.43
CA TYR C 634 0.88 33.65 27.57
C TYR C 634 -0.45 33.28 28.25
N SER C 635 -0.49 33.38 29.58
CA SER C 635 -1.76 33.12 30.32
C SER C 635 -2.06 34.30 31.23
N THR C 636 -3.29 34.83 31.17
CA THR C 636 -3.67 36.01 31.99
C THR C 636 -4.90 35.65 32.85
N GLY C 637 -5.19 34.35 32.99
CA GLY C 637 -6.35 33.93 33.75
C GLY C 637 -7.65 34.12 32.98
N SER C 638 -7.70 35.18 32.18
CA SER C 638 -8.86 35.42 31.31
C SER C 638 -8.75 34.70 29.98
N ASN C 639 -7.60 34.06 29.71
CA ASN C 639 -7.39 33.33 28.42
C ASN C 639 -7.28 31.82 28.68
N VAL C 640 -8.35 31.20 29.18
CA VAL C 640 -8.35 29.74 29.51
C VAL C 640 -9.81 29.28 29.31
N PHE C 641 -10.08 28.35 28.38
CA PHE C 641 -11.46 27.91 28.06
C PHE C 641 -11.48 26.38 27.95
N GLN C 642 -11.85 25.71 29.04
CA GLN C 642 -11.95 24.23 29.02
C GLN C 642 -13.11 23.84 28.10
N THR C 643 -12.79 23.40 26.88
CA THR C 643 -13.86 23.04 25.90
C THR C 643 -14.03 21.52 25.86
N ARG C 644 -14.83 21.01 24.93
CA ARG C 644 -15.01 19.58 24.79
C ARG C 644 -13.96 18.96 23.87
N ALA C 645 -13.19 19.80 23.18
CA ALA C 645 -12.10 19.30 22.31
C ALA C 645 -10.76 19.61 22.99
N GLY C 646 -10.70 19.45 24.32
CA GLY C 646 -9.47 19.77 25.07
C GLY C 646 -9.59 21.11 25.79
N CYS C 647 -8.56 21.95 25.69
CA CYS C 647 -8.59 23.30 26.33
C CYS C 647 -7.98 24.33 25.38
N LEU C 648 -8.59 25.52 25.31
CA LEU C 648 -8.07 26.58 24.41
C LEU C 648 -7.33 27.63 25.26
N ILE C 649 -6.12 28.01 24.84
CA ILE C 649 -5.30 28.99 25.61
C ILE C 649 -4.99 30.20 24.73
N GLY C 650 -5.12 31.41 25.28
CA GLY C 650 -4.85 32.62 24.54
C GLY C 650 -6.06 33.27 23.90
N ALA C 651 -7.24 32.70 24.08
CA ALA C 651 -8.47 33.26 23.54
C ALA C 651 -9.53 33.27 24.62
N GLU C 652 -10.11 34.45 24.86
CA GLU C 652 -11.17 34.59 25.84
C GLU C 652 -12.49 34.16 25.23
N TYR C 653 -13.41 33.84 26.14
CA TYR C 653 -14.74 33.29 25.79
C TYR C 653 -15.78 34.36 25.99
N VAL C 654 -16.50 34.64 24.93
CA VAL C 654 -17.49 35.74 24.89
C VAL C 654 -18.86 35.09 24.80
N ASN C 655 -19.72 35.34 25.77
CA ASN C 655 -20.94 34.51 25.91
C ASN C 655 -21.97 34.93 24.85
N ASN C 656 -21.51 35.45 23.72
CA ASN C 656 -22.39 35.86 22.60
C ASN C 656 -22.27 34.77 21.53
N SER C 657 -22.74 35.05 20.31
CA SER C 657 -22.75 34.02 19.26
C SER C 657 -22.63 34.68 17.89
N TYR C 658 -21.80 34.13 17.03
CA TYR C 658 -21.52 34.62 15.69
C TYR C 658 -21.43 33.45 14.73
N GLU C 659 -21.48 33.76 13.44
CA GLU C 659 -21.19 32.76 12.43
C GLU C 659 -19.76 32.26 12.61
N CYS C 660 -19.58 30.95 12.44
CA CYS C 660 -18.27 30.35 12.66
C CYS C 660 -17.25 30.91 11.66
N ASP C 661 -16.08 31.28 12.17
CA ASP C 661 -14.98 31.73 11.34
C ASP C 661 -13.88 30.69 11.25
N ILE C 662 -13.41 30.19 12.38
CA ILE C 662 -12.38 29.15 12.40
C ILE C 662 -12.90 27.96 13.20
N PRO C 663 -13.17 26.83 12.56
CA PRO C 663 -13.71 25.67 13.29
C PRO C 663 -12.65 25.10 14.23
N ILE C 664 -13.02 24.95 15.50
CA ILE C 664 -12.15 24.36 16.49
C ILE C 664 -12.59 22.95 16.84
N GLY C 665 -13.87 22.76 17.07
CA GLY C 665 -14.43 21.47 17.44
C GLY C 665 -15.43 21.68 18.55
N ALA C 666 -16.40 20.77 18.62
CA ALA C 666 -17.40 20.75 19.69
C ALA C 666 -18.14 22.09 19.79
N GLY C 667 -18.41 22.68 18.62
CA GLY C 667 -19.30 23.82 18.58
C GLY C 667 -18.73 25.14 19.01
N ILE C 668 -17.40 25.26 19.10
CA ILE C 668 -16.77 26.52 19.42
C ILE C 668 -15.87 26.92 18.25
N CYS C 669 -15.88 28.20 17.93
CA CYS C 669 -15.05 28.75 16.86
C CYS C 669 -14.35 30.00 17.35
N ALA C 670 -13.16 30.22 16.84
CA ALA C 670 -12.36 31.38 17.20
C ALA C 670 -12.30 32.33 16.02
N SER C 671 -12.17 33.63 16.32
CA SER C 671 -12.13 34.63 15.27
C SER C 671 -11.41 35.87 15.79
N TYR C 672 -10.96 36.69 14.83
CA TYR C 672 -10.28 37.96 15.19
C TYR C 672 -11.33 39.08 15.19
N GLN C 673 -11.76 39.48 16.37
CA GLN C 673 -12.81 40.50 16.54
C GLN C 673 -12.25 41.68 17.30
N THR C 674 -12.80 42.86 17.02
CA THR C 674 -12.38 44.06 17.70
C THR C 674 -12.85 44.06 19.16
N GLN C 675 -12.25 44.93 19.96
CA GLN C 675 -12.56 45.02 21.37
C GLN C 675 -13.75 45.94 21.61
N SER C 687 -6.95 46.99 20.73
CA SER C 687 -8.33 47.08 20.28
C SER C 687 -8.75 45.82 19.54
N GLN C 688 -7.82 44.89 19.41
CA GLN C 688 -8.06 43.64 18.68
C GLN C 688 -7.51 42.47 19.47
N SER C 689 -8.24 41.35 19.43
CA SER C 689 -7.84 40.14 20.13
C SER C 689 -8.55 38.97 19.48
N ILE C 690 -8.31 37.77 20.04
CA ILE C 690 -8.91 36.54 19.54
C ILE C 690 -9.93 36.06 20.56
N ILE C 691 -11.16 35.85 20.09
CA ILE C 691 -12.26 35.43 20.94
C ILE C 691 -12.77 34.08 20.45
N ALA C 692 -13.22 33.26 21.39
CA ALA C 692 -13.86 32.00 21.09
C ALA C 692 -15.32 32.08 21.46
N TYR C 693 -16.17 31.45 20.66
CA TYR C 693 -17.61 31.59 20.85
C TYR C 693 -18.29 30.32 20.35
N THR C 694 -19.50 30.10 20.84
CA THR C 694 -20.34 29.04 20.32
C THR C 694 -20.96 29.49 19.00
N MET C 695 -20.78 28.69 17.96
CA MET C 695 -21.24 29.05 16.64
C MET C 695 -22.75 29.24 16.60
N SER C 696 -23.18 30.32 15.98
CA SER C 696 -24.61 30.57 15.78
C SER C 696 -25.04 29.93 14.47
N LEU C 697 -26.01 29.01 14.56
CA LEU C 697 -26.44 28.29 13.37
C LEU C 697 -27.18 29.18 12.38
N GLY C 698 -27.58 30.36 12.79
CA GLY C 698 -28.25 31.29 11.90
C GLY C 698 -29.13 32.24 12.67
N ALA C 699 -29.86 33.06 11.90
CA ALA C 699 -30.75 34.08 12.51
C ALA C 699 -31.95 33.41 13.15
N GLU C 700 -32.21 33.75 14.42
CA GLU C 700 -33.36 33.21 15.14
C GLU C 700 -34.63 33.76 14.52
N ASN C 701 -35.38 32.85 13.87
CA ASN C 701 -36.62 33.28 13.15
C ASN C 701 -37.80 32.45 13.64
N SER C 702 -38.97 33.08 13.77
CA SER C 702 -40.20 32.41 14.17
C SER C 702 -41.23 32.58 13.06
N VAL C 703 -41.97 31.51 12.78
CA VAL C 703 -42.97 31.57 11.73
C VAL C 703 -44.36 31.75 12.35
N ALA C 704 -45.22 32.51 11.70
CA ALA C 704 -46.50 32.87 12.34
C ALA C 704 -47.61 31.93 11.89
N TYR C 705 -47.29 30.67 11.59
CA TYR C 705 -48.26 29.67 11.17
C TYR C 705 -49.54 29.78 11.99
N SER C 706 -50.68 29.52 11.35
CA SER C 706 -51.97 29.43 12.06
C SER C 706 -53.06 28.91 11.12
N ASN C 707 -54.21 28.54 11.64
CA ASN C 707 -55.15 27.66 10.92
C ASN C 707 -55.64 28.33 9.63
N ASN C 708 -55.55 29.64 9.52
CA ASN C 708 -55.98 30.21 8.25
C ASN C 708 -55.11 31.37 7.76
N SER C 709 -53.86 31.44 8.25
CA SER C 709 -52.94 32.53 7.84
C SER C 709 -51.93 31.99 6.81
N ILE C 710 -51.87 32.60 5.63
CA ILE C 710 -50.89 32.16 4.59
C ILE C 710 -50.11 33.38 4.11
N ALA C 711 -48.84 33.17 3.72
CA ALA C 711 -48.01 34.29 3.20
C ALA C 711 -47.71 34.05 1.72
N ILE C 712 -48.06 35.00 0.85
CA ILE C 712 -47.85 34.81 -0.58
C ILE C 712 -47.01 35.95 -1.11
N PRO C 713 -45.97 35.68 -1.90
CA PRO C 713 -45.13 36.76 -2.43
C PRO C 713 -45.89 37.57 -3.46
N THR C 714 -46.09 38.85 -3.15
CA THR C 714 -46.69 39.79 -4.10
C THR C 714 -45.67 40.33 -5.08
N ASN C 715 -44.41 39.97 -4.92
CA ASN C 715 -43.34 40.37 -5.82
C ASN C 715 -42.32 39.24 -5.86
N PHE C 716 -41.33 39.38 -6.73
CA PHE C 716 -40.31 38.35 -6.87
C PHE C 716 -38.99 39.01 -7.22
N THR C 717 -37.93 38.25 -7.04
CA THR C 717 -36.59 38.66 -7.44
C THR C 717 -35.94 37.53 -8.20
N ILE C 718 -34.92 37.86 -8.98
CA ILE C 718 -34.15 36.87 -9.73
C ILE C 718 -32.71 36.98 -9.24
N SER C 719 -32.05 35.83 -9.10
CA SER C 719 -30.71 35.78 -8.55
C SER C 719 -29.89 34.77 -9.32
N VAL C 720 -28.62 35.11 -9.57
CA VAL C 720 -27.71 34.25 -10.29
C VAL C 720 -26.63 33.79 -9.31
N THR C 721 -26.81 32.60 -8.75
CA THR C 721 -25.78 32.00 -7.92
C THR C 721 -24.73 31.36 -8.82
N THR C 722 -23.76 30.70 -8.21
CA THR C 722 -22.75 29.99 -8.95
C THR C 722 -22.40 28.69 -8.26
N GLU C 723 -22.05 27.69 -9.06
CA GLU C 723 -21.58 26.41 -8.55
C GLU C 723 -20.27 26.08 -9.25
N ILE C 724 -19.28 25.68 -8.47
CA ILE C 724 -17.96 25.32 -8.98
C ILE C 724 -17.79 23.83 -8.83
N LEU C 725 -17.55 23.14 -9.94
CA LEU C 725 -17.41 21.69 -9.89
C LEU C 725 -16.16 21.26 -10.64
N PRO C 726 -15.24 20.56 -9.98
CA PRO C 726 -14.06 20.04 -10.67
C PRO C 726 -14.49 19.02 -11.72
N VAL C 727 -13.75 18.97 -12.82
CA VAL C 727 -14.09 18.06 -13.90
C VAL C 727 -12.93 17.12 -14.18
N SER C 728 -11.70 17.58 -13.92
CA SER C 728 -10.54 16.78 -14.25
C SER C 728 -9.37 17.19 -13.37
N MET C 729 -8.34 16.35 -13.38
CA MET C 729 -7.08 16.62 -12.71
C MET C 729 -5.94 16.54 -13.73
N THR C 730 -4.76 16.94 -13.30
CA THR C 730 -3.59 16.85 -14.16
C THR C 730 -3.24 15.39 -14.38
N LYS C 731 -3.03 15.01 -15.64
CA LYS C 731 -2.73 13.64 -16.01
C LYS C 731 -1.24 13.40 -15.86
N THR C 732 -0.86 12.34 -15.15
CA THR C 732 0.53 12.03 -14.89
C THR C 732 0.88 10.66 -15.43
N SER C 733 2.12 10.51 -15.88
CA SER C 733 2.63 9.27 -16.46
C SER C 733 3.99 8.92 -15.87
N VAL C 734 4.06 8.91 -14.55
CA VAL C 734 5.31 8.62 -13.85
C VAL C 734 5.88 7.30 -14.33
N ASP C 735 7.18 7.28 -14.63
CA ASP C 735 7.83 6.08 -15.16
C ASP C 735 8.72 5.42 -14.12
N CYS C 736 8.56 4.11 -13.99
CA CYS C 736 9.27 3.34 -12.99
C CYS C 736 10.77 3.46 -13.15
N THR C 737 11.27 3.01 -14.31
CA THR C 737 12.70 2.78 -14.46
C THR C 737 13.47 4.06 -14.20
N MET C 738 13.03 5.16 -14.82
CA MET C 738 13.72 6.45 -14.66
C MET C 738 13.53 6.99 -13.24
N TYR C 739 12.31 6.91 -12.71
CA TYR C 739 12.07 7.52 -11.41
C TYR C 739 12.90 6.83 -10.33
N ILE C 740 12.97 5.51 -10.37
CA ILE C 740 13.59 4.76 -9.29
C ILE C 740 15.08 4.56 -9.50
N CYS C 741 15.51 4.29 -10.74
CA CYS C 741 16.91 4.03 -11.06
C CYS C 741 17.31 4.93 -12.22
N GLY C 742 17.79 6.13 -11.90
CA GLY C 742 18.27 7.02 -12.93
C GLY C 742 19.37 6.40 -13.75
N ASP C 743 19.05 6.01 -14.98
CA ASP C 743 19.96 5.46 -16.00
C ASP C 743 21.07 4.60 -15.41
N SER C 744 20.71 3.69 -14.51
CA SER C 744 21.66 2.80 -13.86
C SER C 744 21.31 1.36 -14.19
N THR C 745 22.18 0.70 -14.95
CA THR C 745 21.91 -0.64 -15.43
C THR C 745 21.77 -1.66 -14.31
N GLU C 746 22.63 -1.61 -13.30
CA GLU C 746 22.52 -2.55 -12.19
C GLU C 746 21.25 -2.30 -11.39
N CYS C 747 20.88 -1.03 -11.22
CA CYS C 747 19.64 -0.72 -10.50
C CYS C 747 18.43 -1.21 -11.25
N SER C 748 18.41 -1.04 -12.57
CA SER C 748 17.28 -1.56 -13.35
C SER C 748 17.24 -3.09 -13.32
N ASN C 749 18.41 -3.72 -13.37
CA ASN C 749 18.46 -5.18 -13.26
C ASN C 749 17.88 -5.66 -11.94
N LEU C 750 18.22 -4.98 -10.84
CA LEU C 750 17.71 -5.40 -9.55
C LEU C 750 16.24 -5.02 -9.38
N LEU C 751 15.79 -3.99 -10.10
CA LEU C 751 14.36 -3.68 -10.12
C LEU C 751 13.57 -4.75 -10.87
N LEU C 752 14.15 -5.32 -11.93
CA LEU C 752 13.49 -6.41 -12.64
C LEU C 752 13.23 -7.60 -11.73
N GLN C 753 13.97 -7.72 -10.63
CA GLN C 753 13.76 -8.80 -9.67
C GLN C 753 12.49 -8.62 -8.86
N TYR C 754 11.82 -7.48 -8.95
CA TYR C 754 10.56 -7.25 -8.28
C TYR C 754 9.36 -7.59 -9.14
N GLY C 755 9.59 -8.20 -10.30
CA GLY C 755 8.50 -8.66 -11.13
C GLY C 755 7.73 -7.52 -11.77
N SER C 756 6.52 -7.83 -12.20
CA SER C 756 5.63 -6.83 -12.78
C SER C 756 4.93 -6.06 -11.67
N PHE C 757 5.72 -5.57 -10.72
CA PHE C 757 5.19 -4.77 -9.63
C PHE C 757 4.68 -3.42 -10.13
N CYS C 758 5.42 -2.78 -11.01
CA CYS C 758 5.15 -1.40 -11.35
C CYS C 758 4.57 -1.20 -12.73
N THR C 759 4.57 -2.24 -13.58
CA THR C 759 3.72 -2.20 -14.76
C THR C 759 2.28 -1.95 -14.35
N GLN C 760 1.89 -2.46 -13.17
CA GLN C 760 0.61 -2.08 -12.58
C GLN C 760 0.53 -0.58 -12.38
N LEU C 761 1.62 0.05 -11.93
CA LEU C 761 1.59 1.49 -11.71
C LEU C 761 1.40 2.25 -13.01
N LYS C 762 2.14 1.88 -14.05
CA LYS C 762 1.97 2.54 -15.33
C LYS C 762 0.57 2.33 -15.88
N ARG C 763 0.03 1.13 -15.74
CA ARG C 763 -1.32 0.86 -16.18
C ARG C 763 -2.33 1.70 -15.42
N ALA C 764 -2.17 1.83 -14.10
CA ALA C 764 -3.10 2.62 -13.31
C ALA C 764 -3.05 4.09 -13.70
N LEU C 765 -1.85 4.62 -13.92
CA LEU C 765 -1.76 6.02 -14.32
C LEU C 765 -2.35 6.26 -15.71
N THR C 766 -2.14 5.32 -16.62
CA THR C 766 -2.78 5.43 -17.94
C THR C 766 -4.30 5.40 -17.80
N GLY C 767 -4.81 4.52 -16.95
CA GLY C 767 -6.24 4.48 -16.70
C GLY C 767 -6.76 5.79 -16.12
N ILE C 768 -5.99 6.40 -15.22
CA ILE C 768 -6.39 7.68 -14.67
C ILE C 768 -6.46 8.74 -15.76
N ALA C 769 -5.47 8.77 -16.64
CA ALA C 769 -5.47 9.75 -17.72
C ALA C 769 -6.69 9.56 -18.62
N VAL C 770 -6.97 8.31 -19.01
CA VAL C 770 -8.10 8.05 -19.88
C VAL C 770 -9.41 8.40 -19.18
N GLU C 771 -9.50 8.12 -17.89
CA GLU C 771 -10.70 8.44 -17.13
C GLU C 771 -10.91 9.95 -17.05
N GLN C 772 -9.84 10.72 -16.86
CA GLN C 772 -9.97 12.17 -16.86
C GLN C 772 -10.46 12.68 -18.21
N ASP C 773 -9.91 12.13 -19.29
CA ASP C 773 -10.37 12.54 -20.61
C ASP C 773 -11.85 12.22 -20.79
N LYS C 774 -12.27 11.04 -20.37
CA LYS C 774 -13.68 10.68 -20.48
C LYS C 774 -14.55 11.57 -19.59
N ASN C 775 -14.02 11.99 -18.44
CA ASN C 775 -14.76 12.90 -17.57
C ASN C 775 -15.00 14.22 -18.26
N THR C 776 -13.96 14.78 -18.89
CA THR C 776 -14.14 16.03 -19.63
C THR C 776 -15.14 15.85 -20.76
N GLN C 777 -15.04 14.74 -21.49
CA GLN C 777 -15.98 14.48 -22.58
C GLN C 777 -17.41 14.41 -22.06
N GLU C 778 -17.63 13.67 -20.97
CA GLU C 778 -18.97 13.52 -20.41
C GLU C 778 -19.51 14.86 -19.94
N VAL C 779 -18.67 15.66 -19.28
CA VAL C 779 -19.14 16.94 -18.77
C VAL C 779 -19.51 17.88 -19.90
N PHE C 780 -18.67 17.95 -20.93
CA PHE C 780 -18.79 19.06 -21.87
C PHE C 780 -19.36 18.68 -23.22
N ALA C 781 -18.90 17.59 -23.83
CA ALA C 781 -19.38 17.22 -25.16
C ALA C 781 -20.77 16.60 -25.07
N GLN C 782 -21.75 17.38 -24.63
CA GLN C 782 -23.12 16.89 -24.53
C GLN C 782 -23.98 17.28 -25.73
N VAL C 783 -23.44 18.01 -26.69
CA VAL C 783 -24.14 18.34 -27.92
C VAL C 783 -23.30 17.86 -29.09
N LYS C 784 -23.96 17.26 -30.07
CA LYS C 784 -23.26 16.77 -31.26
C LYS C 784 -23.09 17.87 -32.29
N GLN C 785 -23.95 18.89 -32.20
CA GLN C 785 -23.91 20.01 -33.19
C GLN C 785 -23.28 21.24 -32.55
N ILE C 786 -22.35 21.88 -33.26
CA ILE C 786 -21.68 23.10 -32.71
C ILE C 786 -22.62 24.30 -32.93
N TYR C 787 -23.42 24.64 -31.92
CA TYR C 787 -24.42 25.73 -32.05
C TYR C 787 -23.72 27.09 -32.03
N LYS C 788 -24.30 28.08 -32.72
CA LYS C 788 -23.69 29.44 -32.77
C LYS C 788 -24.77 30.48 -32.42
N THR C 789 -24.35 31.68 -32.00
CA THR C 789 -25.29 32.73 -31.67
C THR C 789 -25.67 33.51 -32.92
N PRO C 790 -26.87 34.08 -32.95
CA PRO C 790 -27.22 34.96 -34.06
C PRO C 790 -26.30 36.15 -34.10
N PRO C 791 -26.02 36.69 -35.30
CA PRO C 791 -25.10 37.82 -35.38
C PRO C 791 -25.53 39.01 -34.55
N ILE C 792 -26.82 39.28 -34.48
CA ILE C 792 -27.36 40.31 -33.60
C ILE C 792 -27.57 39.68 -32.23
N LYS C 793 -27.44 40.50 -31.19
CA LYS C 793 -27.63 40.05 -29.81
C LYS C 793 -28.66 40.96 -29.15
N TYR C 794 -29.94 40.62 -29.32
CA TYR C 794 -31.04 41.29 -28.62
C TYR C 794 -31.99 40.20 -28.16
N PHE C 795 -31.78 39.72 -26.94
CA PHE C 795 -32.63 38.67 -26.37
C PHE C 795 -33.71 39.28 -25.48
N GLY C 796 -34.62 40.01 -26.12
CA GLY C 796 -35.77 40.57 -25.44
C GLY C 796 -35.43 41.59 -24.38
N GLY C 797 -34.21 42.11 -24.44
CA GLY C 797 -33.76 43.05 -23.42
C GLY C 797 -32.75 42.42 -22.50
N PHE C 798 -32.71 41.09 -22.45
CA PHE C 798 -31.72 40.40 -21.63
C PHE C 798 -30.32 40.62 -22.18
N ASN C 799 -29.40 41.01 -21.30
CA ASN C 799 -28.02 41.26 -21.66
C ASN C 799 -27.21 40.02 -21.28
N PHE C 800 -26.55 39.42 -22.28
CA PHE C 800 -25.72 38.21 -22.04
C PHE C 800 -24.32 38.42 -22.62
N SER C 801 -23.87 39.68 -22.70
CA SER C 801 -22.56 39.99 -23.32
C SER C 801 -21.42 39.33 -22.53
N GLN C 802 -21.64 39.02 -21.24
CA GLN C 802 -20.55 38.47 -20.40
C GLN C 802 -20.47 36.95 -20.51
N ILE C 803 -21.49 36.30 -21.08
CA ILE C 803 -21.49 34.80 -21.11
C ILE C 803 -21.10 34.29 -22.51
N LEU C 804 -21.45 35.02 -23.57
CA LEU C 804 -21.10 34.60 -24.95
C LEU C 804 -19.62 34.92 -25.21
N PRO C 805 -18.91 34.20 -26.12
CA PRO C 805 -17.51 34.56 -26.41
C PRO C 805 -17.39 35.97 -26.94
N ASP C 806 -16.23 36.56 -26.70
CA ASP C 806 -15.90 37.89 -27.19
C ASP C 806 -15.07 37.76 -28.46
N PRO C 807 -15.56 38.23 -29.61
CA PRO C 807 -14.75 38.10 -30.84
C PRO C 807 -13.40 38.80 -30.76
N SER C 808 -13.31 39.94 -30.07
CA SER C 808 -12.05 40.69 -30.07
C SER C 808 -10.94 39.92 -29.38
N LYS C 809 -11.25 39.24 -28.28
CA LYS C 809 -10.23 38.48 -27.57
C LYS C 809 -9.72 37.34 -28.45
N PRO C 810 -8.40 37.13 -28.52
CA PRO C 810 -7.88 36.04 -29.36
C PRO C 810 -8.36 34.66 -28.93
N SER C 811 -8.51 34.44 -27.64
CA SER C 811 -8.91 33.13 -27.14
C SER C 811 -10.39 32.83 -27.37
N LYS C 812 -11.16 33.82 -27.79
CA LYS C 812 -12.60 33.67 -28.04
C LYS C 812 -13.30 33.12 -26.79
N ARG C 813 -13.11 33.83 -25.68
CA ARG C 813 -13.62 33.41 -24.39
C ARG C 813 -14.40 34.56 -23.77
N SER C 814 -15.46 34.21 -23.04
CA SER C 814 -16.33 35.24 -22.41
C SER C 814 -15.56 36.01 -21.35
N PRO C 815 -15.93 37.28 -21.03
CA PRO C 815 -15.28 38.03 -19.96
C PRO C 815 -15.36 37.22 -18.66
N ILE C 816 -16.54 36.66 -18.36
CA ILE C 816 -16.69 35.80 -17.14
C ILE C 816 -15.62 34.71 -17.19
N GLU C 817 -15.53 33.99 -18.32
CA GLU C 817 -14.53 32.92 -18.44
C GLU C 817 -13.12 33.42 -18.18
N ASP C 818 -12.81 34.64 -18.63
CA ASP C 818 -11.44 35.14 -18.53
C ASP C 818 -10.99 35.29 -17.09
N LEU C 819 -11.89 35.77 -16.21
CA LEU C 819 -11.54 35.87 -14.80
C LEU C 819 -11.20 34.51 -14.22
N LEU C 820 -11.90 33.48 -14.68
CA LEU C 820 -11.64 32.13 -14.19
C LEU C 820 -10.22 31.69 -14.53
N PHE C 821 -9.80 31.92 -15.77
CA PHE C 821 -8.44 31.56 -16.17
C PHE C 821 -7.40 32.46 -15.51
N ASN C 822 -7.75 33.70 -15.19
CA ASN C 822 -6.80 34.59 -14.55
C ASN C 822 -6.73 34.40 -13.04
N LYS C 823 -7.69 33.70 -12.44
CA LYS C 823 -7.68 33.46 -10.99
C LYS C 823 -7.22 32.05 -10.62
N VAL C 824 -6.82 31.24 -11.60
CA VAL C 824 -6.29 29.91 -11.34
C VAL C 824 -4.91 29.84 -12.00
N THR C 825 -3.89 29.54 -11.20
CA THR C 825 -2.51 29.48 -11.65
C THR C 825 -2.07 28.02 -11.62
N LEU C 826 -1.64 27.50 -12.76
CA LEU C 826 -1.22 26.11 -12.89
C LEU C 826 0.27 26.00 -12.64
N ALA C 827 0.65 25.11 -11.71
CA ALA C 827 2.07 24.88 -11.45
C ALA C 827 2.77 24.29 -12.68
N ASP C 828 2.13 23.33 -13.33
CA ASP C 828 2.68 22.67 -14.51
C ASP C 828 1.63 22.71 -15.61
N ALA C 829 1.85 23.54 -16.63
CA ALA C 829 0.94 23.56 -17.77
C ALA C 829 0.98 22.23 -18.51
N GLY C 830 2.17 21.66 -18.69
CA GLY C 830 2.36 20.41 -19.39
C GLY C 830 2.55 20.55 -20.88
N PHE C 831 1.72 21.37 -21.52
CA PHE C 831 1.83 21.65 -22.95
C PHE C 831 2.84 22.77 -23.21
N ILE C 832 4.03 22.62 -22.65
CA ILE C 832 5.05 23.66 -22.71
C ILE C 832 6.27 23.15 -23.46
N LYS C 833 6.50 21.84 -23.43
CA LYS C 833 7.75 21.29 -24.02
C LYS C 833 8.88 22.09 -23.36
N GLN C 834 8.96 22.02 -22.02
CA GLN C 834 9.90 22.88 -21.30
C GLN C 834 11.35 22.45 -21.47
N TYR C 835 11.58 21.28 -22.07
CA TYR C 835 12.97 20.85 -22.36
C TYR C 835 13.64 21.91 -23.25
N GLY C 836 14.89 22.28 -22.91
CA GLY C 836 15.62 23.27 -23.66
C GLY C 836 15.85 24.57 -22.90
N ASP C 837 15.02 24.88 -21.91
CA ASP C 837 15.19 26.07 -21.11
C ASP C 837 15.60 25.78 -19.68
N CYS C 838 15.63 24.51 -19.26
CA CYS C 838 16.23 24.18 -17.98
C CYS C 838 17.70 24.57 -17.96
N LEU C 839 18.24 24.62 -19.17
CA LEU C 839 19.65 25.02 -19.37
C LEU C 839 19.71 26.54 -19.41
N GLY C 840 18.62 27.19 -19.83
CA GLY C 840 18.57 28.67 -19.83
C GLY C 840 17.90 29.18 -18.57
N ASP C 841 17.54 28.26 -17.67
CA ASP C 841 16.89 28.66 -16.39
C ASP C 841 17.84 29.60 -15.64
N ILE C 842 19.16 29.39 -15.77
CA ILE C 842 20.18 30.24 -15.09
C ILE C 842 20.09 29.99 -13.58
N ALA C 843 18.99 30.38 -12.94
CA ALA C 843 18.82 30.21 -11.48
C ALA C 843 18.43 28.76 -11.16
N ALA C 844 18.39 28.40 -9.88
CA ALA C 844 18.04 27.02 -9.46
C ALA C 844 16.81 26.56 -10.26
N ARG C 845 16.92 25.42 -10.96
CA ARG C 845 15.79 24.96 -11.81
C ARG C 845 14.51 24.88 -10.96
N ASP C 846 13.38 25.28 -11.53
CA ASP C 846 12.12 25.32 -10.80
C ASP C 846 11.56 23.91 -10.61
N LEU C 847 10.31 23.83 -10.15
CA LEU C 847 9.69 22.54 -9.85
C LEU C 847 9.60 21.68 -11.11
N ILE C 848 9.27 22.28 -12.24
CA ILE C 848 9.07 21.50 -13.45
C ILE C 848 10.38 20.90 -13.95
N CYS C 849 11.44 21.71 -13.99
CA CYS C 849 12.75 21.18 -14.37
C CYS C 849 13.21 20.11 -13.39
N ALA C 850 12.91 20.32 -12.11
CA ALA C 850 13.28 19.32 -11.08
C ALA C 850 12.56 18.00 -11.37
N GLN C 851 11.26 18.06 -11.68
CA GLN C 851 10.48 16.86 -11.95
C GLN C 851 10.98 16.16 -13.21
N LYS C 852 11.30 16.96 -14.24
CA LYS C 852 11.87 16.38 -15.49
C LYS C 852 13.18 15.66 -15.13
N PHE C 853 13.93 16.22 -14.18
CA PHE C 853 15.24 15.61 -13.80
C PHE C 853 15.02 14.27 -13.10
N ASN C 854 13.76 13.94 -12.76
CA ASN C 854 13.52 12.68 -12.00
C ASN C 854 12.46 11.81 -12.68
N GLY C 855 12.04 12.15 -13.90
CA GLY C 855 11.14 11.26 -14.61
C GLY C 855 9.67 11.35 -14.29
N LEU C 856 9.20 12.48 -13.76
CA LEU C 856 7.78 12.66 -13.48
C LEU C 856 7.25 13.78 -14.37
N THR C 857 6.61 13.41 -15.47
CA THR C 857 6.08 14.36 -16.43
C THR C 857 4.58 14.49 -16.27
N VAL C 858 4.02 15.49 -16.95
CA VAL C 858 2.59 15.76 -16.93
C VAL C 858 2.07 15.71 -18.36
N LEU C 859 1.15 14.81 -18.61
CA LEU C 859 0.58 14.83 -19.95
C LEU C 859 -0.47 15.93 -20.04
N PRO C 860 -0.64 16.53 -21.21
CA PRO C 860 -1.65 17.57 -21.37
C PRO C 860 -3.00 16.96 -21.69
N PRO C 861 -4.08 17.60 -21.29
CA PRO C 861 -5.41 17.06 -21.58
C PRO C 861 -5.69 17.06 -23.08
N LEU C 862 -6.48 16.06 -23.49
CA LEU C 862 -6.79 15.91 -24.91
C LEU C 862 -7.55 17.10 -25.45
N LEU C 863 -8.53 17.59 -24.70
CA LEU C 863 -9.27 18.79 -25.06
C LEU C 863 -8.54 20.02 -24.53
N THR C 864 -8.15 20.92 -25.43
CA THR C 864 -7.49 22.13 -25.01
C THR C 864 -8.48 23.10 -24.38
N ASP C 865 -7.94 24.09 -23.68
CA ASP C 865 -8.74 25.11 -23.03
C ASP C 865 -9.42 26.04 -24.03
N GLU C 866 -9.07 25.94 -25.31
CA GLU C 866 -9.69 26.75 -26.35
C GLU C 866 -10.94 26.11 -26.93
N MET C 867 -10.84 24.88 -27.45
CA MET C 867 -12.02 24.20 -27.95
C MET C 867 -12.98 23.80 -26.84
N ILE C 868 -12.51 23.70 -25.60
CA ILE C 868 -13.44 23.51 -24.49
C ILE C 868 -14.32 24.73 -24.35
N ALA C 869 -13.77 25.92 -24.60
CA ALA C 869 -14.58 27.13 -24.64
C ALA C 869 -15.53 27.11 -25.82
N GLN C 870 -15.12 26.49 -26.93
CA GLN C 870 -16.03 26.32 -28.06
C GLN C 870 -17.21 25.43 -27.67
N TYR C 871 -16.95 24.34 -26.94
CA TYR C 871 -18.04 23.49 -26.48
C TYR C 871 -18.96 24.25 -25.54
N THR C 872 -18.38 25.02 -24.63
CA THR C 872 -19.18 25.83 -23.72
C THR C 872 -20.06 26.82 -24.47
N SER C 873 -19.48 27.48 -25.48
CA SER C 873 -20.25 28.42 -26.29
C SER C 873 -21.35 27.71 -27.06
N ALA C 874 -21.08 26.51 -27.56
CA ALA C 874 -22.11 25.76 -28.25
C ALA C 874 -23.27 25.43 -27.32
N LEU C 875 -22.95 24.98 -26.11
CA LEU C 875 -23.99 24.72 -25.13
C LEU C 875 -24.77 25.99 -24.81
N LEU C 876 -24.06 27.10 -24.65
CA LEU C 876 -24.71 28.36 -24.32
C LEU C 876 -25.65 28.82 -25.43
N ALA C 877 -25.20 28.79 -26.68
CA ALA C 877 -26.06 29.16 -27.79
C ALA C 877 -27.21 28.18 -27.98
N GLY C 878 -27.04 26.92 -27.59
CA GLY C 878 -28.16 26.00 -27.63
C GLY C 878 -29.27 26.34 -26.66
N THR C 879 -28.92 26.83 -25.46
CA THR C 879 -29.91 27.16 -24.45
C THR C 879 -30.65 28.47 -24.74
N ILE C 880 -29.92 29.53 -25.12
CA ILE C 880 -30.54 30.83 -25.23
C ILE C 880 -31.32 31.03 -26.53
N THR C 881 -31.07 30.21 -27.55
CA THR C 881 -31.76 30.35 -28.82
C THR C 881 -32.73 29.21 -29.11
N SER C 882 -32.59 28.06 -28.47
CA SER C 882 -33.45 26.92 -28.74
C SER C 882 -34.11 26.37 -27.49
N GLY C 883 -33.97 27.05 -26.36
CA GLY C 883 -34.54 26.53 -25.12
C GLY C 883 -33.93 25.19 -24.76
N TRP C 884 -34.78 24.29 -24.30
CA TRP C 884 -34.34 22.95 -23.93
C TRP C 884 -34.60 21.91 -25.00
N THR C 885 -35.10 22.32 -26.17
CA THR C 885 -35.36 21.35 -27.23
C THR C 885 -34.08 20.72 -27.75
N PHE C 886 -33.02 21.51 -27.91
CA PHE C 886 -31.77 20.98 -28.47
C PHE C 886 -31.13 19.93 -27.58
N GLY C 887 -31.48 19.90 -26.30
CA GLY C 887 -30.99 18.83 -25.45
C GLY C 887 -31.67 17.50 -25.65
N ALA C 888 -32.77 17.49 -26.40
CA ALA C 888 -33.51 16.27 -26.70
C ALA C 888 -33.32 15.81 -28.14
N GLY C 889 -33.60 16.69 -29.11
CA GLY C 889 -33.46 16.35 -30.50
C GLY C 889 -32.98 17.52 -31.32
N PRO C 890 -33.65 17.80 -32.44
CA PRO C 890 -33.27 18.97 -33.24
C PRO C 890 -33.47 20.26 -32.47
N ALA C 891 -32.59 21.22 -32.72
CA ALA C 891 -32.65 22.51 -32.06
C ALA C 891 -33.73 23.36 -32.73
N LEU C 892 -34.81 23.63 -32.00
CA LEU C 892 -35.92 24.41 -32.50
C LEU C 892 -35.82 25.83 -31.96
N GLN C 893 -35.75 26.80 -32.87
CA GLN C 893 -35.62 28.22 -32.47
C GLN C 893 -36.88 28.68 -31.73
N ILE C 894 -36.72 29.46 -30.67
CA ILE C 894 -37.83 30.00 -29.91
C ILE C 894 -37.40 31.33 -29.31
N PRO C 895 -38.24 32.36 -29.37
CA PRO C 895 -37.85 33.66 -28.79
C PRO C 895 -37.53 33.54 -27.31
N PHE C 896 -36.51 34.28 -26.89
CA PHE C 896 -36.09 34.23 -25.50
C PHE C 896 -37.16 34.65 -24.51
N PRO C 897 -37.93 35.72 -24.72
CA PRO C 897 -39.03 36.00 -23.79
C PRO C 897 -39.98 34.81 -23.67
N MET C 898 -40.18 34.10 -24.76
CA MET C 898 -41.09 32.96 -24.75
C MET C 898 -40.50 31.80 -23.96
N GLN C 899 -39.20 31.55 -24.11
CA GLN C 899 -38.55 30.54 -23.28
C GLN C 899 -38.64 30.91 -21.81
N MET C 900 -38.45 32.19 -21.49
CA MET C 900 -38.64 32.66 -20.13
C MET C 900 -40.05 32.35 -19.64
N ALA C 901 -41.05 32.65 -20.47
CA ALA C 901 -42.42 32.38 -20.08
C ALA C 901 -42.64 30.90 -19.81
N TYR C 902 -42.02 30.05 -20.63
CA TYR C 902 -42.27 28.63 -20.48
C TYR C 902 -41.56 28.06 -19.25
N ARG C 903 -40.34 28.54 -18.97
CA ARG C 903 -39.69 28.15 -17.73
C ARG C 903 -40.48 28.63 -16.52
N PHE C 904 -41.04 29.84 -16.60
CA PHE C 904 -41.89 30.32 -15.52
C PHE C 904 -43.10 29.42 -15.34
N ASN C 905 -43.74 29.04 -16.44
CA ASN C 905 -44.83 28.07 -16.39
C ASN C 905 -44.36 26.75 -15.81
N GLY C 906 -43.07 26.45 -15.91
CA GLY C 906 -42.54 25.24 -15.33
C GLY C 906 -42.44 25.24 -13.82
N ILE C 907 -42.47 26.41 -13.18
CA ILE C 907 -42.41 26.48 -11.73
C ILE C 907 -43.72 26.91 -11.11
N GLY C 908 -44.81 26.84 -11.89
CA GLY C 908 -46.14 27.11 -11.31
C GLY C 908 -46.49 28.59 -11.24
N VAL C 909 -45.94 29.40 -12.15
CA VAL C 909 -46.35 30.84 -12.19
C VAL C 909 -46.83 31.15 -13.62
N THR C 910 -47.99 31.80 -13.74
CA THR C 910 -48.57 32.06 -15.08
C THR C 910 -47.56 32.79 -15.97
N GLN C 911 -47.47 32.41 -17.25
CA GLN C 911 -46.52 33.05 -18.18
C GLN C 911 -46.81 34.55 -18.29
N ASN C 912 -48.07 34.93 -18.05
CA ASN C 912 -48.47 36.36 -18.19
C ASN C 912 -47.65 37.24 -17.25
N VAL C 913 -47.39 36.78 -16.02
CA VAL C 913 -46.68 37.65 -15.05
C VAL C 913 -45.40 38.19 -15.71
N LEU C 914 -44.68 37.32 -16.42
CA LEU C 914 -43.45 37.75 -17.13
C LEU C 914 -43.84 38.77 -18.20
N TYR C 915 -44.89 38.49 -18.97
CA TYR C 915 -45.24 39.41 -20.10
C TYR C 915 -45.48 40.83 -19.56
N GLU C 916 -46.02 40.98 -18.35
CA GLU C 916 -46.11 42.34 -17.80
C GLU C 916 -44.88 42.82 -17.04
N ASN C 917 -43.94 41.97 -16.63
CA ASN C 917 -42.76 42.55 -16.00
C ASN C 917 -41.48 42.08 -16.68
N GLN C 918 -41.53 42.00 -18.00
CA GLN C 918 -40.33 41.58 -18.78
C GLN C 918 -39.22 42.61 -18.61
N LYS C 919 -39.57 43.90 -18.57
CA LYS C 919 -38.55 44.97 -18.37
C LYS C 919 -37.90 44.79 -17.00
N LEU C 920 -38.70 44.65 -15.94
CA LEU C 920 -38.16 44.51 -14.60
C LEU C 920 -37.28 43.28 -14.48
N ILE C 921 -37.73 42.14 -15.03
CA ILE C 921 -36.92 40.94 -14.92
C ILE C 921 -35.65 41.07 -15.74
N ALA C 922 -35.70 41.75 -16.89
CA ALA C 922 -34.49 41.95 -17.68
C ALA C 922 -33.49 42.81 -16.91
N ASN C 923 -33.97 43.88 -16.26
CA ASN C 923 -33.07 44.70 -15.47
C ASN C 923 -32.47 43.93 -14.30
N GLN C 924 -33.28 43.11 -13.63
CA GLN C 924 -32.75 42.31 -12.53
C GLN C 924 -31.73 41.30 -13.02
N PHE C 925 -32.01 40.68 -14.17
CA PHE C 925 -31.06 39.73 -14.74
C PHE C 925 -29.74 40.40 -15.06
N ASN C 926 -29.79 41.57 -15.70
CA ASN C 926 -28.57 42.30 -16.03
C ASN C 926 -27.81 42.67 -14.77
N SER C 927 -28.51 43.14 -13.75
CA SER C 927 -27.85 43.52 -12.50
C SER C 927 -27.18 42.32 -11.85
N ALA C 928 -27.86 41.17 -11.81
CA ALA C 928 -27.29 39.98 -11.20
C ALA C 928 -26.06 39.51 -11.95
N ILE C 929 -26.16 39.49 -13.29
CA ILE C 929 -25.01 39.06 -14.14
C ILE C 929 -23.84 40.01 -13.90
N GLY C 930 -24.11 41.32 -13.84
CA GLY C 930 -23.05 42.28 -13.61
C GLY C 930 -22.39 42.11 -12.25
N LYS C 931 -23.20 41.86 -11.22
CA LYS C 931 -22.69 41.77 -9.86
C LYS C 931 -22.01 40.44 -9.56
N ILE C 932 -22.26 39.39 -10.35
CA ILE C 932 -21.48 38.17 -10.19
C ILE C 932 -20.03 38.35 -10.65
N GLN C 933 -19.83 39.21 -11.66
CA GLN C 933 -18.46 39.49 -12.15
C GLN C 933 -17.66 40.14 -11.03
N ASP C 934 -18.25 41.14 -10.35
CA ASP C 934 -17.56 41.79 -9.24
C ASP C 934 -17.41 40.86 -8.05
N SER C 935 -18.38 39.98 -7.82
CA SER C 935 -18.26 39.01 -6.74
C SER C 935 -17.07 38.08 -6.94
N LEU C 936 -16.84 37.61 -8.16
CA LEU C 936 -15.66 36.82 -8.47
C LEU C 936 -14.38 37.65 -8.50
N PHE C 937 -14.49 38.93 -8.85
CA PHE C 937 -13.32 39.79 -8.96
C PHE C 937 -12.75 40.12 -7.59
N SER C 938 -13.61 40.51 -6.65
CA SER C 938 -13.16 41.04 -5.37
C SER C 938 -12.96 39.96 -4.31
N THR C 939 -13.52 38.77 -4.50
CA THR C 939 -13.33 37.71 -3.52
C THR C 939 -11.88 37.24 -3.51
N PRO C 940 -11.30 36.79 -2.38
CA PRO C 940 -9.93 36.29 -2.43
C PRO C 940 -10.02 35.01 -3.26
N SER C 941 -10.78 34.03 -2.77
CA SER C 941 -10.83 32.79 -3.53
C SER C 941 -12.24 32.22 -3.43
N ALA C 942 -13.06 32.47 -4.45
CA ALA C 942 -14.32 31.75 -4.62
C ALA C 942 -14.17 30.52 -5.47
N LEU C 943 -13.00 30.33 -6.08
CA LEU C 943 -12.67 29.13 -6.84
C LEU C 943 -11.97 28.10 -5.99
N GLY C 944 -12.25 28.06 -4.69
CA GLY C 944 -11.50 27.25 -3.76
C GLY C 944 -11.40 25.79 -4.12
N LYS C 945 -12.43 25.23 -4.76
CA LYS C 945 -12.40 23.81 -5.07
C LYS C 945 -11.40 23.50 -6.17
N LEU C 946 -11.42 24.28 -7.26
CA LEU C 946 -10.49 24.02 -8.36
C LEU C 946 -9.05 24.27 -7.92
N GLN C 947 -8.80 25.37 -7.23
CA GLN C 947 -7.46 25.64 -6.73
C GLN C 947 -7.04 24.57 -5.72
N ASP C 948 -7.99 24.05 -4.95
CA ASP C 948 -7.68 22.96 -4.03
C ASP C 948 -7.25 21.70 -4.77
N VAL C 949 -7.93 21.38 -5.87
CA VAL C 949 -7.56 20.20 -6.65
C VAL C 949 -6.18 20.38 -7.25
N VAL C 950 -5.92 21.55 -7.83
CA VAL C 950 -4.61 21.82 -8.43
C VAL C 950 -3.52 21.76 -7.38
N ASN C 951 -3.77 22.36 -6.22
CA ASN C 951 -2.80 22.34 -5.13
C ASN C 951 -2.56 20.92 -4.65
N HIS C 952 -3.62 20.11 -4.55
CA HIS C 952 -3.44 18.73 -4.13
C HIS C 952 -2.55 17.97 -5.08
N ASN C 953 -2.78 18.12 -6.40
CA ASN C 953 -1.96 17.40 -7.35
C ASN C 953 -0.52 17.89 -7.32
N ALA C 954 -0.32 19.21 -7.26
CA ALA C 954 1.04 19.74 -7.23
C ALA C 954 1.77 19.30 -5.96
N GLN C 955 1.06 19.29 -4.83
CA GLN C 955 1.65 18.89 -3.56
C GLN C 955 1.96 17.40 -3.55
N ALA C 956 1.11 16.58 -4.16
CA ALA C 956 1.42 15.16 -4.28
C ALA C 956 2.67 14.96 -5.13
N LEU C 957 2.79 15.68 -6.24
CA LEU C 957 3.99 15.55 -7.07
C LEU C 957 5.23 16.02 -6.32
N ASN C 958 5.11 17.10 -5.55
CA ASN C 958 6.25 17.59 -4.79
C ASN C 958 6.68 16.59 -3.72
N THR C 959 5.72 16.01 -3.01
CA THR C 959 6.06 14.97 -2.06
C THR C 959 6.66 13.76 -2.74
N LEU C 960 6.23 13.47 -3.97
CA LEU C 960 6.83 12.37 -4.72
C LEU C 960 8.29 12.65 -5.02
N VAL C 961 8.58 13.85 -5.54
CA VAL C 961 9.96 14.16 -5.91
C VAL C 961 10.86 14.30 -4.68
N LYS C 962 10.29 14.71 -3.54
CA LYS C 962 11.12 14.95 -2.37
C LYS C 962 11.66 13.68 -1.74
N GLN C 963 11.01 12.54 -1.95
CA GLN C 963 11.48 11.28 -1.38
C GLN C 963 12.77 10.80 -2.05
N LEU C 964 13.18 11.40 -3.16
CA LEU C 964 14.42 11.02 -3.82
C LEU C 964 15.64 11.56 -3.09
N SER C 965 15.44 12.44 -2.11
CA SER C 965 16.53 12.93 -1.28
C SER C 965 16.53 12.24 0.08
N SER C 966 15.76 11.17 0.23
CA SER C 966 15.65 10.45 1.48
C SER C 966 16.53 9.20 1.42
N LYS C 967 17.42 9.07 2.41
CA LYS C 967 18.37 7.96 2.39
C LYS C 967 17.68 6.61 2.49
N PHE C 968 16.49 6.57 3.09
CA PHE C 968 15.78 5.30 3.35
C PHE C 968 16.64 4.33 4.15
N GLY C 969 17.49 4.85 5.02
CA GLY C 969 18.33 3.99 5.83
C GLY C 969 19.52 3.39 5.11
N ALA C 970 20.05 4.06 4.11
CA ALA C 970 21.20 3.58 3.37
C ALA C 970 22.36 4.57 3.48
N ILE C 971 23.48 4.21 2.83
CA ILE C 971 24.69 5.00 2.93
C ILE C 971 24.48 6.39 2.36
N SER C 972 23.78 6.49 1.23
CA SER C 972 23.47 7.78 0.64
C SER C 972 22.18 7.67 -0.16
N SER C 973 21.70 8.81 -0.63
CA SER C 973 20.42 8.88 -1.31
C SER C 973 20.54 9.06 -2.81
N VAL C 974 21.72 8.87 -3.40
CA VAL C 974 21.91 9.06 -4.83
C VAL C 974 22.45 7.76 -5.43
N LEU C 975 21.76 7.27 -6.45
CA LEU C 975 22.16 6.05 -7.12
C LEU C 975 23.53 6.20 -7.77
N ASN C 976 23.78 7.35 -8.39
CA ASN C 976 25.02 7.56 -9.13
C ASN C 976 26.25 7.50 -8.24
N ASP C 977 26.22 8.10 -7.06
CA ASP C 977 27.40 8.02 -6.22
C ASP C 977 27.42 6.73 -5.40
N ILE C 978 26.24 6.15 -5.13
CA ILE C 978 26.25 4.84 -4.49
C ILE C 978 26.93 3.79 -5.35
N LEU C 979 26.59 3.74 -6.65
CA LEU C 979 27.26 2.79 -7.53
C LEU C 979 28.74 3.14 -7.69
N SER C 980 29.07 4.42 -7.71
CA SER C 980 30.45 4.86 -7.91
C SER C 980 31.28 4.75 -6.63
N ARG C 981 30.68 4.31 -5.53
CA ARG C 981 31.43 4.26 -4.24
C ARG C 981 31.59 2.80 -3.78
N LEU C 982 30.56 1.97 -3.98
CA LEU C 982 30.60 0.60 -3.51
C LEU C 982 30.59 -0.37 -4.69
N ASP C 983 31.36 -1.45 -4.52
CA ASP C 983 31.44 -2.51 -5.55
C ASP C 983 30.06 -3.18 -5.66
N PRO C 984 29.76 -3.87 -6.77
CA PRO C 984 28.41 -4.43 -6.99
C PRO C 984 27.90 -5.30 -5.85
N PRO C 985 28.65 -6.31 -5.41
CA PRO C 985 28.05 -7.25 -4.47
C PRO C 985 28.03 -6.79 -3.01
N GLU C 986 28.27 -5.49 -2.81
CA GLU C 986 28.12 -4.87 -1.47
C GLU C 986 27.11 -3.73 -1.65
N ALA C 987 27.16 -3.04 -2.80
CA ALA C 987 26.18 -2.00 -3.13
C ALA C 987 24.82 -2.59 -3.43
N GLU C 988 24.74 -3.91 -3.62
CA GLU C 988 23.44 -4.54 -3.85
C GLU C 988 22.48 -4.30 -2.69
N VAL C 989 22.95 -4.43 -1.46
CA VAL C 989 22.06 -4.24 -0.31
C VAL C 989 21.53 -2.81 -0.28
N GLN C 990 22.41 -1.83 -0.47
CA GLN C 990 21.99 -0.44 -0.42
C GLN C 990 21.03 -0.12 -1.56
N ILE C 991 21.32 -0.62 -2.75
CA ILE C 991 20.44 -0.39 -3.89
C ILE C 991 19.09 -1.04 -3.67
N ASP C 992 19.05 -2.21 -3.02
CA ASP C 992 17.77 -2.85 -2.74
C ASP C 992 16.99 -2.05 -1.70
N ARG C 993 17.70 -1.46 -0.73
CA ARG C 993 17.04 -0.61 0.24
C ARG C 993 16.41 0.60 -0.43
N LEU C 994 17.15 1.24 -1.35
CA LEU C 994 16.57 2.34 -2.12
C LEU C 994 15.37 1.87 -2.94
N ILE C 995 15.46 0.70 -3.56
CA ILE C 995 14.35 0.21 -4.38
C ILE C 995 13.12 0.03 -3.51
N THR C 996 13.29 -0.59 -2.36
CA THR C 996 12.16 -0.80 -1.45
C THR C 996 11.55 0.51 -0.99
N GLY C 997 12.37 1.50 -0.64
CA GLY C 997 11.82 2.78 -0.24
C GLY C 997 11.09 3.50 -1.37
N ARG C 998 11.71 3.56 -2.54
CA ARG C 998 11.15 4.33 -3.64
C ARG C 998 9.89 3.68 -4.21
N LEU C 999 9.88 2.35 -4.33
CA LEU C 999 8.67 1.68 -4.78
C LEU C 999 7.53 1.88 -3.81
N GLN C 1000 7.81 1.84 -2.51
CA GLN C 1000 6.76 2.08 -1.53
C GLN C 1000 6.22 3.50 -1.63
N SER C 1001 7.10 4.49 -1.79
CA SER C 1001 6.63 5.86 -1.98
C SER C 1001 5.82 6.02 -3.26
N LEU C 1002 6.26 5.40 -4.35
CA LEU C 1002 5.53 5.44 -5.61
C LEU C 1002 4.16 4.77 -5.51
N GLN C 1003 4.07 3.64 -4.82
CA GLN C 1003 2.79 3.02 -4.53
C GLN C 1003 1.88 3.91 -3.71
N THR C 1004 2.42 4.59 -2.70
CA THR C 1004 1.66 5.60 -1.98
C THR C 1004 1.09 6.64 -2.94
N TYR C 1005 1.94 7.19 -3.80
CA TYR C 1005 1.49 8.22 -4.73
C TYR C 1005 0.40 7.70 -5.65
N VAL C 1006 0.60 6.50 -6.19
CA VAL C 1006 -0.35 5.96 -7.17
C VAL C 1006 -1.69 5.66 -6.51
N THR C 1007 -1.67 5.10 -5.30
CA THR C 1007 -2.91 4.85 -4.60
C THR C 1007 -3.64 6.15 -4.27
N GLN C 1008 -2.92 7.16 -3.81
CA GLN C 1008 -3.57 8.43 -3.52
C GLN C 1008 -4.13 9.06 -4.79
N GLN C 1009 -3.40 8.96 -5.90
CA GLN C 1009 -3.92 9.47 -7.17
C GLN C 1009 -5.16 8.71 -7.61
N LEU C 1010 -5.18 7.39 -7.40
CA LEU C 1010 -6.37 6.61 -7.70
C LEU C 1010 -7.56 7.10 -6.89
N ILE C 1011 -7.34 7.34 -5.59
CA ILE C 1011 -8.43 7.76 -4.72
C ILE C 1011 -8.94 9.13 -5.15
N ARG C 1012 -8.02 10.07 -5.39
CA ARG C 1012 -8.43 11.40 -5.81
C ARG C 1012 -9.07 11.38 -7.19
N ALA C 1013 -8.65 10.47 -8.06
CA ALA C 1013 -9.26 10.37 -9.37
C ALA C 1013 -10.66 9.80 -9.29
N ALA C 1014 -10.88 8.86 -8.36
CA ALA C 1014 -12.24 8.39 -8.12
C ALA C 1014 -13.12 9.51 -7.59
N GLU C 1015 -12.58 10.31 -6.66
CA GLU C 1015 -13.33 11.46 -6.16
C GLU C 1015 -13.66 12.43 -7.28
N ILE C 1016 -12.69 12.74 -8.13
CA ILE C 1016 -12.90 13.64 -9.24
C ILE C 1016 -13.88 13.05 -10.24
N ARG C 1017 -13.84 11.72 -10.43
CA ARG C 1017 -14.81 11.07 -11.31
C ARG C 1017 -16.22 11.22 -10.77
N ALA C 1018 -16.40 11.05 -9.46
CA ALA C 1018 -17.72 11.27 -8.87
C ALA C 1018 -18.16 12.72 -9.06
N SER C 1019 -17.23 13.65 -8.83
CA SER C 1019 -17.57 15.07 -8.99
C SER C 1019 -17.91 15.39 -10.43
N ALA C 1020 -17.19 14.80 -11.38
CA ALA C 1020 -17.43 15.07 -12.79
C ALA C 1020 -18.72 14.43 -13.27
N ASN C 1021 -19.07 13.25 -12.75
CA ASN C 1021 -20.37 12.68 -13.06
C ASN C 1021 -21.49 13.55 -12.50
N LEU C 1022 -21.30 14.08 -11.29
CA LEU C 1022 -22.27 15.03 -10.76
C LEU C 1022 -22.36 16.26 -11.65
N ALA C 1023 -21.23 16.74 -12.14
CA ALA C 1023 -21.22 17.88 -13.04
C ALA C 1023 -21.94 17.58 -14.35
N ALA C 1024 -21.73 16.39 -14.90
CA ALA C 1024 -22.37 16.01 -16.15
C ALA C 1024 -23.88 15.90 -15.95
N THR C 1025 -24.33 15.30 -14.86
CA THR C 1025 -25.76 15.24 -14.58
C THR C 1025 -26.32 16.63 -14.39
N LYS C 1026 -25.59 17.49 -13.67
CA LYS C 1026 -26.04 18.86 -13.46
C LYS C 1026 -26.16 19.60 -14.78
N MET C 1027 -25.20 19.41 -15.68
CA MET C 1027 -25.28 20.03 -16.99
C MET C 1027 -26.51 19.51 -17.74
N SER C 1028 -26.65 18.20 -17.82
CA SER C 1028 -27.72 17.60 -18.61
C SER C 1028 -29.09 17.98 -18.09
N GLU C 1029 -29.19 18.28 -16.79
CA GLU C 1029 -30.49 18.66 -16.22
C GLU C 1029 -30.70 20.17 -16.21
N CYS C 1030 -29.85 20.91 -15.52
CA CYS C 1030 -30.05 22.35 -15.39
C CYS C 1030 -29.82 23.07 -16.71
N VAL C 1031 -28.82 22.67 -17.48
CA VAL C 1031 -28.53 23.36 -18.73
C VAL C 1031 -29.54 22.96 -19.80
N LEU C 1032 -29.60 21.68 -20.13
CA LEU C 1032 -30.49 21.20 -21.18
C LEU C 1032 -31.90 20.98 -20.66
N GLY C 1033 -32.45 22.01 -20.00
CA GLY C 1033 -33.80 21.90 -19.48
C GLY C 1033 -33.98 22.53 -18.11
N GLN C 1034 -35.21 22.50 -17.61
CA GLN C 1034 -35.52 22.98 -16.28
C GLN C 1034 -35.65 21.79 -15.35
N SER C 1035 -35.00 21.86 -14.19
CA SER C 1035 -34.99 20.77 -13.24
C SER C 1035 -35.92 21.09 -12.08
N LYS C 1036 -36.89 20.22 -11.84
CA LYS C 1036 -37.87 20.41 -10.78
C LYS C 1036 -37.31 20.09 -9.40
N ARG C 1037 -36.20 19.37 -9.32
CA ARG C 1037 -35.62 19.00 -8.03
C ARG C 1037 -35.09 20.24 -7.33
N VAL C 1038 -35.65 20.54 -6.16
CA VAL C 1038 -35.36 21.80 -5.49
C VAL C 1038 -33.93 21.78 -4.93
N ASP C 1039 -33.28 22.93 -4.95
CA ASP C 1039 -31.94 23.14 -4.41
C ASP C 1039 -30.89 22.28 -5.09
N PHE C 1040 -31.19 21.76 -6.29
CA PHE C 1040 -30.17 21.04 -7.05
C PHE C 1040 -29.39 21.99 -7.94
N CYS C 1041 -30.10 22.76 -8.77
CA CYS C 1041 -29.46 23.74 -9.64
C CYS C 1041 -29.43 25.10 -8.96
N GLY C 1042 -28.68 25.16 -7.86
CA GLY C 1042 -28.58 26.37 -7.08
C GLY C 1042 -29.79 26.58 -6.20
N LYS C 1043 -29.68 27.58 -5.32
CA LYS C 1043 -30.74 27.87 -4.36
C LYS C 1043 -31.89 28.57 -5.07
N GLY C 1044 -33.10 28.19 -4.70
CA GLY C 1044 -34.31 28.80 -5.23
C GLY C 1044 -34.87 28.00 -6.39
N TYR C 1045 -36.03 28.46 -6.87
CA TYR C 1045 -36.71 27.83 -7.99
C TYR C 1045 -35.84 27.99 -9.23
N HIS C 1046 -35.40 26.87 -9.79
CA HIS C 1046 -34.48 26.91 -10.91
C HIS C 1046 -35.16 27.36 -12.19
N LEU C 1047 -34.47 28.22 -12.95
CA LEU C 1047 -34.94 28.65 -14.26
C LEU C 1047 -34.03 28.18 -15.38
N MET C 1048 -32.75 28.55 -15.33
CA MET C 1048 -31.78 28.10 -16.33
C MET C 1048 -30.46 27.85 -15.64
N SER C 1049 -29.43 27.58 -16.45
CA SER C 1049 -28.07 27.52 -15.95
C SER C 1049 -27.13 27.68 -17.13
N PHE C 1050 -26.23 28.65 -17.04
CA PHE C 1050 -25.28 28.92 -18.10
C PHE C 1050 -23.92 28.38 -17.71
N PRO C 1051 -23.38 27.41 -18.43
CA PRO C 1051 -22.08 26.85 -18.07
C PRO C 1051 -20.93 27.74 -18.51
N GLN C 1052 -19.83 27.65 -17.79
CA GLN C 1052 -18.61 28.35 -18.14
C GLN C 1052 -17.42 27.46 -17.87
N SER C 1053 -16.48 27.44 -18.82
CA SER C 1053 -15.30 26.60 -18.69
C SER C 1053 -14.33 27.21 -17.69
N ALA C 1054 -13.68 26.35 -16.91
CA ALA C 1054 -12.71 26.76 -15.91
C ALA C 1054 -11.51 25.85 -16.00
N PRO C 1055 -10.35 26.30 -15.54
CA PRO C 1055 -9.16 25.43 -15.52
C PRO C 1055 -9.44 24.15 -14.73
N HIS C 1056 -9.43 23.03 -15.44
CA HIS C 1056 -9.68 21.73 -14.83
C HIS C 1056 -11.00 21.72 -14.07
N GLY C 1057 -12.05 22.22 -14.70
CA GLY C 1057 -13.35 22.21 -14.06
C GLY C 1057 -14.37 22.99 -14.86
N VAL C 1058 -15.58 23.05 -14.31
CA VAL C 1058 -16.68 23.78 -14.91
C VAL C 1058 -17.30 24.66 -13.84
N VAL C 1059 -17.89 25.78 -14.27
CA VAL C 1059 -18.57 26.71 -13.39
C VAL C 1059 -19.93 27.03 -13.98
N PHE C 1060 -20.97 26.90 -13.17
CA PHE C 1060 -22.35 27.08 -13.60
C PHE C 1060 -22.85 28.44 -13.18
N LEU C 1061 -23.78 28.99 -13.95
CA LEU C 1061 -24.47 30.22 -13.61
C LEU C 1061 -25.96 29.89 -13.54
N HIS C 1062 -26.42 29.47 -12.36
CA HIS C 1062 -27.81 29.10 -12.17
C HIS C 1062 -28.66 30.36 -12.07
N VAL C 1063 -29.59 30.52 -13.00
CA VAL C 1063 -30.59 31.57 -12.91
C VAL C 1063 -31.80 31.02 -12.20
N THR C 1064 -32.16 31.63 -11.08
CA THR C 1064 -33.20 31.09 -10.21
C THR C 1064 -34.24 32.15 -9.92
N TYR C 1065 -35.47 31.69 -9.73
CA TYR C 1065 -36.59 32.54 -9.36
C TYR C 1065 -36.79 32.44 -7.86
N VAL C 1066 -36.70 33.57 -7.17
CA VAL C 1066 -36.75 33.62 -5.72
C VAL C 1066 -37.86 34.59 -5.33
N PRO C 1067 -38.80 34.20 -4.47
CA PRO C 1067 -39.88 35.09 -4.10
C PRO C 1067 -39.41 36.29 -3.29
N ALA C 1068 -40.34 37.17 -2.92
CA ALA C 1068 -40.03 38.47 -2.36
C ALA C 1068 -41.12 38.84 -1.36
N GLN C 1069 -41.25 40.13 -1.08
CA GLN C 1069 -42.21 40.68 -0.14
C GLN C 1069 -43.54 39.92 -0.17
N GLU C 1070 -44.01 39.53 1.01
CA GLU C 1070 -45.27 38.75 1.13
C GLU C 1070 -46.06 39.26 2.33
N LYS C 1071 -47.37 38.98 2.38
CA LYS C 1071 -48.21 39.48 3.50
C LYS C 1071 -49.11 38.33 4.00
N ASN C 1072 -49.54 38.40 5.26
CA ASN C 1072 -50.48 37.37 5.79
C ASN C 1072 -51.81 37.48 5.02
N PHE C 1073 -52.37 36.35 4.59
CA PHE C 1073 -53.66 36.36 3.86
C PHE C 1073 -54.61 35.34 4.49
N THR C 1074 -55.84 35.76 4.81
CA THR C 1074 -56.84 34.81 5.35
C THR C 1074 -57.18 33.80 4.24
N THR C 1075 -56.86 32.52 4.44
CA THR C 1075 -57.12 31.54 3.41
C THR C 1075 -58.08 30.48 3.93
N ALA C 1076 -58.80 29.85 3.01
CA ALA C 1076 -59.78 28.84 3.33
C ALA C 1076 -59.61 27.65 2.40
N PRO C 1077 -59.67 26.39 2.90
CA PRO C 1077 -59.44 25.21 2.05
C PRO C 1077 -60.41 25.17 0.87
N ALA C 1078 -61.64 25.63 1.07
CA ALA C 1078 -62.63 25.57 0.01
C ALA C 1078 -63.67 26.64 0.26
N ILE C 1079 -64.46 26.91 -0.78
CA ILE C 1079 -65.50 27.93 -0.72
C ILE C 1079 -66.84 27.27 -0.98
N CYS C 1080 -67.83 27.49 -0.12
CA CYS C 1080 -69.12 26.76 -0.19
C CYS C 1080 -70.25 27.66 -0.69
N HIS C 1081 -70.42 27.77 -2.01
CA HIS C 1081 -71.34 28.71 -2.65
C HIS C 1081 -72.80 28.34 -2.34
N ASP C 1082 -73.23 27.16 -2.77
CA ASP C 1082 -74.59 26.68 -2.51
C ASP C 1082 -74.49 25.20 -2.15
N GLY C 1083 -74.29 24.93 -0.86
CA GLY C 1083 -74.18 23.56 -0.37
C GLY C 1083 -73.05 22.74 -0.97
N LYS C 1084 -72.24 23.32 -1.84
CA LYS C 1084 -71.20 22.59 -2.55
C LYS C 1084 -69.86 23.26 -2.33
N ALA C 1085 -68.83 22.45 -2.09
CA ALA C 1085 -67.49 22.95 -1.87
C ALA C 1085 -66.83 23.28 -3.20
N HIS C 1086 -66.12 24.40 -3.24
CA HIS C 1086 -65.36 24.80 -4.41
C HIS C 1086 -63.88 24.83 -4.06
N PHE C 1087 -63.08 24.09 -4.84
CA PHE C 1087 -61.63 24.07 -4.61
C PHE C 1087 -60.97 24.70 -5.85
N PRO C 1088 -59.91 25.51 -5.68
CA PRO C 1088 -59.26 26.16 -6.83
C PRO C 1088 -58.63 25.13 -7.74
N ARG C 1089 -58.77 25.34 -9.05
CA ARG C 1089 -58.16 24.44 -10.01
C ARG C 1089 -56.64 24.45 -9.87
N GLU C 1090 -56.08 25.62 -9.58
CA GLU C 1090 -54.67 25.72 -9.17
C GLU C 1090 -54.52 27.03 -8.38
N GLY C 1091 -53.98 26.92 -7.19
CA GLY C 1091 -53.67 28.09 -6.39
C GLY C 1091 -54.44 28.08 -5.08
N VAL C 1092 -54.34 29.19 -4.36
CA VAL C 1092 -54.91 29.34 -3.05
C VAL C 1092 -56.07 30.33 -3.12
N PHE C 1093 -57.11 30.04 -2.35
CA PHE C 1093 -58.15 31.03 -2.06
C PHE C 1093 -57.59 32.03 -1.07
N VAL C 1094 -57.72 33.34 -1.27
CA VAL C 1094 -57.10 34.21 -0.24
C VAL C 1094 -58.09 35.32 0.08
N SER C 1095 -57.91 36.05 1.18
CA SER C 1095 -58.89 37.10 1.56
C SER C 1095 -58.16 38.41 1.86
N ASN C 1096 -58.52 39.50 1.17
CA ASN C 1096 -57.88 40.81 1.42
C ASN C 1096 -58.45 41.40 2.72
N GLY C 1097 -59.50 40.78 3.26
CA GLY C 1097 -60.13 41.29 4.50
C GLY C 1097 -61.63 41.40 4.34
N THR C 1098 -62.11 41.44 3.09
CA THR C 1098 -63.58 41.50 2.84
C THR C 1098 -63.93 40.57 1.67
N HIS C 1099 -63.48 40.90 0.46
CA HIS C 1099 -63.81 40.08 -0.74
C HIS C 1099 -62.81 38.93 -0.85
N TRP C 1100 -63.30 37.75 -1.24
CA TRP C 1100 -62.41 36.56 -1.40
C TRP C 1100 -61.76 36.54 -2.79
N PHE C 1101 -60.54 36.00 -2.94
CA PHE C 1101 -59.85 36.07 -4.25
C PHE C 1101 -59.00 34.82 -4.50
N VAL C 1102 -58.96 34.34 -5.74
CA VAL C 1102 -58.11 33.22 -6.09
C VAL C 1102 -56.83 33.76 -6.70
N THR C 1103 -55.73 33.05 -6.49
CA THR C 1103 -54.43 33.49 -6.97
C THR C 1103 -53.53 32.28 -7.17
N GLN C 1104 -52.39 32.52 -7.82
CA GLN C 1104 -51.48 31.39 -8.12
C GLN C 1104 -50.73 30.94 -6.87
N ARG C 1105 -49.64 30.22 -7.07
CA ARG C 1105 -48.84 29.70 -5.98
C ARG C 1105 -47.71 30.62 -5.58
N ASN C 1106 -46.94 31.13 -6.53
CA ASN C 1106 -45.73 31.88 -6.22
C ASN C 1106 -45.80 33.33 -6.67
N PHE C 1107 -46.99 33.83 -7.00
CA PHE C 1107 -47.15 35.25 -7.30
C PHE C 1107 -48.57 35.67 -6.94
N TYR C 1108 -48.69 36.81 -6.29
CA TYR C 1108 -50.00 37.32 -5.92
C TYR C 1108 -50.65 37.96 -7.14
N GLU C 1109 -51.54 37.20 -7.78
CA GLU C 1109 -52.29 37.74 -8.94
C GLU C 1109 -53.77 37.46 -8.66
N PRO C 1110 -54.42 38.19 -7.73
CA PRO C 1110 -55.81 37.90 -7.37
C PRO C 1110 -56.75 38.02 -8.57
N GLN C 1111 -57.71 37.11 -8.62
CA GLN C 1111 -58.69 37.08 -9.70
C GLN C 1111 -60.07 36.81 -9.10
N ILE C 1112 -61.10 37.23 -9.83
CA ILE C 1112 -62.46 36.96 -9.39
C ILE C 1112 -62.71 35.47 -9.41
N ILE C 1113 -63.26 34.94 -8.32
CA ILE C 1113 -63.47 33.51 -8.18
C ILE C 1113 -64.62 33.06 -9.06
N THR C 1114 -64.31 32.50 -10.21
CA THR C 1114 -65.30 32.05 -11.17
C THR C 1114 -65.36 30.53 -11.21
N THR C 1115 -66.39 30.01 -11.87
CA THR C 1115 -66.50 28.59 -12.09
C THR C 1115 -65.38 28.05 -12.98
N ASP C 1116 -64.69 28.91 -13.71
CA ASP C 1116 -63.50 28.49 -14.44
C ASP C 1116 -62.34 28.22 -13.49
N ASN C 1117 -62.15 29.11 -12.51
CA ASN C 1117 -61.01 28.99 -11.61
C ASN C 1117 -61.18 27.81 -10.66
N THR C 1118 -62.40 27.34 -10.46
CA THR C 1118 -62.68 26.34 -9.44
C THR C 1118 -63.38 25.14 -10.03
N PHE C 1119 -63.20 23.98 -9.40
CA PHE C 1119 -63.96 22.79 -9.69
C PHE C 1119 -64.71 22.35 -8.45
N VAL C 1120 -65.97 21.95 -8.64
CA VAL C 1120 -66.89 21.73 -7.54
C VAL C 1120 -67.07 20.24 -7.31
N SER C 1121 -66.90 19.82 -6.05
CA SER C 1121 -67.06 18.38 -5.69
C SER C 1121 -67.12 18.25 -4.16
N GLY C 1122 -68.32 18.13 -3.58
CA GLY C 1122 -68.45 18.06 -2.15
C GLY C 1122 -69.89 18.30 -1.72
N ASN C 1123 -70.06 18.38 -0.39
CA ASN C 1123 -71.38 18.58 0.21
C ASN C 1123 -71.38 19.67 1.25
N CYS C 1124 -70.27 20.39 1.43
CA CYS C 1124 -70.18 21.51 2.38
C CYS C 1124 -70.37 21.06 3.83
N ASP C 1125 -70.15 19.78 4.12
CA ASP C 1125 -70.29 19.29 5.49
C ASP C 1125 -69.09 18.48 5.97
N VAL C 1126 -68.21 18.10 5.06
CA VAL C 1126 -67.05 17.23 5.43
C VAL C 1126 -65.75 17.95 5.08
N VAL C 1127 -65.82 18.91 4.15
CA VAL C 1127 -64.61 19.70 3.77
C VAL C 1127 -64.28 20.67 4.90
N ILE C 1128 -63.32 20.31 5.75
CA ILE C 1128 -62.95 21.18 6.91
C ILE C 1128 -62.47 22.53 6.36
N GLY C 1129 -62.94 23.63 6.95
CA GLY C 1129 -62.51 24.97 6.51
C GLY C 1129 -63.44 25.58 5.48
N ILE C 1130 -64.65 25.02 5.32
CA ILE C 1130 -65.64 25.63 4.39
C ILE C 1130 -65.83 27.09 4.81
N VAL C 1131 -65.93 28.01 3.85
CA VAL C 1131 -66.01 29.44 4.19
C VAL C 1131 -66.98 30.07 3.21
N ASN C 1132 -68.19 30.27 3.68
CA ASN C 1132 -69.31 30.79 2.86
C ASN C 1132 -68.87 32.05 2.11
N ASN C 1133 -69.44 32.27 0.93
CA ASN C 1133 -69.02 33.33 -0.02
C ASN C 1133 -69.82 33.10 -1.29
N THR C 1134 -69.79 34.05 -2.21
CA THR C 1134 -70.60 33.96 -3.41
C THR C 1134 -69.72 33.71 -4.62
N VAL C 1135 -70.00 32.65 -5.35
CA VAL C 1135 -69.34 32.40 -6.61
C VAL C 1135 -70.20 32.99 -7.73
N TYR C 1136 -69.58 33.18 -8.88
CA TYR C 1136 -70.24 33.78 -10.02
C TYR C 1136 -70.27 32.80 -11.18
N ASP C 1137 -71.25 32.99 -12.08
CA ASP C 1137 -71.29 32.27 -13.33
C ASP C 1137 -71.59 33.24 -14.45
N PRO C 1138 -71.06 33.02 -15.65
CA PRO C 1138 -71.31 33.94 -16.77
C PRO C 1138 -72.58 33.64 -17.56
N LEU C 1139 -73.51 32.85 -17.02
CA LEU C 1139 -74.66 32.38 -17.78
C LEU C 1139 -75.95 33.11 -17.45
N GLN C 1140 -76.24 33.37 -16.17
CA GLN C 1140 -77.54 33.90 -15.80
C GLN C 1140 -77.73 35.31 -16.33
N LEU C 1141 -76.63 36.06 -16.49
CA LEU C 1141 -76.73 37.41 -17.03
C LEU C 1141 -77.23 37.39 -18.46
N GLU C 1142 -76.76 36.44 -19.26
CA GLU C 1142 -77.17 36.34 -20.66
C GLU C 1142 -78.24 35.27 -20.82
C1 NAG D . 33.43 -42.18 -38.39
C2 NAG D . 34.46 -43.30 -38.53
C3 NAG D . 34.27 -44.31 -37.41
C4 NAG D . 34.34 -43.61 -36.06
C5 NAG D . 33.32 -42.49 -36.01
C6 NAG D . 33.45 -41.66 -34.76
C7 NAG D . 35.46 -43.80 -40.67
C8 NAG D . 35.27 -44.43 -42.02
N2 NAG D . 34.44 -43.95 -39.82
O3 NAG D . 35.26 -45.32 -37.52
O4 NAG D . 34.04 -44.56 -35.04
O5 NAG D . 33.52 -41.58 -37.11
O6 NAG D . 34.71 -40.99 -34.71
O7 NAG D . 36.47 -43.19 -40.36
C1 NAG E . 50.61 -28.80 -23.96
C2 NAG E . 51.60 -29.36 -24.99
C3 NAG E . 53.02 -28.90 -24.66
C4 NAG E . 53.07 -27.39 -24.48
C5 NAG E . 52.05 -26.99 -23.41
C6 NAG E . 52.01 -25.49 -23.19
C7 NAG E . 51.91 -31.68 -24.13
C8 NAG E . 51.81 -33.13 -24.51
N2 NAG E . 51.53 -30.81 -25.07
O3 NAG E . 53.90 -29.31 -25.70
O4 NAG E . 54.37 -27.01 -24.05
O5 NAG E . 50.74 -27.39 -23.83
O6 NAG E . 51.65 -24.80 -24.39
O7 NAG E . 52.29 -31.33 -23.02
C1 NAG F . 39.06 -14.74 -24.40
C2 NAG F . 38.94 -14.38 -22.91
C3 NAG F . 38.81 -12.87 -22.77
C4 NAG F . 40.01 -12.19 -23.41
C5 NAG F . 40.10 -12.62 -24.87
C6 NAG F . 41.32 -12.07 -25.56
C7 NAG F . 38.06 -16.05 -21.39
C8 NAG F . 36.84 -16.74 -20.88
N2 NAG F . 37.84 -15.05 -22.25
O3 NAG F . 38.69 -12.52 -21.39
O4 NAG F . 39.84 -10.78 -23.35
O5 NAG F . 40.18 -14.06 -24.96
O6 NAG F . 41.39 -12.49 -26.92
O7 NAG F . 39.19 -16.40 -21.08
C1 NAG G . 35.06 -41.52 -52.93
C2 NAG G . 33.58 -41.67 -52.55
C3 NAG G . 33.32 -43.09 -52.05
C4 NAG G . 33.75 -44.10 -53.11
C5 NAG G . 35.22 -43.86 -53.46
C6 NAG G . 35.69 -44.76 -54.58
C7 NAG G . 32.38 -39.68 -51.79
C8 NAG G . 32.17 -38.73 -50.66
N2 NAG G . 33.19 -40.71 -51.55
O3 NAG G . 31.95 -43.23 -51.74
O4 NAG G . 33.60 -45.42 -52.61
O5 NAG G . 35.41 -42.51 -53.89
O6 NAG G . 34.77 -44.77 -55.66
O7 NAG G . 31.86 -39.52 -52.89
C1 NAG H . -1.11 -31.31 -33.42
C2 NAG H . -1.76 -30.72 -34.67
C3 NAG H . -2.87 -31.63 -35.17
C4 NAG H . -2.35 -33.04 -35.39
C5 NAG H . -1.69 -33.55 -34.10
C6 NAG H . -1.03 -34.89 -34.30
C7 NAG H . -1.95 -28.31 -35.04
C8 NAG H . -2.65 -27.05 -34.62
N2 NAG H . -2.35 -29.43 -34.43
O3 NAG H . -3.37 -31.09 -36.37
O4 NAG H . -3.43 -33.91 -35.71
O5 NAG H . -0.67 -32.64 -33.67
O6 NAG H . -0.05 -34.84 -35.33
O7 NAG H . -1.07 -28.32 -35.91
C1 NAG I . 44.39 27.26 -11.81
C2 NAG I . 45.44 27.98 -12.66
C3 NAG I . 45.54 29.45 -12.25
C4 NAG I . 44.16 30.10 -12.24
C5 NAG I . 43.22 29.30 -11.35
C6 NAG I . 41.81 29.84 -11.34
C7 NAG I . 47.28 26.65 -13.57
C8 NAG I . 48.62 26.05 -13.29
N2 NAG I . 46.73 27.34 -12.56
O3 NAG I . 46.42 30.13 -13.13
O4 NAG I . 44.27 31.43 -11.73
O5 NAG I . 43.14 27.95 -11.84
O6 NAG I . 41.22 29.78 -12.64
O7 NAG I . 46.71 26.52 -14.64
C1 NAG J . 60.57 4.23 0.44
C2 NAG J . 61.37 3.06 1.00
C3 NAG J . 62.84 3.22 0.67
C4 NAG J . 63.03 3.39 -0.83
C5 NAG J . 62.18 4.55 -1.33
C6 NAG J . 62.18 4.69 -2.84
C7 NAG J . 60.46 1.96 2.96
C8 NAG J . 60.51 1.84 4.46
N2 NAG J . 61.20 2.93 2.43
O3 NAG J . 63.54 2.09 1.14
O4 NAG J . 64.40 3.68 -1.09
O5 NAG J . 60.81 4.36 -0.95
O6 NAG J . 61.43 3.64 -3.44
O7 NAG J . 59.78 1.22 2.27
C1 NAG K . 53.32 11.51 13.09
C2 NAG K . 54.63 11.56 13.86
C3 NAG K . 55.33 12.89 13.59
C4 NAG K . 55.55 13.06 12.10
C5 NAG K . 54.20 12.96 11.39
C6 NAG K . 54.34 13.04 9.90
C7 NAG K . 54.87 10.21 15.87
C8 NAG K . 54.33 9.96 17.24
N2 NAG K . 54.46 11.33 15.28
O3 NAG K . 56.56 12.96 14.30
O4 NAG K . 56.15 14.33 11.83
O5 NAG K . 53.58 11.70 11.70
O6 NAG K . 55.27 12.07 9.43
O7 NAG K . 55.63 9.42 15.31
C1 NAG L . 9.18 22.99 -31.51
C2 NAG L . 9.62 24.24 -30.76
C3 NAG L . 8.64 25.39 -31.01
C4 NAG L . 8.38 25.58 -32.49
C5 NAG L . 7.93 24.26 -33.10
C6 NAG L . 7.71 24.33 -34.60
C7 NAG L . 10.93 23.96 -28.72
C8 NAG L . 10.89 23.67 -27.25
N2 NAG L . 9.75 24.00 -29.34
O3 NAG L . 9.16 26.58 -30.43
O4 NAG L . 7.36 26.55 -32.68
O5 NAG L . 8.95 23.27 -32.88
O6 NAG L . 6.68 25.28 -34.92
O7 NAG L . 11.99 24.13 -29.32
C1 NAG M . -5.52 24.05 -46.53
C2 NAG M . -4.74 25.35 -46.54
C3 NAG M . -5.18 26.20 -47.73
C4 NAG M . -5.02 25.38 -49.01
C5 NAG M . -5.80 24.08 -48.89
C6 NAG M . -5.61 23.19 -50.10
C7 NAG M . -4.17 27.00 -44.79
C8 NAG M . -4.71 27.72 -43.60
N2 NAG M . -4.93 26.00 -45.27
O3 NAG M . -4.45 27.41 -47.80
O4 NAG M . -5.52 26.14 -50.11
O5 NAG M . -5.36 23.33 -47.74
O6 NAG M . -4.23 23.01 -50.38
O7 NAG M . -3.10 27.30 -45.31
C1 NAG N . -35.79 41.99 -33.62
C2 NAG N . -36.30 42.81 -34.81
C3 NAG N . -35.23 43.79 -35.26
C4 NAG N . -34.81 44.67 -34.08
C5 NAG N . -34.35 43.79 -32.93
C6 NAG N . -34.05 44.59 -31.68
C7 NAG N . -37.95 41.70 -36.20
C8 NAG N . -38.19 40.80 -37.38
N2 NAG N . -36.68 41.93 -35.90
O3 NAG N . -35.75 44.58 -36.32
O4 NAG N . -33.75 45.52 -34.49
O5 NAG N . -35.39 42.86 -32.57
O6 NAG N . -35.19 45.35 -31.31
O7 NAG N . -38.87 42.17 -35.54
C1 NAG O . -44.27 10.96 -40.13
C2 NAG O . -45.03 11.14 -41.44
C3 NAG O . -45.48 9.79 -42.00
C4 NAG O . -44.34 8.78 -42.02
C5 NAG O . -43.68 8.75 -40.66
C6 NAG O . -42.54 7.75 -40.61
C7 NAG O . -46.15 13.33 -41.46
C8 NAG O . -47.38 14.10 -41.07
N2 NAG O . -46.18 12.01 -41.26
O3 NAG O . -46.03 9.99 -43.30
O4 NAG O . -44.80 7.45 -42.25
O5 NAG O . -43.19 10.04 -40.32
O6 NAG O . -41.51 8.22 -41.48
O7 NAG O . -45.17 13.89 -41.94
C1 NAG P . -43.39 -10.56 -32.76
C2 NAG P . -44.44 -11.34 -31.96
C3 NAG P . -44.08 -12.81 -31.96
C4 NAG P . -43.93 -13.32 -33.38
C5 NAG P . -42.90 -12.47 -34.12
C6 NAG P . -42.79 -12.83 -35.59
C7 NAG P . -45.62 -10.16 -30.16
C8 NAG P . -45.57 -9.70 -28.73
N2 NAG P . -44.56 -10.84 -30.60
O3 NAG P . -45.07 -13.55 -31.26
O4 NAG P . -43.48 -14.67 -33.36
O5 NAG P . -43.27 -11.07 -34.08
O6 NAG P . -44.03 -12.63 -36.26
O7 NAG P . -46.59 -9.93 -30.88
C1 NAG Q . -36.07 28.79 -40.96
C2 NAG Q . -35.64 27.32 -41.07
C3 NAG Q . -34.12 27.22 -41.10
C4 NAG Q . -33.52 28.14 -42.16
C5 NAG Q . -34.02 29.56 -41.91
C6 NAG Q . -33.54 30.54 -42.97
C7 NAG Q . -37.13 25.62 -40.17
C8 NAG Q . -37.41 24.73 -39.00
N2 NAG Q . -36.18 26.52 -39.99
O3 NAG Q . -33.75 25.87 -41.35
O4 NAG Q . -32.11 28.12 -42.05
O5 NAG Q . -35.47 29.58 -41.97
O6 NAG Q . -34.01 30.19 -44.26
O7 NAG Q . -37.75 25.52 -41.23
C1 NAG R . -53.92 29.25 -42.49
C2 NAG R . -53.97 29.87 -43.89
C3 NAG R . -55.34 30.45 -44.16
C4 NAG R . -56.44 29.43 -43.88
C5 NAG R . -56.27 28.90 -42.46
C6 NAG R . -57.28 27.82 -42.13
C7 NAG R . -51.89 30.75 -44.87
C8 NAG R . -51.78 29.44 -45.58
N2 NAG R . -52.95 30.89 -44.06
O3 NAG R . -55.41 30.93 -45.50
O4 NAG R . -57.71 30.03 -44.02
O5 NAG R . -54.96 28.31 -42.31
O6 NAG R . -58.61 28.31 -42.21
O7 NAG R . -51.06 31.63 -45.00
C1 NAG S . -54.30 46.68 -32.46
C2 NAG S . -53.03 47.49 -32.69
C3 NAG S . -53.08 48.75 -31.83
C4 NAG S . -54.34 49.55 -32.13
C5 NAG S . -55.56 48.65 -31.91
C6 NAG S . -56.85 49.34 -32.28
C7 NAG S . -50.88 46.46 -33.22
C8 NAG S . -49.64 45.85 -32.65
N2 NAG S . -51.82 46.78 -32.34
O3 NAG S . -51.91 49.52 -32.10
O4 NAG S . -54.40 50.67 -31.25
O5 NAG S . -55.45 47.47 -32.72
O6 NAG S . -56.71 50.02 -33.51
O7 NAG S . -51.02 46.65 -34.42
C1 NAG T . 22.88 -4.22 -42.66
C2 NAG T . 23.36 -3.29 -43.78
C3 NAG T . 23.04 -1.83 -43.45
C4 NAG T . 21.58 -1.66 -43.02
C5 NAG T . 21.28 -2.67 -41.93
C6 NAG T . 19.84 -2.54 -41.44
C7 NAG T . 25.31 -4.29 -44.90
C8 NAG T . 26.81 -4.43 -44.88
N2 NAG T . 24.78 -3.44 -44.00
O3 NAG T . 23.34 -1.03 -44.60
O4 NAG T . 21.35 -0.39 -42.43
O5 NAG T . 21.50 -3.99 -42.40
O6 NAG T . 18.99 -2.92 -42.51
O7 NAG T . 24.62 -4.91 -45.69
C1 NAG U . -7.87 -9.62 -41.91
C2 NAG U . -6.93 -10.05 -43.03
C3 NAG U . -7.75 -10.65 -44.17
C4 NAG U . -8.61 -11.78 -43.66
C5 NAG U . -9.50 -11.28 -42.52
C6 NAG U . -10.31 -12.38 -41.88
C7 NAG U . -4.80 -8.89 -43.25
C8 NAG U . -4.04 -7.84 -44.01
N2 NAG U . -6.11 -8.96 -43.50
O3 NAG U . -6.86 -11.10 -45.20
O4 NAG U . -9.44 -12.25 -44.71
O5 NAG U . -8.68 -10.70 -41.48
O6 NAG U . -9.47 -13.39 -41.32
O7 NAG U . -4.23 -9.65 -42.47
C1 NAG V . 7.85 -34.97 55.48
C2 NAG V . 8.76 -35.45 56.60
C3 NAG V . 9.62 -34.30 57.09
C4 NAG V . 10.41 -33.71 55.93
C5 NAG V . 9.45 -33.30 54.82
C6 NAG V . 10.17 -32.85 53.58
C7 NAG V . 8.13 -37.35 57.95
C8 NAG V . 7.25 -37.88 59.05
N2 NAG V . 8.04 -36.05 57.70
O3 NAG V . 10.49 -34.76 58.11
O4 NAG V . 11.10 -32.56 56.39
O5 NAG V . 8.63 -34.42 54.42
O6 NAG V . 10.92 -33.92 53.01
O7 NAG V . 8.90 -38.08 57.33
C1 NAG W . 28.88 -39.80 38.72
C2 NAG W . 29.25 -41.24 39.10
C3 NAG W . 30.77 -41.32 39.26
C4 NAG W . 31.45 -40.83 38.00
C5 NAG W . 30.99 -39.41 37.68
C6 NAG W . 31.58 -38.87 36.40
C7 NAG W . 28.55 -41.15 41.50
C8 NAG W . 27.53 -41.69 42.46
N2 NAG W . 28.48 -41.64 40.25
O3 NAG W . 31.16 -42.67 39.55
O4 NAG W . 32.87 -40.80 38.20
O5 NAG W . 29.55 -39.38 37.56
O6 NAG W . 31.28 -39.71 35.30
O7 NAG W . 29.37 -40.30 41.83
C1 NAG X . 14.45 -38.62 25.07
C2 NAG X . 15.28 -37.70 24.17
C3 NAG X . 14.91 -37.99 22.71
C4 NAG X . 15.15 -39.46 22.40
C5 NAG X . 14.34 -40.30 23.37
C6 NAG X . 14.59 -41.78 23.20
C7 NAG X . 16.09 -35.60 25.06
C8 NAG X . 15.75 -34.20 25.44
N2 NAG X . 15.12 -36.30 24.47
O3 NAG X . 15.67 -37.14 21.86
O4 NAG X . 14.73 -39.73 21.08
O5 NAG X . 14.70 -39.98 24.73
O6 NAG X . 13.84 -42.55 24.11
O7 NAG X . 17.18 -36.11 25.31
C1 NAG Y . -0.93 -45.50 60.63
C2 NAG Y . -1.67 -44.17 60.54
C3 NAG Y . -1.17 -43.22 61.63
C4 NAG Y . -1.33 -43.89 62.99
C5 NAG Y . -0.60 -45.23 62.99
C6 NAG Y . -0.79 -45.99 64.28
C7 NAG Y . -2.49 -43.45 58.35
C8 NAG Y . -2.11 -42.87 57.02
N2 NAG Y . -1.50 -43.54 59.24
O3 NAG Y . -1.89 -42.01 61.57
O4 NAG Y . -0.78 -43.05 64.01
O5 NAG Y . -1.08 -46.06 61.92
O6 NAG Y . -2.17 -46.02 64.66
O7 NAG Y . -3.63 -43.81 58.60
C1 NAG Z . -15.64 -10.57 41.75
C2 NAG Z . -17.08 -11.09 41.66
C3 NAG Z . -17.96 -10.32 42.64
C4 NAG Z . -17.40 -10.40 44.04
C5 NAG Z . -15.96 -9.91 44.05
C6 NAG Z . -15.29 -10.08 45.38
C7 NAG Z . -18.05 -11.92 39.57
C8 NAG Z . -18.57 -11.54 38.22
N2 NAG Z . -17.66 -10.91 40.34
O3 NAG Z . -19.26 -10.90 42.58
O4 NAG Z . -18.17 -9.56 44.91
O5 NAG Z . -15.18 -10.64 43.09
O6 NAG Z . -15.32 -11.44 45.79
O7 NAG Z . -18.02 -13.08 39.96
C1 NAG AA . 16.36 -47.38 -18.14
C2 NAG AA . 16.14 -48.87 -18.39
C3 NAG AA . 16.11 -49.15 -19.89
C4 NAG AA . 15.05 -48.29 -20.56
C5 NAG AA . 15.30 -46.82 -20.24
C6 NAG AA . 14.19 -45.93 -20.73
C7 NAG AA . 16.85 -50.49 -16.73
C8 NAG AA . 17.84 -51.58 -16.43
N2 NAG AA . 17.15 -49.70 -17.77
O3 NAG AA . 15.84 -50.52 -20.10
O4 NAG AA . 15.14 -48.46 -21.97
O5 NAG AA . 15.35 -46.62 -18.80
O6 NAG AA . 12.96 -46.26 -20.09
O7 NAG AA . 15.82 -50.35 -16.08
C1 NAG BA . 41.51 -44.14 -0.93
C2 NAG BA . 42.74 -43.99 -0.03
C3 NAG BA . 43.50 -45.30 0.03
C4 NAG BA . 42.58 -46.43 0.47
C5 NAG BA . 41.37 -46.49 -0.46
C6 NAG BA . 40.33 -47.48 0.01
C7 NAG BA . 43.69 -41.76 0.16
C8 NAG BA . 44.76 -40.82 -0.31
N2 NAG BA . 43.61 -42.93 -0.48
O3 NAG BA . 44.58 -45.15 0.92
O4 NAG BA . 43.30 -47.66 0.38
O5 NAG BA . 40.72 -45.22 -0.49
O6 NAG BA . 39.66 -47.01 1.17
O7 NAG BA . 42.93 -41.48 1.09
C1 NAG CA . 43.15 -33.24 -12.94
C2 NAG CA . 44.57 -33.70 -13.21
C3 NAG CA . 44.55 -34.78 -14.30
C4 NAG CA . 43.67 -35.92 -13.86
C5 NAG CA . 42.26 -35.38 -13.57
C6 NAG CA . 41.34 -36.44 -13.04
C7 NAG CA . 46.41 -32.18 -12.74
C8 NAG CA . 47.02 -30.86 -13.08
N2 NAG CA . 45.46 -32.61 -13.56
O3 NAG CA . 45.87 -35.23 -14.57
O4 NAG CA . 43.59 -36.91 -14.88
O5 NAG CA . 42.35 -34.35 -12.56
O6 NAG CA . 41.92 -37.10 -11.92
O7 NAG CA . 46.77 -32.83 -11.76
C1 NAG DA . -18.70 -34.94 -9.65
C2 NAG DA . -17.86 -35.33 -10.86
C3 NAG DA . -18.79 -35.69 -12.01
C4 NAG DA . -19.70 -36.83 -11.56
C5 NAG DA . -20.47 -36.39 -10.31
C6 NAG DA . -21.35 -37.48 -9.75
C7 NAG DA . -15.63 -34.34 -10.94
C8 NAG DA . -14.76 -33.30 -11.58
N2 NAG DA . -16.94 -34.26 -11.20
O3 NAG DA . -18.06 -36.04 -13.16
O4 NAG DA . -20.62 -37.13 -12.60
O5 NAG DA . -19.54 -36.02 -9.27
O6 NAG DA . -22.33 -37.89 -10.69
O7 NAG DA . -15.17 -35.21 -10.19
C1 NAG EA . -41.11 -32.74 -4.26
C2 NAG EA . -40.88 -33.71 -5.41
C3 NAG EA . -42.20 -34.40 -5.75
C4 NAG EA . -42.75 -35.07 -4.50
C5 NAG EA . -42.90 -34.04 -3.38
C6 NAG EA . -43.36 -34.66 -2.09
C7 NAG EA . -39.72 -33.51 -7.58
C8 NAG EA . -39.47 -32.60 -8.74
N2 NAG EA . -40.32 -32.97 -6.52
O3 NAG EA . -42.04 -35.34 -6.79
O4 NAG EA . -44.02 -35.64 -4.78
O5 NAG EA . -41.63 -33.40 -3.12
O6 NAG EA . -42.54 -35.77 -1.73
O7 NAG EA . -39.38 -34.69 -7.60
C1 NAG FA . -58.02 -8.57 -27.37
C2 NAG FA . -59.37 -9.20 -27.67
C3 NAG FA . -59.17 -10.54 -28.35
C4 NAG FA . -58.31 -10.38 -29.60
C5 NAG FA . -56.99 -9.70 -29.22
C6 NAG FA . -56.14 -9.38 -30.42
C7 NAG FA . -61.19 -8.55 -26.20
C8 NAG FA . -61.93 -8.85 -24.94
N2 NAG FA . -60.15 -9.35 -26.47
O3 NAG FA . -60.43 -11.08 -28.69
O4 NAG FA . -58.04 -11.65 -30.17
O5 NAG FA . -57.25 -8.45 -28.55
O6 NAG FA . -56.86 -8.56 -31.33
O7 NAG FA . -61.49 -7.62 -26.94
C1 NAG GA . -60.70 2.94 3.26
C2 NAG GA . -62.16 2.60 3.56
C3 NAG GA . -62.53 2.99 5.00
C4 NAG GA . -61.50 2.46 5.99
C5 NAG GA . -60.11 2.87 5.52
C6 NAG GA . -59.03 2.40 6.49
C7 NAG GA . -63.49 2.71 1.51
C8 NAG GA . -64.28 3.60 0.59
N2 NAG GA . -63.06 3.28 2.64
O3 NAG GA . -63.84 2.49 5.30
O4 NAG GA . -61.63 3.07 7.29
O5 NAG GA . -59.86 2.34 4.23
O6 NAG GA . -59.02 0.97 6.45
O7 NAG GA . -63.27 1.54 1.22
C1 NAG HA . -50.19 12.95 20.22
C2 NAG HA . -50.80 14.21 20.86
C3 NAG HA . -50.40 14.31 22.34
C4 NAG HA . -50.65 12.98 23.07
C5 NAG HA . -50.01 11.86 22.29
C6 NAG HA . -50.20 10.51 22.98
C7 NAG HA . -51.09 15.95 19.17
C8 NAG HA . -50.43 17.10 18.44
N2 NAG HA . -50.38 15.40 20.16
O3 NAG HA . -51.13 15.38 22.94
O4 NAG HA . -50.01 12.96 24.35
O5 NAG HA . -50.55 11.81 20.99
O6 NAG HA . -51.58 10.22 22.96
O7 NAG HA . -52.20 15.56 18.86
C1 NAG IA . -59.69 -8.95 -12.39
C2 NAG IA . -59.09 -8.83 -10.99
C3 NAG IA . -57.99 -9.88 -10.80
C4 NAG IA . -58.51 -11.27 -11.14
C5 NAG IA . -59.11 -11.27 -12.55
C6 NAG IA . -59.74 -12.59 -12.93
C7 NAG IA . -59.13 -6.67 -9.87
C8 NAG IA . -58.30 -5.51 -9.45
N2 NAG IA . -58.55 -7.51 -10.73
O3 NAG IA . -57.50 -9.84 -9.47
O4 NAG IA . -57.44 -12.21 -11.11
O5 NAG IA . -60.16 -10.28 -12.61
O6 NAG IA . -60.79 -12.94 -12.03
O7 NAG IA . -60.27 -6.84 -9.46
C1 NAG JA . -73.71 2.76 -13.22
C2 NAG JA . -74.81 1.69 -13.18
C3 NAG JA . -76.13 2.25 -13.68
C4 NAG JA . -76.47 3.54 -12.95
C5 NAG JA . -75.32 4.52 -13.08
C6 NAG JA . -75.55 5.82 -12.34
C7 NAG JA . -74.12 -0.66 -13.43
C8 NAG JA . -74.19 -0.75 -11.93
N2 NAG JA . -74.43 0.53 -13.96
O3 NAG JA . -77.15 1.28 -13.51
O4 NAG JA . -77.65 4.11 -13.52
O5 NAG JA . -74.13 3.93 -12.52
O6 NAG JA . -76.68 6.51 -12.86
O7 NAG JA . -73.80 -1.61 -14.12
C1 NAG KA . -71.34 3.93 -33.09
C2 NAG KA . -70.81 2.62 -33.69
C3 NAG KA . -70.57 2.81 -35.18
C4 NAG KA . -71.84 3.28 -35.86
C5 NAG KA . -72.33 4.56 -35.19
C6 NAG KA . -73.65 5.03 -35.74
C7 NAG KA . -69.40 1.07 -32.41
C8 NAG KA . -68.00 0.74 -32.02
N2 NAG KA . -69.55 2.20 -33.10
O3 NAG KA . -70.13 1.58 -35.72
O4 NAG KA . -71.58 3.53 -37.23
O5 NAG KA . -72.51 4.34 -33.77
O6 NAG KA . -74.56 3.95 -35.88
O7 NAG KA . -70.35 0.36 -32.14
C1 NAG LA . -11.70 -41.83 21.69
C2 NAG LA . -12.34 -43.17 21.31
C3 NAG LA . -12.72 -43.18 19.82
C4 NAG LA . -13.49 -41.93 19.42
C5 NAG LA . -12.72 -40.71 19.90
C6 NAG LA . -13.42 -39.41 19.51
C7 NAG LA . -11.49 -44.96 22.75
C8 NAG LA . -10.40 -45.97 22.96
N2 NAG LA . -11.46 -44.28 21.60
O3 NAG LA . -13.47 -44.37 19.55
O4 NAG LA . -13.57 -41.77 18.00
O5 NAG LA . -12.55 -40.76 21.31
O6 NAG LA . -14.65 -39.37 20.24
O7 NAG LA . -12.35 -44.78 23.59
C1 NAG MA . -31.25 -18.00 24.85
C2 NAG MA . -31.19 -19.23 25.74
C3 NAG MA . -32.37 -19.21 26.71
C4 NAG MA . -32.38 -17.90 27.50
C5 NAG MA . -32.40 -16.73 26.54
C6 NAG MA . -32.29 -15.40 27.24
C7 NAG MA . -30.11 -21.24 24.89
C8 NAG MA . -30.32 -22.58 24.24
N2 NAG MA . -31.18 -20.46 24.98
O3 NAG MA . -32.29 -20.33 27.59
O4 NAG MA . -33.54 -17.87 28.32
O5 NAG MA . -31.28 -16.81 25.63
O6 NAG MA . -31.06 -15.30 27.97
O7 NAG MA . -29.00 -20.89 25.31
C1 NAG NA . 51.34 40.08 10.83
C2 NAG NA . 52.85 40.28 10.88
C3 NAG NA . 53.50 39.61 9.68
C4 NAG NA . 53.12 38.15 9.63
C5 NAG NA . 51.60 38.01 9.63
C6 NAG NA . 51.17 36.57 9.75
C7 NAG NA . 53.79 42.17 12.06
C8 NAG NA . 54.04 43.64 12.08
N2 NAG NA . 53.23 41.68 10.96
O3 NAG NA . 54.91 39.77 9.74
O4 NAG NA . 53.63 37.58 8.43
O5 NAG NA . 51.04 38.69 10.77
O6 NAG NA . 51.57 36.02 11.00
O7 NAG NA . 54.09 41.46 13.01
C1 NAG OA . 57.21 17.50 23.56
C2 NAG OA . 57.71 18.54 24.56
C3 NAG OA . 58.92 17.99 25.33
C4 NAG OA . 58.63 16.61 25.91
C5 NAG OA . 58.17 15.68 24.79
C6 NAG OA . 57.80 14.30 25.27
C7 NAG OA . 59.05 20.04 23.12
C8 NAG OA . 59.35 21.48 22.84
N2 NAG OA . 58.03 19.80 23.94
O3 NAG OA . 59.27 18.90 26.36
O4 NAG OA . 59.81 16.07 26.49
O5 NAG OA . 56.98 16.24 24.18
O6 NAG OA . 56.75 14.35 26.23
O7 NAG OA . 59.70 19.13 22.60
C1 NAG PA . 36.42 17.39 26.43
C2 NAG PA . 36.15 15.95 25.99
C3 NAG PA . 34.99 15.38 26.81
C4 NAG PA . 35.31 15.46 28.29
C5 NAG PA . 35.60 16.92 28.64
C6 NAG PA . 36.02 17.09 30.09
C7 NAG PA . 36.81 15.28 23.76
C8 NAG PA . 36.47 15.32 22.30
N2 NAG PA . 35.90 15.81 24.58
O3 NAG PA . 34.73 14.04 26.41
O4 NAG PA . 34.19 15.02 29.03
O5 NAG PA . 36.69 17.42 27.83
O6 NAG PA . 36.31 18.44 30.40
O7 NAG PA . 37.86 14.81 24.17
C1 NAG QA . 51.27 52.83 18.03
C2 NAG QA . 50.37 52.89 16.79
C3 NAG QA . 51.22 52.94 15.53
C4 NAG QA . 52.17 54.11 15.59
C5 NAG QA . 53.02 54.00 16.85
C6 NAG QA . 53.94 55.19 17.04
C7 NAG QA . 48.14 51.88 16.94
C8 NAG QA . 47.37 50.60 16.95
N2 NAG QA . 49.45 51.77 16.74
O3 NAG QA . 50.37 53.03 14.38
O4 NAG QA . 53.04 54.10 14.46
O5 NAG QA . 52.16 53.93 18.02
O6 NAG QA . 53.23 56.41 16.84
O7 NAG QA . 47.60 52.97 17.12
C1 NAG RA . 19.70 40.67 -7.46
C2 NAG RA . 18.77 41.80 -7.03
C3 NAG RA . 18.61 42.81 -8.16
C4 NAG RA . 19.97 43.32 -8.61
C5 NAG RA . 20.87 42.13 -8.99
C6 NAG RA . 22.28 42.56 -9.32
C7 NAG RA . 16.90 41.44 -5.50
C8 NAG RA . 15.53 40.85 -5.34
N2 NAG RA . 17.44 41.33 -6.70
O3 NAG RA . 17.81 43.88 -7.68
O4 NAG RA . 19.83 44.15 -9.76
O5 NAG RA . 20.94 41.20 -7.90
O6 NAG RA . 22.87 43.26 -8.22
O7 NAG RA . 17.46 42.03 -4.59
C1 NAG SA . 10.85 -8.41 51.51
C2 NAG SA . 10.89 -7.96 52.96
C3 NAG SA . 9.93 -8.79 53.80
C4 NAG SA . 8.54 -8.72 53.22
C5 NAG SA . 8.56 -9.14 51.76
C6 NAG SA . 7.24 -8.95 51.07
C7 NAG SA . 12.91 -6.92 53.84
C8 NAG SA . 14.07 -7.10 54.77
N2 NAG SA . 12.23 -8.02 53.54
O3 NAG SA . 9.94 -8.32 55.14
O4 NAG SA . 7.69 -9.62 53.94
O5 NAG SA . 9.51 -8.34 51.02
O6 NAG SA . 6.89 -7.57 51.06
O7 NAG SA . 12.59 -5.82 53.40
C1 NAG TA . 39.19 -16.56 43.12
C2 NAG TA . 40.61 -16.92 42.71
C3 NAG TA . 41.50 -17.02 43.93
C4 NAG TA . 41.44 -15.74 44.75
C5 NAG TA . 39.99 -15.43 45.10
C6 NAG TA . 39.81 -14.10 45.77
C7 NAG TA . 40.86 -18.16 40.64
C8 NAG TA . 41.06 -19.51 40.01
N2 NAG TA . 40.65 -18.15 41.95
O3 NAG TA . 42.83 -17.27 43.50
O4 NAG TA . 42.18 -15.93 45.95
O5 NAG TA . 39.19 -15.38 43.90
O6 NAG TA . 40.02 -13.03 44.84
O7 NAG TA . 40.88 -17.12 39.98
C1 NAG UA . 29.57 -28.64 37.90
C2 NAG UA . 30.50 -29.69 38.52
C3 NAG UA . 30.02 -30.03 39.93
C4 NAG UA . 29.98 -28.75 40.76
C5 NAG UA . 29.07 -27.75 40.08
C6 NAG UA . 29.03 -26.43 40.79
C7 NAG UA . 31.73 -31.18 37.04
C8 NAG UA . 31.60 -32.23 35.99
N2 NAG UA . 30.62 -30.87 37.70
O3 NAG UA . 30.88 -30.99 40.52
O4 NAG UA . 29.49 -29.05 42.06
O5 NAG UA . 29.54 -27.49 38.74
O6 NAG UA . 30.35 -25.94 40.99
O7 NAG UA . 32.79 -30.61 37.27
C1 NAG VA . -11.82 19.73 33.15
C2 NAG VA . -12.30 18.57 34.04
C3 NAG VA . -13.80 18.69 34.30
C4 NAG VA . -14.18 20.08 34.76
C5 NAG VA . -13.67 21.11 33.75
C6 NAG VA . -13.95 22.53 34.17
C7 NAG VA . -11.06 16.47 33.97
C8 NAG VA . -10.85 15.18 33.24
N2 NAG VA . -11.99 17.28 33.47
O3 NAG VA . -14.19 17.71 35.25
O4 NAG VA . -15.59 20.18 34.87
O5 NAG VA . -12.24 20.98 33.64
O6 NAG VA . -15.36 22.76 34.30
O7 NAG VA . -10.41 16.76 34.97
C1 NAG WA . -23.55 36.80 29.56
C2 NAG WA . -23.92 36.22 30.91
C3 NAG WA . -24.90 37.16 31.61
C4 NAG WA . -24.27 38.54 31.71
C5 NAG WA . -23.89 39.03 30.32
C6 NAG WA . -23.18 40.37 30.35
C7 NAG WA . -24.61 33.97 31.64
C8 NAG WA . -25.45 32.77 31.27
N2 NAG WA . -24.46 34.89 30.69
O3 NAG WA . -25.26 36.68 32.89
O4 NAG WA . -25.22 39.45 32.28
O5 NAG WA . -22.99 38.10 29.70
O6 NAG WA . -22.09 40.35 31.28
O7 NAG WA . -24.10 34.07 32.76
C1 NAG XA . -56.84 26.88 15.50
C2 NAG XA . -57.84 27.84 16.13
C3 NAG XA . -57.82 27.69 17.65
C4 NAG XA . -58.09 26.24 18.03
C5 NAG XA . -57.08 25.33 17.33
C6 NAG XA . -57.38 23.87 17.55
C7 NAG XA . -58.27 29.86 14.87
C8 NAG XA . -57.87 31.29 14.60
N2 NAG XA . -57.53 29.21 15.75
O3 NAG XA . -58.80 28.55 18.21
O4 NAG XA . -57.98 26.09 19.43
O5 NAG XA . -57.12 25.54 15.90
O6 NAG XA . -58.69 23.56 17.12
O7 NAG XA . -59.21 29.33 14.29
C1 NAG YA . -40.96 44.48 -7.20
C2 NAG YA . -41.69 45.82 -7.09
C3 NAG YA . -41.07 46.86 -8.02
C4 NAG YA . -39.55 46.91 -7.88
C5 NAG YA . -39.00 45.50 -7.98
C6 NAG YA . -37.48 45.48 -7.88
C7 NAG YA . -44.03 45.44 -6.45
C8 NAG YA . -45.41 45.15 -6.95
N2 NAG YA . -43.10 45.67 -7.39
O3 NAG YA . -41.66 48.14 -7.76
O4 NAG YA . -38.94 47.63 -8.94
O5 NAG YA . -39.57 44.67 -6.99
O6 NAG YA . -37.15 45.89 -6.56
O7 NAG YA . -43.77 45.46 -5.26
C1 NAG ZA . -24.68 44.54 -22.48
C2 NAG ZA . -24.97 44.99 -23.91
C3 NAG ZA . -23.73 45.61 -24.56
C4 NAG ZA . -23.10 46.65 -23.65
C5 NAG ZA . -22.88 46.05 -22.27
C6 NAG ZA . -22.23 47.03 -21.33
C7 NAG ZA . -26.75 43.58 -24.87
C8 NAG ZA . -27.06 42.31 -25.60
N2 NAG ZA . -25.45 43.88 -24.72
O3 NAG ZA . -24.10 46.16 -25.82
O4 NAG ZA . -21.78 47.00 -24.09
O5 NAG ZA . -24.14 45.63 -21.74
O6 NAG ZA . -23.13 48.09 -21.11
O7 NAG ZA . -27.64 44.30 -24.45
C1 NAG AB . -47.96 37.69 9.85
C2 NAG AB . -46.64 38.18 9.27
C3 NAG AB . -45.50 37.91 10.25
C4 NAG AB . -45.82 38.45 11.63
C5 NAG AB . -47.15 37.86 12.10
C6 NAG AB . -47.59 38.40 13.43
C7 NAG AB . -46.41 38.21 6.84
C8 NAG AB . -45.86 37.50 5.64
N2 NAG AB . -46.35 37.56 7.99
O3 NAG AB . -44.30 38.49 9.74
O4 NAG AB . -44.80 38.06 12.54
O5 NAG AB . -48.17 38.22 11.15
O6 NAG AB . -47.76 39.81 13.40
O7 NAG AB . -46.88 39.34 6.76
C1 NAG BB . -61.08 43.47 -1.27
C2 NAG BB . -61.54 44.60 -0.36
C3 NAG BB . -62.93 45.08 -0.76
C4 NAG BB . -63.01 45.38 -2.25
C5 NAG BB . -62.53 44.16 -3.03
C6 NAG BB . -62.52 44.39 -4.53
C7 NAG BB . -60.66 44.69 1.94
C8 NAG BB . -59.68 45.70 1.43
N2 NAG BB . -61.53 44.21 1.04
O3 NAG BB . -63.29 46.22 0.02
O4 NAG BB . -64.36 45.68 -2.61
O5 NAG BB . -61.19 43.84 -2.64
O6 NAG BB . -63.83 44.67 -5.02
O7 NAG BB . -60.67 44.32 3.10
C1 NAG CB . -73.06 28.93 5.56
C2 NAG CB . -72.77 28.58 7.02
C3 NAG CB . -73.66 27.41 7.45
C4 NAG CB . -75.12 27.75 7.21
C5 NAG CB . -75.32 28.12 5.74
C6 NAG CB . -76.73 28.57 5.45
C7 NAG CB . -70.55 28.85 8.02
C8 NAG CB . -69.22 28.20 8.25
N2 NAG CB . -71.40 28.18 7.25
O3 NAG CB . -73.41 27.14 8.81
O4 NAG CB . -75.91 26.62 7.54
O5 NAG CB . -74.43 29.21 5.39
O6 NAG CB . -77.19 29.47 6.46
O7 NAG CB . -70.86 29.93 8.53
C1 IDU DB . 50.93 18.35 12.64
C2 IDU DB . 51.36 19.16 11.42
C3 IDU DB . 50.14 19.43 10.56
C4 IDU DB . 49.55 18.13 10.05
C5 IDU DB . 49.45 17.14 11.20
C6 IDU DB . 48.09 16.46 11.23
O2 IDU DB . 51.91 20.49 11.79
O3 IDU DB . 50.50 20.28 9.47
O5 IDU DB . 49.61 17.83 12.44
O61 IDU DB . 48.00 15.31 11.58
O6 IDU DB . 47.12 17.08 10.90
S IDU DB . 51.65 21.72 10.82
O1S IDU DB . 52.39 21.46 9.62
O2S IDU DB . 52.09 22.91 11.51
O3S IDU DB . 50.21 21.70 10.62
C1 NAG EB . -0.95 43.41 4.93
C2 NAG EB . -0.03 44.34 5.70
C3 NAG EB . -0.23 45.78 5.22
C4 NAG EB . -0.01 45.84 3.70
C5 NAG EB . -0.93 44.85 3.01
C6 NAG EB . -0.69 44.77 1.52
C7 NAG EB . 0.64 43.71 7.97
C8 NAG EB . 0.38 43.92 9.42
N2 NAG EB . -0.24 44.26 7.13
O3 NAG EB . 0.66 46.64 5.90
O4 NAG EB . -0.30 47.16 3.25
O5 NAG EB . -0.72 43.52 3.54
O6 NAG EB . 0.64 44.34 1.23
O7 NAG EB . 1.60 43.07 7.56
C1 NAG FB . 16.47 36.14 28.43
C2 NAG FB . 16.08 36.79 29.75
C3 NAG FB . 14.61 36.48 30.03
C4 NAG FB . 13.74 36.93 28.87
C5 NAG FB . 14.23 36.28 27.58
C6 NAG FB . 13.49 36.76 26.35
C7 NAG FB . 17.80 37.14 31.44
C8 NAG FB . 18.54 36.55 32.60
N2 NAG FB . 16.91 36.35 30.84
O3 NAG FB . 14.21 37.13 31.24
O4 NAG FB . 12.40 36.54 29.10
O5 NAG FB . 15.62 36.57 27.37
O6 NAG FB . 13.69 38.16 26.16
O7 NAG FB . 18.01 38.29 31.06
#